data_8G66
#
_entry.id   8G66
#
_cell.length_a   86.660
_cell.length_b   109.710
_cell.length_c   112.340
_cell.angle_alpha   105.490
_cell.angle_beta   94.410
_cell.angle_gamma   100.030
#
_symmetry.space_group_name_H-M   'P 1'
#
loop_
_entity.id
_entity.type
_entity.pdbx_description
1 polymer 'DNA damage-binding protein 1'
2 polymer 'Protein cereblon'
3 polymer 'Casein kinase I isoform alpha'
4 non-polymer 'ZINC ION'
5 non-polymer (3S)-3-{5-[(1,2-benzoxazol-3-yl)amino]-1-oxo-1,3-dihydro-2H-isoindol-2-yl}piperidine-2,6-dione
#
loop_
_entity_poly.entity_id
_entity_poly.type
_entity_poly.pdbx_seq_one_letter_code
_entity_poly.pdbx_strand_id
1 'polypeptide(L)'
;MGSSHHHHHHSAVDENLYFQGGGRMSYNYVVTAQKPTAVNGCVTGHFTSAEDLNLLIAKNTRLEIYVVTAEGLRPVKEVG
MYGKIAVMELFRPKGESKDLLFILTAKYNACILEYKQSGESIDIITRAHGNVQDRIGRPSETGIIGIIDPECRMIGLRLY
DGLFKVIPLDRDNKELKAFNIRLEELHVIDVKFLYGCQAPTICFVYQDPQGRHVKTYEVSLREKEFNKGPWKQENVEAEA
SMVIAVPEPFGGAIIIGQESITYHNGDKYLAIAPPIIKQSTIVCHNRVDPNGSRYLLGDMEGRLFMLLLEKEEQMDGTVT
LKDLRVELLGETSIAECLTYLDNGVVFVGSRLGDSQLVKLNVDSNEQGSYVVAMETFTNLGPIVDMCVVDLERQGQGQLV
TCSGAFKEGSLRIIRNGIGGNGNSGEIQKLHIRTVPLYESPRKICYQEVSQCFGVLSSRIEVQDTSGGTTALRPSASTQA
LSSSVSSSKLFSSSTAPHETSFGEEVEVHNLLIIDQHTFEVLHAHQFLQNEYALSLVSCKLGKDPNTYFIVGTAMVYPEE
AEPKQGRIVVFQYSDGKLQTVAEKEVKGAVYSMVEFNGKLLASINSTVRLYEWTTEKELRTECNHYNNIMALYLKTKGDF
ILVGDLMRSVLLLAYKPMEGNFEEIARDFNPNWMSAVEILDDDNFLGAENAFNLFVCQKDSAATTDEERQHLQEVGLFHL
GEFVNVFCHGSLVMQNLGETSTPTQGSVLFGTVNGMIGLVTSLSESWYNLLLDMQNRLNKVIKSVGKIEHSFWRSFHTER
KTEPATGFIDGDLIESFLDISRPKMQEVVANLQYDDGSGMKREATADDLIKVVEELTRIH
;
A,D
2 'polypeptide(L)'
;MDWSHPQFEKSAVDENLYFQGGGRAKKPNIINFDTSLPTSHTYLGADMEEFHGRTLHDDDSCQVIPVLPQVMMILIPGQT
LPLQLFHPQEVSMVRNLIQKDRTFAVLAYSNVQEREAQFGTTAEIYAYREEQDFGIEIVKVKAIGRQRFKVLELRTQSDG
IQQAKVQILPECVLPSTMSAVQLESLNKCQIFPSKPVSREDQCSYKWWQKYQKRKFHCANLTSWPRWLYSLYDAETLMDR
IKKQLREWDENLKDDSLPSNPIDFSYRVAACLPIDDVLRIQLLKIGSAIQRLRCELDIMNKCTSLCCKQCQETEITTKNE
IFSLSLCGPMAAYVNPHGYVHETLTVYKACNLNLIGRPSTEHSWFPGYAWTVAQCKICASHIGWKFTATKKDMSPQKFWG
LTRSALLPTIPDTEDEISPDKVILCL
;
B,E
3 'polypeptide(L)'
;GGGRMASSSGSKAEFIVGGKYKLVRKIGSGSFGDIYLAINITNGEEVAVKLESQKARHPQLLYESKLYKILQGGVGIPHI
RWYGQEKDYNVLVMDLLGPSLEDLFNFCSRRFTMKTVLMLADQMISRIEYVHTKNFIHRDIKPDNFLMGIGRHCNKLFLI
DFGLAKKYRDNRTRQHIPYREDKNLTGTARYASINAHLGIEQSRRDDMESLGYVLMYFNRTSLPWQGLKAATKKQKYEKI
SEKKMSTPVEVLCKGFPAEFAMYLNYCRGLRFEEAPDYMYLRQLFRILFRTLNHQYDYTFDWTMLKQKAAQQAASSSGQG
QQAQTPTGKQTDKTKSNMKGF
;
C,F
#
loop_
_chem_comp.id
_chem_comp.type
_chem_comp.name
_chem_comp.formula
YOT non-polymer (3S)-3-{5-[(1,2-benzoxazol-3-yl)amino]-1-oxo-1,3-dihydro-2H-isoindol-2-yl}piperidine-2,6-dione 'C20 H16 N4 O4'
ZN non-polymer 'ZINC ION' 'Zn 2'
#
# COMPACT_ATOMS: atom_id res chain seq x y z
N SER A 26 8.57 -17.63 28.48
CA SER A 26 8.37 -17.19 27.10
C SER A 26 9.74 -17.05 26.46
N TYR A 27 9.88 -16.18 25.45
CA TYR A 27 11.20 -15.90 24.89
C TYR A 27 11.90 -17.17 24.41
N ASN A 28 11.23 -17.94 23.54
CA ASN A 28 11.79 -19.18 23.04
C ASN A 28 12.59 -18.97 21.75
N TYR A 29 13.32 -20.02 21.34
CA TYR A 29 14.22 -20.01 20.18
C TYR A 29 13.90 -21.22 19.30
N VAL A 30 13.46 -20.97 18.07
CA VAL A 30 13.09 -22.03 17.15
C VAL A 30 14.02 -21.99 15.96
N VAL A 31 14.56 -23.14 15.60
CA VAL A 31 15.60 -23.21 14.58
C VAL A 31 15.37 -24.43 13.70
N THR A 32 15.64 -24.27 12.41
CA THR A 32 15.46 -25.34 11.47
C THR A 32 16.52 -26.41 11.68
N ALA A 33 16.08 -27.67 11.79
CA ALA A 33 17.00 -28.80 11.85
C ALA A 33 17.14 -29.50 10.51
N GLN A 34 16.07 -29.55 9.73
CA GLN A 34 16.10 -30.08 8.37
C GLN A 34 15.18 -29.22 7.52
N LYS A 35 15.74 -28.58 6.50
CA LYS A 35 14.96 -27.76 5.59
C LYS A 35 13.86 -28.58 4.93
N PRO A 36 12.84 -27.92 4.40
CA PRO A 36 11.77 -28.63 3.70
C PRO A 36 12.29 -29.37 2.48
N THR A 37 11.79 -30.59 2.29
CA THR A 37 12.24 -31.48 1.24
C THR A 37 11.19 -31.73 0.17
N ALA A 38 9.92 -31.52 0.47
CA ALA A 38 8.86 -31.68 -0.51
C ALA A 38 8.98 -30.64 -1.63
N VAL A 39 8.59 -31.05 -2.83
CA VAL A 39 8.67 -30.20 -4.02
C VAL A 39 7.26 -29.75 -4.35
N ASN A 40 6.99 -28.46 -4.21
CA ASN A 40 5.68 -27.96 -4.56
C ASN A 40 5.69 -27.17 -5.85
N GLY A 41 6.80 -27.18 -6.58
CA GLY A 41 6.81 -26.62 -7.92
C GLY A 41 8.17 -26.65 -8.59
N CYS A 42 8.21 -26.84 -9.92
CA CYS A 42 9.47 -26.87 -10.65
C CYS A 42 9.28 -26.34 -12.07
N VAL A 43 10.24 -25.55 -12.56
CA VAL A 43 10.16 -24.97 -13.90
C VAL A 43 11.51 -25.10 -14.61
N THR A 44 11.48 -25.09 -15.96
CA THR A 44 12.68 -25.12 -16.77
C THR A 44 12.76 -23.91 -17.69
N GLY A 45 13.98 -23.39 -17.85
CA GLY A 45 14.20 -22.22 -18.68
C GLY A 45 15.64 -21.77 -18.63
N HIS A 46 15.86 -20.55 -19.11
CA HIS A 46 17.19 -19.99 -19.29
C HIS A 46 17.32 -18.76 -18.38
N PHE A 47 17.73 -19.00 -17.14
CA PHE A 47 17.65 -18.03 -16.06
C PHE A 47 19.02 -17.53 -15.62
N THR A 48 20.03 -18.41 -15.51
CA THR A 48 21.37 -17.96 -15.17
C THR A 48 22.11 -17.44 -16.38
N SER A 49 21.76 -17.92 -17.57
CA SER A 49 22.41 -17.49 -18.79
C SER A 49 21.44 -17.73 -19.93
N ALA A 50 21.58 -16.95 -20.99
CA ALA A 50 20.79 -17.23 -22.19
C ALA A 50 21.15 -18.57 -22.80
N GLU A 51 22.32 -19.12 -22.49
CA GLU A 51 22.81 -20.37 -23.06
C GLU A 51 22.54 -21.59 -22.20
N ASP A 52 22.52 -21.44 -20.88
CA ASP A 52 22.32 -22.58 -19.99
C ASP A 52 20.86 -23.03 -20.01
N LEU A 53 20.64 -24.34 -19.77
CA LEU A 53 19.30 -24.86 -19.46
C LEU A 53 19.20 -25.14 -17.97
N ASN A 54 18.16 -24.61 -17.35
CA ASN A 54 18.05 -24.59 -15.90
C ASN A 54 16.81 -25.34 -15.43
N LEU A 55 16.88 -25.85 -14.21
CA LEU A 55 15.76 -26.48 -13.51
C LEU A 55 15.57 -25.75 -12.19
N LEU A 56 14.46 -25.04 -12.05
CA LEU A 56 14.17 -24.28 -10.84
C LEU A 56 13.13 -25.06 -10.04
N ILE A 57 13.46 -25.36 -8.78
CA ILE A 57 12.64 -26.17 -7.89
C ILE A 57 12.25 -25.29 -6.71
N ALA A 58 10.99 -25.33 -6.33
CA ALA A 58 10.50 -24.60 -5.16
C ALA A 58 10.14 -25.58 -4.06
N LYS A 59 10.77 -25.41 -2.88
CA LYS A 59 10.47 -26.19 -1.68
C LYS A 59 9.98 -25.23 -0.61
N ASN A 60 8.69 -24.89 -0.67
CA ASN A 60 8.12 -23.88 0.22
C ASN A 60 8.96 -22.60 0.25
N THR A 61 9.65 -22.35 1.36
CA THR A 61 10.45 -21.14 1.51
C THR A 61 11.77 -21.17 0.73
N ARG A 62 12.06 -22.24 -0.01
CA ARG A 62 13.35 -22.45 -0.62
C ARG A 62 13.24 -22.45 -2.15
N LEU A 63 14.20 -21.83 -2.82
CA LEU A 63 14.29 -21.84 -4.28
C LEU A 63 15.62 -22.46 -4.69
N GLU A 64 15.57 -23.56 -5.45
CA GLU A 64 16.75 -24.26 -5.91
C GLU A 64 16.92 -24.07 -7.41
N ILE A 65 18.15 -23.76 -7.82
CA ILE A 65 18.49 -23.50 -9.20
C ILE A 65 19.52 -24.53 -9.65
N TYR A 66 19.30 -25.10 -10.83
CA TYR A 66 20.13 -26.15 -11.37
C TYR A 66 20.45 -25.83 -12.81
N VAL A 67 21.62 -26.28 -13.26
CA VAL A 67 21.99 -26.31 -14.67
C VAL A 67 21.84 -27.74 -15.18
N VAL A 68 21.10 -27.92 -16.28
CA VAL A 68 20.84 -29.24 -16.83
C VAL A 68 22.00 -29.63 -17.74
N THR A 69 22.84 -30.56 -17.28
CA THR A 69 23.93 -31.08 -18.09
C THR A 69 23.53 -32.41 -18.70
N ALA A 70 24.43 -32.92 -19.53
CA ALA A 70 24.25 -34.26 -20.08
C ALA A 70 24.28 -35.31 -18.97
N GLU A 71 25.14 -35.11 -17.96
CA GLU A 71 25.24 -36.09 -16.88
C GLU A 71 23.97 -36.11 -16.02
N GLY A 72 23.52 -34.94 -15.59
CA GLY A 72 22.52 -34.85 -14.55
C GLY A 72 22.10 -33.42 -14.28
N LEU A 73 22.09 -33.01 -13.02
CA LEU A 73 21.76 -31.64 -12.63
C LEU A 73 22.94 -31.01 -11.91
N ARG A 74 23.29 -29.77 -12.29
CA ARG A 74 24.39 -29.07 -11.65
C ARG A 74 23.87 -28.03 -10.67
N PRO A 75 24.03 -28.22 -9.36
CA PRO A 75 23.58 -27.21 -8.39
C PRO A 75 24.36 -25.91 -8.56
N VAL A 76 23.62 -24.82 -8.73
CA VAL A 76 24.18 -23.52 -9.04
C VAL A 76 23.98 -22.52 -7.90
N LYS A 77 22.74 -22.36 -7.47
CA LYS A 77 22.45 -21.39 -6.41
C LYS A 77 21.20 -21.84 -5.66
N GLU A 78 21.24 -21.70 -4.34
CA GLU A 78 20.11 -22.00 -3.46
C GLU A 78 19.86 -20.77 -2.61
N VAL A 79 18.67 -20.20 -2.74
CA VAL A 79 18.30 -19.02 -1.96
C VAL A 79 17.20 -19.38 -0.98
N GLY A 80 17.05 -18.55 0.03
CA GLY A 80 15.93 -18.62 0.95
C GLY A 80 15.08 -17.38 0.78
N MET A 81 13.77 -17.53 0.89
CA MET A 81 12.87 -16.40 0.80
C MET A 81 12.09 -16.26 2.10
N TYR A 82 11.74 -15.02 2.40
CA TYR A 82 10.91 -14.73 3.56
C TYR A 82 9.43 -14.90 3.22
N GLY A 83 9.09 -16.04 2.64
CA GLY A 83 7.72 -16.29 2.21
C GLY A 83 7.55 -17.69 1.67
N LYS A 84 6.28 -18.09 1.54
CA LYS A 84 5.92 -19.39 0.98
C LYS A 84 5.63 -19.20 -0.50
N ILE A 85 6.51 -19.71 -1.35
CA ILE A 85 6.40 -19.51 -2.78
C ILE A 85 5.10 -20.14 -3.25
N ALA A 86 4.12 -19.30 -3.60
CA ALA A 86 2.83 -19.74 -4.12
C ALA A 86 2.75 -19.73 -5.64
N VAL A 87 3.62 -18.97 -6.29
CA VAL A 87 3.75 -18.96 -7.75
C VAL A 87 5.24 -18.94 -8.07
N MET A 88 5.60 -19.56 -9.20
CA MET A 88 6.98 -19.51 -9.67
C MET A 88 6.98 -19.79 -11.17
N GLU A 89 7.21 -18.74 -11.97
CA GLU A 89 7.16 -18.86 -13.42
C GLU A 89 8.27 -18.04 -14.06
N LEU A 90 8.83 -18.58 -15.15
CA LEU A 90 9.82 -17.84 -15.93
C LEU A 90 9.14 -17.18 -17.11
N PHE A 91 9.71 -16.05 -17.54
CA PHE A 91 9.24 -15.31 -18.72
C PHE A 91 10.38 -14.43 -19.23
N ARG A 92 10.42 -14.23 -20.55
CA ARG A 92 11.44 -13.42 -21.23
C ARG A 92 10.76 -12.32 -22.03
N PRO A 93 10.61 -11.12 -21.47
CA PRO A 93 9.98 -10.03 -22.22
C PRO A 93 10.87 -9.56 -23.36
N LYS A 94 10.37 -8.63 -24.17
CA LYS A 94 11.19 -8.09 -25.23
C LYS A 94 12.36 -7.31 -24.63
N GLY A 95 13.54 -7.45 -25.24
CA GLY A 95 14.72 -6.71 -24.84
C GLY A 95 15.59 -7.40 -23.81
N GLU A 96 15.07 -8.42 -23.14
CA GLU A 96 15.84 -9.14 -22.14
C GLU A 96 16.66 -10.24 -22.81
N SER A 97 17.91 -10.39 -22.35
CA SER A 97 18.78 -11.43 -22.89
C SER A 97 18.40 -12.83 -22.39
N LYS A 98 17.88 -12.91 -21.17
CA LYS A 98 17.59 -14.17 -20.52
C LYS A 98 16.25 -14.07 -19.79
N ASP A 99 15.74 -15.21 -19.37
CA ASP A 99 14.47 -15.26 -18.65
C ASP A 99 14.56 -14.52 -17.32
N LEU A 100 13.41 -14.04 -16.87
CA LEU A 100 13.22 -13.52 -15.53
C LEU A 100 12.23 -14.41 -14.79
N LEU A 101 12.33 -14.42 -13.47
CA LEU A 101 11.52 -15.29 -12.62
C LEU A 101 10.52 -14.48 -11.79
N PHE A 102 9.22 -14.78 -11.93
CA PHE A 102 8.17 -14.17 -11.10
C PHE A 102 7.78 -15.09 -9.95
N ILE A 103 7.65 -14.51 -8.76
CA ILE A 103 7.31 -15.24 -7.53
C ILE A 103 6.26 -14.45 -6.76
N LEU A 104 5.21 -15.13 -6.30
CA LEU A 104 4.21 -14.53 -5.43
C LEU A 104 4.17 -15.36 -4.15
N THR A 105 4.42 -14.74 -3.00
CA THR A 105 4.39 -15.57 -1.80
C THR A 105 2.96 -15.72 -1.30
N ALA A 106 2.79 -16.64 -0.35
CA ALA A 106 1.45 -16.91 0.18
C ALA A 106 0.86 -15.66 0.80
N LYS A 107 1.67 -14.87 1.51
CA LYS A 107 1.23 -13.60 2.08
C LYS A 107 1.12 -12.50 1.04
N TYR A 108 1.12 -12.88 -0.24
CA TYR A 108 0.83 -12.00 -1.37
C TYR A 108 1.96 -11.03 -1.71
N ASN A 109 3.20 -11.31 -1.30
CA ASN A 109 4.33 -10.57 -1.82
C ASN A 109 4.58 -11.03 -3.25
N ALA A 110 4.62 -10.10 -4.18
CA ALA A 110 4.94 -10.43 -5.56
C ALA A 110 6.31 -9.83 -5.89
N CYS A 111 6.93 -10.33 -6.95
CA CYS A 111 8.26 -9.86 -7.30
C CYS A 111 8.74 -10.48 -8.59
N ILE A 112 9.74 -9.83 -9.19
CA ILE A 112 10.46 -10.31 -10.35
C ILE A 112 11.94 -10.31 -10.00
N LEU A 113 12.63 -11.41 -10.30
CA LEU A 113 14.02 -11.58 -9.88
C LEU A 113 14.89 -11.81 -11.09
N GLU A 114 16.18 -11.51 -10.93
CA GLU A 114 17.15 -11.69 -12.00
C GLU A 114 18.42 -12.32 -11.45
N TYR A 115 19.05 -13.15 -12.29
CA TYR A 115 20.30 -13.82 -11.95
C TYR A 115 21.46 -12.99 -12.49
N LYS A 116 22.34 -12.58 -11.60
CA LYS A 116 23.54 -11.84 -11.97
C LYS A 116 24.74 -12.51 -11.32
N GLN A 117 25.71 -12.87 -12.13
CA GLN A 117 26.97 -13.39 -11.62
C GLN A 117 28.10 -12.60 -12.23
N SER A 118 29.08 -12.25 -11.40
CA SER A 118 30.27 -11.51 -11.84
C SER A 118 31.48 -12.27 -11.31
N GLY A 119 32.13 -13.06 -12.16
CA GLY A 119 33.22 -13.89 -11.71
C GLY A 119 32.73 -15.03 -10.85
N GLU A 120 32.99 -14.95 -9.53
CA GLU A 120 32.51 -15.96 -8.59
C GLU A 120 31.30 -15.51 -7.79
N SER A 121 31.05 -14.20 -7.70
CA SER A 121 29.96 -13.68 -6.88
C SER A 121 28.62 -13.85 -7.59
N ILE A 122 27.69 -14.54 -6.93
CA ILE A 122 26.33 -14.78 -7.42
C ILE A 122 25.36 -13.95 -6.58
N ASP A 123 24.41 -13.30 -7.24
CA ASP A 123 23.40 -12.53 -6.53
C ASP A 123 22.06 -12.60 -7.27
N ILE A 124 20.98 -12.73 -6.51
CA ILE A 124 19.61 -12.76 -7.02
C ILE A 124 19.04 -11.37 -6.79
N ILE A 125 19.04 -10.59 -7.82
CA ILE A 125 18.67 -9.18 -7.68
C ILE A 125 17.18 -9.03 -7.96
N THR A 126 16.58 -8.10 -7.24
CA THR A 126 15.15 -7.87 -7.31
C THR A 126 14.85 -6.79 -8.33
N ARG A 127 14.15 -7.15 -9.40
CA ARG A 127 13.84 -6.16 -10.42
C ARG A 127 12.54 -5.39 -10.17
N ALA A 128 11.58 -5.94 -9.43
CA ALA A 128 10.32 -5.28 -9.14
C ALA A 128 9.66 -6.01 -7.99
N HIS A 129 8.95 -5.28 -7.14
CA HIS A 129 8.34 -5.99 -6.01
C HIS A 129 7.23 -5.17 -5.39
N GLY A 130 6.23 -5.88 -4.88
CA GLY A 130 5.11 -5.24 -4.21
C GLY A 130 4.14 -6.32 -3.75
N ASN A 131 3.23 -5.89 -2.87
CA ASN A 131 2.22 -6.76 -2.27
C ASN A 131 0.87 -6.51 -2.95
N VAL A 132 0.24 -7.57 -3.44
CA VAL A 132 -0.94 -7.41 -4.27
C VAL A 132 -2.24 -7.75 -3.53
N GLN A 133 -2.18 -7.88 -2.21
CA GLN A 133 -3.37 -8.30 -1.46
C GLN A 133 -4.44 -7.22 -1.49
N ASP A 134 -5.70 -7.64 -1.60
CA ASP A 134 -6.84 -6.74 -1.46
C ASP A 134 -7.32 -6.67 -0.01
N ARG A 135 -7.84 -5.49 0.37
CA ARG A 135 -8.38 -5.37 1.72
C ARG A 135 -9.66 -6.18 1.88
N ILE A 136 -10.41 -6.40 0.80
CA ILE A 136 -11.62 -7.20 0.84
C ILE A 136 -11.51 -8.31 -0.21
N GLY A 137 -11.86 -9.54 0.19
CA GLY A 137 -11.93 -10.67 -0.71
C GLY A 137 -11.92 -12.06 -0.06
N ARG A 138 -12.73 -13.02 -0.62
CA ARG A 138 -12.73 -14.42 -0.17
C ARG A 138 -11.74 -15.24 -0.99
N PRO A 139 -10.80 -15.94 -0.33
CA PRO A 139 -9.88 -16.82 -1.07
C PRO A 139 -10.64 -17.81 -1.94
N SER A 140 -10.15 -17.98 -3.17
CA SER A 140 -10.84 -18.82 -4.14
C SER A 140 -10.78 -20.29 -3.76
N GLU A 141 -11.76 -21.07 -4.24
CA GLU A 141 -11.82 -22.48 -3.90
C GLU A 141 -10.73 -23.28 -4.62
N THR A 142 -10.51 -23.02 -5.90
CA THR A 142 -9.47 -23.73 -6.64
C THR A 142 -8.05 -23.19 -6.36
N GLY A 143 -7.87 -22.30 -5.36
CA GLY A 143 -6.56 -21.80 -4.99
C GLY A 143 -6.10 -20.58 -5.79
N ILE A 144 -4.92 -20.08 -5.40
CA ILE A 144 -4.27 -19.06 -6.21
C ILE A 144 -3.98 -19.65 -7.58
N ILE A 145 -3.99 -18.82 -8.61
CA ILE A 145 -3.56 -19.20 -9.95
C ILE A 145 -2.77 -18.02 -10.49
N GLY A 146 -1.52 -18.24 -10.86
CA GLY A 146 -0.70 -17.21 -11.49
C GLY A 146 -0.39 -17.62 -12.92
N ILE A 147 -0.69 -16.72 -13.86
CA ILE A 147 -0.40 -16.96 -15.28
C ILE A 147 0.16 -15.70 -15.93
N ILE A 148 1.07 -15.91 -16.88
CA ILE A 148 1.79 -14.85 -17.58
C ILE A 148 1.55 -14.99 -19.08
N ASP A 149 1.23 -13.88 -19.71
CA ASP A 149 0.87 -13.81 -21.12
C ASP A 149 2.02 -14.33 -21.99
N PRO A 150 1.71 -14.97 -23.12
CA PRO A 150 2.78 -15.48 -23.99
C PRO A 150 3.67 -14.40 -24.56
N GLU A 151 3.16 -13.18 -24.71
CA GLU A 151 3.95 -12.05 -25.19
C GLU A 151 4.45 -11.18 -24.05
N CYS A 152 4.40 -11.67 -22.81
CA CYS A 152 4.92 -10.93 -21.66
C CYS A 152 4.26 -9.57 -21.50
N ARG A 153 2.98 -9.48 -21.85
CA ARG A 153 2.24 -8.23 -21.71
C ARG A 153 1.63 -8.04 -20.33
N MET A 154 1.41 -9.11 -19.57
CA MET A 154 0.72 -8.99 -18.29
C MET A 154 0.86 -10.28 -17.50
N ILE A 155 0.70 -10.17 -16.18
CA ILE A 155 0.61 -11.30 -15.27
C ILE A 155 -0.81 -11.32 -14.72
N GLY A 156 -1.51 -12.44 -14.90
CA GLY A 156 -2.85 -12.59 -14.37
C GLY A 156 -2.84 -13.37 -13.07
N LEU A 157 -3.60 -12.91 -12.10
CA LEU A 157 -3.73 -13.59 -10.82
C LEU A 157 -5.21 -13.79 -10.53
N ARG A 158 -5.56 -14.97 -10.02
CA ARG A 158 -6.90 -15.24 -9.51
C ARG A 158 -6.70 -15.53 -8.02
N LEU A 159 -6.70 -14.46 -7.22
CA LEU A 159 -6.51 -14.65 -5.79
C LEU A 159 -7.84 -14.82 -5.07
N TYR A 160 -8.87 -14.09 -5.52
CA TYR A 160 -10.15 -14.10 -4.82
C TYR A 160 -11.25 -14.44 -5.80
N ASP A 161 -12.32 -15.03 -5.26
CA ASP A 161 -13.46 -15.37 -6.09
C ASP A 161 -14.07 -14.12 -6.67
N GLY A 162 -14.42 -14.18 -7.96
CA GLY A 162 -15.12 -13.11 -8.64
C GLY A 162 -14.24 -12.01 -9.17
N LEU A 163 -12.93 -12.08 -8.99
CA LEU A 163 -12.00 -11.06 -9.45
C LEU A 163 -10.88 -11.72 -10.23
N PHE A 164 -10.38 -11.00 -11.22
CA PHE A 164 -9.17 -11.36 -11.94
C PHE A 164 -8.22 -10.18 -11.85
N LYS A 165 -7.16 -10.28 -11.03
CA LYS A 165 -6.18 -9.20 -10.90
C LYS A 165 -5.14 -9.26 -12.00
N VAL A 166 -4.81 -8.11 -12.57
CA VAL A 166 -3.85 -8.01 -13.68
C VAL A 166 -2.75 -7.03 -13.28
N ILE A 167 -1.51 -7.52 -13.27
CA ILE A 167 -0.33 -6.67 -13.11
C ILE A 167 0.29 -6.49 -14.49
N PRO A 168 0.40 -5.26 -15.00
CA PRO A 168 0.95 -5.05 -16.35
C PRO A 168 2.47 -5.07 -16.39
N LEU A 169 3.01 -5.76 -17.38
CA LEU A 169 4.45 -6.00 -17.48
C LEU A 169 5.09 -4.84 -18.23
N ASP A 170 5.55 -3.83 -17.48
CA ASP A 170 6.26 -2.70 -18.04
C ASP A 170 7.55 -2.49 -17.27
N ARG A 171 8.44 -1.68 -17.86
CA ARG A 171 9.66 -1.30 -17.15
C ARG A 171 9.35 -0.31 -16.05
N ASP A 172 8.32 0.51 -16.23
CA ASP A 172 7.94 1.50 -15.25
C ASP A 172 6.93 0.97 -14.25
N ASN A 173 6.93 -0.32 -14.00
CA ASN A 173 6.05 -0.89 -12.98
C ASN A 173 6.89 -1.58 -11.91
N LYS A 174 7.90 -0.89 -11.39
CA LYS A 174 8.75 -1.46 -10.35
C LYS A 174 8.01 -1.70 -9.03
N GLU A 175 6.83 -1.12 -8.84
CA GLU A 175 6.02 -1.36 -7.65
C GLU A 175 4.98 -2.47 -7.84
N LEU A 176 4.85 -2.99 -9.07
CA LEU A 176 3.89 -4.06 -9.38
C LEU A 176 2.46 -3.67 -9.02
N LYS A 177 2.02 -2.51 -9.54
CA LYS A 177 0.66 -2.03 -9.30
C LYS A 177 -0.33 -2.80 -10.18
N ALA A 178 -1.55 -2.96 -9.67
CA ALA A 178 -2.50 -3.85 -10.32
C ALA A 178 -3.92 -3.34 -10.16
N PHE A 179 -4.78 -3.79 -11.07
CA PHE A 179 -6.22 -3.51 -11.07
C PHE A 179 -7.01 -4.79 -11.23
N ASN A 180 -8.20 -4.86 -10.65
CA ASN A 180 -9.03 -6.05 -10.75
C ASN A 180 -10.10 -5.87 -11.83
N ILE A 181 -10.45 -6.98 -12.47
CA ILE A 181 -11.58 -7.05 -13.41
C ILE A 181 -12.64 -7.94 -12.79
N ARG A 182 -13.89 -7.49 -12.83
CA ARG A 182 -14.98 -8.28 -12.27
C ARG A 182 -15.24 -9.51 -13.13
N LEU A 183 -15.47 -10.62 -12.48
CA LEU A 183 -15.59 -11.92 -13.14
C LEU A 183 -16.93 -12.51 -12.73
N GLU A 184 -17.88 -12.53 -13.67
CA GLU A 184 -19.22 -13.01 -13.35
C GLU A 184 -19.19 -14.49 -12.98
N GLU A 185 -18.36 -15.27 -13.65
CA GLU A 185 -18.23 -16.69 -13.36
C GLU A 185 -17.52 -16.83 -12.02
N LEU A 186 -18.29 -17.07 -10.96
CA LEU A 186 -17.71 -17.01 -9.63
C LEU A 186 -16.95 -18.28 -9.22
N HIS A 187 -17.18 -19.43 -9.88
CA HIS A 187 -16.51 -20.69 -9.52
C HIS A 187 -15.59 -21.13 -10.67
N VAL A 188 -14.39 -20.55 -10.70
CA VAL A 188 -13.43 -20.79 -11.77
C VAL A 188 -12.50 -21.91 -11.35
N ILE A 189 -12.28 -22.87 -12.25
CA ILE A 189 -11.47 -24.04 -11.90
C ILE A 189 -10.02 -23.85 -12.32
N ASP A 190 -9.78 -23.65 -13.61
CA ASP A 190 -8.43 -23.50 -14.11
C ASP A 190 -8.44 -22.51 -15.26
N VAL A 191 -7.31 -21.81 -15.44
CA VAL A 191 -7.23 -20.74 -16.43
C VAL A 191 -5.80 -20.62 -16.96
N LYS A 192 -5.69 -20.38 -18.25
CA LYS A 192 -4.41 -20.19 -18.92
C LYS A 192 -4.55 -19.11 -19.96
N PHE A 193 -3.44 -18.43 -20.25
CA PHE A 193 -3.44 -17.52 -21.39
C PHE A 193 -3.24 -18.33 -22.67
N LEU A 194 -4.01 -18.00 -23.70
CA LEU A 194 -3.99 -18.76 -24.93
C LEU A 194 -2.82 -18.33 -25.83
N TYR A 195 -2.37 -19.25 -26.66
CA TYR A 195 -1.35 -18.91 -27.65
C TYR A 195 -2.02 -18.51 -28.94
N GLN A 198 -4.37 -12.92 -30.95
CA GLN A 198 -3.92 -11.59 -31.33
C GLN A 198 -3.97 -10.62 -30.16
N ALA A 199 -5.02 -10.74 -29.37
CA ALA A 199 -5.10 -9.99 -28.15
C ALA A 199 -4.94 -10.95 -26.98
N PRO A 200 -4.39 -10.47 -25.83
CA PRO A 200 -4.24 -11.37 -24.68
C PRO A 200 -5.56 -11.98 -24.30
N THR A 201 -5.68 -13.29 -24.53
CA THR A 201 -6.92 -14.02 -24.37
C THR A 201 -6.72 -15.06 -23.27
N ILE A 202 -7.72 -15.18 -22.40
CA ILE A 202 -7.73 -16.17 -21.33
C ILE A 202 -8.80 -17.20 -21.65
N CYS A 203 -8.49 -18.48 -21.45
CA CYS A 203 -9.48 -19.55 -21.54
C CYS A 203 -9.52 -20.30 -20.21
N PHE A 204 -10.73 -20.65 -19.76
CA PHE A 204 -10.87 -21.19 -18.40
C PHE A 204 -12.05 -22.15 -18.34
N VAL A 205 -12.42 -22.56 -17.13
CA VAL A 205 -13.53 -23.46 -16.90
C VAL A 205 -14.29 -23.01 -15.66
N TYR A 206 -15.62 -22.85 -15.77
CA TYR A 206 -16.45 -22.43 -14.64
C TYR A 206 -17.49 -23.51 -14.30
N GLN A 207 -18.04 -23.42 -13.09
CA GLN A 207 -19.00 -24.38 -12.58
C GLN A 207 -20.21 -23.66 -12.00
N ASP A 208 -21.40 -24.12 -12.38
CA ASP A 208 -22.67 -23.43 -12.19
C ASP A 208 -23.77 -24.49 -12.19
N PRO A 209 -25.02 -24.12 -11.88
CA PRO A 209 -26.09 -25.12 -11.99
C PRO A 209 -26.22 -25.70 -13.38
N GLN A 210 -25.95 -24.91 -14.41
CA GLN A 210 -26.09 -25.40 -15.77
C GLN A 210 -25.13 -26.57 -16.03
N GLY A 211 -23.94 -26.48 -15.50
CA GLY A 211 -22.93 -27.50 -15.67
C GLY A 211 -21.55 -26.87 -15.55
N ARG A 212 -20.60 -27.50 -16.23
CA ARG A 212 -19.25 -26.96 -16.38
C ARG A 212 -18.99 -26.63 -17.84
N HIS A 213 -18.38 -25.46 -18.06
CA HIS A 213 -18.25 -24.91 -19.40
C HIS A 213 -16.84 -24.36 -19.56
N VAL A 214 -16.44 -24.14 -20.81
CA VAL A 214 -15.18 -23.50 -21.16
C VAL A 214 -15.48 -22.20 -21.90
N LYS A 215 -14.85 -21.10 -21.49
CA LYS A 215 -15.12 -19.77 -22.03
C LYS A 215 -13.80 -19.02 -22.23
N THR A 216 -13.86 -17.93 -23.01
CA THR A 216 -12.68 -17.11 -23.29
C THR A 216 -13.01 -15.63 -23.09
N TYR A 217 -11.98 -14.85 -22.74
CA TYR A 217 -12.07 -13.39 -22.60
C TYR A 217 -10.77 -12.76 -23.10
N GLU A 218 -10.90 -11.66 -23.85
CA GLU A 218 -9.75 -10.79 -24.07
C GLU A 218 -9.57 -9.86 -22.89
N VAL A 219 -8.33 -9.46 -22.63
CA VAL A 219 -8.02 -8.59 -21.49
C VAL A 219 -7.49 -7.26 -22.02
N SER A 220 -8.23 -6.17 -21.76
CA SER A 220 -7.85 -4.84 -22.22
C SER A 220 -7.13 -4.12 -21.10
N LEU A 221 -5.84 -3.89 -21.30
CA LEU A 221 -5.09 -3.03 -20.40
C LEU A 221 -5.63 -1.62 -20.44
N ARG A 222 -5.97 -1.13 -21.64
CA ARG A 222 -6.50 0.22 -21.76
C ARG A 222 -7.93 0.29 -21.23
N GLU A 223 -8.82 -0.59 -21.69
CA GLU A 223 -10.19 -0.56 -21.21
C GLU A 223 -10.29 -0.91 -19.73
N LYS A 224 -9.30 -1.61 -19.19
CA LYS A 224 -9.27 -2.07 -17.80
C LYS A 224 -10.39 -3.05 -17.48
N GLU A 225 -10.83 -3.83 -18.48
CA GLU A 225 -11.96 -4.74 -18.34
C GLU A 225 -11.76 -5.94 -19.25
N PHE A 226 -12.78 -6.81 -19.27
CA PHE A 226 -12.89 -7.94 -20.18
C PHE A 226 -13.66 -7.54 -21.44
N ASN A 227 -13.29 -8.15 -22.56
CA ASN A 227 -14.01 -8.06 -23.84
C ASN A 227 -14.34 -9.46 -24.33
N LYS A 228 -15.23 -9.55 -25.33
CA LYS A 228 -15.68 -10.84 -25.82
C LYS A 228 -14.52 -11.64 -26.40
N GLY A 229 -14.44 -12.91 -25.99
CA GLY A 229 -13.34 -13.77 -26.37
C GLY A 229 -13.44 -14.27 -27.80
N PRO A 230 -12.36 -14.90 -28.27
CA PRO A 230 -12.32 -15.33 -29.68
C PRO A 230 -13.35 -16.39 -30.05
N TRP A 231 -13.71 -17.29 -29.15
CA TRP A 231 -14.55 -18.42 -29.54
C TRP A 231 -15.57 -18.72 -28.45
N LYS A 232 -16.72 -19.25 -28.89
CA LYS A 232 -17.89 -19.32 -28.04
C LYS A 232 -17.65 -20.23 -26.83
N GLN A 233 -18.47 -20.01 -25.80
CA GLN A 233 -18.47 -20.89 -24.64
C GLN A 233 -19.00 -22.26 -25.06
N GLU A 234 -18.21 -23.30 -24.80
CA GLU A 234 -18.62 -24.67 -25.07
C GLU A 234 -18.88 -25.38 -23.76
N ASN A 235 -19.88 -26.24 -23.76
CA ASN A 235 -20.22 -27.01 -22.58
C ASN A 235 -19.27 -28.21 -22.48
N VAL A 236 -18.52 -28.33 -21.38
CA VAL A 236 -17.48 -29.35 -21.25
C VAL A 236 -17.82 -30.35 -20.16
N GLU A 237 -16.93 -31.33 -20.00
CA GLU A 237 -17.14 -32.41 -19.03
C GLU A 237 -17.28 -31.89 -17.62
N ALA A 238 -18.17 -32.51 -16.85
CA ALA A 238 -18.51 -32.11 -15.50
C ALA A 238 -17.45 -32.45 -14.51
N GLU A 239 -16.28 -32.90 -15.00
CA GLU A 239 -15.13 -33.13 -14.14
C GLU A 239 -13.88 -32.42 -14.64
N ALA A 240 -14.05 -31.42 -15.50
CA ALA A 240 -12.90 -30.69 -16.02
C ALA A 240 -12.13 -29.99 -14.90
N SER A 241 -10.82 -30.23 -14.83
CA SER A 241 -10.00 -29.70 -13.74
C SER A 241 -8.69 -29.08 -14.21
N MET A 242 -8.41 -29.08 -15.50
CA MET A 242 -7.10 -28.69 -15.98
C MET A 242 -7.19 -28.12 -17.39
N VAL A 243 -6.55 -26.96 -17.61
CA VAL A 243 -6.53 -26.27 -18.90
C VAL A 243 -5.08 -26.22 -19.39
N ILE A 244 -4.88 -26.49 -20.69
CA ILE A 244 -3.55 -26.54 -21.29
C ILE A 244 -3.54 -25.71 -22.58
N ALA A 245 -2.70 -24.68 -22.62
CA ALA A 245 -2.64 -23.75 -23.74
C ALA A 245 -1.65 -24.26 -24.77
N VAL A 246 -2.16 -24.65 -25.93
CA VAL A 246 -1.28 -25.21 -26.96
C VAL A 246 -0.64 -24.07 -27.75
N PRO A 247 0.67 -24.08 -27.91
CA PRO A 247 1.34 -23.02 -28.66
C PRO A 247 1.13 -23.20 -30.16
N GLU A 248 1.65 -22.25 -30.92
CA GLU A 248 1.60 -22.31 -32.36
C GLU A 248 2.53 -23.41 -32.86
N PRO A 249 2.16 -24.10 -33.94
CA PRO A 249 1.06 -23.81 -34.88
C PRO A 249 -0.31 -24.34 -34.48
N PHE A 250 -0.45 -25.18 -33.46
CA PHE A 250 -1.76 -25.74 -33.18
C PHE A 250 -2.68 -24.68 -32.59
N GLY A 251 -2.23 -23.99 -31.56
CA GLY A 251 -3.07 -23.02 -30.91
C GLY A 251 -4.16 -23.71 -30.11
N GLY A 252 -5.09 -22.89 -29.64
CA GLY A 252 -6.21 -23.42 -28.90
C GLY A 252 -5.82 -23.94 -27.52
N ALA A 253 -6.66 -24.82 -26.98
CA ALA A 253 -6.55 -25.29 -25.60
C ALA A 253 -6.98 -26.75 -25.49
N ILE A 254 -6.37 -27.45 -24.52
CA ILE A 254 -6.73 -28.83 -24.18
C ILE A 254 -7.32 -28.84 -22.77
N ILE A 255 -8.55 -29.35 -22.65
CA ILE A 255 -9.27 -29.43 -21.39
C ILE A 255 -9.33 -30.90 -20.98
N ILE A 256 -8.79 -31.22 -19.80
CA ILE A 256 -8.63 -32.58 -19.32
C ILE A 256 -9.60 -32.84 -18.18
N GLY A 257 -10.38 -33.92 -18.29
CA GLY A 257 -11.29 -34.30 -17.23
C GLY A 257 -11.02 -35.71 -16.72
N GLN A 258 -11.96 -36.26 -15.94
CA GLN A 258 -11.77 -37.61 -15.40
C GLN A 258 -11.91 -38.66 -16.48
N GLU A 259 -12.80 -38.45 -17.45
CA GLU A 259 -13.04 -39.42 -18.51
C GLU A 259 -12.52 -39.00 -19.87
N SER A 260 -12.42 -37.72 -20.14
CA SER A 260 -12.14 -37.27 -21.49
C SER A 260 -10.96 -36.30 -21.52
N ILE A 261 -10.37 -36.18 -22.69
CA ILE A 261 -9.38 -35.16 -23.01
C ILE A 261 -9.82 -34.55 -24.34
N THR A 262 -10.33 -33.32 -24.29
CA THR A 262 -10.84 -32.64 -25.46
C THR A 262 -9.86 -31.56 -25.89
N TYR A 263 -9.98 -31.14 -27.16
CA TYR A 263 -9.12 -30.10 -27.73
C TYR A 263 -9.96 -29.03 -28.41
N HIS A 264 -10.08 -27.86 -27.75
CA HIS A 264 -10.94 -26.77 -28.21
C HIS A 264 -10.07 -25.65 -28.76
N ASN A 265 -10.14 -25.39 -30.06
CA ASN A 265 -9.44 -24.27 -30.69
C ASN A 265 -10.47 -23.52 -31.53
N GLY A 266 -11.17 -22.58 -30.91
CA GLY A 266 -12.25 -21.94 -31.61
C GLY A 266 -13.25 -22.97 -32.07
N ASP A 267 -13.46 -23.01 -33.37
CA ASP A 267 -14.46 -23.91 -33.93
C ASP A 267 -14.04 -25.38 -33.79
N LYS A 268 -12.72 -25.64 -33.92
CA LYS A 268 -12.26 -27.02 -34.00
C LYS A 268 -12.56 -27.81 -32.73
N TYR A 269 -12.88 -29.08 -32.90
CA TYR A 269 -13.13 -30.04 -31.82
C TYR A 269 -12.45 -31.37 -32.14
N LEU A 270 -11.79 -31.98 -31.14
CA LEU A 270 -11.30 -33.36 -31.25
C LEU A 270 -11.31 -33.98 -29.85
N ALA A 271 -12.41 -34.66 -29.52
CA ALA A 271 -12.59 -35.26 -28.20
C ALA A 271 -12.11 -36.70 -28.18
N ILE A 272 -11.51 -37.11 -27.06
CA ILE A 272 -11.05 -38.48 -26.85
C ILE A 272 -11.38 -38.87 -25.41
N ALA A 273 -11.85 -40.11 -25.22
CA ALA A 273 -12.14 -40.65 -23.89
C ALA A 273 -11.45 -42.00 -23.73
N PRO A 274 -10.13 -41.98 -23.52
CA PRO A 274 -9.39 -43.23 -23.34
C PRO A 274 -9.71 -43.89 -22.01
N PRO A 275 -9.81 -45.21 -21.98
CA PRO A 275 -10.03 -45.92 -20.70
C PRO A 275 -8.78 -45.96 -19.84
N ILE A 276 -7.60 -45.73 -20.42
CA ILE A 276 -6.35 -45.84 -19.67
C ILE A 276 -6.33 -44.85 -18.51
N ILE A 277 -6.98 -43.69 -18.67
CA ILE A 277 -6.97 -42.64 -17.66
C ILE A 277 -8.14 -42.74 -16.68
N LYS A 278 -9.11 -43.61 -16.92
CA LYS A 278 -10.32 -43.61 -16.10
C LYS A 278 -10.05 -44.01 -14.66
N GLN A 279 -8.93 -44.67 -14.40
CA GLN A 279 -8.69 -45.23 -13.07
C GLN A 279 -8.39 -44.17 -12.03
N SER A 280 -7.65 -43.11 -12.41
CA SER A 280 -7.23 -42.09 -11.45
C SER A 280 -7.16 -40.74 -12.15
N THR A 281 -7.34 -39.67 -11.37
CA THR A 281 -7.39 -38.32 -11.95
C THR A 281 -6.00 -37.78 -12.25
N ILE A 282 -5.88 -37.13 -13.40
CA ILE A 282 -4.63 -36.55 -13.87
C ILE A 282 -4.41 -35.18 -13.24
N VAL A 283 -3.23 -34.97 -12.64
CA VAL A 283 -3.01 -33.76 -11.84
C VAL A 283 -1.81 -32.93 -12.27
N CYS A 284 -1.00 -33.38 -13.21
CA CYS A 284 0.08 -32.53 -13.71
C CYS A 284 0.29 -32.77 -15.21
N HIS A 285 0.87 -31.77 -15.87
CA HIS A 285 1.09 -31.82 -17.31
C HIS A 285 2.35 -31.05 -17.65
N ASN A 286 2.96 -31.39 -18.78
CA ASN A 286 4.17 -30.72 -19.23
C ASN A 286 4.32 -30.87 -20.74
N ARG A 287 4.71 -29.77 -21.40
CA ARG A 287 4.89 -29.72 -22.85
C ARG A 287 6.31 -30.17 -23.17
N VAL A 288 6.43 -31.37 -23.75
CA VAL A 288 7.75 -31.88 -24.15
C VAL A 288 8.30 -31.03 -25.29
N ASP A 289 7.57 -30.96 -26.39
CA ASP A 289 8.05 -30.31 -27.60
C ASP A 289 7.67 -28.82 -27.59
N PRO A 290 8.60 -27.94 -28.00
CA PRO A 290 8.28 -26.49 -27.96
C PRO A 290 7.07 -26.12 -28.78
N ASN A 291 6.77 -26.85 -29.85
CA ASN A 291 5.58 -26.61 -30.66
C ASN A 291 4.35 -27.33 -30.12
N GLY A 292 4.43 -27.89 -28.92
CA GLY A 292 3.28 -28.53 -28.29
C GLY A 292 2.86 -29.87 -28.87
N SER A 293 3.80 -30.65 -29.41
CA SER A 293 3.43 -31.89 -30.07
C SER A 293 3.08 -32.99 -29.08
N ARG A 294 3.86 -33.09 -28.00
CA ARG A 294 3.72 -34.16 -27.01
C ARG A 294 3.81 -33.61 -25.59
N TYR A 295 2.90 -34.10 -24.73
CA TYR A 295 2.73 -33.64 -23.35
C TYR A 295 2.89 -34.80 -22.38
N LEU A 296 3.39 -34.50 -21.18
CA LEU A 296 3.52 -35.47 -20.10
C LEU A 296 2.37 -35.34 -19.12
N LEU A 297 1.70 -36.44 -18.80
CA LEU A 297 0.56 -36.44 -17.89
C LEU A 297 0.85 -37.35 -16.71
N GLY A 298 0.49 -36.91 -15.51
CA GLY A 298 0.71 -37.70 -14.32
C GLY A 298 -0.52 -37.68 -13.42
N ASP A 299 -0.89 -38.81 -12.84
CA ASP A 299 -2.14 -38.88 -12.11
C ASP A 299 -1.85 -39.03 -10.62
N MET A 300 -2.94 -39.01 -9.83
CA MET A 300 -2.86 -39.09 -8.38
C MET A 300 -2.19 -40.38 -7.90
N GLU A 301 -1.97 -41.36 -8.79
CA GLU A 301 -1.45 -42.66 -8.37
C GLU A 301 -0.10 -43.01 -9.00
N GLY A 302 0.60 -42.04 -9.58
CA GLY A 302 1.96 -42.28 -9.99
C GLY A 302 2.12 -42.76 -11.41
N ARG A 303 1.05 -43.19 -12.06
CA ARG A 303 1.12 -43.46 -13.48
C ARG A 303 1.65 -42.25 -14.21
N LEU A 304 2.37 -42.48 -15.31
CA LEU A 304 2.92 -41.42 -16.14
C LEU A 304 2.50 -41.63 -17.58
N PHE A 305 1.81 -40.64 -18.15
CA PHE A 305 1.27 -40.78 -19.50
C PHE A 305 1.97 -39.82 -20.47
N MET A 306 1.78 -40.09 -21.76
CA MET A 306 2.22 -39.22 -22.84
C MET A 306 1.01 -38.85 -23.67
N LEU A 307 0.77 -37.55 -23.84
CA LEU A 307 -0.28 -37.03 -24.70
C LEU A 307 0.36 -36.53 -26.00
N LEU A 308 -0.14 -37.00 -27.14
CA LEU A 308 0.47 -36.66 -28.43
C LEU A 308 -0.50 -35.99 -29.43
N LEU A 321 -4.93 -29.74 -35.25
CA LEU A 321 -4.52 -31.06 -34.81
C LEU A 321 -5.61 -32.09 -35.11
N LYS A 322 -5.31 -32.98 -36.05
CA LYS A 322 -6.30 -33.92 -36.54
C LYS A 322 -6.66 -34.98 -35.50
N ASP A 323 -5.68 -35.51 -34.79
CA ASP A 323 -5.94 -36.62 -33.89
C ASP A 323 -5.18 -36.46 -32.58
N LEU A 324 -5.80 -36.99 -31.52
CA LEU A 324 -5.28 -36.92 -30.16
C LEU A 324 -5.28 -38.32 -29.55
N ARG A 325 -4.20 -38.65 -28.84
CA ARG A 325 -4.01 -39.98 -28.27
C ARG A 325 -3.09 -39.93 -27.07
N VAL A 326 -3.19 -40.97 -26.22
CA VAL A 326 -2.54 -41.08 -24.91
C VAL A 326 -1.71 -42.36 -24.89
N GLU A 327 -0.62 -42.35 -24.11
CA GLU A 327 0.25 -43.52 -23.98
C GLU A 327 0.75 -43.62 -22.55
N LEU A 328 0.67 -44.82 -21.96
CA LEU A 328 1.10 -45.03 -20.58
C LEU A 328 2.60 -45.37 -20.55
N LEU A 329 3.41 -44.47 -20.01
CA LEU A 329 4.86 -44.62 -20.05
C LEU A 329 5.42 -45.46 -18.91
N GLY A 330 4.82 -45.41 -17.73
CA GLY A 330 5.37 -46.15 -16.60
C GLY A 330 4.93 -45.53 -15.29
N GLU A 331 5.72 -45.81 -14.25
CA GLU A 331 5.38 -45.40 -12.89
C GLU A 331 6.50 -44.60 -12.26
N THR A 332 6.17 -43.40 -11.79
CA THR A 332 7.06 -42.54 -11.03
C THR A 332 6.47 -42.30 -9.65
N SER A 333 7.18 -41.54 -8.83
CA SER A 333 6.57 -41.11 -7.60
C SER A 333 5.31 -40.31 -7.92
N ILE A 334 4.44 -40.20 -6.93
CA ILE A 334 3.25 -39.39 -7.12
C ILE A 334 3.73 -37.97 -7.40
N ALA A 335 3.40 -37.46 -8.58
CA ALA A 335 3.96 -36.18 -9.02
C ALA A 335 3.11 -34.99 -8.55
N GLU A 336 3.78 -34.07 -7.85
CA GLU A 336 3.24 -32.72 -7.69
C GLU A 336 3.49 -31.88 -8.94
N CYS A 337 4.57 -32.16 -9.67
CA CYS A 337 5.04 -31.37 -10.80
C CYS A 337 5.98 -32.20 -11.67
N LEU A 338 5.81 -32.07 -12.98
CA LEU A 338 6.72 -32.72 -13.92
C LEU A 338 7.43 -31.67 -14.76
N THR A 339 8.64 -32.01 -15.20
CA THR A 339 9.38 -31.09 -16.07
C THR A 339 10.36 -31.89 -16.91
N TYR A 340 10.09 -31.95 -18.21
CA TYR A 340 11.01 -32.62 -19.14
C TYR A 340 12.31 -31.83 -19.22
N LEU A 341 13.46 -32.50 -19.10
CA LEU A 341 14.68 -31.70 -19.19
C LEU A 341 15.31 -31.70 -20.59
N ASP A 342 15.87 -32.83 -20.99
CA ASP A 342 16.43 -33.00 -22.33
C ASP A 342 16.95 -34.41 -22.44
N ASN A 343 16.87 -34.97 -23.66
CA ASN A 343 17.41 -36.30 -23.92
C ASN A 343 16.75 -37.33 -23.01
N GLY A 344 15.42 -37.36 -23.04
CA GLY A 344 14.66 -38.40 -22.38
C GLY A 344 14.66 -38.36 -20.87
N VAL A 345 15.25 -37.37 -20.26
CA VAL A 345 15.27 -37.29 -18.81
C VAL A 345 14.13 -36.37 -18.37
N VAL A 346 13.53 -36.70 -17.21
CA VAL A 346 12.44 -35.91 -16.64
C VAL A 346 12.72 -35.78 -15.15
N PHE A 347 12.32 -34.64 -14.58
CA PHE A 347 12.33 -34.45 -13.13
C PHE A 347 10.90 -34.63 -12.61
N VAL A 348 10.78 -35.48 -11.61
CA VAL A 348 9.51 -35.72 -10.93
C VAL A 348 9.65 -35.11 -9.54
N GLY A 349 8.86 -34.07 -9.27
CA GLY A 349 8.79 -33.50 -7.94
C GLY A 349 7.64 -34.16 -7.22
N SER A 350 7.85 -34.52 -5.96
CA SER A 350 6.85 -35.30 -5.23
C SER A 350 6.55 -34.63 -3.91
N ARG A 351 5.28 -34.24 -3.75
CA ARG A 351 4.87 -33.69 -2.45
C ARG A 351 4.65 -34.82 -1.46
N LEU A 352 3.91 -35.85 -1.89
CA LEU A 352 3.66 -36.99 -1.02
C LEU A 352 4.92 -37.88 -0.86
N GLY A 353 5.76 -37.97 -1.88
CA GLY A 353 6.83 -38.93 -1.83
C GLY A 353 8.18 -38.36 -2.22
N ASP A 354 9.04 -39.22 -2.74
CA ASP A 354 10.42 -38.92 -3.12
C ASP A 354 10.54 -38.38 -4.53
N SER A 355 11.49 -37.48 -4.70
CA SER A 355 11.70 -36.79 -5.96
C SER A 355 12.67 -37.58 -6.82
N GLN A 356 12.39 -37.63 -8.12
CA GLN A 356 13.10 -38.48 -9.06
C GLN A 356 13.63 -37.69 -10.26
N LEU A 357 14.73 -38.21 -10.81
CA LEU A 357 15.08 -38.04 -12.21
C LEU A 357 14.87 -39.39 -12.86
N VAL A 358 14.02 -39.44 -13.88
CA VAL A 358 13.75 -40.67 -14.59
C VAL A 358 14.13 -40.50 -16.06
N LYS A 359 14.60 -41.60 -16.66
CA LYS A 359 14.91 -41.65 -18.08
C LYS A 359 13.76 -42.31 -18.82
N LEU A 360 13.21 -41.60 -19.80
CA LEU A 360 12.21 -42.16 -20.69
C LEU A 360 12.89 -42.78 -21.90
N ASN A 361 12.25 -43.81 -22.44
CA ASN A 361 12.73 -44.52 -23.63
C ASN A 361 11.62 -44.58 -24.65
N VAL A 362 11.02 -43.40 -24.86
CA VAL A 362 9.88 -43.27 -25.76
C VAL A 362 10.24 -43.76 -27.14
N ASP A 363 11.42 -43.38 -27.62
CA ASP A 363 11.98 -43.89 -28.85
C ASP A 363 12.56 -45.28 -28.61
N SER A 364 13.46 -45.73 -29.50
CA SER A 364 14.04 -47.07 -29.43
C SER A 364 12.93 -48.11 -29.53
N ASN A 365 12.15 -47.98 -30.61
CA ASN A 365 10.86 -48.63 -30.74
C ASN A 365 10.96 -50.16 -30.74
N GLU A 366 12.16 -50.73 -30.60
CA GLU A 366 12.26 -52.19 -30.43
C GLU A 366 11.71 -52.62 -29.08
N GLN A 367 12.01 -51.86 -28.05
CA GLN A 367 11.47 -52.11 -26.73
C GLN A 367 10.30 -51.15 -26.48
N GLY A 368 9.50 -51.49 -25.48
CA GLY A 368 8.33 -50.68 -25.17
C GLY A 368 8.68 -49.36 -24.51
N SER A 369 7.65 -48.55 -24.31
CA SER A 369 7.81 -47.34 -23.53
C SER A 369 7.97 -47.72 -22.07
N TYR A 370 9.09 -47.32 -21.46
CA TYR A 370 9.38 -47.76 -20.10
C TYR A 370 10.15 -46.70 -19.36
N VAL A 371 9.81 -46.53 -18.08
CA VAL A 371 10.38 -45.51 -17.21
C VAL A 371 11.46 -46.15 -16.35
N VAL A 372 12.60 -45.49 -16.25
CA VAL A 372 13.72 -46.02 -15.49
C VAL A 372 14.22 -44.92 -14.59
N ALA A 373 14.46 -45.24 -13.32
CA ALA A 373 14.78 -44.23 -12.32
C ALA A 373 16.28 -43.97 -12.32
N MET A 374 16.68 -42.77 -12.74
CA MET A 374 18.09 -42.43 -12.74
C MET A 374 18.53 -41.94 -11.36
N GLU A 375 17.84 -40.95 -10.79
CA GLU A 375 18.22 -40.40 -9.49
C GLU A 375 17.02 -40.30 -8.57
N THR A 376 17.29 -40.38 -7.26
CA THR A 376 16.28 -40.28 -6.21
C THR A 376 16.75 -39.25 -5.20
N PHE A 377 15.84 -38.34 -4.81
CA PHE A 377 16.14 -37.27 -3.88
C PHE A 377 15.24 -37.40 -2.68
N THR A 378 15.84 -37.42 -1.49
CA THR A 378 15.10 -37.66 -0.25
C THR A 378 14.02 -36.60 0.00
N ASN A 379 12.82 -37.05 0.37
CA ASN A 379 11.75 -36.16 0.78
C ASN A 379 11.10 -36.71 2.06
N LEU A 380 11.39 -36.09 3.19
CA LEU A 380 10.83 -36.62 4.42
C LEU A 380 9.32 -36.36 4.57
N GLY A 381 8.70 -35.58 3.68
CA GLY A 381 7.34 -35.15 3.90
C GLY A 381 6.30 -35.95 3.15
N PRO A 382 5.07 -36.01 3.69
CA PRO A 382 4.63 -35.45 4.98
C PRO A 382 5.03 -36.26 6.20
N ILE A 383 5.54 -35.65 7.27
CA ILE A 383 5.86 -36.34 8.52
C ILE A 383 4.58 -36.29 9.36
N VAL A 384 3.85 -37.40 9.43
CA VAL A 384 2.62 -37.42 10.22
C VAL A 384 2.81 -37.94 11.63
N ASP A 385 3.98 -38.51 11.95
CA ASP A 385 4.32 -38.81 13.34
C ASP A 385 5.80 -39.15 13.38
N MET A 386 6.36 -39.10 14.58
CA MET A 386 7.76 -39.47 14.74
C MET A 386 8.03 -39.78 16.21
N CYS A 387 9.24 -40.32 16.47
CA CYS A 387 9.73 -40.49 17.82
C CYS A 387 11.25 -40.43 17.83
N VAL A 388 11.82 -40.17 19.00
CA VAL A 388 13.26 -40.13 19.18
C VAL A 388 13.67 -41.36 19.97
N VAL A 389 14.63 -42.11 19.44
CA VAL A 389 15.13 -43.32 20.09
C VAL A 389 16.63 -43.25 20.10
N ASP A 390 17.22 -43.68 21.21
CA ASP A 390 18.67 -43.82 21.30
C ASP A 390 19.07 -45.23 20.86
N LEU A 391 19.02 -45.44 19.55
CA LEU A 391 19.23 -46.78 18.99
C LEU A 391 20.65 -47.26 19.23
N GLU A 392 21.66 -46.58 18.67
CA GLU A 392 23.02 -47.11 18.66
C GLU A 392 23.92 -46.52 19.75
N ARG A 393 24.19 -45.21 19.71
CA ARG A 393 25.27 -44.67 20.52
C ARG A 393 24.96 -44.64 22.02
N GLN A 394 23.70 -44.85 22.40
CA GLN A 394 23.21 -44.77 23.77
C GLN A 394 23.52 -43.43 24.43
N GLY A 395 23.97 -42.42 23.65
CA GLY A 395 23.91 -41.03 24.08
C GLY A 395 23.27 -40.07 23.09
N GLN A 396 23.40 -40.35 21.79
CA GLN A 396 22.96 -39.44 20.73
C GLN A 396 21.63 -39.94 20.17
N GLY A 397 20.59 -39.11 20.23
CA GLY A 397 19.26 -39.55 19.85
C GLY A 397 19.09 -39.65 18.33
N GLN A 398 18.25 -40.60 17.91
CA GLN A 398 17.92 -40.81 16.51
C GLN A 398 16.43 -40.64 16.26
N LEU A 399 16.10 -39.96 15.17
CA LEU A 399 14.74 -39.63 14.81
C LEU A 399 14.21 -40.66 13.80
N VAL A 400 13.10 -41.32 14.15
CA VAL A 400 12.41 -42.25 13.28
C VAL A 400 11.02 -41.70 13.03
N THR A 401 10.66 -41.50 11.76
CA THR A 401 9.40 -40.85 11.42
C THR A 401 8.47 -41.80 10.66
N CYS A 402 7.18 -41.50 10.72
CA CYS A 402 6.20 -41.92 9.72
C CYS A 402 6.11 -40.82 8.67
N SER A 403 6.32 -41.16 7.39
CA SER A 403 6.46 -40.14 6.35
C SER A 403 5.76 -40.58 5.08
N GLY A 404 5.29 -39.60 4.31
CA GLY A 404 4.70 -39.88 3.00
C GLY A 404 3.33 -40.51 3.12
N ALA A 405 2.73 -40.78 1.97
CA ALA A 405 1.39 -41.32 2.01
C ALA A 405 1.17 -42.20 0.79
N PHE A 406 0.32 -43.21 0.96
CA PHE A 406 0.00 -44.17 -0.10
C PHE A 406 1.25 -44.94 -0.46
N LYS A 407 1.47 -45.16 -1.76
CA LYS A 407 2.61 -45.98 -2.13
C LYS A 407 3.94 -45.37 -1.74
N GLU A 408 4.00 -44.07 -1.51
CA GLU A 408 5.20 -43.44 -1.00
C GLU A 408 5.36 -43.56 0.52
N GLY A 409 4.55 -44.37 1.19
CA GLY A 409 4.64 -44.47 2.64
C GLY A 409 5.87 -45.24 3.06
N SER A 410 6.54 -44.73 4.09
CA SER A 410 7.82 -45.29 4.47
C SER A 410 8.09 -44.91 5.91
N LEU A 411 9.10 -45.54 6.50
CA LEU A 411 9.73 -44.96 7.66
C LEU A 411 10.97 -44.19 7.23
N ARG A 412 11.46 -43.30 8.10
CA ARG A 412 12.77 -42.72 7.88
C ARG A 412 13.48 -42.65 9.20
N ILE A 413 14.76 -43.05 9.18
CA ILE A 413 15.61 -42.95 10.35
C ILE A 413 16.60 -41.85 10.07
N ILE A 414 16.57 -40.80 10.89
CA ILE A 414 17.40 -39.62 10.74
C ILE A 414 18.38 -39.59 11.90
N ARG A 415 19.66 -39.41 11.57
CA ARG A 415 20.72 -39.25 12.56
C ARG A 415 21.68 -38.16 12.10
N ASN A 416 22.40 -37.60 13.07
CA ASN A 416 23.37 -36.53 12.82
C ASN A 416 24.70 -37.07 12.29
N LYS A 429 25.37 -32.50 8.30
CA LYS A 429 24.61 -33.10 7.20
C LYS A 429 23.84 -34.36 7.65
N LEU A 430 22.51 -34.30 7.57
CA LEU A 430 21.67 -35.37 8.11
C LEU A 430 21.78 -36.63 7.25
N HIS A 431 21.49 -37.76 7.87
CA HIS A 431 21.62 -39.06 7.22
C HIS A 431 20.30 -39.81 7.35
N ILE A 432 19.70 -40.17 6.22
CA ILE A 432 18.35 -40.72 6.21
C ILE A 432 18.39 -42.11 5.57
N ARG A 433 17.68 -43.04 6.18
CA ARG A 433 17.56 -44.39 5.67
C ARG A 433 16.08 -44.69 5.46
N THR A 434 15.70 -44.98 4.23
CA THR A 434 14.30 -45.06 3.82
C THR A 434 13.80 -46.51 3.82
N VAL A 435 12.95 -46.86 4.78
CA VAL A 435 12.29 -48.17 4.82
C VAL A 435 10.98 -48.10 4.03
N PRO A 436 10.89 -48.48 2.75
CA PRO A 436 9.61 -48.36 2.06
C PRO A 436 8.56 -49.31 2.64
N LEU A 437 7.29 -48.80 2.66
CA LEU A 437 6.11 -49.47 3.19
C LEU A 437 4.97 -49.64 2.19
N TYR A 438 4.98 -48.91 1.06
CA TYR A 438 3.94 -49.03 0.00
C TYR A 438 2.52 -48.84 0.52
N GLU A 439 2.39 -48.20 1.67
CA GLU A 439 1.13 -47.83 2.30
C GLU A 439 1.47 -46.78 3.34
N SER A 440 0.43 -46.22 3.95
CA SER A 440 0.60 -44.97 4.68
C SER A 440 0.80 -45.26 6.16
N PRO A 441 1.90 -44.83 6.74
CA PRO A 441 2.07 -44.93 8.18
C PRO A 441 1.35 -43.76 8.86
N ARG A 442 0.81 -44.04 10.05
CA ARG A 442 0.01 -43.03 10.73
C ARG A 442 0.48 -42.71 12.15
N LYS A 443 1.03 -43.68 12.89
CA LYS A 443 1.64 -43.44 14.20
C LYS A 443 2.82 -44.38 14.38
N ILE A 444 3.80 -43.98 15.18
CA ILE A 444 4.95 -44.83 15.45
C ILE A 444 5.41 -44.65 16.89
N CYS A 445 5.70 -45.74 17.56
CA CYS A 445 6.30 -45.69 18.89
C CYS A 445 7.29 -46.86 19.02
N TYR A 446 8.24 -46.70 19.94
CA TYR A 446 9.30 -47.66 20.18
C TYR A 446 9.01 -48.46 21.45
N GLN A 447 9.47 -49.72 21.49
CA GLN A 447 9.28 -50.61 22.65
C GLN A 447 10.63 -51.27 22.93
N GLU A 448 11.43 -50.62 23.78
CA GLU A 448 12.80 -51.07 24.03
C GLU A 448 12.84 -52.54 24.44
N VAL A 449 11.91 -52.96 25.29
CA VAL A 449 11.93 -54.33 25.83
C VAL A 449 11.95 -55.35 24.71
N SER A 450 11.07 -55.20 23.72
CA SER A 450 11.01 -56.11 22.59
C SER A 450 11.82 -55.61 21.39
N GLN A 451 12.69 -54.63 21.60
CA GLN A 451 13.67 -54.19 20.61
C GLN A 451 13.05 -53.99 19.23
N CYS A 452 11.85 -53.40 19.20
CA CYS A 452 11.11 -53.22 17.96
C CYS A 452 10.31 -51.91 18.00
N PHE A 453 9.71 -51.56 16.86
CA PHE A 453 8.81 -50.43 16.74
C PHE A 453 7.39 -50.93 16.46
N GLY A 454 6.41 -50.28 17.10
CA GLY A 454 5.00 -50.46 16.77
C GLY A 454 4.55 -49.31 15.93
N VAL A 455 3.95 -49.60 14.78
CA VAL A 455 3.53 -48.57 13.82
C VAL A 455 2.13 -48.91 13.33
N LEU A 456 1.20 -47.97 13.52
CA LEU A 456 -0.09 -48.08 12.86
C LEU A 456 0.04 -47.57 11.43
N SER A 457 -0.73 -48.17 10.54
CA SER A 457 -0.65 -47.80 9.13
C SER A 457 -2.01 -48.03 8.47
N SER A 458 -2.12 -47.61 7.21
CA SER A 458 -3.37 -47.84 6.52
C SER A 458 -3.15 -48.04 5.04
N ARG A 459 -3.90 -48.97 4.45
CA ARG A 459 -3.84 -49.28 3.04
C ARG A 459 -5.23 -49.26 2.42
N ILE A 460 -5.27 -48.96 1.12
CA ILE A 460 -6.50 -48.85 0.33
C ILE A 460 -6.74 -50.15 -0.41
N GLU A 461 -7.95 -50.70 -0.29
CA GLU A 461 -8.36 -51.87 -1.07
C GLU A 461 -9.70 -51.59 -1.74
N VAL A 462 -9.92 -52.24 -2.88
CA VAL A 462 -11.11 -52.00 -3.68
C VAL A 462 -12.10 -53.13 -3.50
N GLN A 463 -13.38 -52.79 -3.47
CA GLN A 463 -14.44 -53.77 -3.28
C GLN A 463 -14.49 -54.73 -4.46
N ASP A 464 -14.84 -55.97 -4.16
CA ASP A 464 -14.80 -57.05 -5.13
C ASP A 464 -16.17 -57.30 -5.74
N THR A 465 -16.15 -57.96 -6.89
CA THR A 465 -17.36 -58.56 -7.44
C THR A 465 -17.78 -59.76 -6.57
N SER A 466 -16.82 -60.52 -6.06
CA SER A 466 -17.14 -61.71 -5.27
C SER A 466 -17.71 -61.38 -3.90
N GLY A 467 -17.56 -60.14 -3.45
CA GLY A 467 -17.90 -59.80 -2.09
C GLY A 467 -16.61 -59.87 -1.32
N GLY A 468 -16.02 -58.71 -1.07
CA GLY A 468 -14.72 -58.65 -0.46
C GLY A 468 -13.95 -57.47 -1.00
N THR A 469 -12.68 -57.38 -0.59
CA THR A 469 -11.80 -56.32 -1.06
C THR A 469 -10.46 -56.92 -1.47
N THR A 470 -9.86 -56.29 -2.49
CA THR A 470 -8.59 -56.70 -3.06
C THR A 470 -7.63 -55.53 -3.00
N ALA A 471 -6.44 -55.77 -2.47
CA ALA A 471 -5.45 -54.72 -2.37
C ALA A 471 -4.99 -54.28 -3.75
N LEU A 472 -4.41 -53.11 -3.82
CA LEU A 472 -3.94 -52.59 -5.09
C LEU A 472 -2.51 -53.02 -5.38
N ARG A 473 -1.72 -53.29 -4.34
CA ARG A 473 -0.32 -53.67 -4.48
C ARG A 473 0.14 -54.28 -3.17
N PRO A 474 1.22 -55.05 -3.20
CA PRO A 474 1.81 -55.52 -1.93
C PRO A 474 2.17 -54.33 -1.08
N SER A 475 2.02 -54.48 0.23
CA SER A 475 2.38 -53.42 1.15
C SER A 475 2.63 -54.02 2.52
N ALA A 476 3.31 -53.24 3.37
CA ALA A 476 3.96 -53.78 4.55
C ALA A 476 3.02 -54.59 5.40
N SER A 477 1.75 -54.18 5.49
CA SER A 477 0.79 -54.94 6.28
C SER A 477 0.37 -56.24 5.61
N THR A 478 0.56 -56.38 4.30
CA THR A 478 0.21 -57.62 3.61
C THR A 478 1.42 -58.49 3.30
N GLN A 479 2.64 -58.04 3.59
CA GLN A 479 3.84 -58.82 3.38
C GLN A 479 4.59 -59.03 4.68
N ALA A 480 3.88 -59.09 5.81
CA ALA A 480 4.58 -59.39 7.06
C ALA A 480 4.99 -60.86 7.08
N LEU A 481 5.94 -61.17 7.95
CA LEU A 481 6.33 -62.57 8.10
C LEU A 481 5.31 -63.33 8.91
N SER A 482 4.68 -62.65 9.87
CA SER A 482 3.59 -63.19 10.69
C SER A 482 2.42 -62.21 10.67
N SER A 483 1.20 -62.73 10.53
CA SER A 483 0.03 -61.85 10.48
C SER A 483 -1.04 -62.32 11.46
N SER A 484 -1.99 -61.43 11.74
CA SER A 484 -3.16 -61.78 12.54
C SER A 484 -4.29 -60.78 12.31
N VAL A 485 -5.52 -61.27 12.44
CA VAL A 485 -6.71 -60.45 12.24
C VAL A 485 -7.59 -60.46 13.48
N SER A 486 -8.28 -59.35 13.70
CA SER A 486 -9.17 -59.23 14.84
C SER A 486 -10.47 -60.00 14.62
N SER A 487 -11.03 -60.51 15.72
CA SER A 487 -12.21 -61.33 15.64
C SER A 487 -13.43 -60.45 15.38
N SER A 488 -14.05 -60.65 14.21
CA SER A 488 -15.22 -59.87 13.83
C SER A 488 -16.42 -60.22 14.71
N LYS A 489 -17.46 -59.37 14.66
CA LYS A 489 -18.72 -59.63 15.37
C LYS A 489 -19.98 -59.60 14.49
N PHE A 502 -18.13 -53.51 -7.40
CA PHE A 502 -18.51 -52.30 -6.70
C PHE A 502 -17.38 -51.28 -6.76
N GLY A 503 -16.15 -51.75 -6.56
CA GLY A 503 -14.96 -50.97 -6.85
C GLY A 503 -14.68 -49.82 -5.91
N GLU A 504 -15.36 -49.76 -4.75
CA GLU A 504 -15.26 -48.61 -3.85
C GLU A 504 -14.09 -48.76 -2.89
N GLU A 505 -13.37 -47.67 -2.68
CA GLU A 505 -12.17 -47.69 -1.86
C GLU A 505 -12.53 -47.97 -0.40
N VAL A 506 -11.78 -48.86 0.24
CA VAL A 506 -11.99 -49.19 1.64
C VAL A 506 -10.65 -49.09 2.36
N GLU A 507 -10.65 -48.52 3.54
CA GLU A 507 -9.41 -48.25 4.26
C GLU A 507 -9.21 -49.33 5.34
N VAL A 508 -8.03 -49.98 5.30
CA VAL A 508 -7.72 -51.08 6.22
C VAL A 508 -6.54 -50.71 7.10
N HIS A 509 -6.73 -50.81 8.40
CA HIS A 509 -5.79 -50.29 9.38
C HIS A 509 -5.13 -51.45 10.11
N ASN A 510 -3.81 -51.35 10.32
CA ASN A 510 -3.07 -52.45 10.93
C ASN A 510 -2.09 -51.92 11.98
N LEU A 511 -1.72 -52.83 12.89
CA LEU A 511 -0.62 -52.63 13.82
C LEU A 511 0.59 -53.41 13.31
N LEU A 512 1.59 -52.71 12.82
CA LEU A 512 2.81 -53.34 12.36
C LEU A 512 3.78 -53.48 13.52
N ILE A 513 4.55 -54.55 13.52
CA ILE A 513 5.63 -54.73 14.48
C ILE A 513 6.92 -54.81 13.66
N ILE A 514 7.91 -54.00 14.05
CA ILE A 514 9.03 -53.69 13.17
C ILE A 514 10.33 -53.84 13.96
N ASP A 515 11.24 -54.65 13.44
CA ASP A 515 12.53 -54.87 14.08
C ASP A 515 13.32 -53.57 14.11
N GLN A 516 13.85 -53.21 15.28
CA GLN A 516 14.53 -51.93 15.38
C GLN A 516 15.82 -51.91 14.59
N HIS A 517 16.42 -53.08 14.35
CA HIS A 517 17.72 -53.20 13.69
C HIS A 517 17.57 -53.38 12.18
N THR A 518 16.86 -54.43 11.77
CA THR A 518 16.65 -54.71 10.35
C THR A 518 15.55 -53.87 9.70
N PHE A 519 14.58 -53.40 10.50
CA PHE A 519 13.39 -52.68 10.05
C PHE A 519 12.46 -53.56 9.21
N GLU A 520 12.53 -54.88 9.43
CA GLU A 520 11.62 -55.80 8.78
C GLU A 520 10.28 -55.85 9.51
N VAL A 521 9.24 -56.24 8.78
CA VAL A 521 7.88 -56.29 9.33
C VAL A 521 7.67 -57.69 9.91
N LEU A 522 8.06 -57.84 11.19
CA LEU A 522 7.92 -59.12 11.88
C LEU A 522 6.47 -59.60 11.96
N HIS A 523 5.58 -58.74 12.48
CA HIS A 523 4.18 -59.07 12.61
C HIS A 523 3.31 -57.92 12.11
N ALA A 524 2.15 -58.28 11.55
CA ALA A 524 1.15 -57.31 11.12
C ALA A 524 -0.22 -57.77 11.59
N HIS A 525 -0.85 -57.00 12.46
CA HIS A 525 -2.18 -57.30 12.95
C HIS A 525 -3.20 -56.44 12.23
N GLN A 526 -4.17 -57.07 11.57
CA GLN A 526 -5.23 -56.29 10.92
C GLN A 526 -6.38 -56.10 11.89
N PHE A 527 -7.02 -54.92 11.81
CA PHE A 527 -8.12 -54.55 12.69
C PHE A 527 -9.47 -54.85 12.04
N LEU A 528 -10.53 -54.55 12.79
CA LEU A 528 -11.87 -54.92 12.38
C LEU A 528 -12.25 -54.15 11.13
N GLN A 529 -13.26 -54.66 10.43
CA GLN A 529 -13.79 -53.94 9.27
C GLN A 529 -14.47 -52.64 9.72
N ASN A 530 -14.16 -51.54 9.01
CA ASN A 530 -14.61 -50.19 9.34
C ASN A 530 -14.05 -49.67 10.64
N GLU A 531 -13.12 -50.37 11.27
CA GLU A 531 -12.42 -49.83 12.42
C GLU A 531 -11.28 -48.92 11.95
N TYR A 532 -11.13 -47.78 12.63
CA TYR A 532 -10.14 -46.78 12.24
C TYR A 532 -9.20 -46.60 13.44
N ALA A 533 -7.91 -46.81 13.21
CA ALA A 533 -6.96 -46.78 14.32
C ALA A 533 -6.48 -45.37 14.57
N LEU A 534 -6.63 -44.89 15.81
CA LEU A 534 -6.37 -43.50 16.10
C LEU A 534 -5.18 -43.25 17.02
N SER A 535 -4.98 -44.08 18.05
CA SER A 535 -3.97 -43.79 19.06
C SER A 535 -3.10 -45.01 19.32
N LEU A 536 -1.81 -44.78 19.57
CA LEU A 536 -0.88 -45.86 19.88
C LEU A 536 0.00 -45.48 21.05
N VAL A 537 0.28 -46.47 21.89
CA VAL A 537 1.06 -46.32 23.11
C VAL A 537 1.89 -47.58 23.31
N SER A 538 3.07 -47.41 23.90
CA SER A 538 3.85 -48.52 24.42
C SER A 538 4.20 -48.18 25.87
N CYS A 539 3.86 -49.07 26.82
CA CYS A 539 4.05 -48.74 28.25
C CYS A 539 3.73 -49.95 29.13
N LYS A 540 4.10 -49.82 30.42
CA LYS A 540 3.76 -50.74 31.50
C LYS A 540 2.63 -50.16 32.35
N LEU A 541 1.78 -51.03 32.89
CA LEU A 541 0.61 -50.59 33.65
C LEU A 541 0.44 -51.37 34.94
N GLY A 542 0.02 -50.66 35.99
CA GLY A 542 -0.32 -51.31 37.24
C GLY A 542 0.89 -51.97 37.89
N LYS A 543 0.66 -53.14 38.47
CA LYS A 543 1.72 -53.94 39.07
C LYS A 543 2.29 -54.98 38.08
N ASP A 544 2.09 -54.78 36.77
CA ASP A 544 2.43 -55.75 35.74
C ASP A 544 3.84 -55.49 35.22
N PRO A 545 4.74 -56.47 35.27
CA PRO A 545 6.08 -56.27 34.70
C PRO A 545 6.11 -56.26 33.18
N ASN A 546 5.05 -56.71 32.52
CA ASN A 546 5.04 -56.74 31.07
C ASN A 546 4.86 -55.34 30.49
N THR A 547 5.46 -55.12 29.32
CA THR A 547 5.27 -53.92 28.51
C THR A 547 4.38 -54.24 27.31
N TYR A 548 3.45 -53.33 26.99
CA TYR A 548 2.39 -53.61 26.04
C TYR A 548 2.28 -52.53 24.95
N PHE A 549 1.73 -52.96 23.81
CA PHE A 549 1.26 -52.06 22.75
C PHE A 549 -0.26 -51.88 22.90
N ILE A 550 -0.72 -50.65 23.10
CA ILE A 550 -2.14 -50.36 23.28
C ILE A 550 -2.60 -49.44 22.15
N VAL A 551 -3.64 -49.87 21.43
CA VAL A 551 -4.18 -49.15 20.29
C VAL A 551 -5.59 -48.77 20.63
N GLY A 552 -5.89 -47.46 20.53
CA GLY A 552 -7.23 -46.97 20.70
C GLY A 552 -7.84 -46.63 19.32
N THR A 553 -9.03 -47.15 19.08
CA THR A 553 -9.66 -47.12 17.76
C THR A 553 -11.03 -46.44 17.76
N ALA A 554 -11.63 -46.42 16.58
CA ALA A 554 -12.95 -45.83 16.37
C ALA A 554 -13.65 -46.63 15.28
N MET A 555 -14.93 -46.92 15.46
CA MET A 555 -15.71 -47.52 14.37
C MET A 555 -16.29 -46.42 13.52
N VAL A 556 -16.06 -46.49 12.21
CA VAL A 556 -16.37 -45.41 11.28
C VAL A 556 -17.21 -45.93 10.13
N TYR A 557 -18.57 -45.64 10.15
CA TYR A 557 -19.50 -45.97 9.07
C TYR A 557 -19.97 -44.69 8.38
N PRO A 558 -20.22 -44.71 7.06
CA PRO A 558 -20.50 -43.44 6.35
C PRO A 558 -21.84 -42.80 6.74
N GLU A 559 -22.82 -43.60 7.18
CA GLU A 559 -24.09 -43.06 7.61
C GLU A 559 -23.96 -42.27 8.93
N GLU A 560 -23.14 -42.74 9.87
CA GLU A 560 -22.95 -42.05 11.14
C GLU A 560 -21.98 -40.88 10.99
N ALA A 561 -22.22 -39.81 11.74
CA ALA A 561 -21.33 -38.66 11.61
C ALA A 561 -20.37 -38.51 12.77
N GLU A 562 -20.69 -39.03 13.94
CA GLU A 562 -19.78 -39.01 15.07
C GLU A 562 -19.61 -40.43 15.58
N PRO A 563 -18.42 -40.77 16.09
CA PRO A 563 -18.13 -42.18 16.43
C PRO A 563 -18.86 -42.58 17.69
N LYS A 564 -19.67 -43.61 17.59
CA LYS A 564 -20.44 -44.10 18.72
C LYS A 564 -19.85 -45.36 19.35
N GLN A 565 -18.86 -45.99 18.69
CA GLN A 565 -18.17 -47.16 19.22
C GLN A 565 -16.67 -46.99 19.04
N GLY A 566 -15.92 -47.65 19.90
CA GLY A 566 -14.48 -47.68 19.77
C GLY A 566 -13.95 -48.78 20.67
N ARG A 567 -12.65 -49.05 20.52
CA ARG A 567 -11.99 -50.08 21.32
C ARG A 567 -10.66 -49.56 21.84
N ILE A 568 -10.23 -50.16 22.94
CA ILE A 568 -8.88 -50.01 23.44
C ILE A 568 -8.35 -51.43 23.57
N VAL A 569 -7.39 -51.79 22.70
CA VAL A 569 -6.91 -53.15 22.53
C VAL A 569 -5.49 -53.24 23.07
N VAL A 570 -5.25 -54.19 23.96
CA VAL A 570 -3.93 -54.40 24.58
C VAL A 570 -3.28 -55.60 23.90
N PHE A 571 -2.30 -55.33 23.04
CA PHE A 571 -1.47 -56.38 22.48
C PHE A 571 -0.21 -56.57 23.29
N GLN A 572 0.43 -57.72 23.06
CA GLN A 572 1.79 -57.96 23.53
C GLN A 572 2.61 -58.71 22.48
N TYR A 573 3.86 -58.30 22.36
CA TYR A 573 4.80 -58.92 21.42
C TYR A 573 5.80 -59.75 22.23
N SER A 574 5.66 -61.08 22.15
CA SER A 574 6.56 -62.02 22.82
C SER A 574 6.95 -63.13 21.84
N ASP A 575 8.25 -63.33 21.67
CA ASP A 575 8.78 -64.45 20.88
C ASP A 575 8.16 -64.48 19.47
N GLY A 576 8.11 -63.31 18.84
CA GLY A 576 7.59 -63.23 17.48
C GLY A 576 6.09 -63.39 17.35
N LYS A 577 5.38 -63.52 18.46
CA LYS A 577 3.95 -63.78 18.48
C LYS A 577 3.26 -62.58 19.09
N LEU A 578 2.31 -62.03 18.38
CA LEU A 578 1.53 -60.94 18.91
C LEU A 578 0.18 -61.48 19.33
N GLN A 579 -0.20 -61.19 20.56
CA GLN A 579 -1.44 -61.73 21.09
C GLN A 579 -2.29 -60.62 21.66
N THR A 580 -3.59 -60.79 21.55
CA THR A 580 -4.52 -59.84 22.14
C THR A 580 -4.66 -60.18 23.62
N VAL A 581 -3.95 -59.42 24.47
CA VAL A 581 -4.04 -59.63 25.91
C VAL A 581 -5.45 -59.32 26.41
N ALA A 582 -6.00 -58.18 25.98
CA ALA A 582 -7.26 -57.71 26.53
C ALA A 582 -7.87 -56.72 25.53
N GLU A 583 -9.21 -56.63 25.57
CA GLU A 583 -9.98 -55.74 24.72
C GLU A 583 -11.08 -55.14 25.56
N LYS A 584 -11.20 -53.79 25.55
CA LYS A 584 -12.29 -53.07 26.22
C LYS A 584 -13.03 -52.22 25.19
N GLU A 585 -14.35 -52.38 25.12
CA GLU A 585 -15.14 -51.65 24.14
C GLU A 585 -15.66 -50.38 24.81
N VAL A 586 -15.50 -49.25 24.14
CA VAL A 586 -16.01 -47.97 24.64
C VAL A 586 -16.98 -47.38 23.62
N LYS A 587 -17.74 -46.37 24.08
CA LYS A 587 -18.88 -45.82 23.36
C LYS A 587 -18.53 -44.61 22.50
N GLY A 588 -17.30 -44.56 21.98
CA GLY A 588 -16.92 -43.44 21.14
C GLY A 588 -15.51 -43.61 20.63
N ALA A 589 -14.99 -42.54 20.05
CA ALA A 589 -13.67 -42.56 19.45
C ALA A 589 -12.61 -42.35 20.52
N VAL A 590 -11.59 -43.21 20.53
CA VAL A 590 -10.41 -43.02 21.39
C VAL A 590 -9.41 -42.18 20.58
N TYR A 591 -9.47 -40.87 20.75
CA TYR A 591 -8.63 -39.98 19.95
C TYR A 591 -7.19 -40.00 20.42
N SER A 592 -6.97 -40.29 21.70
CA SER A 592 -5.64 -40.25 22.28
C SER A 592 -5.60 -41.24 23.41
N MET A 593 -4.37 -41.52 23.85
CA MET A 593 -4.08 -42.27 25.07
C MET A 593 -2.70 -41.83 25.52
N VAL A 594 -2.48 -41.81 26.84
CA VAL A 594 -1.16 -41.52 27.39
C VAL A 594 -1.00 -42.33 28.66
N GLU A 595 0.25 -42.72 28.96
CA GLU A 595 0.55 -43.42 30.20
C GLU A 595 0.65 -42.40 31.32
N PHE A 596 -0.14 -42.59 32.35
CA PHE A 596 -0.29 -41.62 33.42
C PHE A 596 0.04 -42.32 34.74
N ASN A 597 1.29 -42.20 35.17
CA ASN A 597 1.72 -42.62 36.49
C ASN A 597 1.23 -44.03 36.81
N GLY A 598 1.43 -44.96 35.88
CA GLY A 598 1.01 -46.33 36.06
C GLY A 598 -0.45 -46.61 35.74
N LYS A 599 -1.19 -45.63 35.22
CA LYS A 599 -2.55 -45.81 34.74
C LYS A 599 -2.61 -45.35 33.28
N LEU A 600 -3.70 -45.71 32.60
CA LEU A 600 -3.91 -45.36 31.19
C LEU A 600 -5.00 -44.30 31.09
N LEU A 601 -4.66 -43.14 30.51
CA LEU A 601 -5.58 -42.01 30.39
C LEU A 601 -6.07 -41.91 28.94
N ALA A 602 -7.34 -42.22 28.72
CA ALA A 602 -7.88 -42.38 27.38
C ALA A 602 -9.01 -41.41 27.14
N SER A 603 -8.95 -40.68 26.04
CA SER A 603 -9.98 -39.72 25.70
C SER A 603 -10.95 -40.38 24.71
N ILE A 604 -12.20 -40.54 25.14
CA ILE A 604 -13.28 -41.09 24.32
C ILE A 604 -14.27 -39.98 24.01
N ASN A 605 -14.29 -39.52 22.75
CA ASN A 605 -14.95 -38.28 22.34
C ASN A 605 -14.65 -37.15 23.33
N SER A 606 -15.67 -36.67 24.03
CA SER A 606 -15.45 -35.56 24.94
C SER A 606 -15.17 -35.99 26.36
N THR A 607 -15.16 -37.28 26.62
CA THR A 607 -14.75 -37.79 27.92
C THR A 607 -13.24 -37.95 28.00
N VAL A 608 -12.67 -37.65 29.17
CA VAL A 608 -11.30 -38.02 29.52
C VAL A 608 -11.40 -39.02 30.67
N ARG A 609 -11.09 -40.29 30.39
CA ARG A 609 -11.25 -41.38 31.34
C ARG A 609 -9.88 -41.85 31.83
N LEU A 610 -9.84 -42.38 33.05
CA LEU A 610 -8.63 -42.94 33.62
C LEU A 610 -8.88 -44.40 33.95
N TYR A 611 -7.98 -45.26 33.49
CA TYR A 611 -8.09 -46.71 33.63
C TYR A 611 -7.01 -47.24 34.55
N GLU A 612 -7.37 -48.25 35.33
CA GLU A 612 -6.43 -48.99 36.14
C GLU A 612 -6.27 -50.37 35.55
N TRP A 613 -5.05 -50.90 35.60
CA TRP A 613 -4.73 -52.24 35.13
C TRP A 613 -4.84 -53.18 36.32
N THR A 614 -5.90 -53.99 36.36
CA THR A 614 -6.06 -54.90 37.48
C THR A 614 -5.03 -56.01 37.41
N THR A 615 -4.87 -56.70 38.53
CA THR A 615 -4.13 -57.95 38.54
C THR A 615 -4.82 -59.02 37.71
N GLU A 616 -6.10 -58.85 37.39
CA GLU A 616 -6.79 -59.73 36.46
C GLU A 616 -6.44 -59.44 35.00
N LYS A 617 -5.41 -58.62 34.75
CA LYS A 617 -5.03 -58.13 33.42
C LYS A 617 -6.24 -57.59 32.65
N GLU A 618 -6.93 -56.63 33.29
CA GLU A 618 -8.10 -55.92 32.76
C GLU A 618 -7.95 -54.42 33.04
N LEU A 619 -8.65 -53.61 32.24
CA LEU A 619 -8.69 -52.16 32.44
C LEU A 619 -9.95 -51.81 33.22
N ARG A 620 -9.78 -51.22 34.41
CA ARG A 620 -10.87 -50.86 35.29
C ARG A 620 -10.97 -49.35 35.37
N THR A 621 -12.17 -48.81 35.17
CA THR A 621 -12.36 -47.37 35.18
C THR A 621 -12.25 -46.83 36.60
N GLU A 622 -11.28 -45.93 36.81
CA GLU A 622 -11.15 -45.25 38.10
C GLU A 622 -11.97 -43.96 38.16
N CYS A 623 -11.93 -43.15 37.10
CA CYS A 623 -12.69 -41.90 37.10
C CYS A 623 -12.95 -41.47 35.67
N ASN A 624 -13.92 -40.59 35.52
CA ASN A 624 -14.24 -39.94 34.26
C ASN A 624 -14.13 -38.42 34.45
N HIS A 625 -14.17 -37.69 33.34
CA HIS A 625 -14.28 -36.24 33.42
C HIS A 625 -14.79 -35.75 32.08
N TYR A 626 -16.01 -35.22 32.09
CA TYR A 626 -16.68 -34.84 30.86
C TYR A 626 -16.39 -33.37 30.60
N ASN A 627 -15.89 -33.07 29.41
CA ASN A 627 -15.42 -31.74 29.10
C ASN A 627 -16.37 -31.04 28.15
N ASN A 628 -16.18 -29.73 28.06
CA ASN A 628 -16.87 -28.96 27.05
C ASN A 628 -16.47 -29.40 25.63
N ILE A 629 -15.24 -29.90 25.43
CA ILE A 629 -14.63 -30.08 24.11
C ILE A 629 -14.25 -31.55 23.88
N MET A 630 -14.19 -31.95 22.59
CA MET A 630 -13.70 -33.29 22.22
C MET A 630 -12.21 -33.36 22.38
N ALA A 631 -11.72 -34.40 23.07
CA ALA A 631 -10.33 -34.44 23.50
C ALA A 631 -9.43 -35.08 22.44
N LEU A 632 -9.17 -34.31 21.39
CA LEU A 632 -8.30 -34.76 20.32
C LEU A 632 -6.87 -34.91 20.81
N TYR A 633 -6.35 -33.87 21.46
CA TYR A 633 -4.99 -33.86 21.93
C TYR A 633 -4.99 -34.18 23.42
N LEU A 634 -4.13 -35.12 23.83
CA LEU A 634 -3.80 -35.32 25.23
C LEU A 634 -2.29 -35.25 25.41
N LYS A 635 -1.90 -34.78 26.57
CA LYS A 635 -0.51 -34.71 26.99
C LYS A 635 -0.54 -34.72 28.51
N THR A 636 0.61 -34.96 29.11
CA THR A 636 0.66 -34.99 30.57
C THR A 636 2.10 -34.77 31.05
N LYS A 637 2.25 -33.87 32.02
CA LYS A 637 3.48 -33.74 32.81
C LYS A 637 3.10 -33.79 34.28
N GLY A 638 3.73 -34.71 35.03
CA GLY A 638 3.40 -34.86 36.44
C GLY A 638 2.01 -35.43 36.62
N ASP A 639 1.20 -34.77 37.44
CA ASP A 639 -0.23 -35.06 37.50
C ASP A 639 -1.03 -34.08 36.66
N PHE A 640 -0.35 -33.21 35.90
CA PHE A 640 -1.01 -32.25 35.02
C PHE A 640 -1.41 -32.92 33.71
N ILE A 641 -2.53 -32.48 33.14
CA ILE A 641 -3.02 -32.98 31.86
C ILE A 641 -3.37 -31.78 31.00
N LEU A 642 -3.07 -31.87 29.70
CA LEU A 642 -3.40 -30.82 28.75
C LEU A 642 -4.37 -31.41 27.73
N VAL A 643 -5.63 -30.95 27.72
CA VAL A 643 -6.64 -31.44 26.78
C VAL A 643 -6.83 -30.41 25.69
N GLY A 644 -7.01 -30.88 24.45
CA GLY A 644 -7.14 -29.96 23.34
C GLY A 644 -8.24 -30.40 22.41
N ASP A 645 -8.46 -29.60 21.37
CA ASP A 645 -9.33 -29.98 20.28
C ASP A 645 -8.86 -29.25 19.05
N LEU A 646 -9.49 -29.57 17.91
CA LEU A 646 -9.08 -29.04 16.62
C LEU A 646 -9.15 -27.52 16.53
N MET A 647 -9.85 -26.86 17.46
CA MET A 647 -10.12 -25.44 17.36
C MET A 647 -9.40 -24.61 18.41
N ARG A 648 -8.22 -25.05 18.84
CA ARG A 648 -7.35 -24.32 19.74
C ARG A 648 -7.86 -24.28 21.17
N SER A 649 -8.98 -24.94 21.48
CA SER A 649 -9.56 -24.89 22.82
C SER A 649 -8.64 -25.64 23.78
N VAL A 650 -7.89 -24.91 24.54
CA VAL A 650 -6.92 -25.51 25.45
C VAL A 650 -7.58 -25.76 26.79
N LEU A 651 -7.16 -26.81 27.47
CA LEU A 651 -7.65 -27.14 28.81
C LEU A 651 -6.49 -27.65 29.63
N LEU A 652 -6.53 -27.37 30.94
CA LEU A 652 -5.59 -27.91 31.90
C LEU A 652 -6.38 -28.63 32.97
N LEU A 653 -6.01 -29.88 33.25
CA LEU A 653 -6.59 -30.60 34.36
C LEU A 653 -5.50 -31.00 35.33
N ALA A 654 -5.93 -31.41 36.52
CA ALA A 654 -5.03 -31.98 37.49
C ALA A 654 -5.76 -33.11 38.22
N TYR A 655 -5.10 -34.26 38.28
CA TYR A 655 -5.64 -35.41 38.99
C TYR A 655 -5.54 -35.16 40.50
N LYS A 656 -6.65 -35.33 41.23
CA LYS A 656 -6.63 -35.14 42.67
C LYS A 656 -6.60 -36.49 43.37
N PRO A 657 -5.40 -37.05 43.66
CA PRO A 657 -5.34 -38.44 44.16
C PRO A 657 -6.06 -38.65 45.47
N MET A 658 -6.14 -37.62 46.31
CA MET A 658 -6.90 -37.76 47.55
C MET A 658 -8.40 -37.85 47.30
N GLU A 659 -8.88 -37.37 46.15
CA GLU A 659 -10.28 -37.49 45.80
C GLU A 659 -10.57 -38.49 44.69
N GLY A 660 -9.56 -38.87 43.90
CA GLY A 660 -9.77 -39.80 42.80
C GLY A 660 -10.53 -39.22 41.63
N ASN A 661 -10.39 -37.92 41.36
CA ASN A 661 -11.10 -37.29 40.27
C ASN A 661 -10.23 -36.16 39.72
N PHE A 662 -10.73 -35.50 38.68
CA PHE A 662 -9.98 -34.46 37.98
C PHE A 662 -10.60 -33.11 38.30
N GLU A 663 -9.75 -32.07 38.22
CA GLU A 663 -10.14 -30.71 38.62
C GLU A 663 -9.55 -29.72 37.63
N GLU A 664 -10.41 -29.10 36.81
CA GLU A 664 -9.90 -28.17 35.80
C GLU A 664 -9.13 -27.03 36.46
N ILE A 665 -7.94 -26.76 35.97
CA ILE A 665 -7.05 -25.69 36.51
C ILE A 665 -7.19 -24.39 35.73
N ALA A 666 -7.16 -24.46 34.40
CA ALA A 666 -7.23 -23.27 33.58
C ALA A 666 -7.83 -23.65 32.24
N ARG A 667 -8.09 -22.65 31.41
CA ARG A 667 -8.50 -22.89 30.03
C ARG A 667 -8.21 -21.65 29.20
N ASP A 668 -8.30 -21.80 27.88
CA ASP A 668 -8.16 -20.68 26.96
C ASP A 668 -8.77 -21.07 25.63
N PHE A 669 -9.88 -20.45 25.26
CA PHE A 669 -10.61 -20.78 24.03
C PHE A 669 -10.44 -19.62 23.06
N ASN A 670 -9.53 -19.76 22.09
CA ASN A 670 -9.40 -18.81 20.99
C ASN A 670 -9.57 -19.55 19.67
N PRO A 671 -10.72 -19.44 18.99
CA PRO A 671 -10.95 -20.28 17.81
C PRO A 671 -10.00 -20.04 16.66
N ASN A 672 -9.12 -21.01 16.48
CA ASN A 672 -8.25 -21.13 15.33
C ASN A 672 -7.87 -22.60 15.21
N TRP A 673 -7.77 -23.11 13.99
CA TRP A 673 -7.50 -24.51 13.81
C TRP A 673 -6.13 -24.84 14.41
N MET A 674 -6.07 -25.90 15.22
CA MET A 674 -4.87 -26.29 15.96
C MET A 674 -4.37 -27.65 15.51
N SER A 675 -3.12 -27.72 15.09
CA SER A 675 -2.57 -28.97 14.55
C SER A 675 -1.80 -29.79 15.56
N ALA A 676 -1.20 -29.18 16.57
CA ALA A 676 -0.54 -29.98 17.58
C ALA A 676 -0.24 -29.14 18.81
N VAL A 677 -0.11 -29.83 19.95
CA VAL A 677 0.16 -29.19 21.23
C VAL A 677 1.21 -30.00 21.96
N GLU A 678 1.98 -29.32 22.82
CA GLU A 678 3.02 -29.99 23.60
C GLU A 678 3.37 -29.20 24.85
N ILE A 679 3.61 -29.94 25.94
CA ILE A 679 3.96 -29.39 27.24
C ILE A 679 5.43 -28.99 27.24
N LEU A 680 5.73 -27.69 27.23
CA LEU A 680 7.12 -27.24 27.34
C LEU A 680 7.65 -27.42 28.76
N ASP A 681 6.98 -26.81 29.72
CA ASP A 681 7.35 -26.91 31.13
C ASP A 681 6.05 -26.97 31.92
N ASP A 682 6.17 -26.94 33.25
CA ASP A 682 4.96 -26.95 34.09
C ASP A 682 4.05 -25.78 33.77
N ASP A 683 4.61 -24.70 33.21
CA ASP A 683 3.88 -23.46 33.02
C ASP A 683 3.66 -23.08 31.56
N ASN A 684 4.31 -23.75 30.62
CA ASN A 684 4.23 -23.35 29.22
C ASN A 684 3.70 -24.47 28.35
N PHE A 685 2.92 -24.12 27.32
CA PHE A 685 2.38 -25.08 26.37
C PHE A 685 2.62 -24.54 24.96
N LEU A 686 3.18 -25.39 24.10
CA LEU A 686 3.56 -25.02 22.75
C LEU A 686 2.63 -25.66 21.75
N GLY A 687 2.11 -24.85 20.81
CA GLY A 687 1.14 -25.33 19.85
C GLY A 687 1.48 -24.88 18.45
N ALA A 688 0.71 -25.41 17.50
CA ALA A 688 0.76 -25.01 16.11
C ALA A 688 -0.66 -24.70 15.65
N GLU A 689 -0.86 -23.56 14.97
CA GLU A 689 -2.20 -23.05 14.69
C GLU A 689 -2.28 -22.29 13.36
N ASN A 690 -3.52 -22.13 12.89
CA ASN A 690 -3.86 -21.97 11.48
C ASN A 690 -3.01 -20.90 10.79
N ALA A 691 -2.76 -21.14 9.50
CA ALA A 691 -1.82 -20.36 8.70
C ALA A 691 -0.39 -20.53 9.21
N PHE A 692 -0.04 -21.76 9.61
CA PHE A 692 1.35 -22.12 9.82
C PHE A 692 2.01 -21.28 10.91
N ASN A 693 1.42 -21.22 12.09
CA ASN A 693 1.97 -20.41 13.18
C ASN A 693 2.31 -21.28 14.37
N LEU A 694 3.16 -20.76 15.25
CA LEU A 694 3.45 -21.38 16.53
C LEU A 694 3.05 -20.41 17.64
N PHE A 695 2.65 -20.96 18.79
CA PHE A 695 2.23 -20.13 19.90
C PHE A 695 2.56 -20.81 21.22
N VAL A 696 2.68 -20.01 22.26
CA VAL A 696 2.96 -20.51 23.61
C VAL A 696 1.94 -19.91 24.57
N CYS A 697 1.30 -20.77 25.35
CA CYS A 697 0.40 -20.34 26.40
C CYS A 697 1.01 -20.64 27.75
N GLN A 698 0.61 -19.86 28.75
CA GLN A 698 1.28 -19.85 30.05
C GLN A 698 0.27 -19.83 31.19
N LYS A 699 0.65 -20.44 32.31
CA LYS A 699 -0.15 -20.44 33.52
C LYS A 699 0.59 -19.73 34.64
N ASP A 700 -0.19 -19.07 35.50
CA ASP A 700 0.28 -18.29 36.64
C ASP A 700 -0.48 -18.79 37.86
N SER A 701 0.03 -19.85 38.48
CA SER A 701 -0.56 -20.44 39.68
C SER A 701 -0.35 -19.57 40.92
N ALA A 702 0.39 -18.48 40.80
CA ALA A 702 0.62 -17.59 41.92
C ALA A 702 -0.43 -16.47 42.02
N ALA A 703 -1.20 -16.23 40.96
CA ALA A 703 -1.99 -15.01 40.85
C ALA A 703 -2.93 -14.83 42.04
N THR A 704 -3.18 -13.56 42.36
CA THR A 704 -3.98 -13.21 43.53
C THR A 704 -5.47 -13.45 43.34
N THR A 705 -5.94 -13.47 42.11
CA THR A 705 -7.35 -13.69 41.82
C THR A 705 -7.54 -15.05 41.16
N ASP A 706 -8.66 -15.71 41.50
CA ASP A 706 -8.98 -17.01 40.90
C ASP A 706 -9.40 -16.89 39.45
N GLU A 707 -9.76 -15.69 38.98
CA GLU A 707 -10.05 -15.48 37.57
C GLU A 707 -8.77 -15.41 36.74
N GLU A 708 -7.66 -14.98 37.34
CA GLU A 708 -6.39 -14.95 36.61
C GLU A 708 -5.70 -16.31 36.65
N ARG A 709 -5.78 -17.02 37.77
CA ARG A 709 -5.09 -18.29 37.93
C ARG A 709 -5.70 -19.41 37.08
N GLN A 710 -6.98 -19.29 36.70
CA GLN A 710 -7.60 -20.19 35.73
C GLN A 710 -7.60 -19.60 34.32
N HIS A 711 -6.65 -18.72 34.02
CA HIS A 711 -6.52 -18.11 32.69
C HIS A 711 -5.10 -18.31 32.18
N LEU A 712 -4.97 -18.70 30.90
CA LEU A 712 -3.70 -18.97 30.25
C LEU A 712 -3.37 -17.84 29.27
N GLN A 713 -2.23 -17.18 29.46
CA GLN A 713 -1.90 -15.99 28.68
C GLN A 713 -1.11 -16.36 27.44
N GLU A 714 -1.49 -15.78 26.30
CA GLU A 714 -0.79 -16.02 25.03
C GLU A 714 0.55 -15.28 25.05
N VAL A 715 1.65 -16.03 25.19
CA VAL A 715 2.96 -15.41 25.41
C VAL A 715 3.93 -15.58 24.23
N GLY A 716 3.59 -16.39 23.23
CA GLY A 716 4.46 -16.51 22.06
C GLY A 716 3.68 -16.59 20.77
N LEU A 717 4.05 -15.81 19.76
CA LEU A 717 3.39 -15.85 18.46
C LEU A 717 4.44 -15.76 17.37
N PHE A 718 4.46 -16.75 16.48
CA PHE A 718 5.50 -16.83 15.47
C PHE A 718 4.90 -17.42 14.21
N HIS A 719 5.21 -16.81 13.06
CA HIS A 719 4.80 -17.40 11.80
C HIS A 719 5.89 -18.35 11.35
N LEU A 720 5.65 -19.65 11.55
CA LEU A 720 6.65 -20.67 11.24
C LEU A 720 6.87 -20.83 9.73
N GLY A 721 5.80 -20.85 8.93
CA GLY A 721 5.89 -21.15 7.52
C GLY A 721 5.74 -22.61 7.20
N GLU A 722 5.50 -23.46 8.20
CA GLU A 722 5.34 -24.89 8.02
C GLU A 722 4.09 -25.35 8.78
N PHE A 723 3.55 -26.49 8.36
CA PHE A 723 2.39 -27.08 9.04
C PHE A 723 2.88 -28.21 9.95
N VAL A 724 2.97 -27.97 11.26
CA VAL A 724 3.41 -29.01 12.18
C VAL A 724 2.32 -30.07 12.36
N ASN A 725 2.75 -31.34 12.52
CA ASN A 725 1.90 -32.50 12.82
C ASN A 725 2.25 -33.20 14.12
N VAL A 726 3.45 -32.98 14.65
CA VAL A 726 3.85 -33.65 15.88
C VAL A 726 4.90 -32.82 16.57
N PHE A 727 4.79 -32.73 17.88
CA PHE A 727 5.84 -32.20 18.72
C PHE A 727 6.50 -33.37 19.45
N CYS A 728 7.79 -33.20 19.72
CA CYS A 728 8.58 -34.29 20.27
C CYS A 728 9.68 -33.71 21.13
N HIS A 729 9.72 -34.12 22.39
CA HIS A 729 10.80 -33.77 23.30
C HIS A 729 12.02 -34.61 22.96
N GLY A 730 13.15 -33.96 22.69
CA GLY A 730 14.36 -34.73 22.47
C GLY A 730 15.35 -33.96 21.62
N SER A 731 16.48 -34.62 21.38
CA SER A 731 17.58 -33.98 20.69
C SER A 731 18.19 -34.97 19.72
N LEU A 732 18.86 -34.42 18.71
CA LEU A 732 19.66 -35.23 17.82
C LEU A 732 21.15 -35.15 18.14
N VAL A 733 21.56 -34.35 19.12
CA VAL A 733 22.97 -34.16 19.40
C VAL A 733 23.40 -34.96 20.62
N MET A 734 24.71 -35.02 20.84
CA MET A 734 25.30 -35.80 21.93
C MET A 734 24.83 -35.26 23.27
N GLN A 735 24.19 -36.13 24.04
CA GLN A 735 23.73 -35.74 25.37
C GLN A 735 24.81 -36.04 26.41
N THR A 742 24.94 -24.17 29.31
CA THR A 742 24.26 -24.03 28.02
C THR A 742 23.29 -22.83 28.09
N PRO A 743 23.33 -21.96 27.06
CA PRO A 743 22.39 -20.83 27.01
C PRO A 743 20.95 -21.20 26.68
N THR A 744 20.67 -22.46 26.32
CA THR A 744 19.34 -22.91 26.00
C THR A 744 18.90 -23.99 27.00
N GLN A 745 17.59 -24.03 27.27
CA GLN A 745 16.99 -25.00 28.17
C GLN A 745 15.85 -25.71 27.46
N GLY A 746 15.92 -27.03 27.42
CA GLY A 746 14.88 -27.82 26.78
C GLY A 746 15.14 -28.04 25.30
N SER A 747 14.41 -29.01 24.74
CA SER A 747 14.53 -29.31 23.32
C SER A 747 13.26 -30.00 22.85
N VAL A 748 12.52 -29.34 21.96
CA VAL A 748 11.31 -29.90 21.35
C VAL A 748 11.58 -29.97 19.85
N LEU A 749 11.45 -31.17 19.30
CA LEU A 749 11.60 -31.40 17.88
C LEU A 749 10.21 -31.51 17.26
N PHE A 750 10.05 -30.95 16.06
CA PHE A 750 8.77 -31.06 15.39
C PHE A 750 8.97 -31.41 13.92
N GLY A 751 7.96 -32.06 13.36
CA GLY A 751 7.97 -32.40 11.95
C GLY A 751 6.71 -31.90 11.28
N THR A 752 6.85 -31.57 9.99
CA THR A 752 5.84 -30.82 9.26
C THR A 752 5.53 -31.46 7.91
N VAL A 753 4.54 -30.89 7.23
CA VAL A 753 3.95 -31.49 6.03
C VAL A 753 4.92 -31.43 4.86
N ASN A 754 5.80 -30.46 4.84
CA ASN A 754 6.80 -30.41 3.78
C ASN A 754 8.01 -31.26 4.10
N GLY A 755 8.04 -31.89 5.27
CA GLY A 755 9.16 -32.67 5.70
C GLY A 755 10.20 -31.90 6.46
N MET A 756 9.95 -30.63 6.73
CA MET A 756 10.84 -29.85 7.56
C MET A 756 10.94 -30.46 8.96
N ILE A 757 12.13 -30.38 9.56
CA ILE A 757 12.28 -30.71 10.98
C ILE A 757 12.88 -29.48 11.64
N GLY A 758 12.25 -29.03 12.73
CA GLY A 758 12.67 -27.84 13.43
C GLY A 758 12.93 -28.13 14.89
N LEU A 759 13.59 -27.17 15.53
CA LEU A 759 14.01 -27.33 16.91
C LEU A 759 13.55 -26.15 17.75
N VAL A 760 12.87 -26.42 18.87
CA VAL A 760 12.35 -25.38 19.75
C VAL A 760 13.00 -25.54 21.12
N THR A 761 13.58 -24.45 21.64
CA THR A 761 14.27 -24.44 22.93
C THR A 761 14.17 -23.05 23.57
N SER A 762 14.22 -23.00 24.91
CA SER A 762 13.95 -21.79 25.69
C SER A 762 15.21 -20.99 26.00
N LEU A 763 15.04 -19.69 26.19
CA LEU A 763 16.12 -18.75 26.49
C LEU A 763 15.85 -18.00 27.79
N SER A 764 16.85 -17.23 28.19
CA SER A 764 16.75 -16.30 29.30
C SER A 764 16.39 -14.90 28.78
N GLU A 765 15.76 -14.11 29.64
CA GLU A 765 15.41 -12.75 29.24
C GLU A 765 16.63 -12.02 28.69
N SER A 766 17.80 -12.27 29.28
CA SER A 766 19.02 -11.65 28.78
C SER A 766 19.35 -12.13 27.37
N TRP A 767 19.39 -13.44 27.18
CA TRP A 767 19.73 -13.96 25.87
C TRP A 767 18.66 -13.65 24.85
N TYR A 768 17.40 -13.55 25.30
CA TYR A 768 16.33 -13.18 24.38
C TYR A 768 16.53 -11.76 23.89
N ASN A 769 16.73 -10.82 24.82
CA ASN A 769 16.82 -9.42 24.44
C ASN A 769 18.01 -9.18 23.53
N LEU A 770 19.11 -9.87 23.81
CA LEU A 770 20.31 -9.70 22.99
C LEU A 770 20.06 -10.16 21.55
N LEU A 771 19.57 -11.39 21.38
CA LEU A 771 19.33 -11.86 20.04
C LEU A 771 18.30 -11.00 19.33
N LEU A 772 17.32 -10.48 20.08
CA LEU A 772 16.28 -9.65 19.50
C LEU A 772 16.85 -8.40 18.86
N ASP A 773 17.75 -7.71 19.57
CA ASP A 773 18.45 -6.59 18.95
C ASP A 773 19.24 -7.07 17.74
N MET A 774 19.86 -8.24 17.85
CA MET A 774 20.66 -8.73 16.75
C MET A 774 19.83 -9.01 15.51
N GLN A 775 18.59 -9.46 15.70
CA GLN A 775 17.71 -9.68 14.55
C GLN A 775 17.51 -8.38 13.78
N ASN A 776 17.11 -7.30 14.47
CA ASN A 776 16.79 -6.06 13.78
C ASN A 776 17.98 -5.56 12.99
N ARG A 777 19.16 -5.61 13.59
CA ARG A 777 20.36 -5.19 12.90
C ARG A 777 20.59 -6.05 11.67
N LEU A 778 20.56 -7.38 11.84
CA LEU A 778 20.73 -8.29 10.73
C LEU A 778 19.74 -7.98 9.63
N ASN A 779 18.54 -7.54 10.00
CA ASN A 779 17.53 -7.19 9.00
C ASN A 779 17.91 -5.92 8.25
N LYS A 780 18.62 -5.00 8.89
CA LYS A 780 19.06 -3.79 8.19
C LYS A 780 20.18 -4.08 7.21
N VAL A 781 20.91 -5.19 7.36
CA VAL A 781 22.07 -5.47 6.53
C VAL A 781 21.81 -6.57 5.49
N ILE A 782 20.97 -7.57 5.80
CA ILE A 782 20.83 -8.74 4.94
C ILE A 782 19.85 -8.43 3.82
N LYS A 783 20.20 -8.80 2.60
CA LYS A 783 19.37 -8.50 1.42
C LYS A 783 18.37 -9.62 1.21
N SER A 784 17.08 -9.31 1.35
CA SER A 784 16.01 -10.30 1.21
C SER A 784 15.65 -10.46 -0.26
N VAL A 785 15.67 -11.69 -0.75
CA VAL A 785 15.25 -11.91 -2.13
C VAL A 785 13.77 -11.61 -2.25
N GLY A 786 13.42 -10.74 -3.20
CA GLY A 786 12.10 -10.19 -3.27
C GLY A 786 11.85 -9.02 -2.36
N LYS A 787 12.88 -8.59 -1.62
CA LYS A 787 12.80 -7.43 -0.73
C LYS A 787 11.64 -7.55 0.24
N ILE A 788 11.48 -8.75 0.78
CA ILE A 788 10.42 -9.04 1.74
C ILE A 788 10.97 -8.75 3.13
N GLU A 789 10.23 -7.98 3.90
CA GLU A 789 10.68 -7.63 5.24
C GLU A 789 10.62 -8.86 6.16
N HIS A 790 11.64 -9.00 7.00
CA HIS A 790 11.69 -10.13 7.93
C HIS A 790 10.61 -10.04 9.01
N SER A 791 10.26 -8.82 9.47
CA SER A 791 9.17 -8.69 10.44
C SER A 791 7.83 -9.09 9.85
N PHE A 792 7.56 -8.71 8.59
CA PHE A 792 6.29 -9.01 7.94
C PHE A 792 6.09 -10.51 7.78
N TRP A 793 7.15 -11.17 7.31
CA TRP A 793 7.13 -12.61 7.09
C TRP A 793 6.84 -13.37 8.39
N ARG A 794 7.58 -13.07 9.45
CA ARG A 794 7.42 -13.79 10.70
C ARG A 794 6.21 -13.35 11.51
N SER A 795 5.46 -12.35 11.02
CA SER A 795 4.29 -11.84 11.75
C SER A 795 3.17 -12.87 11.77
N PHE A 796 2.55 -13.04 12.94
CA PHE A 796 1.49 -14.04 13.10
C PHE A 796 0.33 -13.72 12.16
N HIS A 797 -0.10 -14.74 11.41
CA HIS A 797 -0.97 -14.56 10.25
C HIS A 797 -2.21 -15.43 10.37
N THR A 798 -3.39 -14.81 10.20
CA THR A 798 -4.60 -15.44 9.67
C THR A 798 -5.22 -14.44 8.70
N GLU A 799 -6.31 -14.84 8.02
CA GLU A 799 -6.95 -13.91 7.10
C GLU A 799 -7.57 -12.71 7.83
N ARG A 800 -7.95 -12.90 9.11
CA ARG A 800 -8.61 -11.85 9.87
C ARG A 800 -7.61 -10.90 10.53
N LYS A 801 -6.52 -11.43 11.06
CA LYS A 801 -5.60 -10.67 11.91
C LYS A 801 -4.17 -10.92 11.48
N THR A 802 -3.34 -9.89 11.59
CA THR A 802 -1.89 -10.05 11.44
C THR A 802 -1.23 -9.23 12.55
N GLU A 803 -0.54 -9.93 13.46
CA GLU A 803 0.14 -9.32 14.58
C GLU A 803 1.64 -9.62 14.51
N PRO A 804 2.48 -8.69 14.92
CA PRO A 804 3.92 -8.93 14.90
C PRO A 804 4.32 -10.02 15.88
N ALA A 805 5.40 -10.72 15.53
CA ALA A 805 5.79 -11.94 16.25
C ALA A 805 6.41 -11.63 17.61
N THR A 806 6.06 -12.42 18.61
CA THR A 806 6.51 -12.20 19.97
C THR A 806 6.97 -13.50 20.61
N GLY A 807 8.01 -13.40 21.44
CA GLY A 807 8.45 -14.48 22.28
C GLY A 807 9.28 -15.51 21.59
N PHE A 808 9.58 -15.33 20.30
CA PHE A 808 10.26 -16.31 19.46
C PHE A 808 11.46 -15.67 18.79
N ILE A 809 12.62 -16.32 18.87
CA ILE A 809 13.82 -15.88 18.19
C ILE A 809 14.00 -16.72 16.93
N ASP A 810 14.04 -16.06 15.76
CA ASP A 810 14.31 -16.78 14.51
C ASP A 810 15.76 -17.21 14.48
N GLY A 811 16.02 -18.46 14.92
CA GLY A 811 17.37 -18.99 14.89
C GLY A 811 17.94 -19.16 13.51
N ASP A 812 17.06 -19.26 12.50
CA ASP A 812 17.54 -19.27 11.13
C ASP A 812 18.10 -17.92 10.70
N LEU A 813 17.65 -16.83 11.32
CA LEU A 813 18.19 -15.52 10.99
C LEU A 813 19.46 -15.22 11.77
N ILE A 814 19.46 -15.58 13.05
CA ILE A 814 20.66 -15.43 13.87
C ILE A 814 21.82 -16.23 13.28
N GLU A 815 21.56 -17.49 12.92
CA GLU A 815 22.62 -18.34 12.37
C GLU A 815 23.14 -17.81 11.04
N SER A 816 22.33 -17.04 10.30
CA SER A 816 22.79 -16.49 9.04
C SER A 816 23.89 -15.47 9.23
N PHE A 817 24.15 -15.03 10.47
CA PHE A 817 25.26 -14.11 10.74
C PHE A 817 26.59 -14.70 10.31
N LEU A 818 26.80 -16.01 10.54
CA LEU A 818 28.03 -16.68 10.16
C LEU A 818 28.28 -16.66 8.67
N ASP A 819 27.26 -16.32 7.88
CA ASP A 819 27.40 -16.32 6.43
C ASP A 819 27.55 -14.92 5.85
N ILE A 820 27.26 -13.86 6.62
CA ILE A 820 27.40 -12.49 6.09
C ILE A 820 28.87 -12.11 6.00
N SER A 821 29.15 -11.11 5.16
CA SER A 821 30.53 -10.71 4.92
C SER A 821 31.12 -10.06 6.17
N ARG A 822 32.44 -10.17 6.31
CA ARG A 822 33.14 -9.54 7.42
C ARG A 822 32.85 -8.04 7.53
N PRO A 823 32.85 -7.25 6.45
CA PRO A 823 32.43 -5.84 6.59
C PRO A 823 31.00 -5.71 7.11
N LYS A 824 30.10 -6.58 6.65
CA LYS A 824 28.74 -6.54 7.17
C LYS A 824 28.68 -6.99 8.62
N MET A 825 29.52 -7.95 9.02
CA MET A 825 29.56 -8.37 10.42
C MET A 825 29.93 -7.21 11.33
N GLN A 826 30.86 -6.36 10.87
CA GLN A 826 31.29 -5.22 11.68
C GLN A 826 30.14 -4.23 11.88
N GLU A 827 29.34 -4.03 10.84
CA GLU A 827 28.23 -3.08 10.90
C GLU A 827 27.20 -3.48 11.94
N VAL A 828 26.90 -4.77 12.03
CA VAL A 828 25.93 -5.28 13.00
C VAL A 828 26.44 -5.08 14.42
N VAL A 829 27.72 -5.41 14.66
CA VAL A 829 28.28 -5.42 16.01
C VAL A 829 28.55 -4.04 16.56
N ALA A 830 28.19 -2.99 15.81
CA ALA A 830 28.46 -1.60 16.19
C ALA A 830 27.53 -1.21 17.33
N ASN A 831 27.94 -1.59 18.54
CA ASN A 831 27.15 -1.32 19.75
C ASN A 831 26.79 0.14 19.86
N THR A 845 34.81 -7.02 17.94
CA THR A 845 33.75 -7.62 18.75
C THR A 845 32.90 -8.55 17.90
N ALA A 846 33.04 -8.46 16.57
CA ALA A 846 32.32 -9.36 15.68
C ALA A 846 32.73 -10.80 15.92
N ASP A 847 34.01 -11.04 16.21
CA ASP A 847 34.42 -12.37 16.62
C ASP A 847 33.81 -12.78 17.96
N ASP A 848 33.45 -11.81 18.83
CA ASP A 848 32.75 -12.14 20.06
C ASP A 848 31.36 -12.67 19.78
N LEU A 849 30.72 -12.16 18.73
CA LEU A 849 29.37 -12.57 18.36
C LEU A 849 29.38 -13.91 17.63
N ILE A 850 30.44 -14.20 16.87
CA ILE A 850 30.57 -15.48 16.16
C ILE A 850 30.63 -16.64 17.16
N LYS A 851 31.26 -16.42 18.31
CA LYS A 851 31.26 -17.43 19.36
C LYS A 851 29.86 -17.72 19.87
N VAL A 852 29.04 -16.67 20.04
CA VAL A 852 27.67 -16.85 20.52
C VAL A 852 26.86 -17.65 19.49
N VAL A 853 26.97 -17.28 18.21
CA VAL A 853 26.19 -17.94 17.16
C VAL A 853 26.64 -19.39 17.00
N GLU A 854 27.95 -19.63 17.02
CA GLU A 854 28.44 -21.00 16.89
C GLU A 854 27.99 -21.85 18.07
N GLU A 855 27.99 -21.29 19.29
CA GLU A 855 27.43 -22.04 20.41
C GLU A 855 25.97 -22.40 20.12
N LEU A 856 25.22 -21.47 19.51
CA LEU A 856 23.80 -21.69 19.22
C LEU A 856 23.58 -22.65 18.05
N THR A 857 24.59 -22.86 17.20
CA THR A 857 24.50 -23.90 16.19
C THR A 857 24.78 -25.29 16.76
N ARG A 858 25.26 -25.37 18.01
CA ARG A 858 25.54 -26.66 18.64
C ARG A 858 24.28 -27.32 19.20
N ILE A 859 23.11 -26.68 19.10
CA ILE A 859 21.85 -27.21 19.64
C ILE A 859 21.14 -28.18 18.70
N HIS A 860 21.54 -28.25 17.44
CA HIS A 860 20.95 -29.19 16.48
C HIS A 860 22.01 -29.81 15.57
N ILE B 31 -50.86 -26.44 9.31
CA ILE B 31 -50.90 -26.87 7.94
C ILE B 31 -51.81 -25.96 7.09
N ASN B 32 -52.97 -25.56 7.61
CA ASN B 32 -53.94 -24.72 6.89
C ASN B 32 -54.02 -23.28 7.43
N PHE B 33 -53.03 -22.84 8.21
CA PHE B 33 -52.93 -21.48 8.74
C PHE B 33 -51.60 -20.85 8.28
N ASP B 34 -51.67 -19.60 7.83
CA ASP B 34 -50.54 -18.88 7.25
C ASP B 34 -49.38 -18.71 8.24
N THR B 35 -48.23 -19.36 7.98
CA THR B 35 -47.11 -19.19 8.90
C THR B 35 -46.68 -17.73 8.98
N SER B 36 -47.05 -16.88 8.00
CA SER B 36 -46.62 -15.49 7.99
C SER B 36 -47.41 -14.61 8.96
N LEU B 37 -48.65 -14.96 9.27
CA LEU B 37 -49.45 -14.12 10.17
C LEU B 37 -48.80 -13.91 11.54
N PRO B 38 -48.20 -14.90 12.20
CA PRO B 38 -47.59 -14.62 13.50
C PRO B 38 -46.38 -13.70 13.46
N THR B 39 -45.58 -13.71 12.40
CA THR B 39 -44.41 -12.83 12.39
C THR B 39 -44.77 -11.40 12.05
N SER B 40 -45.88 -11.20 11.34
CA SER B 40 -46.32 -9.84 11.06
C SER B 40 -46.61 -9.07 12.36
N HIS B 41 -46.97 -9.77 13.43
CA HIS B 41 -47.43 -9.16 14.69
C HIS B 41 -48.56 -8.19 14.41
N THR B 42 -49.50 -8.68 13.60
CA THR B 42 -50.74 -7.95 13.35
C THR B 42 -51.51 -7.70 14.64
N TYR B 43 -51.38 -8.59 15.63
CA TYR B 43 -52.12 -8.43 16.88
C TYR B 43 -51.78 -7.13 17.59
N LEU B 44 -50.61 -6.56 17.30
CA LEU B 44 -50.22 -5.30 17.92
C LEU B 44 -51.06 -4.13 17.42
N GLY B 45 -51.47 -4.17 16.17
CA GLY B 45 -52.31 -3.16 15.58
C GLY B 45 -51.88 -2.71 14.20
N ALA B 46 -52.16 -1.46 13.90
CA ALA B 46 -51.93 -0.94 12.57
C ALA B 46 -50.44 -0.82 12.32
N ASP B 47 -50.12 -0.77 11.04
CA ASP B 47 -48.75 -0.78 10.59
C ASP B 47 -47.96 0.33 11.25
N MET B 48 -46.77 -0.01 11.72
CA MET B 48 -45.89 0.87 12.47
C MET B 48 -45.00 1.67 11.53
N GLU B 49 -44.35 2.69 12.08
CA GLU B 49 -43.36 3.44 11.30
C GLU B 49 -42.09 2.58 11.22
N GLU B 50 -41.58 2.40 10.00
CA GLU B 50 -40.40 1.58 9.76
C GLU B 50 -39.23 2.45 9.35
N PHE B 51 -38.04 2.10 9.83
CA PHE B 51 -36.79 2.72 9.39
C PHE B 51 -36.09 1.78 8.42
N HIS B 52 -35.27 2.33 7.54
CA HIS B 52 -34.45 1.45 6.71
C HIS B 52 -32.98 1.43 7.09
N GLY B 53 -32.49 2.44 7.81
CA GLY B 53 -31.08 2.53 8.13
C GLY B 53 -30.63 1.42 9.07
N ARG B 54 -29.32 1.39 9.32
CA ARG B 54 -28.74 0.43 10.23
C ARG B 54 -27.57 1.06 10.97
N THR B 55 -27.43 0.68 12.25
CA THR B 55 -26.34 1.14 13.11
C THR B 55 -25.56 -0.07 13.59
N LEU B 56 -24.23 -0.01 13.45
CA LEU B 56 -23.29 -1.03 13.93
C LEU B 56 -22.04 -0.35 14.46
N HIS B 57 -21.80 -0.51 15.75
CA HIS B 57 -20.56 -0.01 16.32
C HIS B 57 -19.41 -0.87 15.77
N ASP B 58 -18.28 -0.24 15.48
CA ASP B 58 -17.16 -1.00 14.95
C ASP B 58 -16.73 -2.03 16.00
N ASP B 59 -16.26 -3.18 15.54
CA ASP B 59 -16.02 -4.30 16.45
C ASP B 59 -15.01 -3.92 17.52
N ASP B 60 -15.24 -4.38 18.76
CA ASP B 60 -14.35 -4.20 19.90
C ASP B 60 -14.46 -2.80 20.50
N SER B 61 -15.38 -1.94 20.02
CA SER B 61 -15.42 -0.56 20.46
C SER B 61 -16.18 -0.43 21.76
N CYS B 62 -15.62 0.29 22.74
CA CYS B 62 -16.37 0.58 23.95
C CYS B 62 -17.49 1.59 23.64
N GLN B 63 -18.70 1.28 24.13
CA GLN B 63 -19.84 2.17 23.94
C GLN B 63 -20.71 2.10 25.18
N VAL B 64 -21.39 3.21 25.46
CA VAL B 64 -22.38 3.26 26.53
C VAL B 64 -23.74 3.31 25.87
N ILE B 65 -24.62 2.38 26.25
CA ILE B 65 -25.95 2.27 25.64
C ILE B 65 -26.99 2.10 26.74
N PRO B 66 -28.16 2.74 26.66
CA PRO B 66 -29.16 2.63 27.74
C PRO B 66 -29.89 1.30 27.75
N VAL B 67 -30.44 0.98 28.92
CA VAL B 67 -31.06 -0.31 29.18
C VAL B 67 -32.52 -0.14 29.57
N LEU B 68 -33.42 -0.76 28.81
CA LEU B 68 -34.83 -0.74 29.12
C LEU B 68 -35.12 -1.48 30.42
N PRO B 69 -35.72 -0.81 31.43
CA PRO B 69 -35.65 -1.33 32.80
C PRO B 69 -36.37 -2.64 33.01
N GLN B 70 -37.51 -2.84 32.36
CA GLN B 70 -38.34 -4.00 32.65
C GLN B 70 -38.02 -5.21 31.78
N VAL B 71 -37.15 -5.09 30.79
CA VAL B 71 -36.92 -6.19 29.87
C VAL B 71 -36.05 -7.23 30.54
N MET B 72 -36.46 -8.49 30.45
CA MET B 72 -35.74 -9.61 31.05
C MET B 72 -35.19 -10.59 30.03
N MET B 73 -35.50 -10.45 28.75
CA MET B 73 -35.12 -11.43 27.76
C MET B 73 -33.60 -11.45 27.56
N ILE B 74 -33.10 -12.63 27.19
CA ILE B 74 -31.73 -12.83 26.74
C ILE B 74 -31.76 -12.86 25.21
N LEU B 75 -31.50 -11.70 24.60
CA LEU B 75 -31.80 -11.47 23.20
C LEU B 75 -30.68 -12.00 22.30
N ILE B 76 -30.99 -13.05 21.52
CA ILE B 76 -30.05 -13.53 20.50
C ILE B 76 -30.02 -12.51 19.36
N PRO B 77 -28.90 -12.31 18.68
CA PRO B 77 -28.91 -11.45 17.50
C PRO B 77 -29.75 -12.04 16.38
N GLY B 78 -30.22 -11.16 15.49
CA GLY B 78 -31.09 -11.59 14.41
C GLY B 78 -32.48 -11.96 14.84
N GLN B 79 -32.94 -11.40 15.96
CA GLN B 79 -34.20 -11.75 16.59
C GLN B 79 -35.09 -10.52 16.73
N THR B 80 -36.38 -10.68 16.47
CA THR B 80 -37.35 -9.60 16.67
C THR B 80 -37.90 -9.64 18.08
N LEU B 81 -37.79 -8.51 18.77
CA LEU B 81 -38.32 -8.40 20.12
C LEU B 81 -39.52 -7.46 20.09
N PRO B 82 -40.77 -7.94 20.13
CA PRO B 82 -41.89 -7.00 20.30
C PRO B 82 -41.82 -6.35 21.67
N LEU B 83 -42.35 -5.13 21.75
CA LEU B 83 -42.41 -4.38 23.00
C LEU B 83 -43.62 -3.46 23.05
N GLN B 84 -44.19 -3.30 24.26
CA GLN B 84 -45.22 -2.29 24.54
C GLN B 84 -44.84 -1.59 25.83
N LEU B 85 -44.47 -0.30 25.75
CA LEU B 85 -43.96 0.43 26.90
C LEU B 85 -45.00 1.41 27.44
N PHE B 86 -45.17 1.40 28.76
CA PHE B 86 -46.24 2.17 29.39
C PHE B 86 -45.72 3.23 30.35
N HIS B 87 -44.77 2.89 31.24
CA HIS B 87 -44.29 3.85 32.21
C HIS B 87 -43.67 5.06 31.52
N PRO B 88 -43.86 6.27 32.06
CA PRO B 88 -43.36 7.48 31.38
C PRO B 88 -41.87 7.53 31.17
N GLN B 89 -41.09 6.99 32.09
CA GLN B 89 -39.63 6.97 31.92
C GLN B 89 -39.23 6.12 30.72
N GLU B 90 -39.95 5.02 30.47
CA GLU B 90 -39.66 4.15 29.34
C GLU B 90 -40.05 4.82 28.02
N VAL B 91 -41.23 5.47 27.98
CA VAL B 91 -41.68 6.12 26.75
C VAL B 91 -40.71 7.24 26.37
N SER B 92 -40.25 8.04 27.34
CA SER B 92 -39.29 9.07 27.04
C SER B 92 -38.03 8.48 26.46
N MET B 93 -37.59 7.34 27.00
CA MET B 93 -36.32 6.75 26.59
C MET B 93 -36.36 6.25 25.15
N VAL B 94 -37.47 5.66 24.73
CA VAL B 94 -37.58 5.24 23.34
C VAL B 94 -37.58 6.44 22.42
N ARG B 95 -38.23 7.53 22.85
CA ARG B 95 -38.34 8.72 22.02
C ARG B 95 -36.96 9.25 21.67
N ASN B 96 -36.08 9.36 22.67
CA ASN B 96 -34.72 9.84 22.42
C ASN B 96 -34.02 8.93 21.44
N LEU B 97 -34.20 7.62 21.59
CA LEU B 97 -33.52 6.66 20.72
C LEU B 97 -34.01 6.76 19.27
N ILE B 98 -35.31 6.91 19.06
CA ILE B 98 -35.82 7.04 17.69
C ILE B 98 -35.20 8.27 17.02
N GLN B 99 -34.62 9.18 17.80
CA GLN B 99 -33.92 10.35 17.28
C GLN B 99 -32.41 10.15 17.18
N LYS B 100 -31.82 9.39 18.10
CA LYS B 100 -30.40 9.03 18.09
C LYS B 100 -30.20 7.73 17.30
N ASP B 101 -29.13 6.99 17.58
CA ASP B 101 -28.80 5.72 16.90
C ASP B 101 -29.85 4.61 17.03
N ARG B 102 -30.91 4.77 17.83
CA ARG B 102 -32.07 3.87 17.97
C ARG B 102 -31.78 2.59 18.73
N THR B 103 -30.64 2.47 19.39
CA THR B 103 -30.18 1.20 19.92
C THR B 103 -30.12 1.25 21.45
N PHE B 104 -30.63 0.20 22.10
CA PHE B 104 -30.57 0.03 23.55
C PHE B 104 -29.94 -1.32 23.89
N ALA B 105 -29.51 -1.46 25.14
CA ALA B 105 -28.79 -2.65 25.57
C ALA B 105 -29.72 -3.59 26.32
N VAL B 106 -29.74 -4.85 25.93
CA VAL B 106 -30.55 -5.88 26.56
C VAL B 106 -29.61 -6.79 27.35
N LEU B 107 -29.72 -6.76 28.67
CA LEU B 107 -28.78 -7.43 29.54
C LEU B 107 -29.16 -8.90 29.72
N ALA B 108 -28.16 -9.78 29.61
CA ALA B 108 -28.32 -11.20 29.93
C ALA B 108 -27.96 -11.39 31.40
N TYR B 109 -28.98 -11.60 32.24
CA TYR B 109 -28.80 -11.53 33.67
C TYR B 109 -28.46 -12.90 34.24
N SER B 110 -27.40 -12.94 35.05
CA SER B 110 -27.12 -14.11 35.88
C SER B 110 -28.17 -14.26 36.97
N ASN B 111 -28.58 -13.14 37.57
CA ASN B 111 -29.73 -13.10 38.46
C ASN B 111 -30.38 -11.73 38.31
N VAL B 112 -31.70 -11.71 38.13
CA VAL B 112 -32.42 -10.45 37.96
C VAL B 112 -32.38 -9.64 39.26
N GLN B 113 -32.75 -10.26 40.39
CA GLN B 113 -32.73 -9.54 41.66
C GLN B 113 -31.31 -9.12 42.03
N GLU B 114 -30.31 -9.92 41.66
CA GLU B 114 -28.94 -9.46 41.80
C GLU B 114 -28.67 -8.23 40.94
N ARG B 115 -29.42 -8.07 39.85
CA ARG B 115 -29.15 -7.04 38.84
C ARG B 115 -27.72 -7.14 38.32
N GLU B 116 -27.26 -8.38 38.09
CA GLU B 116 -25.92 -8.67 37.61
C GLU B 116 -26.00 -9.30 36.23
N ALA B 117 -25.15 -8.80 35.32
CA ALA B 117 -25.09 -9.30 33.95
C ALA B 117 -23.66 -9.16 33.45
N GLN B 118 -23.19 -10.21 32.78
CA GLN B 118 -21.87 -10.16 32.20
C GLN B 118 -21.92 -9.94 30.70
N PHE B 119 -22.98 -10.39 30.05
CA PHE B 119 -23.11 -10.26 28.61
C PHE B 119 -24.52 -9.77 28.30
N GLY B 120 -24.74 -9.47 27.03
CA GLY B 120 -25.99 -8.90 26.56
C GLY B 120 -25.88 -8.65 25.08
N THR B 121 -26.89 -8.02 24.51
CA THR B 121 -26.91 -7.82 23.06
C THR B 121 -27.50 -6.46 22.77
N THR B 122 -27.00 -5.81 21.73
CA THR B 122 -27.63 -4.58 21.28
C THR B 122 -28.91 -4.89 20.51
N ALA B 123 -29.95 -4.10 20.80
CA ALA B 123 -31.23 -4.10 20.09
C ALA B 123 -31.38 -2.77 19.38
N GLU B 124 -31.58 -2.82 18.06
CA GLU B 124 -31.85 -1.64 17.26
C GLU B 124 -33.35 -1.59 16.95
N ILE B 125 -33.99 -0.46 17.27
CA ILE B 125 -35.41 -0.31 16.98
C ILE B 125 -35.58 -0.09 15.49
N TYR B 126 -36.46 -0.89 14.88
CA TYR B 126 -36.72 -0.76 13.46
C TYR B 126 -38.18 -0.56 13.15
N ALA B 127 -39.05 -0.55 14.17
CA ALA B 127 -40.45 -0.23 13.95
C ALA B 127 -41.01 0.33 15.25
N TYR B 128 -41.86 1.34 15.12
CA TYR B 128 -42.43 1.99 16.28
C TYR B 128 -43.79 2.53 15.90
N ARG B 129 -44.55 2.88 16.93
CA ARG B 129 -45.83 3.56 16.79
C ARG B 129 -46.18 4.12 18.16
N GLU B 130 -46.58 5.39 18.22
CA GLU B 130 -47.01 5.99 19.47
C GLU B 130 -48.52 6.13 19.48
N GLU B 131 -49.14 5.83 20.62
CA GLU B 131 -50.59 5.88 20.75
C GLU B 131 -50.98 6.51 22.07
N GLN B 132 -52.01 7.36 22.05
CA GLN B 132 -52.52 8.02 23.26
C GLN B 132 -53.81 7.29 23.65
N ASP B 133 -53.70 6.34 24.57
CA ASP B 133 -54.84 5.53 25.00
C ASP B 133 -55.33 5.98 26.37
N PHE B 134 -56.65 6.16 26.49
CA PHE B 134 -57.28 6.60 27.73
C PHE B 134 -56.49 7.75 28.34
N GLY B 135 -55.97 8.65 27.50
CA GLY B 135 -55.20 9.79 27.94
C GLY B 135 -53.72 9.55 28.18
N ILE B 136 -53.26 8.30 28.22
CA ILE B 136 -51.87 7.98 28.58
C ILE B 136 -51.11 7.55 27.33
N GLU B 137 -49.92 8.15 27.15
CA GLU B 137 -49.08 7.89 25.98
C GLU B 137 -48.51 6.47 26.07
N ILE B 138 -48.58 5.75 24.94
CA ILE B 138 -48.15 4.35 24.86
C ILE B 138 -47.36 4.19 23.57
N VAL B 139 -46.26 3.42 23.63
CA VAL B 139 -45.42 3.20 22.45
C VAL B 139 -45.14 1.72 22.23
N LYS B 140 -45.35 1.26 20.99
CA LYS B 140 -45.19 -0.13 20.61
C LYS B 140 -44.01 -0.19 19.66
N VAL B 141 -43.11 -1.13 19.90
CA VAL B 141 -41.83 -1.16 19.20
C VAL B 141 -41.54 -2.60 18.78
N LYS B 142 -40.92 -2.75 17.59
CA LYS B 142 -40.24 -3.98 17.17
C LYS B 142 -38.74 -3.66 17.09
N ALA B 143 -37.95 -4.25 17.97
CA ALA B 143 -36.49 -4.17 17.92
C ALA B 143 -35.92 -5.43 17.26
N ILE B 144 -34.62 -5.39 16.98
CA ILE B 144 -33.91 -6.57 16.47
C ILE B 144 -32.53 -6.61 17.10
N GLY B 145 -32.13 -7.78 17.55
CA GLY B 145 -30.82 -7.89 18.18
C GLY B 145 -29.72 -7.72 17.15
N ARG B 146 -28.72 -6.92 17.49
CA ARG B 146 -27.67 -6.64 16.53
C ARG B 146 -26.30 -7.22 16.91
N GLN B 147 -25.77 -6.87 18.07
CA GLN B 147 -24.36 -7.12 18.36
C GLN B 147 -24.20 -7.62 19.78
N ARG B 148 -23.50 -8.74 19.92
CA ARG B 148 -23.15 -9.27 21.23
C ARG B 148 -22.17 -8.35 21.93
N PHE B 149 -22.28 -8.27 23.25
CA PHE B 149 -21.37 -7.40 23.99
C PHE B 149 -21.04 -7.98 25.35
N LYS B 150 -19.96 -7.45 25.92
CA LYS B 150 -19.51 -7.75 27.27
C LYS B 150 -19.71 -6.50 28.12
N VAL B 151 -20.39 -6.68 29.24
CA VAL B 151 -20.76 -5.57 30.10
C VAL B 151 -19.52 -5.11 30.87
N LEU B 152 -19.10 -3.87 30.61
CA LEU B 152 -17.93 -3.31 31.29
C LEU B 152 -18.33 -2.61 32.59
N GLU B 153 -19.37 -1.79 32.55
CA GLU B 153 -19.86 -1.10 33.73
C GLU B 153 -21.35 -0.81 33.53
N LEU B 154 -22.10 -0.93 34.61
CA LEU B 154 -23.51 -0.55 34.65
C LEU B 154 -23.63 0.63 35.60
N ARG B 155 -24.36 1.67 35.18
CA ARG B 155 -24.57 2.85 36.01
C ARG B 155 -26.01 3.30 35.90
N THR B 156 -26.75 3.27 37.01
CA THR B 156 -28.09 3.84 37.05
C THR B 156 -27.99 5.33 37.35
N GLN B 157 -28.66 6.14 36.53
CA GLN B 157 -28.54 7.58 36.65
C GLN B 157 -29.59 8.11 37.63
N SER B 158 -29.56 9.43 37.87
CA SER B 158 -30.41 10.07 38.86
C SER B 158 -31.90 10.01 38.53
N ASP B 159 -32.24 9.63 37.29
CA ASP B 159 -33.62 9.50 36.84
C ASP B 159 -34.18 8.08 37.00
N GLY B 160 -33.34 7.11 37.39
CA GLY B 160 -33.75 5.73 37.49
C GLY B 160 -33.45 4.88 36.26
N ILE B 161 -33.11 5.50 35.11
CA ILE B 161 -32.76 4.78 33.89
C ILE B 161 -31.26 4.55 33.86
N GLN B 162 -30.86 3.34 33.53
CA GLN B 162 -29.46 2.95 33.64
C GLN B 162 -28.83 2.81 32.26
N GLN B 163 -27.63 3.36 32.11
CA GLN B 163 -26.84 3.29 30.89
C GLN B 163 -25.73 2.28 31.08
N ALA B 164 -25.28 1.64 29.99
CA ALA B 164 -24.40 0.50 30.16
C ALA B 164 -23.06 0.75 29.47
N LYS B 165 -21.97 0.70 30.23
CA LYS B 165 -20.69 0.54 29.58
C LYS B 165 -20.63 -0.85 28.96
N VAL B 166 -20.22 -0.91 27.70
CA VAL B 166 -20.34 -2.15 26.96
C VAL B 166 -19.13 -2.29 26.07
N GLN B 167 -18.77 -3.54 25.77
CA GLN B 167 -17.71 -3.78 24.81
C GLN B 167 -18.19 -4.75 23.76
N ILE B 168 -18.17 -4.31 22.51
CA ILE B 168 -18.78 -5.05 21.41
C ILE B 168 -17.92 -6.28 21.10
N LEU B 169 -18.50 -7.48 21.21
CA LEU B 169 -17.75 -8.71 21.05
C LEU B 169 -17.71 -9.15 19.58
N PRO B 170 -16.53 -9.32 18.99
CA PRO B 170 -16.46 -9.55 17.55
C PRO B 170 -17.01 -10.93 17.17
N GLU B 171 -17.25 -11.07 15.87
CA GLU B 171 -17.82 -12.29 15.32
C GLU B 171 -16.74 -13.06 14.57
N CYS B 172 -16.47 -14.28 15.03
CA CYS B 172 -15.32 -15.04 14.58
C CYS B 172 -15.64 -15.81 13.30
N VAL B 173 -14.84 -15.58 12.26
CA VAL B 173 -14.92 -16.31 10.99
C VAL B 173 -13.58 -16.97 10.72
N LEU B 174 -13.58 -18.32 10.55
CA LEU B 174 -12.39 -19.14 10.30
C LEU B 174 -12.32 -19.59 8.85
N PRO B 175 -11.14 -19.65 8.26
CA PRO B 175 -11.04 -20.20 6.91
C PRO B 175 -11.27 -21.71 6.94
N SER B 176 -11.29 -22.38 5.79
CA SER B 176 -11.49 -23.82 5.80
C SER B 176 -10.36 -24.47 6.58
N THR B 177 -10.66 -25.67 7.09
CA THR B 177 -9.71 -26.34 7.97
C THR B 177 -8.38 -26.60 7.25
N MET B 178 -8.42 -27.25 6.09
CA MET B 178 -7.19 -27.74 5.46
C MET B 178 -6.69 -26.87 4.32
N SER B 179 -7.33 -25.73 4.04
CA SER B 179 -6.87 -24.85 2.98
C SER B 179 -5.37 -24.59 3.07
N ALA B 180 -4.86 -24.49 4.31
CA ALA B 180 -3.43 -24.28 4.52
C ALA B 180 -2.59 -25.47 4.05
N VAL B 181 -3.04 -26.68 4.34
CA VAL B 181 -2.28 -27.88 4.02
C VAL B 181 -2.63 -28.36 2.61
N GLN B 182 -3.37 -27.53 1.86
CA GLN B 182 -3.81 -27.91 0.52
C GLN B 182 -2.62 -28.03 -0.40
N LEU B 183 -2.54 -29.16 -1.12
CA LEU B 183 -1.56 -29.25 -2.19
C LEU B 183 -2.07 -28.35 -3.32
N GLU B 184 -1.25 -27.38 -3.71
CA GLU B 184 -1.66 -26.46 -4.76
C GLU B 184 -2.05 -27.25 -6.00
N SER B 185 -1.28 -28.29 -6.36
CA SER B 185 -1.70 -29.19 -7.43
C SER B 185 -3.02 -29.87 -7.08
N LEU B 186 -3.19 -30.25 -5.81
CA LEU B 186 -4.40 -30.93 -5.37
C LEU B 186 -5.52 -29.95 -5.04
N ASN B 187 -5.31 -28.64 -5.22
CA ASN B 187 -6.35 -27.67 -4.93
C ASN B 187 -7.60 -27.96 -5.76
N LYS B 188 -7.47 -28.71 -6.86
CA LYS B 188 -8.59 -29.05 -7.73
C LYS B 188 -9.71 -29.76 -6.96
N CYS B 189 -9.36 -30.59 -5.97
CA CYS B 189 -10.40 -31.35 -5.25
C CYS B 189 -11.47 -30.44 -4.67
N GLN B 190 -11.08 -29.24 -4.22
CA GLN B 190 -11.91 -28.23 -3.55
C GLN B 190 -13.24 -27.84 -4.19
N ILE B 191 -13.17 -27.38 -5.45
CA ILE B 191 -14.36 -27.20 -6.28
C ILE B 191 -14.99 -28.57 -6.39
N PHE B 192 -16.28 -28.68 -6.05
CA PHE B 192 -16.96 -29.97 -5.98
C PHE B 192 -18.29 -29.91 -6.71
N PRO B 193 -18.77 -31.04 -7.28
CA PRO B 193 -20.08 -31.06 -7.91
C PRO B 193 -21.23 -30.77 -6.94
N SER B 204 -28.43 -37.79 -1.86
CA SER B 204 -27.64 -36.82 -1.11
C SER B 204 -26.55 -37.53 -0.33
N TYR B 205 -26.83 -38.79 0.02
CA TYR B 205 -25.86 -39.57 0.79
C TYR B 205 -24.59 -39.84 -0.02
N LYS B 206 -24.74 -40.16 -1.31
CA LYS B 206 -23.57 -40.33 -2.16
C LYS B 206 -22.85 -39.02 -2.40
N TRP B 207 -23.57 -37.88 -2.41
CA TRP B 207 -22.93 -36.59 -2.66
C TRP B 207 -22.07 -36.16 -1.46
N TRP B 208 -22.58 -36.31 -0.23
CA TRP B 208 -21.81 -35.91 0.94
C TRP B 208 -20.59 -36.79 1.16
N GLN B 209 -20.64 -38.05 0.71
CA GLN B 209 -19.47 -38.92 0.74
C GLN B 209 -18.38 -38.43 -0.21
N LYS B 210 -18.76 -37.93 -1.40
CA LYS B 210 -17.80 -37.35 -2.33
C LYS B 210 -17.33 -35.97 -1.89
N TYR B 211 -18.20 -35.20 -1.23
CA TYR B 211 -17.80 -33.92 -0.66
C TYR B 211 -16.72 -34.12 0.41
N GLN B 212 -16.91 -35.12 1.28
CA GLN B 212 -15.95 -35.38 2.35
C GLN B 212 -14.62 -35.91 1.82
N LYS B 213 -14.67 -36.76 0.78
CA LYS B 213 -13.43 -37.32 0.23
C LYS B 213 -12.65 -36.32 -0.61
N ARG B 214 -13.30 -35.31 -1.18
CA ARG B 214 -12.62 -34.31 -2.02
C ARG B 214 -12.20 -33.06 -1.25
N LYS B 215 -13.16 -32.38 -0.58
CA LYS B 215 -12.81 -31.19 0.19
C LYS B 215 -11.84 -31.49 1.31
N PHE B 216 -11.90 -32.70 1.88
CA PHE B 216 -11.00 -33.15 2.93
C PHE B 216 -10.02 -34.24 2.44
N HIS B 217 -9.61 -34.18 1.16
CA HIS B 217 -8.60 -35.09 0.63
C HIS B 217 -7.24 -34.81 1.24
N CYS B 218 -6.93 -33.54 1.50
CA CYS B 218 -5.65 -33.17 2.09
C CYS B 218 -5.55 -33.52 3.59
N ALA B 219 -6.53 -34.20 4.16
CA ALA B 219 -6.34 -34.76 5.49
C ALA B 219 -5.34 -35.91 5.48
N ASN B 220 -4.96 -36.40 4.30
CA ASN B 220 -3.94 -37.45 4.20
C ASN B 220 -2.59 -36.96 4.72
N LEU B 221 -2.31 -35.64 4.59
CA LEU B 221 -1.05 -35.07 5.10
C LEU B 221 -1.07 -34.80 6.61
N THR B 222 -2.25 -34.60 7.20
CA THR B 222 -2.36 -34.32 8.63
C THR B 222 -2.61 -35.58 9.45
N SER B 223 -2.43 -35.46 10.79
CA SER B 223 -2.60 -36.59 11.70
C SER B 223 -4.05 -36.95 11.99
N TRP B 224 -4.94 -36.14 11.61
CA TRP B 224 -6.34 -36.47 11.91
C TRP B 224 -7.06 -36.94 10.63
N PRO B 225 -8.08 -37.78 10.79
CA PRO B 225 -8.80 -38.32 9.63
C PRO B 225 -9.64 -37.28 8.92
N ARG B 226 -10.15 -37.65 7.76
CA ARG B 226 -11.03 -36.76 7.03
C ARG B 226 -12.35 -36.57 7.76
N TRP B 227 -12.91 -37.64 8.35
CA TRP B 227 -14.22 -37.53 8.98
C TRP B 227 -14.21 -36.65 10.23
N LEU B 228 -13.06 -36.53 10.90
CA LEU B 228 -12.95 -35.60 12.01
C LEU B 228 -12.92 -34.14 11.54
N TYR B 229 -12.37 -33.90 10.35
CA TYR B 229 -12.44 -32.55 9.80
C TYR B 229 -13.85 -32.18 9.40
N SER B 230 -14.72 -33.15 9.17
CA SER B 230 -16.12 -32.87 8.88
C SER B 230 -16.94 -32.61 10.14
N LEU B 231 -16.39 -32.94 11.31
CA LEU B 231 -17.01 -32.57 12.58
C LEU B 231 -16.80 -31.10 12.91
N TYR B 232 -16.06 -30.38 12.08
CA TYR B 232 -15.76 -28.97 12.25
C TYR B 232 -16.00 -28.21 10.95
N ASP B 233 -16.86 -28.73 10.09
CA ASP B 233 -17.12 -28.11 8.81
C ASP B 233 -18.48 -27.42 8.87
N ALA B 234 -18.47 -26.08 8.68
CA ALA B 234 -19.70 -25.30 8.77
C ALA B 234 -20.77 -25.86 7.85
N GLU B 235 -20.48 -26.02 6.56
CA GLU B 235 -21.51 -26.53 5.64
C GLU B 235 -21.93 -27.97 5.97
N THR B 236 -21.02 -28.79 6.52
CA THR B 236 -21.44 -30.13 6.94
C THR B 236 -22.28 -30.06 8.22
N LEU B 237 -21.86 -29.23 9.18
CA LEU B 237 -22.65 -29.05 10.39
C LEU B 237 -24.03 -28.50 10.08
N MET B 238 -24.11 -27.49 9.20
CA MET B 238 -25.39 -26.88 8.88
C MET B 238 -26.30 -27.87 8.16
N ASP B 239 -25.75 -28.69 7.26
CA ASP B 239 -26.59 -29.66 6.58
C ASP B 239 -27.12 -30.71 7.56
N ARG B 240 -26.39 -30.96 8.65
CA ARG B 240 -26.92 -31.83 9.69
C ARG B 240 -28.02 -31.14 10.46
N ILE B 241 -27.91 -29.82 10.66
CA ILE B 241 -28.97 -29.08 11.37
C ILE B 241 -30.20 -28.95 10.49
N LYS B 242 -30.03 -28.62 9.21
CA LYS B 242 -31.16 -28.57 8.30
C LYS B 242 -31.94 -29.86 8.30
N LYS B 243 -31.28 -31.00 8.56
CA LYS B 243 -32.02 -32.24 8.61
C LYS B 243 -32.92 -32.27 9.84
N GLN B 244 -32.52 -31.60 10.91
CA GLN B 244 -33.39 -31.52 12.08
C GLN B 244 -34.49 -30.46 11.94
N LEU B 245 -34.22 -29.36 11.23
CA LEU B 245 -35.24 -28.32 11.02
C LEU B 245 -36.35 -28.83 10.10
N ARG B 246 -36.02 -29.64 9.10
CA ARG B 246 -37.06 -30.18 8.23
C ARG B 246 -37.97 -31.13 9.00
N GLU B 247 -37.46 -31.78 10.05
CA GLU B 247 -38.33 -32.55 10.93
C GLU B 247 -39.35 -31.66 11.64
N TRP B 248 -39.02 -30.38 11.85
CA TRP B 248 -39.88 -29.44 12.55
C TRP B 248 -40.78 -28.64 11.62
N ASP B 249 -40.33 -28.42 10.39
CA ASP B 249 -41.03 -27.57 9.44
C ASP B 249 -40.96 -28.23 8.08
N GLU B 250 -42.07 -28.21 7.34
CA GLU B 250 -42.04 -28.76 5.99
C GLU B 250 -41.37 -27.82 4.99
N ASN B 251 -40.93 -26.63 5.41
CA ASN B 251 -40.42 -25.62 4.49
C ASN B 251 -39.12 -26.07 3.82
N LEU B 252 -39.00 -25.77 2.52
CA LEU B 252 -37.81 -26.13 1.77
C LEU B 252 -36.59 -25.44 2.37
N LYS B 253 -35.49 -26.18 2.45
CA LYS B 253 -34.28 -25.65 3.07
C LYS B 253 -33.72 -24.48 2.29
N ASP B 254 -33.95 -24.46 0.97
CA ASP B 254 -33.18 -23.61 0.09
C ASP B 254 -33.36 -22.12 0.43
N ASP B 255 -34.60 -21.66 0.51
CA ASP B 255 -34.84 -20.21 0.58
C ASP B 255 -34.84 -19.68 2.01
N SER B 256 -35.70 -20.26 2.86
CA SER B 256 -35.91 -19.74 4.22
C SER B 256 -34.58 -19.58 4.96
N LEU B 257 -33.73 -20.60 4.84
CA LEU B 257 -32.54 -20.74 5.65
C LEU B 257 -31.37 -19.93 5.06
N PRO B 258 -30.67 -19.14 5.88
CA PRO B 258 -29.50 -18.38 5.41
C PRO B 258 -28.31 -19.26 5.03
N SER B 259 -27.55 -18.78 4.03
CA SER B 259 -26.33 -19.47 3.62
C SER B 259 -25.16 -19.23 4.55
N ASN B 260 -25.10 -18.04 5.18
CA ASN B 260 -23.94 -17.68 5.99
C ASN B 260 -23.96 -18.41 7.33
N PRO B 261 -22.86 -19.08 7.72
CA PRO B 261 -22.88 -19.82 8.99
C PRO B 261 -23.18 -18.95 10.18
N ILE B 262 -22.69 -17.72 10.19
CA ILE B 262 -22.96 -16.85 11.34
C ILE B 262 -24.45 -16.53 11.43
N ASP B 263 -25.06 -16.16 10.31
CA ASP B 263 -26.51 -15.88 10.31
C ASP B 263 -27.32 -17.15 10.53
N PHE B 264 -26.87 -18.27 9.94
CA PHE B 264 -27.53 -19.54 10.18
C PHE B 264 -27.42 -19.93 11.64
N SER B 265 -26.25 -19.75 12.23
CA SER B 265 -26.08 -20.24 13.60
C SER B 265 -26.96 -19.44 14.56
N TYR B 266 -27.10 -18.15 14.34
CA TYR B 266 -27.87 -17.32 15.24
C TYR B 266 -29.37 -17.52 15.06
N ARG B 267 -29.81 -17.81 13.83
CA ARG B 267 -31.20 -18.14 13.61
C ARG B 267 -31.59 -19.42 14.36
N VAL B 268 -30.73 -20.44 14.33
CA VAL B 268 -31.02 -21.67 15.06
C VAL B 268 -30.98 -21.42 16.55
N ALA B 269 -30.01 -20.61 17.01
CA ALA B 269 -29.86 -20.37 18.43
C ALA B 269 -31.12 -19.79 19.02
N ALA B 270 -31.86 -19.00 18.23
CA ALA B 270 -33.02 -18.27 18.74
C ALA B 270 -34.21 -19.19 18.99
N CYS B 271 -34.32 -20.30 18.27
CA CYS B 271 -35.49 -21.17 18.36
C CYS B 271 -35.22 -22.46 19.13
N LEU B 272 -34.28 -22.45 20.06
CA LEU B 272 -34.03 -23.62 20.88
C LEU B 272 -34.63 -23.40 22.25
N PRO B 273 -35.62 -24.16 22.62
CA PRO B 273 -36.21 -24.05 23.95
C PRO B 273 -35.30 -24.52 25.07
N ILE B 274 -34.26 -23.75 25.39
CA ILE B 274 -33.30 -24.12 26.42
C ILE B 274 -33.46 -23.18 27.58
N ASP B 275 -32.75 -23.45 28.66
CA ASP B 275 -32.82 -22.56 29.79
C ASP B 275 -31.78 -21.43 29.67
N ASP B 276 -31.98 -20.40 30.48
CA ASP B 276 -31.22 -19.15 30.39
C ASP B 276 -29.74 -19.35 30.65
N VAL B 277 -29.37 -20.31 31.52
CA VAL B 277 -27.96 -20.49 31.82
C VAL B 277 -27.28 -21.11 30.62
N LEU B 278 -27.99 -21.99 29.90
CA LEU B 278 -27.51 -22.49 28.62
C LEU B 278 -27.43 -21.36 27.59
N ARG B 279 -28.49 -20.57 27.45
CA ARG B 279 -28.49 -19.55 26.40
C ARG B 279 -27.38 -18.52 26.64
N ILE B 280 -27.16 -18.12 27.90
CA ILE B 280 -26.04 -17.24 28.21
C ILE B 280 -24.72 -17.87 27.76
N GLN B 281 -24.57 -19.18 27.97
CA GLN B 281 -23.39 -19.88 27.47
C GLN B 281 -23.33 -19.82 25.95
N LEU B 282 -24.45 -20.12 25.28
CA LEU B 282 -24.48 -20.13 23.82
C LEU B 282 -24.13 -18.75 23.26
N LEU B 283 -24.61 -17.70 23.93
CA LEU B 283 -24.30 -16.33 23.53
C LEU B 283 -22.81 -16.06 23.62
N LYS B 284 -22.13 -16.63 24.64
CA LYS B 284 -20.71 -16.39 24.84
C LYS B 284 -19.86 -16.89 23.67
N ILE B 285 -20.38 -17.80 22.86
CA ILE B 285 -19.62 -18.42 21.78
C ILE B 285 -19.46 -17.42 20.64
N GLY B 286 -18.22 -17.31 20.14
CA GLY B 286 -17.93 -16.42 19.04
C GLY B 286 -17.78 -17.11 17.70
N SER B 287 -17.44 -18.38 17.70
CA SER B 287 -17.23 -19.12 16.47
C SER B 287 -18.49 -19.90 16.12
N ALA B 288 -19.01 -19.66 14.91
CA ALA B 288 -20.14 -20.45 14.41
C ALA B 288 -19.85 -21.94 14.43
N ILE B 289 -18.61 -22.31 14.07
CA ILE B 289 -18.26 -23.74 14.08
C ILE B 289 -18.55 -24.33 15.46
N GLN B 290 -18.15 -23.61 16.51
CA GLN B 290 -18.53 -24.07 17.83
C GLN B 290 -19.98 -23.80 18.14
N ARG B 291 -20.51 -22.64 17.73
CA ARG B 291 -21.92 -22.38 18.00
C ARG B 291 -22.80 -23.39 17.28
N LEU B 292 -22.54 -23.63 15.97
CA LEU B 292 -23.28 -24.67 15.27
C LEU B 292 -23.07 -26.04 15.92
N ARG B 293 -21.92 -26.26 16.55
CA ARG B 293 -21.61 -27.57 17.12
C ARG B 293 -22.30 -27.77 18.47
N CYS B 294 -22.28 -26.77 19.35
CA CYS B 294 -23.07 -26.83 20.59
C CYS B 294 -24.59 -26.80 20.31
N GLU B 295 -25.00 -26.34 19.14
CA GLU B 295 -26.41 -26.40 18.77
C GLU B 295 -26.83 -27.81 18.40
N LEU B 296 -26.03 -28.53 17.62
CA LEU B 296 -26.35 -29.92 17.27
C LEU B 296 -26.34 -30.82 18.50
N ASP B 297 -25.38 -30.58 19.40
CA ASP B 297 -25.30 -31.36 20.62
C ASP B 297 -26.56 -31.20 21.46
N ILE B 298 -27.07 -29.96 21.59
CA ILE B 298 -28.27 -29.70 22.39
C ILE B 298 -29.49 -30.38 21.77
N MET B 299 -29.59 -30.37 20.44
CA MET B 299 -30.71 -30.97 19.72
C MET B 299 -30.71 -32.48 19.77
N ASN B 300 -29.59 -33.09 20.13
CA ASN B 300 -29.50 -34.54 20.14
C ASN B 300 -29.49 -35.11 21.55
N LYS B 301 -28.86 -34.42 22.50
CA LYS B 301 -28.82 -34.90 23.88
C LYS B 301 -30.14 -34.63 24.59
N CYS B 302 -30.62 -33.38 24.57
CA CYS B 302 -31.83 -33.00 25.27
C CYS B 302 -33.02 -33.35 24.41
N THR B 303 -33.81 -34.32 24.85
CA THR B 303 -35.02 -34.66 24.13
C THR B 303 -36.31 -34.38 24.91
N SER B 304 -36.21 -34.16 26.21
CA SER B 304 -37.38 -33.99 27.07
C SER B 304 -37.43 -32.55 27.57
N LEU B 305 -38.64 -31.98 27.65
CA LEU B 305 -38.89 -30.61 28.13
C LEU B 305 -39.80 -30.63 29.34
N CYS B 306 -39.28 -30.39 30.53
CA CYS B 306 -40.01 -30.54 31.78
C CYS B 306 -40.21 -29.20 32.46
N CYS B 307 -41.25 -29.13 33.29
CA CYS B 307 -41.53 -27.94 34.08
C CYS B 307 -40.30 -27.53 34.89
N LYS B 308 -39.91 -26.25 34.75
CA LYS B 308 -38.73 -25.75 35.44
C LYS B 308 -38.90 -25.78 36.96
N GLN B 309 -40.11 -25.54 37.47
CA GLN B 309 -40.28 -25.50 38.91
C GLN B 309 -40.19 -26.90 39.54
N CYS B 310 -40.78 -27.91 38.88
CA CYS B 310 -40.71 -29.30 39.34
C CYS B 310 -39.39 -29.99 38.96
N GLN B 311 -38.83 -29.61 37.81
CA GLN B 311 -37.61 -30.12 37.19
C GLN B 311 -37.83 -31.56 36.75
N GLU B 312 -38.82 -32.22 37.33
CA GLU B 312 -39.01 -33.65 37.16
C GLU B 312 -40.32 -33.98 36.47
N THR B 313 -41.22 -33.02 36.33
CA THR B 313 -42.52 -33.22 35.69
C THR B 313 -42.38 -32.99 34.19
N GLU B 314 -42.69 -34.01 33.40
CA GLU B 314 -42.46 -33.98 31.95
C GLU B 314 -43.64 -33.33 31.21
N ILE B 315 -43.34 -32.34 30.35
CA ILE B 315 -44.38 -31.59 29.66
C ILE B 315 -44.46 -31.96 28.18
N THR B 316 -43.35 -32.14 27.52
CA THR B 316 -43.37 -32.51 26.10
C THR B 316 -41.95 -32.93 25.66
N THR B 317 -41.84 -33.34 24.39
CA THR B 317 -40.60 -33.86 23.86
C THR B 317 -40.37 -33.27 22.47
N LYS B 318 -39.09 -33.26 22.08
CA LYS B 318 -38.69 -32.62 20.84
C LYS B 318 -39.41 -33.20 19.63
N ASN B 319 -39.92 -34.43 19.77
CA ASN B 319 -40.69 -35.02 18.68
C ASN B 319 -41.95 -34.21 18.40
N GLU B 320 -42.47 -33.49 19.40
CA GLU B 320 -43.70 -32.73 19.22
C GLU B 320 -43.46 -31.31 18.71
N ILE B 321 -42.22 -30.83 18.74
CA ILE B 321 -41.93 -29.45 18.33
C ILE B 321 -42.19 -29.31 16.84
N PHE B 322 -42.75 -28.18 16.45
CA PHE B 322 -43.09 -27.95 15.06
C PHE B 322 -43.26 -26.45 14.86
N SER B 323 -42.94 -26.01 13.65
CA SER B 323 -42.98 -24.59 13.31
C SER B 323 -44.35 -24.25 12.75
N LEU B 324 -45.00 -23.26 13.37
CA LEU B 324 -46.21 -22.66 12.84
C LEU B 324 -45.99 -21.21 12.46
N SER B 325 -44.78 -20.71 12.64
CA SER B 325 -44.39 -19.36 12.22
C SER B 325 -43.20 -19.47 11.26
N LEU B 326 -43.06 -18.43 10.43
CA LEU B 326 -41.96 -18.39 9.48
C LEU B 326 -40.61 -18.32 10.18
N CYS B 327 -40.55 -17.58 11.29
CA CYS B 327 -39.30 -17.46 12.02
C CYS B 327 -38.88 -18.76 12.70
N GLY B 328 -39.75 -19.76 12.73
CA GLY B 328 -39.37 -21.05 13.23
C GLY B 328 -40.43 -21.65 14.13
N PRO B 329 -40.02 -22.58 14.99
CA PRO B 329 -40.95 -23.14 15.98
C PRO B 329 -41.18 -22.21 17.17
N MET B 330 -40.17 -21.44 17.58
CA MET B 330 -40.28 -20.55 18.73
C MET B 330 -39.99 -19.10 18.34
N ALA B 331 -40.90 -18.18 18.76
CA ALA B 331 -40.84 -16.72 18.51
C ALA B 331 -41.10 -15.93 19.80
N ALA B 332 -40.90 -14.61 19.73
CA ALA B 332 -41.06 -13.73 20.87
C ALA B 332 -42.28 -12.86 20.63
N TYR B 333 -43.14 -12.73 21.65
CA TYR B 333 -44.45 -12.12 21.52
C TYR B 333 -44.71 -11.25 22.74
N VAL B 334 -45.63 -10.28 22.61
CA VAL B 334 -45.90 -9.34 23.69
C VAL B 334 -47.34 -9.45 24.15
N ASN B 335 -47.54 -9.44 25.52
CA ASN B 335 -48.92 -9.50 26.04
C ASN B 335 -49.48 -8.08 26.19
N PRO B 336 -50.82 -7.91 26.20
CA PRO B 336 -51.41 -6.56 26.15
C PRO B 336 -50.78 -5.61 27.14
N HIS B 337 -50.40 -6.09 28.31
CA HIS B 337 -49.81 -5.22 29.32
C HIS B 337 -48.28 -5.20 29.24
N GLY B 338 -47.68 -5.71 28.17
CA GLY B 338 -46.27 -5.54 27.91
C GLY B 338 -45.40 -6.74 28.20
N TYR B 339 -45.92 -7.75 28.89
CA TYR B 339 -45.11 -8.92 29.17
C TYR B 339 -44.81 -9.64 27.86
N VAL B 340 -43.58 -10.14 27.73
CA VAL B 340 -43.11 -10.71 26.48
C VAL B 340 -42.79 -12.17 26.73
N HIS B 341 -43.40 -13.07 25.94
CA HIS B 341 -43.25 -14.51 26.10
C HIS B 341 -42.65 -15.14 24.84
N GLU B 342 -41.60 -15.95 25.05
CA GLU B 342 -41.00 -16.72 23.97
C GLU B 342 -41.79 -18.02 23.84
N THR B 343 -42.54 -18.15 22.76
CA THR B 343 -43.62 -19.13 22.68
C THR B 343 -43.30 -20.24 21.69
N LEU B 344 -42.92 -21.40 22.23
CA LEU B 344 -42.61 -22.60 21.45
C LEU B 344 -43.91 -23.36 21.16
N THR B 345 -44.10 -23.76 19.91
CA THR B 345 -45.33 -24.43 19.51
C THR B 345 -45.11 -25.94 19.48
N VAL B 346 -46.01 -26.68 20.11
CA VAL B 346 -45.97 -28.12 20.12
C VAL B 346 -47.38 -28.61 19.81
N TYR B 347 -47.46 -29.80 19.19
CA TYR B 347 -48.78 -30.39 18.92
C TYR B 347 -49.41 -30.96 20.18
N LYS B 348 -48.62 -31.62 21.02
CA LYS B 348 -49.16 -32.32 22.17
C LYS B 348 -48.36 -31.91 23.40
N ALA B 349 -49.06 -31.61 24.48
CA ALA B 349 -48.47 -31.46 25.78
C ALA B 349 -49.19 -32.38 26.75
N CYS B 350 -48.59 -32.60 27.91
CA CYS B 350 -49.24 -33.42 28.92
C CYS B 350 -48.77 -32.95 30.28
N ASN B 351 -49.53 -33.35 31.31
CA ASN B 351 -49.44 -32.85 32.69
C ASN B 351 -49.84 -31.39 32.82
N LEU B 352 -50.57 -30.89 31.84
CA LEU B 352 -51.10 -29.56 31.91
C LEU B 352 -52.59 -29.63 32.18
N ASN B 353 -53.05 -28.77 33.08
CA ASN B 353 -54.45 -28.55 33.36
C ASN B 353 -54.86 -27.20 32.80
N LEU B 354 -56.02 -27.16 32.15
CA LEU B 354 -56.54 -25.90 31.61
C LEU B 354 -57.28 -25.13 32.70
N ILE B 355 -57.21 -23.80 32.61
CA ILE B 355 -57.87 -22.89 33.55
C ILE B 355 -58.78 -21.99 32.75
N GLY B 356 -60.08 -22.04 33.01
CA GLY B 356 -60.95 -21.09 32.34
C GLY B 356 -61.49 -21.57 31.03
N ARG B 357 -61.56 -20.73 30.03
CA ARG B 357 -62.23 -21.11 28.80
C ARG B 357 -61.55 -20.37 27.65
N PRO B 358 -61.69 -20.85 26.43
CA PRO B 358 -60.97 -20.21 25.32
C PRO B 358 -61.38 -18.75 25.16
N SER B 359 -60.37 -17.92 24.90
CA SER B 359 -60.55 -16.50 24.58
C SER B 359 -59.86 -16.22 23.24
N THR B 360 -60.35 -15.24 22.48
CA THR B 360 -59.82 -14.98 21.14
C THR B 360 -59.07 -13.66 21.03
N GLU B 361 -58.89 -12.94 22.15
CA GLU B 361 -58.17 -11.67 22.14
C GLU B 361 -56.66 -11.85 22.08
N HIS B 362 -55.96 -10.90 21.45
CA HIS B 362 -54.50 -10.91 21.42
C HIS B 362 -53.96 -12.27 20.96
N SER B 363 -54.58 -12.88 19.92
CA SER B 363 -54.20 -14.24 19.56
C SER B 363 -52.94 -14.19 18.70
N TRP B 364 -51.77 -14.27 19.35
CA TRP B 364 -50.49 -14.23 18.65
C TRP B 364 -50.55 -15.02 17.36
N PHE B 365 -51.26 -16.14 17.39
CA PHE B 365 -51.58 -16.91 16.20
C PHE B 365 -53.05 -16.72 15.86
N PRO B 366 -53.37 -15.73 15.02
CA PRO B 366 -54.77 -15.41 14.72
C PRO B 366 -55.53 -16.58 14.13
N GLY B 367 -56.84 -16.60 14.37
CA GLY B 367 -57.65 -17.74 14.02
C GLY B 367 -57.60 -18.81 15.08
N TYR B 368 -56.97 -18.55 16.21
CA TYR B 368 -56.88 -19.49 17.30
C TYR B 368 -57.23 -18.78 18.61
N ALA B 369 -57.58 -19.56 19.61
CA ALA B 369 -57.97 -19.10 20.94
C ALA B 369 -57.03 -19.67 21.97
N TRP B 370 -57.17 -19.25 23.21
CA TRP B 370 -56.18 -19.66 24.20
C TRP B 370 -56.82 -20.03 25.52
N THR B 371 -56.24 -21.02 26.20
CA THR B 371 -56.71 -21.40 27.52
C THR B 371 -55.47 -21.54 28.39
N VAL B 372 -55.34 -20.65 29.40
CA VAL B 372 -54.17 -20.66 30.27
C VAL B 372 -53.92 -22.06 30.85
N ALA B 373 -52.65 -22.50 30.81
CA ALA B 373 -52.27 -23.86 31.18
C ALA B 373 -51.27 -23.86 32.32
N GLN B 374 -51.54 -24.65 33.37
CA GLN B 374 -50.69 -24.72 34.54
C GLN B 374 -50.10 -26.12 34.69
N CYS B 375 -48.96 -26.20 35.37
CA CYS B 375 -48.36 -27.49 35.69
C CYS B 375 -49.19 -28.19 36.74
N LYS B 376 -49.45 -29.47 36.51
CA LYS B 376 -50.38 -30.23 37.33
C LYS B 376 -49.93 -30.41 38.77
N ILE B 377 -48.64 -30.30 39.06
CA ILE B 377 -48.11 -30.52 40.40
C ILE B 377 -47.90 -29.21 41.14
N CYS B 378 -47.23 -28.23 40.50
CA CYS B 378 -46.89 -26.98 41.17
C CYS B 378 -47.78 -25.82 40.79
N ALA B 379 -48.67 -26.00 39.82
CA ALA B 379 -49.61 -24.97 39.35
C ALA B 379 -48.90 -23.74 38.80
N SER B 380 -47.60 -23.80 38.51
CA SER B 380 -46.97 -22.70 37.81
C SER B 380 -47.54 -22.59 36.41
N HIS B 381 -47.51 -21.38 35.85
CA HIS B 381 -47.95 -21.20 34.47
C HIS B 381 -46.90 -21.76 33.50
N ILE B 382 -47.34 -22.61 32.58
CA ILE B 382 -46.46 -23.22 31.60
C ILE B 382 -46.66 -22.65 30.19
N GLY B 383 -47.84 -22.14 29.87
CA GLY B 383 -48.12 -21.65 28.54
C GLY B 383 -49.63 -21.56 28.34
N TRP B 384 -50.03 -21.74 27.09
CA TRP B 384 -51.43 -21.61 26.71
C TRP B 384 -51.78 -22.71 25.73
N LYS B 385 -53.05 -23.08 25.67
CA LYS B 385 -53.49 -24.01 24.65
C LYS B 385 -54.22 -23.22 23.58
N PHE B 386 -53.89 -23.52 22.32
CA PHE B 386 -54.53 -22.84 21.21
C PHE B 386 -55.53 -23.79 20.56
N THR B 387 -56.79 -23.34 20.45
CA THR B 387 -57.91 -24.13 19.94
C THR B 387 -58.50 -23.38 18.76
N ALA B 388 -58.72 -24.06 17.64
CA ALA B 388 -59.14 -23.37 16.42
C ALA B 388 -60.50 -22.71 16.60
N THR B 389 -60.87 -21.91 15.62
CA THR B 389 -62.16 -21.24 15.64
C THR B 389 -63.04 -21.60 14.46
N LYS B 390 -62.45 -22.00 13.34
CA LYS B 390 -63.21 -22.51 12.21
C LYS B 390 -62.78 -23.96 11.99
N LYS B 391 -63.75 -24.83 11.70
CA LYS B 391 -63.47 -26.26 11.68
C LYS B 391 -62.50 -26.63 10.56
N ASP B 392 -62.43 -25.82 9.49
CA ASP B 392 -61.51 -26.11 8.39
C ASP B 392 -60.02 -25.92 8.74
N MET B 393 -59.69 -25.28 9.86
CA MET B 393 -58.30 -24.97 10.17
C MET B 393 -57.50 -26.21 10.56
N SER B 394 -56.24 -26.23 10.19
CA SER B 394 -55.34 -27.30 10.64
C SER B 394 -54.00 -26.70 11.01
N PRO B 395 -53.44 -27.06 12.16
CA PRO B 395 -53.96 -28.02 13.15
C PRO B 395 -55.20 -27.46 13.87
N GLN B 396 -56.15 -28.31 14.29
CA GLN B 396 -57.34 -27.81 14.97
C GLN B 396 -57.04 -27.44 16.43
N LYS B 397 -56.13 -28.17 17.07
CA LYS B 397 -55.59 -27.83 18.39
C LYS B 397 -54.08 -27.89 18.30
N PHE B 398 -53.41 -26.97 18.98
CA PHE B 398 -51.96 -27.00 19.15
C PHE B 398 -51.66 -26.37 20.51
N TRP B 399 -50.40 -26.33 20.91
CA TRP B 399 -50.07 -25.71 22.19
C TRP B 399 -48.95 -24.68 22.03
N GLY B 400 -48.94 -23.68 22.92
CA GLY B 400 -47.89 -22.67 22.95
C GLY B 400 -47.28 -22.55 24.35
N LEU B 401 -45.99 -22.87 24.48
CA LEU B 401 -45.33 -22.98 25.77
C LEU B 401 -44.28 -21.89 25.91
N THR B 402 -44.28 -21.25 27.07
CA THR B 402 -43.42 -20.09 27.31
C THR B 402 -42.07 -20.58 27.85
N ARG B 403 -41.01 -20.25 27.11
CA ARG B 403 -39.70 -20.85 27.39
C ARG B 403 -39.34 -20.74 28.86
N SER B 404 -39.63 -19.60 29.48
CA SER B 404 -39.18 -19.40 30.84
C SER B 404 -39.80 -20.38 31.83
N ALA B 405 -40.81 -21.15 31.44
CA ALA B 405 -41.41 -22.15 32.33
C ALA B 405 -40.95 -23.57 32.07
N LEU B 406 -40.02 -23.78 31.15
CA LEU B 406 -39.57 -25.12 30.78
C LEU B 406 -38.14 -25.36 31.24
N LEU B 407 -37.71 -26.61 31.06
CA LEU B 407 -36.37 -27.05 31.43
C LEU B 407 -35.96 -28.19 30.52
N PRO B 408 -34.94 -28.01 29.68
CA PRO B 408 -34.54 -29.11 28.78
C PRO B 408 -33.87 -30.21 29.59
N THR B 409 -34.14 -31.47 29.21
CA THR B 409 -33.79 -32.64 30.00
C THR B 409 -33.08 -33.68 29.13
N ILE B 410 -32.08 -34.34 29.69
CA ILE B 410 -31.43 -35.49 29.07
C ILE B 410 -32.00 -36.76 29.73
N PRO B 411 -32.61 -37.67 28.96
CA PRO B 411 -33.25 -38.85 29.56
C PRO B 411 -32.26 -39.79 30.23
N ASP B 412 -32.81 -40.79 30.92
CA ASP B 412 -32.08 -41.66 31.86
C ASP B 412 -31.53 -40.87 33.04
N GLU C 14 -58.30 2.43 37.82
CA GLU C 14 -57.41 1.30 37.43
C GLU C 14 -56.89 0.44 38.62
N PHE C 15 -57.52 -0.73 38.88
CA PHE C 15 -57.21 -1.48 40.12
C PHE C 15 -56.52 -2.81 39.79
N ILE C 16 -55.18 -2.82 39.84
CA ILE C 16 -54.45 -4.07 39.69
C ILE C 16 -54.08 -4.58 41.08
N VAL C 17 -54.53 -5.79 41.42
CA VAL C 17 -54.27 -6.39 42.73
C VAL C 17 -53.20 -7.45 42.58
N GLY C 18 -52.28 -7.47 43.55
CA GLY C 18 -51.20 -8.46 43.58
C GLY C 18 -50.13 -8.31 42.53
N GLY C 19 -50.06 -7.17 41.86
CA GLY C 19 -49.17 -7.03 40.75
C GLY C 19 -49.69 -7.58 39.45
N LYS C 20 -50.75 -8.38 39.46
CA LYS C 20 -51.09 -9.03 38.20
C LYS C 20 -52.56 -9.04 37.86
N TYR C 21 -53.44 -8.72 38.77
CA TYR C 21 -54.85 -8.95 38.56
C TYR C 21 -55.58 -7.61 38.41
N LYS C 22 -55.97 -7.31 37.18
CA LYS C 22 -56.79 -6.13 36.89
C LYS C 22 -58.25 -6.52 37.08
N LEU C 23 -58.97 -5.73 37.83
CA LEU C 23 -60.35 -6.05 38.13
C LEU C 23 -61.19 -5.60 36.96
N VAL C 24 -61.76 -6.54 36.23
CA VAL C 24 -62.60 -6.23 35.07
C VAL C 24 -63.93 -5.64 35.49
N ARG C 25 -64.61 -6.26 36.45
CA ARG C 25 -65.98 -5.91 36.81
C ARG C 25 -66.33 -6.64 38.11
N LYS C 26 -67.48 -6.33 38.67
CA LYS C 26 -68.00 -7.07 39.81
C LYS C 26 -68.97 -8.13 39.30
N ILE C 27 -68.69 -9.40 39.63
CA ILE C 27 -69.56 -10.52 39.26
C ILE C 27 -70.38 -11.01 40.45
N GLY C 28 -70.09 -10.54 41.65
CA GLY C 28 -70.90 -10.80 42.82
C GLY C 28 -70.68 -9.66 43.80
N SER C 29 -71.54 -9.59 44.81
CA SER C 29 -71.40 -8.55 45.83
C SER C 29 -71.60 -9.11 47.23
N ASP C 34 -67.97 -9.03 48.18
CA ASP C 34 -67.82 -8.36 46.89
C ASP C 34 -66.87 -9.16 46.01
N ILE C 35 -67.43 -9.91 45.05
CA ILE C 35 -66.65 -10.79 44.20
C ILE C 35 -66.54 -10.15 42.81
N TYR C 36 -65.32 -10.11 42.29
CA TYR C 36 -64.96 -9.32 41.11
C TYR C 36 -64.21 -10.20 40.10
N LEU C 37 -64.61 -10.16 38.83
CA LEU C 37 -63.79 -10.74 37.77
C LEU C 37 -62.48 -9.98 37.68
N ALA C 38 -61.39 -10.71 37.59
CA ALA C 38 -60.07 -10.13 37.44
C ALA C 38 -59.33 -10.93 36.38
N ILE C 39 -58.33 -10.29 35.80
CA ILE C 39 -57.53 -10.94 34.77
C ILE C 39 -56.07 -10.81 35.12
N ASN C 40 -55.34 -11.93 35.04
CA ASN C 40 -53.91 -11.90 35.29
C ASN C 40 -53.18 -11.34 34.07
N ILE C 41 -52.45 -10.24 34.30
CA ILE C 41 -51.77 -9.50 33.23
C ILE C 41 -50.50 -10.15 32.74
N THR C 42 -50.05 -11.24 33.38
CA THR C 42 -48.93 -12.00 32.85
C THR C 42 -49.41 -12.99 31.80
N ASN C 43 -50.49 -13.71 32.08
CA ASN C 43 -50.95 -14.78 31.23
C ASN C 43 -52.28 -14.47 30.54
N GLY C 44 -53.26 -13.91 31.26
CA GLY C 44 -54.62 -13.74 30.76
C GLY C 44 -55.62 -14.63 31.48
N GLU C 45 -55.16 -15.40 32.47
CA GLU C 45 -56.02 -16.25 33.26
C GLU C 45 -56.98 -15.38 34.05
N GLU C 46 -58.25 -15.78 34.04
CA GLU C 46 -59.27 -15.08 34.80
C GLU C 46 -59.34 -15.65 36.20
N VAL C 47 -59.37 -14.77 37.20
CA VAL C 47 -59.53 -15.15 38.60
C VAL C 47 -60.61 -14.29 39.25
N ALA C 48 -61.08 -14.77 40.40
CA ALA C 48 -62.03 -14.05 41.24
C ALA C 48 -61.28 -13.32 42.33
N VAL C 49 -61.72 -12.09 42.64
CA VAL C 49 -61.11 -11.28 43.68
C VAL C 49 -62.19 -10.84 44.65
N LYS C 50 -62.04 -11.22 45.92
CA LYS C 50 -62.95 -10.78 46.97
C LYS C 50 -62.32 -9.60 47.69
N LEU C 51 -63.02 -8.48 47.69
CA LEU C 51 -62.51 -7.25 48.25
C LEU C 51 -63.22 -6.99 49.56
N GLU C 52 -62.45 -6.83 50.62
CA GLU C 52 -62.97 -6.48 51.94
C GLU C 52 -62.18 -5.29 52.47
N SER C 53 -62.90 -4.27 52.90
CA SER C 53 -62.29 -3.06 53.41
C SER C 53 -61.53 -3.33 54.71
N GLN C 54 -60.32 -2.76 54.80
CA GLN C 54 -59.67 -2.70 56.10
C GLN C 54 -60.45 -1.71 56.97
N LYS C 55 -60.60 -2.05 58.25
CA LYS C 55 -61.52 -1.34 59.13
C LYS C 55 -62.97 -1.51 58.66
N ALA C 56 -63.29 -2.69 58.16
CA ALA C 56 -64.68 -2.98 57.83
C ALA C 56 -65.45 -3.40 59.09
N ARG C 57 -66.77 -3.38 58.98
CA ARG C 57 -67.62 -3.73 60.11
C ARG C 57 -67.45 -5.21 60.49
N HIS C 58 -67.51 -6.09 59.48
CA HIS C 58 -67.57 -7.54 59.68
C HIS C 58 -66.41 -8.20 58.93
N PRO C 59 -65.19 -8.15 59.48
CA PRO C 59 -64.03 -8.65 58.74
C PRO C 59 -64.00 -10.17 58.74
N GLN C 60 -63.80 -10.75 57.56
CA GLN C 60 -63.61 -12.19 57.49
C GLN C 60 -62.51 -12.62 56.53
N LEU C 61 -62.04 -11.76 55.63
CA LEU C 61 -61.19 -12.24 54.54
C LEU C 61 -59.91 -12.87 55.07
N LEU C 62 -59.28 -12.26 56.06
CA LEU C 62 -58.08 -12.86 56.64
C LEU C 62 -58.40 -14.22 57.25
N TYR C 63 -59.59 -14.35 57.86
CA TYR C 63 -60.02 -15.64 58.36
C TYR C 63 -60.17 -16.64 57.22
N GLU C 64 -60.91 -16.27 56.18
CA GLU C 64 -61.11 -17.18 55.05
C GLU C 64 -59.77 -17.58 54.45
N SER C 65 -58.86 -16.62 54.30
CA SER C 65 -57.56 -16.95 53.74
C SER C 65 -56.84 -17.95 54.63
N LYS C 66 -57.13 -17.93 55.93
CA LYS C 66 -56.54 -18.91 56.84
C LYS C 66 -57.17 -20.29 56.67
N LEU C 67 -58.50 -20.37 56.55
CA LEU C 67 -59.17 -21.66 56.40
C LEU C 67 -58.82 -22.32 55.07
N TYR C 68 -58.81 -21.54 54.00
CA TYR C 68 -58.48 -22.05 52.68
C TYR C 68 -57.11 -22.73 52.65
N LYS C 69 -56.19 -22.31 53.53
CA LYS C 69 -54.89 -22.98 53.61
C LYS C 69 -55.04 -24.35 54.24
N ILE C 70 -55.94 -24.47 55.23
CA ILE C 70 -56.22 -25.74 55.85
C ILE C 70 -56.92 -26.67 54.85
N LEU C 71 -58.03 -26.20 54.30
CA LEU C 71 -58.86 -27.02 53.42
C LEU C 71 -58.23 -27.28 52.09
N GLN C 72 -57.06 -26.70 51.80
CA GLN C 72 -56.45 -26.91 50.49
C GLN C 72 -56.19 -28.39 50.30
N GLY C 73 -56.66 -28.92 49.17
CA GLY C 73 -56.32 -30.26 48.75
C GLY C 73 -57.51 -31.18 48.55
N GLY C 74 -58.60 -30.94 49.30
CA GLY C 74 -59.79 -31.71 49.07
C GLY C 74 -60.50 -31.29 47.79
N VAL C 75 -61.31 -32.21 47.22
CA VAL C 75 -61.98 -31.90 45.97
C VAL C 75 -63.11 -30.92 46.24
N GLY C 76 -63.37 -30.09 45.26
CA GLY C 76 -64.42 -29.09 45.41
C GLY C 76 -64.07 -27.88 46.27
N ILE C 77 -62.84 -27.74 46.74
CA ILE C 77 -62.42 -26.60 47.53
C ILE C 77 -61.53 -25.72 46.66
N PRO C 78 -61.88 -24.46 46.41
CA PRO C 78 -61.16 -23.67 45.41
C PRO C 78 -59.75 -23.27 45.85
N HIS C 79 -58.87 -23.13 44.86
CA HIS C 79 -57.48 -22.81 45.10
C HIS C 79 -57.33 -21.31 45.35
N ILE C 80 -56.47 -20.95 46.30
CA ILE C 80 -56.16 -19.56 46.56
C ILE C 80 -54.93 -19.17 45.76
N ARG C 81 -55.01 -18.03 45.07
CA ARG C 81 -53.85 -17.45 44.38
C ARG C 81 -53.08 -16.52 45.30
N TRP C 82 -53.75 -15.58 45.92
CA TRP C 82 -53.03 -14.58 46.68
C TRP C 82 -53.94 -13.93 47.70
N TYR C 83 -53.42 -13.75 48.90
CA TYR C 83 -54.04 -12.87 49.86
C TYR C 83 -53.04 -11.78 50.22
N GLY C 84 -53.58 -10.60 50.53
CA GLY C 84 -52.77 -9.47 50.91
C GLY C 84 -53.61 -8.21 50.87
N GLN C 85 -52.91 -7.07 50.94
CA GLN C 85 -53.56 -5.78 50.97
C GLN C 85 -53.23 -5.01 49.71
N GLU C 86 -54.20 -4.22 49.27
CA GLU C 86 -54.01 -3.32 48.14
C GLU C 86 -54.89 -2.10 48.41
N LYS C 87 -54.27 -0.93 48.53
CA LYS C 87 -54.97 0.33 48.83
C LYS C 87 -55.66 0.16 50.18
N ASP C 88 -56.96 0.45 50.29
CA ASP C 88 -57.65 0.45 51.58
C ASP C 88 -58.20 -0.91 51.95
N TYR C 89 -57.90 -1.94 51.19
CA TYR C 89 -58.68 -3.17 51.23
C TYR C 89 -57.81 -4.37 51.62
N ASN C 90 -58.51 -5.43 52.02
CA ASN C 90 -57.94 -6.76 52.06
C ASN C 90 -58.46 -7.54 50.87
N VAL C 91 -57.55 -8.25 50.21
CA VAL C 91 -57.80 -8.84 48.90
C VAL C 91 -57.65 -10.34 49.00
N LEU C 92 -58.59 -11.07 48.43
CA LEU C 92 -58.48 -12.50 48.30
C LEU C 92 -58.62 -12.85 46.83
N VAL C 93 -57.53 -13.32 46.21
CA VAL C 93 -57.54 -13.75 44.82
C VAL C 93 -57.61 -15.26 44.80
N MET C 94 -58.53 -15.82 44.03
CA MET C 94 -58.90 -17.24 44.14
C MET C 94 -59.42 -17.72 42.78
N ASP C 95 -59.70 -19.03 42.70
CA ASP C 95 -60.26 -19.62 41.50
C ASP C 95 -61.55 -18.95 41.12
N LEU C 96 -61.75 -18.75 39.82
CA LEU C 96 -63.03 -18.28 39.30
C LEU C 96 -63.95 -19.49 39.10
N LEU C 97 -65.11 -19.48 39.74
CA LEU C 97 -66.00 -20.63 39.68
C LEU C 97 -67.20 -20.30 38.79
N GLY C 98 -68.13 -21.24 38.69
CA GLY C 98 -69.33 -21.05 37.90
C GLY C 98 -70.49 -20.48 38.69
N PRO C 99 -71.72 -20.67 38.21
CA PRO C 99 -72.87 -20.14 38.95
C PRO C 99 -73.04 -20.88 40.27
N SER C 100 -73.84 -20.26 41.14
CA SER C 100 -74.26 -20.91 42.37
C SER C 100 -75.44 -21.81 42.08
N LEU C 101 -75.77 -22.68 43.04
CA LEU C 101 -76.99 -23.46 42.90
C LEU C 101 -78.23 -22.56 42.91
N GLU C 102 -78.23 -21.46 43.69
CA GLU C 102 -79.36 -20.53 43.62
C GLU C 102 -79.46 -19.89 42.23
N ASP C 103 -78.32 -19.55 41.63
CA ASP C 103 -78.33 -19.07 40.23
C ASP C 103 -78.98 -20.10 39.31
N LEU C 104 -78.59 -21.37 39.45
CA LEU C 104 -79.03 -22.40 38.52
C LEU C 104 -80.47 -22.83 38.77
N PHE C 105 -80.93 -22.70 40.02
CA PHE C 105 -82.35 -22.84 40.36
C PHE C 105 -83.18 -21.82 39.59
N ASN C 106 -82.73 -20.56 39.59
CA ASN C 106 -83.41 -19.49 38.87
C ASN C 106 -83.35 -19.73 37.36
N PHE C 107 -82.26 -20.29 36.86
CA PHE C 107 -82.17 -20.62 35.44
C PHE C 107 -83.22 -21.66 35.06
N CYS C 108 -83.49 -22.59 35.96
CA CYS C 108 -84.44 -23.68 35.73
C CYS C 108 -85.85 -23.31 36.10
N SER C 109 -86.13 -22.04 36.29
CA SER C 109 -87.45 -21.59 36.73
C SER C 109 -87.84 -22.28 38.03
N ARG C 110 -86.96 -22.15 39.03
CA ARG C 110 -87.27 -22.49 40.43
C ARG C 110 -87.82 -23.91 40.56
N ARG C 111 -87.14 -24.86 39.89
CA ARG C 111 -87.63 -26.24 39.91
C ARG C 111 -86.53 -27.19 39.44
N PHE C 112 -86.17 -28.15 40.29
CA PHE C 112 -85.20 -29.20 39.99
C PHE C 112 -85.92 -30.53 39.87
N THR C 113 -85.46 -31.39 38.95
CA THR C 113 -86.02 -32.74 38.88
C THR C 113 -85.48 -33.57 40.05
N MET C 114 -86.04 -34.78 40.22
CA MET C 114 -85.53 -35.63 41.28
C MET C 114 -84.13 -36.13 40.97
N LYS C 115 -83.80 -36.28 39.70
CA LYS C 115 -82.44 -36.65 39.35
C LYS C 115 -81.44 -35.57 39.76
N THR C 116 -81.72 -34.30 39.44
CA THR C 116 -80.77 -33.26 39.78
C THR C 116 -80.62 -33.11 41.29
N VAL C 117 -81.65 -33.37 42.07
CA VAL C 117 -81.47 -33.28 43.51
C VAL C 117 -80.56 -34.40 43.99
N LEU C 118 -80.86 -35.61 43.58
CA LEU C 118 -80.11 -36.77 44.06
C LEU C 118 -78.64 -36.68 43.64
N MET C 119 -78.37 -36.32 42.38
CA MET C 119 -76.99 -36.09 41.96
C MET C 119 -76.33 -34.99 42.81
N LEU C 120 -77.04 -33.87 43.01
CA LEU C 120 -76.51 -32.79 43.83
C LEU C 120 -76.43 -33.17 45.29
N ALA C 121 -77.32 -34.04 45.76
CA ALA C 121 -77.20 -34.52 47.13
C ALA C 121 -75.85 -35.19 47.37
N ASP C 122 -75.36 -35.95 46.38
CA ASP C 122 -74.16 -36.75 46.58
C ASP C 122 -72.94 -35.86 46.78
N GLN C 123 -72.68 -34.96 45.81
CA GLN C 123 -71.56 -34.04 45.94
C GLN C 123 -71.71 -33.15 47.17
N MET C 124 -72.92 -32.64 47.43
CA MET C 124 -73.12 -31.79 48.59
C MET C 124 -72.80 -32.51 49.89
N ILE C 125 -73.15 -33.79 50.01
CA ILE C 125 -72.81 -34.49 51.24
C ILE C 125 -71.30 -34.58 51.39
N SER C 126 -70.60 -34.91 50.29
CA SER C 126 -69.15 -35.13 50.37
C SER C 126 -68.40 -33.83 50.65
N ARG C 127 -68.82 -32.71 50.04
CA ARG C 127 -68.17 -31.43 50.32
C ARG C 127 -68.20 -31.15 51.81
N ILE C 128 -69.38 -31.25 52.42
CA ILE C 128 -69.50 -30.95 53.84
C ILE C 128 -68.69 -31.94 54.65
N GLU C 129 -68.61 -33.19 54.17
CA GLU C 129 -67.82 -34.17 54.89
C GLU C 129 -66.34 -33.78 54.89
N TYR C 130 -65.82 -33.36 53.75
CA TYR C 130 -64.40 -33.03 53.67
C TYR C 130 -64.04 -31.97 54.71
N VAL C 131 -64.78 -30.85 54.71
CA VAL C 131 -64.59 -29.82 55.72
C VAL C 131 -64.69 -30.40 57.13
N HIS C 132 -65.62 -31.32 57.36
CA HIS C 132 -65.74 -31.91 58.68
C HIS C 132 -64.48 -32.67 59.07
N THR C 133 -63.77 -33.25 58.08
CA THR C 133 -62.59 -34.05 58.40
C THR C 133 -61.44 -33.17 58.85
N LYS C 134 -61.28 -32.01 58.24
CA LYS C 134 -60.26 -31.04 58.58
C LYS C 134 -60.61 -30.24 59.82
N ASN C 135 -61.58 -30.69 60.61
CA ASN C 135 -61.96 -30.18 61.93
C ASN C 135 -62.78 -28.89 61.99
N PHE C 136 -63.59 -28.60 60.97
CA PHE C 136 -64.42 -27.40 61.00
C PHE C 136 -65.85 -27.71 60.56
N ILE C 137 -66.80 -26.90 61.06
CA ILE C 137 -68.19 -26.90 60.60
C ILE C 137 -68.42 -25.65 59.77
N HIS C 138 -69.17 -25.77 58.69
CA HIS C 138 -69.36 -24.63 57.79
C HIS C 138 -70.29 -23.56 58.39
N ARG C 139 -71.39 -23.98 58.99
CA ARG C 139 -72.36 -23.08 59.60
C ARG C 139 -72.99 -22.10 58.59
N ASP C 140 -72.81 -22.30 57.29
CA ASP C 140 -73.50 -21.46 56.31
C ASP C 140 -73.98 -22.28 55.12
N ILE C 141 -74.65 -23.40 55.39
CA ILE C 141 -75.06 -24.36 54.35
C ILE C 141 -76.28 -23.79 53.65
N LYS C 142 -76.11 -23.31 52.42
CA LYS C 142 -77.21 -22.74 51.66
C LYS C 142 -76.84 -22.80 50.19
N PRO C 143 -77.83 -22.82 49.29
CA PRO C 143 -77.53 -22.96 47.85
C PRO C 143 -76.63 -21.88 47.28
N ASP C 144 -76.61 -20.70 47.90
CA ASP C 144 -75.74 -19.63 47.43
C ASP C 144 -74.26 -19.97 47.58
N ASN C 145 -73.91 -20.89 48.48
CA ASN C 145 -72.51 -21.19 48.74
C ASN C 145 -72.04 -22.48 48.07
N PHE C 146 -72.89 -23.15 47.29
CA PHE C 146 -72.50 -24.27 46.46
C PHE C 146 -72.43 -23.79 45.02
N LEU C 147 -71.31 -24.01 44.36
CA LEU C 147 -71.06 -23.51 43.02
C LEU C 147 -70.41 -24.58 42.16
N MET C 148 -70.89 -24.69 40.92
CA MET C 148 -70.22 -25.45 39.87
C MET C 148 -68.96 -24.74 39.45
N GLY C 149 -68.04 -25.49 38.85
CA GLY C 149 -66.81 -24.92 38.35
C GLY C 149 -66.93 -24.42 36.93
N ILE C 150 -65.79 -24.09 36.37
CA ILE C 150 -65.70 -23.61 34.99
C ILE C 150 -64.89 -24.61 34.20
N GLY C 151 -65.24 -24.79 32.93
CA GLY C 151 -64.41 -25.58 32.05
C GLY C 151 -64.25 -27.03 32.43
N ARG C 152 -63.05 -27.45 32.81
CA ARG C 152 -62.85 -28.84 33.20
C ARG C 152 -63.62 -29.20 34.46
N HIS C 153 -64.05 -28.21 35.24
CA HIS C 153 -64.69 -28.42 36.52
C HIS C 153 -66.18 -28.09 36.48
N CYS C 154 -66.80 -28.19 35.29
CA CYS C 154 -68.17 -27.73 35.13
C CYS C 154 -69.21 -28.72 35.63
N ASN C 155 -68.82 -29.93 35.99
CA ASN C 155 -69.73 -30.79 36.74
C ASN C 155 -69.34 -30.93 38.20
N LYS C 156 -68.27 -30.28 38.62
CA LYS C 156 -67.78 -30.39 39.98
C LYS C 156 -68.45 -29.30 40.82
N LEU C 157 -68.86 -29.67 42.04
CA LEU C 157 -69.53 -28.74 42.94
C LEU C 157 -68.55 -28.27 44.02
N PHE C 158 -68.46 -26.94 44.17
CA PHE C 158 -67.55 -26.34 45.12
C PHE C 158 -68.30 -25.74 46.27
N LEU C 159 -67.89 -26.05 47.49
CA LEU C 159 -68.45 -25.40 48.67
C LEU C 159 -67.48 -24.29 49.08
N ILE C 160 -67.99 -23.06 49.20
CA ILE C 160 -67.17 -21.85 49.35
C ILE C 160 -67.71 -20.98 50.49
N ASP C 161 -67.10 -19.80 50.67
CA ASP C 161 -67.48 -18.80 51.68
C ASP C 161 -67.31 -19.28 53.12
N PHE C 162 -66.07 -19.49 53.54
CA PHE C 162 -65.78 -20.03 54.86
C PHE C 162 -65.69 -18.97 55.95
N GLY C 163 -66.31 -17.81 55.79
CA GLY C 163 -66.28 -16.82 56.85
C GLY C 163 -66.91 -17.30 58.14
N LEU C 164 -67.90 -18.18 58.07
CA LEU C 164 -68.61 -18.56 59.28
C LEU C 164 -68.15 -19.92 59.81
N ALA C 165 -67.04 -20.45 59.32
CA ALA C 165 -66.60 -21.79 59.66
C ALA C 165 -65.85 -21.82 60.98
N LYS C 166 -66.25 -22.74 61.86
CA LYS C 166 -65.76 -22.82 63.24
C LYS C 166 -65.09 -24.17 63.49
N LYS C 167 -64.00 -24.16 64.25
CA LYS C 167 -63.46 -25.43 64.72
C LYS C 167 -64.47 -26.07 65.65
N TYR C 168 -64.61 -27.41 65.54
CA TYR C 168 -65.47 -28.18 66.45
C TYR C 168 -64.72 -29.24 67.25
N ARG C 169 -63.48 -29.59 66.89
CA ARG C 169 -62.70 -30.57 67.66
C ARG C 169 -61.23 -30.28 67.49
N ASP C 170 -60.43 -30.61 68.51
CA ASP C 170 -59.00 -30.39 68.41
C ASP C 170 -58.36 -31.35 67.42
N ASN C 171 -57.30 -30.92 66.76
CA ASN C 171 -56.76 -31.70 65.65
C ASN C 171 -56.11 -33.00 66.14
N ARG C 172 -55.34 -32.94 67.23
CA ARG C 172 -54.60 -34.11 67.70
C ARG C 172 -55.43 -34.97 68.67
N THR C 173 -55.99 -34.39 69.71
CA THR C 173 -56.75 -35.18 70.67
C THR C 173 -58.17 -35.47 70.19
N ARG C 174 -58.66 -34.77 69.17
CA ARG C 174 -60.02 -34.89 68.65
C ARG C 174 -61.10 -34.52 69.67
N GLN C 175 -60.73 -33.87 70.79
CA GLN C 175 -61.70 -33.51 71.80
C GLN C 175 -62.68 -32.49 71.24
N HIS C 176 -63.96 -32.74 71.46
CA HIS C 176 -65.00 -31.91 70.87
C HIS C 176 -65.10 -30.59 71.61
N ILE C 177 -65.69 -29.61 70.94
CA ILE C 177 -65.99 -28.36 71.61
C ILE C 177 -67.14 -28.59 72.59
N PRO C 178 -67.12 -27.90 73.74
CA PRO C 178 -68.20 -28.05 74.71
C PRO C 178 -69.57 -27.67 74.21
N TYR C 179 -70.57 -28.33 74.79
CA TYR C 179 -71.96 -27.96 74.63
C TYR C 179 -72.22 -26.61 75.29
N ARG C 180 -72.71 -25.66 74.51
CA ARG C 180 -73.21 -24.41 75.05
C ARG C 180 -74.66 -24.23 74.64
N GLU C 181 -75.31 -23.27 75.29
CA GLU C 181 -76.53 -22.65 74.79
C GLU C 181 -76.27 -21.14 74.80
N ASP C 182 -77.26 -20.35 74.37
CA ASP C 182 -77.11 -18.89 74.28
C ASP C 182 -75.98 -18.52 73.30
N LYS C 183 -76.26 -18.75 72.02
CA LYS C 183 -75.56 -18.07 70.94
C LYS C 183 -76.57 -17.53 69.94
N ASN C 184 -76.10 -16.61 69.12
CA ASN C 184 -76.92 -15.96 68.10
C ASN C 184 -76.84 -16.74 66.80
N LEU C 185 -77.98 -17.00 66.17
CA LEU C 185 -77.96 -17.79 64.94
C LEU C 185 -77.05 -17.19 63.89
N GLY C 187 -76.17 -15.33 59.78
CA GLY C 187 -76.59 -16.63 59.26
C GLY C 187 -77.73 -16.46 58.28
N THR C 188 -78.32 -17.57 57.83
CA THR C 188 -79.46 -17.53 56.92
C THR C 188 -80.57 -18.36 57.55
N ALA C 189 -81.47 -17.70 58.29
CA ALA C 189 -82.48 -18.45 59.03
C ALA C 189 -83.11 -19.55 58.19
N ARG C 190 -83.22 -19.33 56.88
CA ARG C 190 -84.01 -20.24 56.08
C ARG C 190 -83.50 -21.65 56.25
N TYR C 191 -82.19 -21.85 56.25
CA TYR C 191 -81.59 -23.17 56.28
C TYR C 191 -80.90 -23.52 57.60
N ALA C 192 -81.09 -22.74 58.65
CA ALA C 192 -80.48 -23.08 59.93
C ALA C 192 -81.13 -24.31 60.51
N SER C 193 -80.47 -24.91 61.49
CA SER C 193 -81.04 -26.08 62.16
C SER C 193 -82.03 -25.64 63.25
N ILE C 194 -82.85 -26.60 63.69
CA ILE C 194 -83.78 -26.33 64.80
C ILE C 194 -82.99 -25.85 66.01
N ASN C 195 -81.94 -26.59 66.38
CA ASN C 195 -81.19 -26.28 67.59
C ASN C 195 -80.45 -24.95 67.49
N ALA C 196 -80.02 -24.54 66.29
CA ALA C 196 -79.25 -23.30 66.17
C ALA C 196 -80.14 -22.07 66.31
N HIS C 197 -81.43 -22.18 65.99
CA HIS C 197 -82.38 -21.15 66.39
C HIS C 197 -82.50 -21.09 67.90
N LEU C 198 -82.64 -22.24 68.55
CA LEU C 198 -82.80 -22.35 70.01
C LEU C 198 -81.53 -21.91 70.74
N GLY C 199 -80.57 -21.33 70.04
CA GLY C 199 -79.37 -20.82 70.66
C GLY C 199 -78.36 -21.87 71.02
N ILE C 200 -78.65 -23.14 70.70
CA ILE C 200 -77.72 -24.23 70.98
C ILE C 200 -76.53 -24.12 70.03
N GLU C 201 -75.33 -24.39 70.56
CA GLU C 201 -74.12 -24.33 69.75
C GLU C 201 -74.16 -25.37 68.64
N GLN C 202 -73.62 -25.01 67.48
CA GLN C 202 -73.66 -25.86 66.30
C GLN C 202 -72.50 -26.85 66.26
N SER C 203 -72.76 -28.00 65.65
CA SER C 203 -71.74 -29.03 65.42
C SER C 203 -71.98 -29.61 64.03
N ARG C 204 -71.39 -30.79 63.78
CA ARG C 204 -71.48 -31.43 62.45
C ARG C 204 -72.90 -31.79 62.11
N ARG C 205 -73.67 -32.26 63.08
CA ARG C 205 -75.08 -32.56 62.86
C ARG C 205 -75.83 -31.35 62.27
N ASP C 206 -75.49 -30.15 62.71
CA ASP C 206 -76.27 -29.02 62.25
C ASP C 206 -75.94 -28.65 60.80
N ASP C 207 -74.73 -28.94 60.34
CA ASP C 207 -74.46 -28.83 58.90
C ASP C 207 -75.33 -29.82 58.12
N MET C 208 -75.39 -31.07 58.59
CA MET C 208 -76.17 -32.09 57.89
C MET C 208 -77.63 -31.72 57.82
N GLU C 209 -78.21 -31.30 58.97
CA GLU C 209 -79.62 -30.92 59.00
C GLU C 209 -79.87 -29.75 58.07
N SER C 210 -78.93 -28.81 58.03
CA SER C 210 -79.00 -27.68 57.10
C SER C 210 -79.07 -28.18 55.66
N LEU C 211 -78.11 -29.02 55.25
CA LEU C 211 -78.11 -29.52 53.88
C LEU C 211 -79.46 -30.10 53.53
N GLY C 212 -80.10 -30.79 54.48
CA GLY C 212 -81.39 -31.40 54.22
C GLY C 212 -82.50 -30.40 53.94
N TYR C 213 -82.50 -29.27 54.64
CA TYR C 213 -83.48 -28.25 54.29
C TYR C 213 -83.21 -27.74 52.88
N VAL C 214 -81.93 -27.60 52.54
CA VAL C 214 -81.55 -27.14 51.20
C VAL C 214 -82.09 -28.10 50.15
N LEU C 215 -82.07 -29.38 50.44
CA LEU C 215 -82.58 -30.33 49.48
C LEU C 215 -84.10 -30.19 49.33
N MET C 216 -84.82 -30.06 50.46
CA MET C 216 -86.28 -30.01 50.38
C MET C 216 -86.74 -28.75 49.68
N TYR C 217 -86.01 -27.66 49.90
CA TYR C 217 -86.21 -26.40 49.19
C TYR C 217 -85.96 -26.52 47.69
N PHE C 218 -85.22 -27.53 47.26
CA PHE C 218 -85.21 -27.84 45.83
C PHE C 218 -86.45 -28.63 45.47
N ASN C 219 -86.86 -29.52 46.36
CA ASN C 219 -87.94 -30.45 46.05
C ASN C 219 -89.28 -29.74 45.92
N ARG C 220 -89.62 -28.90 46.89
CA ARG C 220 -90.76 -27.99 46.80
C ARG C 220 -90.22 -26.60 46.47
N THR C 221 -90.89 -25.86 45.57
CA THR C 221 -90.38 -24.54 45.18
C THR C 221 -90.12 -23.62 46.37
N SER C 222 -90.69 -23.93 47.53
CA SER C 222 -90.49 -23.15 48.74
C SER C 222 -90.56 -24.07 49.94
N LEU C 223 -90.32 -23.49 51.11
CA LEU C 223 -90.39 -24.12 52.42
C LEU C 223 -91.61 -23.64 53.20
N PRO C 224 -92.03 -24.37 54.21
CA PRO C 224 -93.16 -23.92 55.04
C PRO C 224 -92.86 -22.67 55.85
N TRP C 225 -91.60 -22.27 55.98
CA TRP C 225 -91.26 -21.09 56.77
C TRP C 225 -90.70 -19.95 55.92
N GLN C 226 -90.98 -19.97 54.61
CA GLN C 226 -90.30 -19.04 53.69
C GLN C 226 -90.99 -17.69 53.58
N GLY C 227 -92.31 -17.66 53.40
CA GLY C 227 -93.06 -16.42 53.32
C GLY C 227 -93.68 -15.93 54.62
N LEU C 228 -92.91 -16.00 55.71
CA LEU C 228 -93.34 -15.47 57.00
C LEU C 228 -92.68 -14.11 57.17
N LYS C 229 -93.47 -13.04 57.05
CA LYS C 229 -92.99 -11.67 57.11
C LYS C 229 -93.20 -11.07 58.50
N ALA C 230 -92.24 -10.25 58.93
CA ALA C 230 -92.34 -9.57 60.20
C ALA C 230 -91.32 -8.43 60.21
N ALA C 231 -91.64 -7.38 60.97
CA ALA C 231 -90.96 -6.09 60.80
C ALA C 231 -89.45 -6.23 60.98
N THR C 232 -89.02 -6.80 62.09
CA THR C 232 -87.61 -6.82 62.45
C THR C 232 -87.04 -8.21 62.24
N LYS C 233 -85.70 -8.26 62.14
CA LYS C 233 -85.04 -9.52 61.86
C LYS C 233 -85.28 -10.52 62.98
N LYS C 234 -85.24 -10.06 64.23
CA LYS C 234 -85.63 -10.90 65.36
C LYS C 234 -87.04 -11.44 65.15
N GLN C 235 -87.92 -10.65 64.55
CA GLN C 235 -89.27 -11.13 64.29
C GLN C 235 -89.30 -12.07 63.09
N LYS C 236 -88.46 -11.82 62.07
CA LYS C 236 -88.38 -12.73 60.93
C LYS C 236 -87.95 -14.12 61.35
N TYR C 237 -86.93 -14.19 62.22
CA TYR C 237 -86.41 -15.48 62.68
C TYR C 237 -87.43 -16.24 63.54
N GLU C 238 -88.16 -15.51 64.38
CA GLU C 238 -89.01 -16.13 65.39
C GLU C 238 -90.15 -16.93 64.78
N LYS C 239 -90.78 -16.37 63.74
CA LYS C 239 -91.80 -17.13 63.03
C LYS C 239 -91.21 -18.38 62.40
N ILE C 240 -90.12 -18.20 61.65
CA ILE C 240 -89.51 -19.32 60.92
C ILE C 240 -89.10 -20.42 61.89
N SER C 241 -88.41 -20.03 62.97
CA SER C 241 -87.92 -21.01 63.92
C SER C 241 -89.06 -21.84 64.54
N GLU C 242 -90.13 -21.19 64.99
CA GLU C 242 -91.23 -21.96 65.55
C GLU C 242 -92.16 -22.54 64.47
N LYS C 243 -92.24 -21.90 63.29
CA LYS C 243 -92.97 -22.53 62.19
C LYS C 243 -92.31 -23.85 61.79
N LYS C 244 -90.97 -23.87 61.75
CA LYS C 244 -90.26 -25.12 61.54
C LYS C 244 -90.55 -26.11 62.66
N MET C 245 -90.46 -25.67 63.93
CA MET C 245 -90.72 -26.59 65.02
C MET C 245 -92.14 -27.13 64.95
N SER C 246 -93.06 -26.36 64.37
CA SER C 246 -94.45 -26.81 64.29
C SER C 246 -94.65 -27.87 63.21
N THR C 247 -93.88 -27.81 62.11
CA THR C 247 -94.12 -28.69 60.98
C THR C 247 -93.34 -30.00 61.15
N PRO C 248 -94.01 -31.16 61.11
CA PRO C 248 -93.27 -32.43 61.22
C PRO C 248 -92.42 -32.69 59.99
N VAL C 249 -91.35 -33.44 60.20
CA VAL C 249 -90.50 -33.80 59.07
C VAL C 249 -91.30 -34.60 58.05
N GLU C 250 -92.31 -35.35 58.51
CA GLU C 250 -93.17 -36.09 57.60
C GLU C 250 -94.03 -35.13 56.78
N VAL C 251 -94.53 -34.07 57.42
CA VAL C 251 -95.32 -33.08 56.68
C VAL C 251 -94.45 -32.39 55.66
N LEU C 252 -93.24 -31.99 56.07
CA LEU C 252 -92.36 -31.21 55.20
C LEU C 252 -91.98 -32.00 53.95
N CYS C 253 -91.71 -33.29 54.10
CA CYS C 253 -91.27 -34.15 53.00
C CYS C 253 -92.42 -34.91 52.34
N LYS C 254 -93.67 -34.61 52.72
CA LYS C 254 -94.80 -35.38 52.22
C LYS C 254 -94.89 -35.29 50.70
N GLY C 255 -95.21 -36.42 50.07
CA GLY C 255 -95.31 -36.48 48.62
C GLY C 255 -93.99 -36.54 47.91
N PHE C 256 -92.91 -36.73 48.66
CA PHE C 256 -91.55 -36.91 48.19
C PHE C 256 -91.00 -38.22 48.76
N PRO C 257 -89.91 -38.75 48.20
CA PRO C 257 -89.46 -40.09 48.60
C PRO C 257 -89.22 -40.19 50.10
N ALA C 258 -89.47 -41.38 50.65
CA ALA C 258 -89.33 -41.58 52.07
C ALA C 258 -87.95 -41.18 52.55
N GLU C 259 -86.94 -41.38 51.70
CA GLU C 259 -85.55 -41.18 52.10
C GLU C 259 -85.28 -39.77 52.60
N PHE C 260 -85.95 -38.75 52.04
CA PHE C 260 -85.72 -37.39 52.50
C PHE C 260 -86.12 -37.23 53.96
N ALA C 261 -87.25 -37.81 54.35
CA ALA C 261 -87.64 -37.79 55.76
C ALA C 261 -86.67 -38.56 56.63
N MET C 262 -86.15 -39.70 56.11
CA MET C 262 -85.18 -40.51 56.84
C MET C 262 -83.88 -39.77 57.09
N TYR C 263 -83.45 -38.97 56.10
CA TYR C 263 -82.26 -38.15 56.29
C TYR C 263 -82.46 -37.17 57.44
N LEU C 264 -83.54 -36.36 57.36
CA LEU C 264 -83.78 -35.33 58.38
C LEU C 264 -83.98 -35.94 59.77
N ASN C 265 -84.73 -37.03 59.85
CA ASN C 265 -84.82 -37.78 61.11
C ASN C 265 -83.45 -38.19 61.62
N TYR C 266 -82.53 -38.55 60.72
CA TYR C 266 -81.21 -38.98 61.14
C TYR C 266 -80.43 -37.82 61.73
N CYS C 267 -80.33 -36.72 60.98
CA CYS C 267 -79.56 -35.57 61.44
C CYS C 267 -80.04 -35.10 62.81
N ARG C 268 -81.33 -34.81 62.91
CA ARG C 268 -81.88 -34.40 64.19
C ARG C 268 -81.79 -35.52 65.22
N GLY C 269 -81.58 -36.77 64.79
CA GLY C 269 -81.31 -37.83 65.73
C GLY C 269 -79.90 -37.85 66.31
N LEU C 270 -79.01 -37.03 65.78
CA LEU C 270 -77.63 -37.09 66.22
C LEU C 270 -77.45 -36.44 67.59
N ARG C 271 -76.51 -36.99 68.36
CA ARG C 271 -76.04 -36.29 69.55
C ARG C 271 -75.11 -35.15 69.15
N PHE C 272 -74.86 -34.25 70.10
CA PHE C 272 -74.02 -33.08 69.84
C PHE C 272 -72.69 -33.48 69.22
N GLU C 273 -71.90 -34.25 69.98
CA GLU C 273 -70.56 -34.66 69.60
C GLU C 273 -70.55 -35.70 68.49
N GLU C 274 -71.70 -36.30 68.14
CA GLU C 274 -71.76 -37.55 67.38
C GLU C 274 -71.53 -37.32 65.90
N ALA C 275 -70.59 -38.08 65.36
CA ALA C 275 -70.26 -38.01 63.93
C ALA C 275 -71.42 -38.51 63.07
N PRO C 276 -71.77 -37.79 62.01
CA PRO C 276 -72.77 -38.31 61.06
C PRO C 276 -72.21 -39.49 60.28
N ASP C 277 -73.08 -40.44 59.94
CA ASP C 277 -72.70 -41.57 59.09
C ASP C 277 -72.92 -41.13 57.65
N TYR C 278 -71.87 -40.55 57.07
CA TYR C 278 -71.97 -40.03 55.71
C TYR C 278 -72.24 -41.14 54.69
N MET C 279 -71.70 -42.34 54.93
CA MET C 279 -71.92 -43.44 53.99
C MET C 279 -73.39 -43.80 53.96
N TYR C 280 -74.05 -43.82 55.13
CA TYR C 280 -75.48 -44.09 55.19
C TYR C 280 -76.31 -42.99 54.53
N LEU C 281 -75.96 -41.74 54.78
CA LEU C 281 -76.73 -40.67 54.17
C LEU C 281 -76.54 -40.63 52.66
N ARG C 282 -75.33 -40.90 52.17
CA ARG C 282 -75.12 -40.97 50.72
C ARG C 282 -75.77 -42.20 50.11
N GLN C 283 -75.85 -43.30 50.87
CA GLN C 283 -76.47 -44.53 50.38
C GLN C 283 -77.96 -44.37 50.20
N LEU C 284 -78.63 -43.64 51.13
CA LEU C 284 -80.07 -43.49 51.04
C LEU C 284 -80.48 -42.95 49.67
N PHE C 285 -79.84 -41.87 49.24
CA PHE C 285 -80.14 -41.26 47.96
C PHE C 285 -79.54 -42.05 46.80
N ARG C 286 -78.33 -42.64 46.97
CA ARG C 286 -77.75 -43.46 45.91
C ARG C 286 -78.63 -44.67 45.59
N ILE C 287 -79.16 -45.36 46.61
CA ILE C 287 -80.09 -46.46 46.34
C ILE C 287 -81.36 -45.93 45.70
N LEU C 288 -81.92 -44.85 46.25
CA LEU C 288 -83.11 -44.25 45.65
C LEU C 288 -82.85 -43.82 44.22
N PHE C 289 -81.69 -43.20 43.96
CA PHE C 289 -81.28 -42.88 42.60
C PHE C 289 -81.27 -44.11 41.70
N ARG C 290 -80.83 -45.24 42.23
CA ARG C 290 -80.85 -46.50 41.50
C ARG C 290 -82.27 -46.97 41.24
N THR C 291 -83.17 -46.79 42.23
CA THR C 291 -84.56 -47.28 42.11
C THR C 291 -85.30 -46.56 41.00
N LEU C 292 -85.13 -45.27 40.91
CA LEU C 292 -85.69 -44.42 39.89
C LEU C 292 -85.05 -44.62 38.53
N ASN C 293 -84.18 -45.60 38.34
CA ASN C 293 -83.62 -45.94 37.04
C ASN C 293 -82.93 -44.73 36.40
N HIS C 294 -82.06 -44.08 37.17
CA HIS C 294 -81.28 -42.98 36.66
C HIS C 294 -79.82 -43.40 36.50
N GLN C 295 -79.12 -42.69 35.63
CA GLN C 295 -77.68 -42.84 35.47
C GLN C 295 -76.99 -41.55 35.91
N TYR C 296 -75.76 -41.66 36.45
CA TYR C 296 -75.08 -40.47 36.98
C TYR C 296 -74.35 -39.67 35.91
N ASP C 297 -75.01 -39.45 34.76
CA ASP C 297 -74.39 -39.00 33.52
C ASP C 297 -74.09 -37.51 33.51
N TYR C 298 -74.17 -36.83 34.66
CA TYR C 298 -73.85 -35.41 34.76
C TYR C 298 -74.62 -34.61 33.72
N THR C 299 -75.83 -35.08 33.43
CA THR C 299 -76.82 -34.30 32.70
C THR C 299 -77.78 -33.77 33.76
N PHE C 300 -77.61 -32.51 34.13
CA PHE C 300 -78.49 -31.88 35.10
C PHE C 300 -79.63 -31.20 34.35
N ASP C 301 -80.58 -30.67 35.11
CA ASP C 301 -81.66 -29.90 34.47
C ASP C 301 -81.09 -28.76 33.66
N TRP C 302 -80.10 -28.05 34.20
CA TRP C 302 -79.59 -26.88 33.52
C TRP C 302 -78.82 -27.26 32.26
N THR C 303 -78.19 -28.44 32.25
CA THR C 303 -77.49 -28.91 31.05
C THR C 303 -78.45 -29.10 29.88
N MET C 304 -79.69 -29.49 30.18
CA MET C 304 -80.71 -29.61 29.14
C MET C 304 -81.12 -28.26 28.58
N LEU C 305 -81.34 -27.26 29.45
CA LEU C 305 -81.74 -25.95 28.96
C LEU C 305 -80.68 -25.35 28.04
N LYS C 306 -79.42 -25.72 28.21
CA LYS C 306 -78.36 -25.33 27.30
C LYS C 306 -78.21 -26.32 26.14
N GLN C 307 -79.11 -27.29 26.03
CA GLN C 307 -79.26 -28.12 24.83
C GLN C 307 -80.64 -27.86 24.23
N SER D 26 18.74 15.21 12.50
CA SER D 26 18.37 16.58 12.84
C SER D 26 17.28 16.67 13.91
N TYR D 27 16.17 15.95 13.73
CA TYR D 27 15.06 15.93 14.70
C TYR D 27 14.31 17.26 14.88
N ASN D 28 13.51 17.64 13.89
CA ASN D 28 12.75 18.88 13.92
C ASN D 28 11.26 18.64 14.05
N TYR D 29 10.55 19.68 14.52
CA TYR D 29 9.13 19.65 14.87
C TYR D 29 8.43 20.83 14.18
N VAL D 30 7.63 20.55 13.16
CA VAL D 30 6.97 21.58 12.36
C VAL D 30 5.48 21.59 12.67
N VAL D 31 4.94 22.76 13.00
CA VAL D 31 3.54 22.86 13.42
C VAL D 31 2.89 24.05 12.72
N THR D 32 1.56 23.98 12.55
CA THR D 32 0.81 25.09 11.98
C THR D 32 0.52 26.15 13.05
N ALA D 33 0.68 27.42 12.67
CA ALA D 33 0.45 28.56 13.54
C ALA D 33 -0.71 29.43 13.07
N GLN D 34 -0.98 29.46 11.76
CA GLN D 34 -2.17 30.06 11.21
C GLN D 34 -2.51 29.29 9.93
N LYS D 35 -3.68 28.65 9.90
CA LYS D 35 -4.07 27.79 8.80
C LYS D 35 -4.20 28.58 7.50
N PRO D 36 -4.00 27.95 6.36
CA PRO D 36 -4.06 28.69 5.10
C PRO D 36 -5.35 29.48 4.97
N THR D 37 -5.27 30.63 4.33
CA THR D 37 -6.38 31.54 4.22
C THR D 37 -6.84 31.78 2.79
N ALA D 38 -6.00 31.52 1.79
CA ALA D 38 -6.41 31.79 0.42
C ALA D 38 -7.41 30.73 -0.03
N VAL D 39 -8.32 31.13 -0.91
CA VAL D 39 -9.43 30.29 -1.36
C VAL D 39 -9.15 29.88 -2.80
N ASN D 40 -8.97 28.59 -3.05
CA ASN D 40 -8.68 28.13 -4.40
C ASN D 40 -9.84 27.37 -5.05
N GLY D 41 -11.01 27.32 -4.40
CA GLY D 41 -12.25 26.86 -5.02
C GLY D 41 -13.45 26.97 -4.11
N CYS D 42 -14.65 27.20 -4.66
CA CYS D 42 -15.83 27.28 -3.79
C CYS D 42 -17.08 26.96 -4.59
N VAL D 43 -17.92 26.06 -4.03
CA VAL D 43 -19.08 25.50 -4.70
C VAL D 43 -20.31 25.57 -3.80
N THR D 44 -21.49 25.51 -4.44
CA THR D 44 -22.80 25.53 -3.78
C THR D 44 -23.59 24.28 -4.11
N GLY D 45 -24.44 23.85 -3.17
CA GLY D 45 -25.20 22.63 -3.33
C GLY D 45 -25.73 22.13 -2.00
N HIS D 46 -26.19 20.88 -2.02
CA HIS D 46 -26.99 20.33 -0.92
C HIS D 46 -26.29 19.09 -0.37
N PHE D 47 -25.36 19.34 0.55
CA PHE D 47 -24.38 18.37 1.00
C PHE D 47 -24.72 17.80 2.37
N THR D 48 -25.18 18.64 3.28
CA THR D 48 -25.53 18.28 4.65
C THR D 48 -26.99 17.82 4.77
N SER D 49 -27.93 18.56 4.17
CA SER D 49 -29.32 18.16 4.12
C SER D 49 -29.89 18.52 2.76
N ALA D 50 -30.79 17.69 2.27
CA ALA D 50 -31.41 17.97 0.99
C ALA D 50 -32.16 19.29 1.00
N GLU D 51 -32.53 19.79 2.18
CA GLU D 51 -33.22 21.06 2.31
C GLU D 51 -32.28 22.25 2.46
N ASP D 52 -31.10 22.05 3.04
CA ASP D 52 -30.13 23.13 3.29
C ASP D 52 -29.49 23.62 2.00
N LEU D 53 -29.11 24.90 1.97
CA LEU D 53 -28.20 25.44 0.96
C LEU D 53 -26.82 25.69 1.57
N ASN D 54 -25.77 25.14 0.92
CA ASN D 54 -24.42 25.06 1.47
C ASN D 54 -23.42 25.86 0.65
N LEU D 55 -22.38 26.35 1.33
CA LEU D 55 -21.20 26.93 0.70
C LEU D 55 -20.00 26.08 1.09
N LEU D 56 -19.39 25.42 0.12
CA LEU D 56 -18.23 24.61 0.37
C LEU D 56 -17.01 25.35 -0.19
N ILE D 57 -16.03 25.61 0.67
CA ILE D 57 -14.89 26.44 0.34
C ILE D 57 -13.64 25.60 0.59
N ALA D 58 -12.80 25.46 -0.44
CA ALA D 58 -11.54 24.71 -0.34
C ALA D 58 -10.38 25.66 -0.07
N LYS D 59 -9.69 25.45 1.05
CA LYS D 59 -8.49 26.20 1.38
C LYS D 59 -7.34 25.21 1.42
N ASN D 60 -6.79 24.93 0.23
CA ASN D 60 -5.71 23.95 0.06
C ASN D 60 -6.10 22.60 0.68
N THR D 61 -5.50 22.27 1.82
CA THR D 61 -5.81 21.07 2.56
C THR D 61 -7.14 21.12 3.33
N ARG D 62 -7.72 22.30 3.51
CA ARG D 62 -8.92 22.49 4.31
C ARG D 62 -10.19 22.43 3.45
N LEU D 63 -11.30 22.09 4.10
CA LEU D 63 -12.62 22.11 3.46
C LEU D 63 -13.61 22.74 4.43
N GLU D 64 -14.16 23.88 4.04
CA GLU D 64 -15.07 24.64 4.89
C GLU D 64 -16.51 24.47 4.41
N ILE D 65 -17.38 24.00 5.31
CA ILE D 65 -18.79 23.78 5.02
C ILE D 65 -19.61 24.87 5.71
N TYR D 66 -20.43 25.56 4.93
CA TYR D 66 -21.27 26.60 5.46
C TYR D 66 -22.72 26.27 5.10
N VAL D 67 -23.65 26.78 5.93
CA VAL D 67 -25.06 26.81 5.59
C VAL D 67 -25.40 28.25 5.21
N VAL D 68 -26.06 28.42 4.07
CA VAL D 68 -26.47 29.74 3.63
C VAL D 68 -27.72 30.14 4.40
N THR D 69 -27.57 31.08 5.35
CA THR D 69 -28.70 31.63 6.06
C THR D 69 -29.03 33.00 5.49
N ALA D 70 -30.17 33.53 5.93
CA ALA D 70 -30.69 34.78 5.40
C ALA D 70 -29.76 35.94 5.71
N GLU D 71 -29.07 35.89 6.85
CA GLU D 71 -28.14 36.94 7.22
C GLU D 71 -26.77 36.75 6.56
N GLY D 72 -26.30 35.52 6.48
CA GLY D 72 -24.91 35.29 6.20
C GLY D 72 -24.58 33.83 6.01
N LEU D 73 -23.53 33.37 6.67
CA LEU D 73 -22.98 32.03 6.46
C LEU D 73 -22.83 31.34 7.81
N ARG D 74 -23.47 30.20 7.97
CA ARG D 74 -23.42 29.53 9.26
C ARG D 74 -22.33 28.46 9.24
N PRO D 75 -21.21 28.66 9.94
CA PRO D 75 -20.12 27.66 9.95
C PRO D 75 -20.57 26.34 10.56
N VAL D 76 -20.55 25.29 9.73
CA VAL D 76 -21.12 24.00 10.10
C VAL D 76 -20.05 22.96 10.42
N LYS D 77 -19.20 22.65 9.45
CA LYS D 77 -18.16 21.66 9.69
C LYS D 77 -16.91 22.05 8.92
N GLU D 78 -15.75 21.85 9.56
CA GLU D 78 -14.45 22.09 8.97
C GLU D 78 -13.66 20.79 9.07
N VAL D 79 -13.23 20.25 7.94
CA VAL D 79 -12.42 19.04 7.95
C VAL D 79 -11.04 19.34 7.40
N GLY D 80 -10.09 18.50 7.80
CA GLY D 80 -8.73 18.55 7.29
C GLY D 80 -8.52 17.33 6.40
N MET D 81 -7.90 17.58 5.25
CA MET D 81 -7.51 16.51 4.35
C MET D 81 -5.99 16.39 4.26
N TYR D 82 -5.55 15.15 4.04
CA TYR D 82 -4.16 14.88 3.70
C TYR D 82 -3.93 15.00 2.19
N GLY D 83 -4.39 16.10 1.62
CA GLY D 83 -4.23 16.37 0.20
C GLY D 83 -4.42 17.84 -0.08
N LYS D 84 -3.87 18.26 -1.21
CA LYS D 84 -4.12 19.60 -1.75
C LYS D 84 -5.31 19.47 -2.69
N ILE D 85 -6.46 20.03 -2.29
CA ILE D 85 -7.66 19.80 -3.07
C ILE D 85 -7.45 20.37 -4.46
N ALA D 86 -7.51 19.52 -5.45
CA ALA D 86 -7.39 19.92 -6.86
C ALA D 86 -8.72 19.97 -7.58
N VAL D 87 -9.63 19.09 -7.24
CA VAL D 87 -11.01 19.14 -7.73
C VAL D 87 -11.93 19.00 -6.54
N MET D 88 -12.97 19.83 -6.51
CA MET D 88 -13.98 19.78 -5.47
C MET D 88 -15.30 20.11 -6.14
N GLU D 89 -16.11 19.08 -6.39
CA GLU D 89 -17.43 19.19 -7.03
C GLU D 89 -18.46 18.34 -6.30
N LEU D 90 -19.70 18.85 -6.22
CA LEU D 90 -20.87 18.19 -5.65
C LEU D 90 -21.71 17.57 -6.74
N PHE D 91 -22.35 16.45 -6.42
CA PHE D 91 -23.11 15.68 -7.40
C PHE D 91 -24.04 14.72 -6.68
N ARG D 92 -25.25 14.56 -7.22
CA ARG D 92 -26.27 13.71 -6.62
C ARG D 92 -26.71 12.61 -7.59
N PRO D 93 -26.21 11.38 -7.45
CA PRO D 93 -26.65 10.29 -8.34
C PRO D 93 -28.12 9.95 -8.10
N LYS D 94 -28.66 9.10 -8.98
CA LYS D 94 -30.00 8.59 -8.74
C LYS D 94 -30.02 7.74 -7.47
N GLY D 95 -31.06 7.89 -6.66
CA GLY D 95 -31.25 7.09 -5.46
C GLY D 95 -30.75 7.74 -4.19
N GLU D 96 -29.93 8.79 -4.29
CA GLU D 96 -29.47 9.56 -3.14
C GLU D 96 -30.45 10.69 -2.78
N SER D 97 -30.62 10.89 -1.48
CA SER D 97 -31.46 12.00 -1.03
C SER D 97 -30.76 13.34 -1.22
N LYS D 98 -29.45 13.41 -0.97
CA LYS D 98 -28.69 14.66 -0.96
C LYS D 98 -27.37 14.49 -1.69
N ASP D 99 -26.66 15.61 -1.91
CA ASP D 99 -25.46 15.61 -2.73
C ASP D 99 -24.31 14.91 -2.02
N LEU D 100 -23.50 14.23 -2.81
CA LEU D 100 -22.19 13.74 -2.42
C LEU D 100 -21.10 14.67 -2.98
N LEU D 101 -19.93 14.67 -2.33
CA LEU D 101 -18.79 15.49 -2.76
C LEU D 101 -17.71 14.62 -3.39
N PHE D 102 -17.27 14.98 -4.60
CA PHE D 102 -16.10 14.36 -5.20
C PHE D 102 -14.87 15.26 -4.99
N ILE D 103 -13.79 14.67 -4.50
CA ILE D 103 -12.54 15.40 -4.30
C ILE D 103 -11.42 14.65 -5.01
N LEU D 104 -10.52 15.40 -5.64
CA LEU D 104 -9.32 14.83 -6.23
C LEU D 104 -8.11 15.62 -5.72
N THR D 105 -7.22 14.98 -4.97
CA THR D 105 -6.10 15.75 -4.48
C THR D 105 -5.04 15.90 -5.56
N ALA D 106 -4.13 16.84 -5.33
CA ALA D 106 -3.04 17.09 -6.27
C ALA D 106 -2.18 15.85 -6.45
N LYS D 107 -2.01 15.07 -5.40
CA LYS D 107 -1.23 13.84 -5.47
C LYS D 107 -2.01 12.71 -6.10
N TYR D 108 -3.21 13.01 -6.62
CA TYR D 108 -4.07 12.12 -7.38
C TYR D 108 -4.88 11.14 -6.53
N ASN D 109 -5.19 11.53 -5.30
CA ASN D 109 -6.16 10.79 -4.53
C ASN D 109 -7.56 11.25 -4.90
N ALA D 110 -8.39 10.32 -5.35
CA ALA D 110 -9.78 10.58 -5.68
C ALA D 110 -10.67 9.95 -4.62
N CYS D 111 -11.77 10.62 -4.28
CA CYS D 111 -12.72 10.02 -3.33
C CYS D 111 -14.05 10.76 -3.39
N ILE D 112 -15.08 10.05 -2.90
CA ILE D 112 -16.45 10.53 -2.84
C ILE D 112 -16.89 10.47 -1.38
N LEU D 113 -17.59 11.51 -0.91
CA LEU D 113 -17.89 11.66 0.50
C LEU D 113 -19.30 12.17 0.72
N GLU D 114 -19.81 11.91 1.92
CA GLU D 114 -21.21 12.16 2.29
C GLU D 114 -21.27 12.76 3.69
N TYR D 115 -22.30 13.57 3.92
CA TYR D 115 -22.54 14.12 5.25
C TYR D 115 -23.48 13.20 6.02
N LYS D 116 -23.01 12.70 7.16
CA LYS D 116 -23.86 11.97 8.10
C LYS D 116 -23.91 12.77 9.40
N GLN D 117 -25.12 13.20 9.80
CA GLN D 117 -25.30 13.95 11.04
C GLN D 117 -26.47 13.34 11.78
N SER D 118 -26.19 12.76 12.95
CA SER D 118 -27.20 12.24 13.85
C SER D 118 -27.03 12.98 15.16
N GLY D 119 -27.95 13.88 15.45
CA GLY D 119 -27.86 14.64 16.69
C GLY D 119 -26.63 15.54 16.66
N GLU D 120 -25.76 15.37 17.65
CA GLU D 120 -24.65 16.28 17.89
C GLU D 120 -23.34 15.81 17.26
N SER D 121 -23.33 14.67 16.58
CA SER D 121 -22.12 14.11 15.99
C SER D 121 -22.22 14.11 14.47
N ILE D 122 -21.22 14.72 13.82
CA ILE D 122 -21.17 14.90 12.37
C ILE D 122 -19.88 14.28 11.86
N ASP D 123 -19.99 13.46 10.81
CA ASP D 123 -18.87 12.77 10.17
C ASP D 123 -19.02 12.81 8.64
N ILE D 124 -17.87 12.84 7.94
CA ILE D 124 -17.83 12.79 6.47
C ILE D 124 -17.41 11.37 6.06
N ILE D 125 -18.37 10.65 5.46
CA ILE D 125 -18.25 9.23 5.15
C ILE D 125 -17.83 9.04 3.70
N THR D 126 -16.93 8.08 3.45
CA THR D 126 -16.29 7.88 2.13
C THR D 126 -16.93 6.71 1.39
N ARG D 127 -17.79 7.03 0.41
CA ARG D 127 -18.40 5.98 -0.40
C ARG D 127 -17.37 5.27 -1.27
N ALA D 128 -16.31 5.97 -1.65
CA ALA D 128 -15.39 5.40 -2.61
C ALA D 128 -14.10 6.19 -2.55
N HIS D 129 -12.99 5.54 -2.89
CA HIS D 129 -11.70 6.20 -2.88
C HIS D 129 -10.67 5.40 -3.67
N GLY D 130 -9.78 6.11 -4.34
CA GLY D 130 -8.71 5.46 -5.06
C GLY D 130 -7.78 6.49 -5.67
N ASN D 131 -6.61 6.03 -6.08
CA ASN D 131 -5.55 6.89 -6.62
C ASN D 131 -5.48 6.76 -8.13
N VAL D 132 -5.79 7.84 -8.84
CA VAL D 132 -6.02 7.76 -10.27
C VAL D 132 -4.76 8.07 -11.09
N GLN D 133 -3.60 8.17 -10.44
CA GLN D 133 -2.38 8.56 -11.15
C GLN D 133 -1.98 7.53 -12.20
N ASP D 134 -1.45 8.00 -13.32
CA ASP D 134 -0.94 7.12 -14.37
C ASP D 134 0.57 7.02 -14.28
N ARG D 135 1.12 5.79 -14.41
CA ARG D 135 2.56 5.60 -14.26
C ARG D 135 3.33 6.22 -15.42
N ILE D 136 2.66 6.50 -16.54
CA ILE D 136 3.20 7.28 -17.65
C ILE D 136 2.21 8.38 -17.99
N GLY D 137 2.71 9.61 -18.10
CA GLY D 137 1.88 10.74 -18.48
C GLY D 137 2.53 12.08 -18.22
N ARG D 138 2.39 13.02 -19.15
CA ARG D 138 2.89 14.38 -18.99
C ARG D 138 1.82 15.21 -18.31
N PRO D 139 2.03 15.67 -17.08
CA PRO D 139 1.02 16.52 -16.43
C PRO D 139 0.67 17.70 -17.34
N SER D 140 -0.62 17.87 -17.54
CA SER D 140 -1.16 18.79 -18.54
C SER D 140 -0.86 20.26 -18.18
N GLU D 141 -0.71 21.10 -19.23
CA GLU D 141 -0.30 22.50 -19.04
C GLU D 141 -1.37 23.33 -18.35
N THR D 142 -2.64 23.11 -18.69
CA THR D 142 -3.79 23.80 -18.10
C THR D 142 -4.21 23.19 -16.74
N GLY D 143 -3.34 22.41 -16.09
CA GLY D 143 -3.66 21.86 -14.80
C GLY D 143 -4.62 20.68 -14.85
N ILE D 144 -5.03 20.26 -13.65
CA ILE D 144 -5.99 19.17 -13.54
C ILE D 144 -7.40 19.72 -13.76
N ILE D 145 -8.16 19.07 -14.64
CA ILE D 145 -9.55 19.41 -14.88
C ILE D 145 -10.41 18.24 -14.46
N GLY D 146 -11.40 18.50 -13.59
CA GLY D 146 -12.40 17.52 -13.22
C GLY D 146 -13.80 17.97 -13.59
N ILE D 147 -14.52 17.19 -14.39
CA ILE D 147 -15.86 17.51 -14.86
C ILE D 147 -16.76 16.29 -14.72
N ILE D 148 -17.97 16.50 -14.20
CA ILE D 148 -18.92 15.43 -13.95
C ILE D 148 -20.10 15.59 -14.92
N ASP D 149 -20.46 14.50 -15.56
CA ASP D 149 -21.62 14.43 -16.42
C ASP D 149 -22.85 14.95 -15.69
N PRO D 150 -23.69 15.76 -16.33
CA PRO D 150 -24.87 16.32 -15.64
C PRO D 150 -25.88 15.27 -15.17
N GLU D 151 -25.91 14.12 -15.83
CA GLU D 151 -26.73 12.99 -15.41
C GLU D 151 -26.01 12.09 -14.42
N CYS D 152 -24.93 12.58 -13.81
CA CYS D 152 -24.13 11.84 -12.82
C CYS D 152 -23.67 10.48 -13.35
N ARG D 153 -23.48 10.37 -14.68
CA ARG D 153 -23.17 9.07 -15.26
C ARG D 153 -21.68 8.80 -15.32
N MET D 154 -20.85 9.80 -15.07
CA MET D 154 -19.41 9.60 -15.13
C MET D 154 -18.70 10.84 -14.62
N ILE D 155 -17.53 10.61 -14.05
CA ILE D 155 -16.57 11.68 -13.76
C ILE D 155 -15.54 11.66 -14.88
N GLY D 156 -15.26 12.83 -15.43
CA GLY D 156 -14.19 13.00 -16.40
C GLY D 156 -13.03 13.75 -15.77
N LEU D 157 -11.83 13.24 -16.00
CA LEU D 157 -10.62 13.90 -15.54
C LEU D 157 -9.72 14.17 -16.75
N ARG D 158 -9.01 15.30 -16.71
CA ARG D 158 -8.01 15.66 -17.71
C ARG D 158 -6.74 15.85 -16.90
N LEU D 159 -5.95 14.79 -16.79
CA LEU D 159 -4.75 14.87 -15.99
C LEU D 159 -3.50 15.06 -16.85
N TYR D 160 -3.42 14.35 -17.97
CA TYR D 160 -2.23 14.32 -18.80
C TYR D 160 -2.63 14.67 -20.22
N ASP D 161 -1.66 15.11 -21.00
CA ASP D 161 -1.94 15.44 -22.39
C ASP D 161 -2.31 14.18 -23.16
N GLY D 162 -3.25 14.32 -24.11
CA GLY D 162 -3.52 13.28 -25.08
C GLY D 162 -4.55 12.23 -24.68
N LEU D 163 -5.03 12.22 -23.43
CA LEU D 163 -6.01 11.25 -22.98
C LEU D 163 -7.07 11.89 -22.09
N PHE D 164 -8.29 11.33 -22.18
CA PHE D 164 -9.40 11.66 -21.30
C PHE D 164 -9.71 10.43 -20.48
N LYS D 165 -9.82 10.60 -19.16
CA LYS D 165 -10.03 9.50 -18.23
C LYS D 165 -11.46 9.51 -17.68
N VAL D 166 -12.18 8.41 -17.85
CA VAL D 166 -13.57 8.31 -17.44
C VAL D 166 -13.66 7.38 -16.25
N ILE D 167 -14.26 7.88 -15.18
CA ILE D 167 -14.59 7.10 -14.00
C ILE D 167 -16.13 6.87 -14.02
N PRO D 168 -16.57 5.64 -14.19
CA PRO D 168 -18.03 5.38 -14.26
C PRO D 168 -18.66 5.42 -12.92
N LEU D 169 -19.52 6.39 -12.69
CA LEU D 169 -20.05 6.68 -11.36
C LEU D 169 -21.09 5.60 -11.02
N ASP D 170 -20.70 4.62 -10.22
CA ASP D 170 -21.55 3.50 -9.84
C ASP D 170 -21.47 3.30 -8.33
N ARG D 171 -22.47 2.58 -7.77
CA ARG D 171 -22.39 2.17 -6.38
C ARG D 171 -21.45 0.98 -6.18
N ASP D 172 -20.90 0.42 -7.27
CA ASP D 172 -20.05 -0.75 -7.24
C ASP D 172 -18.57 -0.44 -7.41
N ASN D 173 -18.18 0.84 -7.41
CA ASN D 173 -16.79 1.23 -7.63
C ASN D 173 -16.33 2.04 -6.42
N LYS D 174 -15.99 1.36 -5.33
CA LYS D 174 -15.32 2.07 -4.25
C LYS D 174 -13.86 2.26 -4.58
N GLU D 175 -13.29 1.37 -5.39
CA GLU D 175 -11.98 1.55 -5.97
C GLU D 175 -11.93 2.71 -6.96
N LEU D 176 -13.10 3.21 -7.41
CA LEU D 176 -13.18 4.31 -8.36
C LEU D 176 -12.37 4.04 -9.61
N LYS D 177 -12.46 2.81 -10.12
CA LYS D 177 -11.66 2.43 -11.27
C LYS D 177 -12.01 3.27 -12.49
N ALA D 178 -11.07 3.34 -13.42
CA ALA D 178 -11.20 4.26 -14.53
C ALA D 178 -10.36 3.79 -15.69
N PHE D 179 -10.77 4.20 -16.88
CA PHE D 179 -10.06 3.90 -18.12
C PHE D 179 -9.75 5.18 -18.85
N ASN D 180 -8.65 5.18 -19.58
CA ASN D 180 -8.32 6.36 -20.37
C ASN D 180 -8.88 6.19 -21.78
N ILE D 181 -9.30 7.30 -22.38
CA ILE D 181 -9.57 7.36 -23.82
C ILE D 181 -8.49 8.21 -24.48
N ARG D 182 -7.94 7.72 -25.58
CA ARG D 182 -6.96 8.53 -26.30
C ARG D 182 -7.65 9.75 -26.93
N LEU D 183 -6.97 10.91 -26.86
CA LEU D 183 -7.50 12.19 -27.30
C LEU D 183 -6.52 12.84 -28.27
N GLU D 184 -6.91 12.92 -29.55
CA GLU D 184 -5.96 13.35 -30.58
C GLU D 184 -5.52 14.79 -30.40
N GLU D 185 -6.41 15.64 -29.86
CA GLU D 185 -6.10 17.03 -29.57
C GLU D 185 -5.16 17.11 -28.37
N LEU D 186 -3.90 17.42 -28.63
CA LEU D 186 -2.86 17.27 -27.60
C LEU D 186 -2.88 18.40 -26.59
N HIS D 187 -3.34 19.57 -26.99
CA HIS D 187 -3.30 20.77 -26.14
C HIS D 187 -4.74 21.22 -25.92
N VAL D 188 -5.36 20.63 -24.90
CA VAL D 188 -6.73 20.93 -24.56
C VAL D 188 -6.70 22.03 -23.52
N ILE D 189 -7.46 23.09 -23.76
CA ILE D 189 -7.45 24.26 -22.87
C ILE D 189 -8.56 24.19 -21.83
N ASP D 190 -9.79 23.91 -22.26
CA ASP D 190 -10.91 23.86 -21.34
C ASP D 190 -11.93 22.86 -21.85
N VAL D 191 -12.65 22.24 -20.92
CA VAL D 191 -13.65 21.23 -21.27
C VAL D 191 -14.79 21.27 -20.25
N LYS D 192 -16.00 21.05 -20.74
CA LYS D 192 -17.19 20.96 -19.91
C LYS D 192 -18.04 19.82 -20.46
N PHE D 193 -18.92 19.27 -19.63
CA PHE D 193 -19.97 18.37 -20.10
C PHE D 193 -21.17 19.21 -20.53
N LEU D 194 -21.74 18.88 -21.68
CA LEU D 194 -22.87 19.64 -22.21
C LEU D 194 -24.19 19.21 -21.58
N TYR D 195 -25.13 20.16 -21.51
CA TYR D 195 -26.47 19.83 -21.09
C TYR D 195 -27.30 19.48 -22.31
N GLY D 196 -28.39 18.75 -22.05
CA GLY D 196 -29.33 18.41 -23.12
C GLY D 196 -28.77 17.53 -24.22
N CYS D 197 -27.92 16.57 -23.87
CA CYS D 197 -27.39 15.64 -24.85
C CYS D 197 -27.78 14.22 -24.49
N GLN D 198 -28.22 13.46 -25.50
CA GLN D 198 -28.65 12.08 -25.27
C GLN D 198 -27.48 11.19 -24.87
N ALA D 199 -26.28 11.55 -25.27
CA ALA D 199 -25.14 10.80 -24.78
C ALA D 199 -24.22 11.75 -24.03
N PRO D 200 -23.46 11.23 -23.04
CA PRO D 200 -22.47 12.09 -22.38
C PRO D 200 -21.62 12.81 -23.42
N THR D 201 -21.70 14.14 -23.47
CA THR D 201 -21.01 14.93 -24.48
C THR D 201 -20.09 15.94 -23.81
N ILE D 202 -18.79 15.82 -24.09
CA ILE D 202 -17.82 16.82 -23.67
C ILE D 202 -17.61 17.78 -24.81
N CYS D 203 -17.37 19.04 -24.44
CA CYS D 203 -17.07 20.13 -25.36
C CYS D 203 -15.77 20.78 -24.88
N PHE D 204 -14.83 21.00 -25.78
CA PHE D 204 -13.52 21.47 -25.35
C PHE D 204 -12.90 22.41 -26.39
N VAL D 205 -12.06 23.32 -25.90
CA VAL D 205 -11.30 24.25 -26.73
C VAL D 205 -9.86 23.79 -26.74
N TYR D 206 -9.29 23.67 -27.93
CA TYR D 206 -7.99 23.03 -28.06
C TYR D 206 -7.09 23.88 -28.94
N GLN D 207 -5.79 23.59 -28.90
CA GLN D 207 -4.76 24.41 -29.52
C GLN D 207 -4.05 23.60 -30.60
N ASP D 208 -4.13 24.08 -31.83
CA ASP D 208 -3.55 23.55 -33.05
C ASP D 208 -2.69 24.64 -33.65
N PRO D 209 -1.73 24.31 -34.53
CA PRO D 209 -0.93 25.38 -35.16
C PRO D 209 -1.78 26.44 -35.85
N GLN D 210 -2.91 26.07 -36.44
CA GLN D 210 -3.76 27.02 -37.17
C GLN D 210 -4.58 27.91 -36.24
N GLY D 211 -4.98 27.40 -35.08
CA GLY D 211 -5.70 28.22 -34.14
C GLY D 211 -6.31 27.38 -33.05
N ARG D 212 -6.89 28.10 -32.08
CA ARG D 212 -7.71 27.47 -31.06
C ARG D 212 -9.05 27.14 -31.66
N HIS D 213 -9.52 25.92 -31.44
CA HIS D 213 -10.75 25.46 -32.03
C HIS D 213 -11.63 24.85 -30.96
N VAL D 214 -12.92 24.76 -31.30
CA VAL D 214 -13.95 24.15 -30.46
C VAL D 214 -14.28 22.77 -31.03
N LYS D 215 -14.46 21.80 -30.15
CA LYS D 215 -14.72 20.44 -30.59
C LYS D 215 -15.68 19.78 -29.60
N THR D 216 -16.26 18.66 -30.02
CA THR D 216 -17.20 17.92 -29.21
C THR D 216 -16.96 16.43 -29.41
N TYR D 217 -17.30 15.67 -28.39
CA TYR D 217 -17.14 14.22 -28.44
C TYR D 217 -18.27 13.60 -27.64
N GLU D 218 -18.74 12.45 -28.09
CA GLU D 218 -19.57 11.63 -27.23
C GLU D 218 -18.69 10.62 -26.51
N VAL D 219 -19.10 10.25 -25.29
CA VAL D 219 -18.34 9.33 -24.44
C VAL D 219 -19.18 8.09 -24.21
N SER D 220 -18.73 6.95 -24.75
CA SER D 220 -19.44 5.68 -24.59
C SER D 220 -18.81 4.93 -23.42
N LEU D 221 -19.62 4.65 -22.39
CA LEU D 221 -19.15 3.78 -21.32
C LEU D 221 -19.14 2.33 -21.74
N ARG D 222 -20.09 1.94 -22.58
CA ARG D 222 -20.10 0.59 -23.13
C ARG D 222 -18.85 0.32 -23.92
N GLU D 223 -18.54 1.19 -24.87
CA GLU D 223 -17.38 1.01 -25.73
C GLU D 223 -16.12 1.67 -25.17
N LYS D 224 -16.25 2.46 -24.12
CA LYS D 224 -15.11 3.09 -23.47
C LYS D 224 -14.26 3.85 -24.49
N GLU D 225 -14.92 4.68 -25.29
CA GLU D 225 -14.23 5.44 -26.34
C GLU D 225 -15.05 6.68 -26.65
N PHE D 226 -14.49 7.52 -27.55
CA PHE D 226 -15.16 8.70 -28.08
C PHE D 226 -15.90 8.37 -29.37
N ASN D 227 -17.05 8.99 -29.55
CA ASN D 227 -17.79 8.95 -30.81
C ASN D 227 -17.89 10.37 -31.37
N LYS D 228 -18.44 10.45 -32.59
CA LYS D 228 -18.66 11.76 -33.21
C LYS D 228 -19.57 12.59 -32.33
N GLY D 229 -19.16 13.84 -32.09
CA GLY D 229 -19.89 14.74 -31.22
C GLY D 229 -21.06 15.42 -31.89
N PRO D 230 -21.99 15.93 -31.08
CA PRO D 230 -23.26 16.44 -31.62
C PRO D 230 -23.13 17.57 -32.65
N TRP D 231 -22.05 18.32 -32.66
CA TRP D 231 -21.93 19.35 -33.69
C TRP D 231 -20.49 19.52 -34.14
N LYS D 232 -20.34 20.13 -35.32
CA LYS D 232 -19.07 20.20 -36.02
C LYS D 232 -18.05 21.06 -35.27
N GLN D 233 -16.77 20.77 -35.50
CA GLN D 233 -15.69 21.62 -35.02
C GLN D 233 -15.87 23.02 -35.60
N GLU D 234 -15.79 24.02 -34.74
CA GLU D 234 -15.89 25.42 -35.14
C GLU D 234 -14.62 26.16 -34.76
N ASN D 235 -14.16 27.03 -35.66
CA ASN D 235 -12.90 27.73 -35.45
C ASN D 235 -13.11 28.98 -34.59
N VAL D 236 -12.48 29.01 -33.42
CA VAL D 236 -12.76 30.07 -32.45
C VAL D 236 -11.56 30.98 -32.25
N GLU D 237 -11.76 31.98 -31.38
CA GLU D 237 -10.82 33.08 -31.19
C GLU D 237 -9.46 32.58 -30.71
N ALA D 238 -8.43 33.36 -31.02
CA ALA D 238 -7.05 33.00 -30.72
C ALA D 238 -6.72 33.07 -29.24
N GLU D 239 -7.57 33.68 -28.42
CA GLU D 239 -7.33 33.71 -26.99
C GLU D 239 -8.47 33.05 -26.20
N ALA D 240 -9.27 32.23 -26.87
CA ALA D 240 -10.37 31.54 -26.20
C ALA D 240 -9.81 30.70 -25.07
N SER D 241 -10.36 30.88 -23.88
CA SER D 241 -9.77 30.30 -22.69
C SER D 241 -10.74 29.60 -21.74
N MET D 242 -12.04 29.81 -21.88
CA MET D 242 -13.00 29.30 -20.91
C MET D 242 -14.26 28.78 -21.60
N VAL D 243 -14.79 27.65 -21.11
CA VAL D 243 -15.96 26.99 -21.70
C VAL D 243 -17.07 26.85 -20.67
N ILE D 244 -18.30 27.14 -21.07
CA ILE D 244 -19.44 27.12 -20.15
C ILE D 244 -20.57 26.36 -20.81
N ALA D 245 -21.06 25.32 -20.14
CA ALA D 245 -22.19 24.57 -20.66
C ALA D 245 -23.46 25.24 -20.16
N VAL D 246 -24.30 25.66 -21.08
CA VAL D 246 -25.54 26.32 -20.69
C VAL D 246 -26.55 25.21 -20.41
N PRO D 247 -27.32 25.30 -19.30
CA PRO D 247 -28.36 24.28 -19.04
C PRO D 247 -29.53 24.38 -20.00
N GLU D 248 -30.52 23.54 -19.82
CA GLU D 248 -31.75 23.72 -20.58
C GLU D 248 -32.51 24.93 -20.04
N PRO D 249 -33.14 25.73 -20.91
CA PRO D 249 -33.49 25.47 -22.30
C PRO D 249 -32.39 25.68 -23.34
N PHE D 250 -31.27 26.31 -23.00
CA PHE D 250 -30.35 26.75 -24.04
C PHE D 250 -29.55 25.59 -24.61
N GLY D 251 -28.88 24.85 -23.74
CA GLY D 251 -27.96 23.85 -24.22
C GLY D 251 -26.78 24.56 -24.88
N GLY D 252 -25.91 23.73 -25.46
CA GLY D 252 -24.80 24.35 -26.14
C GLY D 252 -23.76 24.91 -25.17
N ALA D 253 -22.98 25.88 -25.66
CA ALA D 253 -21.78 26.28 -24.95
C ALA D 253 -21.32 27.68 -25.33
N ILE D 254 -20.88 28.42 -24.31
CA ILE D 254 -20.36 29.76 -24.45
C ILE D 254 -18.86 29.68 -24.23
N ILE D 255 -18.09 30.38 -25.08
CA ILE D 255 -16.64 30.42 -24.93
C ILE D 255 -16.22 31.86 -24.70
N ILE D 256 -15.32 32.04 -23.74
CA ILE D 256 -14.86 33.36 -23.32
C ILE D 256 -13.43 33.56 -23.80
N GLY D 257 -13.24 34.56 -24.66
CA GLY D 257 -11.93 34.97 -25.10
C GLY D 257 -11.50 36.29 -24.49
N GLN D 258 -10.36 36.79 -24.97
CA GLN D 258 -9.92 38.10 -24.51
C GLN D 258 -10.74 39.22 -25.14
N GLU D 259 -11.22 39.03 -26.37
CA GLU D 259 -12.06 40.00 -27.06
C GLU D 259 -13.53 39.61 -27.15
N SER D 260 -13.84 38.35 -27.40
CA SER D 260 -15.22 38.01 -27.73
C SER D 260 -15.81 37.05 -26.70
N ILE D 261 -17.13 37.01 -26.70
CA ILE D 261 -17.93 36.00 -26.02
C ILE D 261 -18.80 35.36 -27.08
N THR D 262 -18.68 34.04 -27.26
CA THR D 262 -19.39 33.39 -28.35
C THR D 262 -20.22 32.23 -27.85
N TYR D 263 -21.35 31.98 -28.53
CA TYR D 263 -22.24 30.87 -28.26
C TYR D 263 -22.23 29.89 -29.43
N HIS D 264 -22.18 28.59 -29.13
CA HIS D 264 -22.21 27.55 -30.15
C HIS D 264 -23.24 26.49 -29.78
N ASN D 265 -24.23 26.27 -30.65
CA ASN D 265 -25.09 25.10 -30.48
C ASN D 265 -25.43 24.49 -31.83
N GLY D 266 -24.56 23.61 -32.31
CA GLY D 266 -24.84 22.92 -33.55
C GLY D 266 -24.82 23.82 -34.76
N ASP D 267 -26.00 24.05 -35.33
CA ASP D 267 -26.12 24.99 -36.44
C ASP D 267 -25.96 26.43 -35.96
N LYS D 268 -26.27 26.71 -34.69
CA LYS D 268 -26.32 28.07 -34.17
C LYS D 268 -24.93 28.56 -33.74
N TYR D 269 -24.71 29.87 -33.93
CA TYR D 269 -23.48 30.56 -33.56
C TYR D 269 -23.79 32.03 -33.31
N LEU D 270 -23.27 32.58 -32.21
CA LEU D 270 -23.45 33.98 -31.88
C LEU D 270 -22.17 34.50 -31.23
N ALA D 271 -21.66 35.63 -31.73
CA ALA D 271 -20.42 36.24 -31.24
C ALA D 271 -20.66 37.70 -30.86
N ILE D 272 -20.23 38.08 -29.66
CA ILE D 272 -20.20 39.48 -29.26
C ILE D 272 -18.81 39.78 -28.74
N ALA D 273 -18.39 41.03 -28.95
CA ALA D 273 -17.11 41.54 -28.46
C ALA D 273 -17.37 42.88 -27.83
N PRO D 274 -17.95 42.91 -26.63
CA PRO D 274 -18.15 44.18 -25.95
C PRO D 274 -16.82 44.82 -25.65
N PRO D 275 -16.66 46.12 -25.94
CA PRO D 275 -15.38 46.79 -25.65
C PRO D 275 -15.06 46.82 -24.17
N ILE D 276 -16.07 46.68 -23.31
CA ILE D 276 -15.95 46.77 -21.86
C ILE D 276 -15.15 45.63 -21.22
N ILE D 277 -14.95 44.49 -21.91
CA ILE D 277 -14.16 43.40 -21.36
C ILE D 277 -12.73 43.39 -21.89
N LYS D 278 -12.40 44.23 -22.87
CA LYS D 278 -11.06 44.21 -23.45
C LYS D 278 -9.98 44.57 -22.44
N GLN D 279 -10.36 45.27 -21.35
CA GLN D 279 -9.35 45.85 -20.46
C GLN D 279 -8.63 44.80 -19.62
N SER D 280 -9.28 43.68 -19.31
CA SER D 280 -8.61 42.62 -18.59
C SER D 280 -9.16 41.27 -19.01
N THR D 281 -8.40 40.21 -18.71
CA THR D 281 -8.82 38.87 -19.05
C THR D 281 -9.82 38.34 -18.01
N ILE D 282 -10.92 37.77 -18.50
CA ILE D 282 -11.92 37.13 -17.63
C ILE D 282 -11.41 35.75 -17.25
N VAL D 283 -11.38 35.47 -15.95
CA VAL D 283 -10.70 34.28 -15.45
C VAL D 283 -11.59 33.36 -14.61
N CYS D 284 -12.79 33.79 -14.21
CA CYS D 284 -13.70 32.86 -13.57
C CYS D 284 -15.15 33.29 -13.80
N HIS D 285 -16.05 32.32 -13.77
CA HIS D 285 -17.47 32.53 -14.09
C HIS D 285 -18.32 31.78 -13.07
N ASN D 286 -19.63 32.01 -13.13
CA ASN D 286 -20.59 31.44 -12.21
C ASN D 286 -22.01 31.60 -12.75
N ARG D 287 -22.82 30.54 -12.70
CA ARG D 287 -24.20 30.61 -13.15
C ARG D 287 -25.07 31.24 -12.07
N VAL D 288 -25.92 32.20 -12.47
CA VAL D 288 -26.83 32.84 -11.53
C VAL D 288 -28.13 32.08 -11.39
N ASP D 289 -28.80 31.79 -12.51
CA ASP D 289 -30.12 31.23 -12.77
C ASP D 289 -30.05 29.75 -13.08
N PRO D 290 -30.89 28.91 -12.47
CA PRO D 290 -30.77 27.47 -12.71
C PRO D 290 -30.93 27.12 -14.18
N ASN D 291 -31.67 27.94 -14.93
CA ASN D 291 -31.89 27.76 -16.36
C ASN D 291 -30.85 28.46 -17.21
N GLY D 292 -29.77 28.92 -16.60
CA GLY D 292 -28.64 29.45 -17.34
C GLY D 292 -28.85 30.80 -17.98
N SER D 293 -29.74 31.61 -17.41
CA SER D 293 -30.09 32.85 -18.10
C SER D 293 -29.09 33.97 -17.86
N ARG D 294 -28.50 34.03 -16.64
CA ARG D 294 -27.52 35.05 -16.29
C ARG D 294 -26.28 34.40 -15.67
N TYR D 295 -25.12 35.00 -15.95
CA TYR D 295 -23.83 34.52 -15.47
C TYR D 295 -23.04 35.66 -14.86
N LEU D 296 -22.26 35.34 -13.82
CA LEU D 296 -21.29 36.25 -13.23
C LEU D 296 -19.89 35.98 -13.78
N LEU D 297 -19.21 37.02 -14.25
CA LEU D 297 -17.88 36.91 -14.84
C LEU D 297 -16.89 37.70 -13.99
N GLY D 298 -15.69 37.19 -13.80
CA GLY D 298 -14.69 37.83 -12.95
C GLY D 298 -13.44 38.15 -13.74
N ASP D 299 -12.80 39.28 -13.42
CA ASP D 299 -11.59 39.73 -14.10
C ASP D 299 -10.56 40.15 -13.07
N MET D 300 -9.30 40.24 -13.52
CA MET D 300 -8.18 40.36 -12.60
C MET D 300 -8.06 41.74 -11.96
N GLU D 301 -8.73 42.76 -12.47
CA GLU D 301 -8.78 44.02 -11.76
C GLU D 301 -10.05 44.15 -10.91
N GLY D 302 -10.71 43.02 -10.60
CA GLY D 302 -11.89 43.03 -9.76
C GLY D 302 -13.20 43.37 -10.43
N ARG D 303 -13.19 43.67 -11.73
CA ARG D 303 -14.45 43.91 -12.44
C ARG D 303 -15.37 42.70 -12.28
N LEU D 304 -16.60 42.95 -11.87
CA LEU D 304 -17.68 41.97 -11.80
C LEU D 304 -18.70 42.30 -12.88
N PHE D 305 -18.86 41.41 -13.84
CA PHE D 305 -19.85 41.61 -14.89
C PHE D 305 -21.04 40.66 -14.71
N MET D 306 -22.10 40.94 -15.46
CA MET D 306 -23.18 39.99 -15.71
C MET D 306 -23.17 39.64 -17.21
N LEU D 307 -23.12 38.34 -17.50
CA LEU D 307 -23.48 37.83 -18.81
C LEU D 307 -24.96 37.45 -18.77
N LEU D 308 -25.73 37.95 -19.73
CA LEU D 308 -27.14 37.65 -19.78
C LEU D 308 -27.46 37.11 -21.17
N LEU D 309 -28.24 36.04 -21.20
CA LEU D 309 -28.57 35.30 -22.41
C LEU D 309 -30.06 35.49 -22.67
N GLU D 310 -30.40 36.26 -23.69
CA GLU D 310 -31.79 36.54 -24.01
C GLU D 310 -32.46 35.35 -24.68
N LYS D 311 -33.73 35.10 -24.34
CA LYS D 311 -34.47 33.93 -24.82
C LYS D 311 -35.34 34.36 -26.00
N GLU D 312 -35.13 33.70 -27.15
CA GLU D 312 -36.02 33.85 -28.30
C GLU D 312 -36.76 32.54 -28.51
N GLU D 313 -38.05 32.54 -28.17
CA GLU D 313 -38.89 31.37 -28.42
C GLU D 313 -39.02 31.12 -29.92
N GLN D 314 -38.94 29.86 -30.31
CA GLN D 314 -39.25 29.46 -31.67
C GLN D 314 -40.65 28.87 -31.73
N MET D 315 -41.17 28.80 -32.95
CA MET D 315 -42.50 28.24 -33.19
C MET D 315 -42.56 26.77 -32.82
N ASP D 316 -41.52 26.00 -33.20
CA ASP D 316 -41.35 24.63 -32.76
C ASP D 316 -41.33 24.53 -31.24
N GLY D 317 -40.97 25.59 -30.56
CA GLY D 317 -40.82 25.60 -29.13
C GLY D 317 -39.39 25.56 -28.66
N THR D 318 -38.45 25.26 -29.56
CA THR D 318 -37.04 25.34 -29.21
C THR D 318 -36.73 26.75 -28.73
N VAL D 319 -36.42 26.91 -27.44
CA VAL D 319 -36.10 28.21 -26.88
C VAL D 319 -34.66 28.51 -27.26
N THR D 320 -34.48 29.18 -28.40
CA THR D 320 -33.14 29.48 -28.90
C THR D 320 -32.64 30.81 -28.35
N LEU D 321 -31.31 30.95 -28.38
CA LEU D 321 -30.64 32.13 -27.84
C LEU D 321 -30.82 33.29 -28.82
N LYS D 322 -31.42 34.37 -28.31
CA LYS D 322 -31.62 35.59 -29.10
C LYS D 322 -30.33 36.38 -29.20
N ASP D 323 -29.77 36.79 -28.06
CA ASP D 323 -28.58 37.64 -28.07
C ASP D 323 -27.87 37.57 -26.71
N LEU D 324 -26.59 37.98 -26.72
CA LEU D 324 -25.72 37.96 -25.56
C LEU D 324 -25.38 39.37 -25.11
N ARG D 325 -25.45 39.61 -23.80
CA ARG D 325 -25.23 40.94 -23.22
C ARG D 325 -24.22 40.87 -22.08
N VAL D 326 -23.51 41.99 -21.87
CA VAL D 326 -22.54 42.17 -20.79
C VAL D 326 -22.89 43.44 -20.02
N GLU D 327 -22.87 43.38 -18.68
CA GLU D 327 -23.20 44.53 -17.84
C GLU D 327 -22.21 44.66 -16.69
N LEU D 328 -21.60 45.85 -16.51
CA LEU D 328 -20.61 46.01 -15.45
C LEU D 328 -21.28 46.34 -14.12
N LEU D 329 -21.33 45.35 -13.22
CA LEU D 329 -21.97 45.56 -11.90
C LEU D 329 -21.11 46.39 -10.96
N GLY D 330 -19.81 46.10 -10.88
CA GLY D 330 -18.95 46.83 -9.96
C GLY D 330 -17.62 46.16 -9.76
N GLU D 331 -17.05 46.34 -8.57
CA GLU D 331 -15.73 45.83 -8.23
C GLU D 331 -15.78 44.89 -7.02
N THR D 332 -14.99 43.82 -7.05
CA THR D 332 -14.73 42.98 -5.86
C THR D 332 -13.24 42.64 -5.81
N SER D 333 -12.86 41.80 -4.85
CA SER D 333 -11.51 41.25 -4.79
C SER D 333 -11.15 40.63 -6.14
N ILE D 334 -9.85 40.58 -6.43
CA ILE D 334 -9.47 39.72 -7.53
C ILE D 334 -10.07 38.38 -7.15
N ALA D 335 -11.00 37.89 -7.96
CA ALA D 335 -11.76 36.70 -7.60
C ALA D 335 -11.10 35.47 -8.21
N GLU D 336 -10.84 34.46 -7.36
CA GLU D 336 -10.49 33.15 -7.90
C GLU D 336 -11.73 32.33 -8.22
N CYS D 337 -12.82 32.55 -7.49
CA CYS D 337 -14.02 31.76 -7.67
C CYS D 337 -15.21 32.59 -7.19
N LEU D 338 -16.22 32.68 -8.05
CA LEU D 338 -17.48 33.30 -7.67
C LEU D 338 -18.48 32.22 -7.34
N THR D 339 -19.44 32.56 -6.49
CA THR D 339 -20.50 31.61 -6.19
C THR D 339 -21.71 32.43 -5.72
N TYR D 340 -22.73 32.49 -6.56
CA TYR D 340 -23.93 33.23 -6.25
C TYR D 340 -24.73 32.40 -5.26
N LEU D 341 -24.78 32.86 -4.02
CA LEU D 341 -25.52 32.11 -3.01
C LEU D 341 -27.03 32.22 -3.18
N ASP D 342 -27.56 33.43 -2.99
CA ASP D 342 -29.00 33.58 -3.12
C ASP D 342 -29.42 35.02 -2.90
N ASN D 343 -30.33 35.50 -3.74
CA ASN D 343 -31.00 36.76 -3.46
C ASN D 343 -30.01 37.92 -3.46
N GLY D 344 -29.21 37.99 -4.53
CA GLY D 344 -28.26 39.07 -4.73
C GLY D 344 -27.01 39.03 -3.87
N VAL D 345 -26.90 38.06 -2.96
CA VAL D 345 -25.70 37.88 -2.15
C VAL D 345 -24.75 36.88 -2.84
N VAL D 346 -23.52 37.33 -3.08
CA VAL D 346 -22.48 36.63 -3.82
C VAL D 346 -21.28 36.47 -2.92
N PHE D 347 -20.58 35.36 -3.07
CA PHE D 347 -19.35 35.09 -2.33
C PHE D 347 -18.18 35.19 -3.29
N VAL D 348 -17.16 35.94 -2.87
CA VAL D 348 -15.98 36.19 -3.69
C VAL D 348 -14.83 35.41 -3.08
N GLY D 349 -14.40 34.36 -3.77
CA GLY D 349 -13.28 33.57 -3.30
C GLY D 349 -11.95 34.01 -3.87
N SER D 350 -11.06 34.46 -3.02
CA SER D 350 -9.90 35.23 -3.44
C SER D 350 -8.62 34.55 -2.98
N ARG D 351 -7.63 34.51 -3.89
CA ARG D 351 -6.27 34.06 -3.62
C ARG D 351 -5.40 35.24 -3.20
N LEU D 352 -5.40 36.28 -4.02
CA LEU D 352 -4.48 37.40 -3.81
C LEU D 352 -4.91 38.29 -2.66
N GLY D 353 -6.19 38.29 -2.30
CA GLY D 353 -6.64 39.20 -1.28
C GLY D 353 -7.82 38.70 -0.48
N ASP D 354 -8.54 39.63 0.16
CA ASP D 354 -9.59 39.31 1.12
C ASP D 354 -10.85 38.79 0.45
N SER D 355 -11.40 37.71 0.98
CA SER D 355 -12.63 37.15 0.43
C SER D 355 -13.84 37.92 0.93
N GLN D 356 -14.90 37.88 0.13
CA GLN D 356 -15.98 38.82 0.28
C GLN D 356 -17.33 38.13 0.23
N LEU D 357 -18.29 38.74 0.95
CA LEU D 357 -19.72 38.63 0.69
C LEU D 357 -20.22 40.01 0.27
N VAL D 358 -20.75 40.12 -0.95
CA VAL D 358 -21.25 41.38 -1.49
C VAL D 358 -22.72 41.24 -1.86
N LYS D 359 -23.46 42.33 -1.76
CA LYS D 359 -24.84 42.36 -2.21
C LYS D 359 -24.89 43.09 -3.55
N LEU D 360 -25.56 42.48 -4.50
CA LEU D 360 -25.77 43.11 -5.78
C LEU D 360 -27.04 43.96 -5.74
N ASN D 361 -26.94 45.17 -6.32
CA ASN D 361 -28.09 46.05 -6.52
C ASN D 361 -28.22 46.44 -7.99
N SER D 369 -26.02 46.95 -10.80
CA SER D 369 -25.52 48.27 -11.23
C SER D 369 -24.64 48.93 -10.17
N TYR D 370 -24.83 48.57 -8.89
CA TYR D 370 -23.94 48.97 -7.80
C TYR D 370 -23.64 47.72 -6.98
N VAL D 371 -22.40 47.61 -6.50
CA VAL D 371 -21.93 46.41 -5.79
C VAL D 371 -21.43 46.83 -4.41
N VAL D 372 -22.10 46.35 -3.36
CA VAL D 372 -21.79 46.72 -1.98
C VAL D 372 -21.48 45.45 -1.20
N ALA D 373 -20.49 45.53 -0.32
CA ALA D 373 -19.85 44.36 0.27
C ALA D 373 -20.27 44.17 1.72
N MET D 374 -21.03 43.13 1.99
CA MET D 374 -21.58 42.96 3.32
C MET D 374 -20.59 42.37 4.32
N GLU D 375 -19.66 41.56 3.85
CA GLU D 375 -18.77 40.91 4.80
C GLU D 375 -17.44 40.59 4.13
N THR D 376 -16.36 40.70 4.88
CA THR D 376 -15.02 40.50 4.38
C THR D 376 -14.30 39.54 5.31
N PHE D 377 -13.57 38.59 4.70
CA PHE D 377 -12.87 37.53 5.41
C PHE D 377 -11.39 37.65 5.17
N THR D 378 -10.61 37.58 6.24
CA THR D 378 -9.18 37.80 6.17
C THR D 378 -8.49 36.72 5.33
N ASN D 379 -7.53 37.16 4.53
CA ASN D 379 -6.72 36.29 3.68
C ASN D 379 -5.30 36.86 3.72
N LEU D 380 -4.41 36.17 4.41
CA LEU D 380 -3.03 36.65 4.51
C LEU D 380 -2.21 36.34 3.25
N GLY D 381 -2.74 35.56 2.34
CA GLY D 381 -1.96 35.05 1.24
C GLY D 381 -2.04 35.89 -0.01
N PRO D 382 -0.98 35.85 -0.83
CA PRO D 382 0.34 35.25 -0.54
C PRO D 382 1.14 36.04 0.50
N ILE D 383 1.93 35.38 1.33
CA ILE D 383 2.93 36.07 2.15
C ILE D 383 4.24 36.07 1.38
N VAL D 384 4.73 37.26 1.01
CA VAL D 384 5.95 37.37 0.21
C VAL D 384 7.14 37.81 1.05
N ASP D 385 6.90 38.48 2.17
CA ASP D 385 7.95 38.67 3.17
C ASP D 385 7.24 38.87 4.48
N MET D 386 8.02 38.83 5.55
CA MET D 386 7.52 39.24 6.85
C MET D 386 8.71 39.56 7.72
N CYS D 387 8.40 39.95 8.96
CA CYS D 387 9.42 40.11 9.99
C CYS D 387 8.72 40.08 11.33
N VAL D 388 9.51 39.91 12.40
CA VAL D 388 8.99 39.85 13.76
C VAL D 388 9.46 41.07 14.51
N VAL D 389 8.62 41.59 15.40
CA VAL D 389 8.87 42.83 16.13
C VAL D 389 8.13 42.83 17.46
N ASP D 390 8.83 43.11 18.56
CA ASP D 390 8.21 43.25 19.89
C ASP D 390 7.59 44.64 20.03
N LEU D 391 6.42 44.84 19.41
CA LEU D 391 5.98 46.19 19.09
C LEU D 391 5.52 46.97 20.33
N GLU D 392 4.66 46.40 21.15
CA GLU D 392 3.91 47.20 22.14
C GLU D 392 4.61 47.22 23.50
N ARG D 393 4.61 46.09 24.18
CA ARG D 393 5.52 45.74 25.26
C ARG D 393 6.38 44.61 24.71
N GLN D 394 7.58 44.46 25.23
CA GLN D 394 8.43 43.44 24.60
C GLN D 394 8.11 42.07 25.21
N GLY D 395 8.85 41.06 24.78
CA GLY D 395 8.73 39.71 25.25
C GLY D 395 7.83 38.83 24.42
N GLN D 396 6.79 39.40 23.82
CA GLN D 396 5.92 38.71 22.87
C GLN D 396 5.99 39.44 21.54
N GLY D 397 6.48 38.76 20.51
CA GLY D 397 6.59 39.39 19.21
C GLY D 397 5.26 39.55 18.49
N GLN D 398 5.27 40.44 17.47
CA GLN D 398 4.20 40.57 16.47
C GLN D 398 4.81 40.35 15.07
N LEU D 399 4.01 39.78 14.16
CA LEU D 399 4.49 39.39 12.85
C LEU D 399 3.80 40.25 11.78
N VAL D 400 4.58 41.10 11.11
CA VAL D 400 4.07 42.03 10.12
C VAL D 400 4.45 41.50 8.75
N THR D 401 3.46 41.30 7.89
CA THR D 401 3.66 40.64 6.62
C THR D 401 3.44 41.58 5.44
N CYS D 402 4.16 41.32 4.36
CA CYS D 402 3.79 41.83 3.04
C CYS D 402 2.88 40.79 2.40
N SER D 403 1.61 41.16 2.14
CA SER D 403 0.60 40.20 1.69
C SER D 403 -0.07 40.68 0.41
N GLY D 404 -0.52 39.74 -0.39
CA GLY D 404 -1.33 40.06 -1.54
C GLY D 404 -0.58 40.56 -2.74
N ALA D 405 -1.34 41.01 -3.70
CA ALA D 405 -0.77 41.37 -5.00
C ALA D 405 -1.67 42.38 -5.69
N PHE D 406 -1.06 43.30 -6.41
CA PHE D 406 -1.81 44.34 -7.13
C PHE D 406 -2.66 45.12 -6.11
N LYS D 407 -3.92 45.47 -6.44
CA LYS D 407 -4.68 46.33 -5.55
C LYS D 407 -4.98 45.66 -4.23
N GLU D 408 -4.85 44.34 -4.16
CA GLU D 408 -5.06 43.58 -2.93
C GLU D 408 -3.84 43.63 -1.99
N GLY D 409 -2.87 44.50 -2.27
CA GLY D 409 -1.63 44.53 -1.48
C GLY D 409 -1.79 45.29 -0.17
N SER D 410 -1.12 44.80 0.86
CA SER D 410 -1.41 45.22 2.21
C SER D 410 -0.23 44.94 3.12
N LEU D 411 -0.28 45.54 4.31
CA LEU D 411 0.46 45.02 5.45
C LEU D 411 -0.53 44.33 6.38
N ARG D 412 -0.07 43.31 7.08
CA ARG D 412 -0.89 42.65 8.09
C ARG D 412 -0.08 42.53 9.36
N ILE D 413 -0.68 42.90 10.49
CA ILE D 413 -0.01 42.82 11.77
C ILE D 413 -0.70 41.76 12.61
N ILE D 414 0.03 40.66 12.85
CA ILE D 414 -0.49 39.47 13.49
C ILE D 414 0.11 39.35 14.89
N ARG D 415 -0.75 39.22 15.90
CA ARG D 415 -0.36 39.08 17.29
C ARG D 415 -1.14 37.94 17.93
N ASN D 416 -0.63 37.45 19.07
CA ASN D 416 -1.35 36.41 19.80
C ASN D 416 -2.44 36.99 20.70
N LYS D 429 -7.79 31.50 18.87
CA LYS D 429 -7.90 32.38 17.72
C LYS D 429 -6.64 33.25 17.54
N LEU D 430 -6.69 34.15 16.57
CA LEU D 430 -5.63 35.12 16.32
C LEU D 430 -6.27 36.45 15.96
N HIS D 431 -5.55 37.53 16.26
CA HIS D 431 -6.00 38.89 15.94
C HIS D 431 -5.13 39.47 14.85
N ILE D 432 -5.77 39.92 13.78
CA ILE D 432 -5.08 40.33 12.56
C ILE D 432 -5.56 41.71 12.18
N ARG D 433 -4.64 42.67 12.21
CA ARG D 433 -4.89 44.00 11.68
C ARG D 433 -4.38 44.13 10.25
N THR D 434 -4.90 45.12 9.51
CA THR D 434 -4.68 45.18 8.07
C THR D 434 -4.49 46.60 7.55
N VAL D 435 -3.38 46.81 6.85
CA VAL D 435 -3.03 48.08 6.23
C VAL D 435 -3.17 47.92 4.73
N PRO D 436 -4.25 48.37 4.08
CA PRO D 436 -4.29 48.36 2.63
C PRO D 436 -3.16 49.21 2.05
N LEU D 437 -2.65 48.75 0.89
CA LEU D 437 -1.63 49.46 0.13
C LEU D 437 -2.01 49.71 -1.32
N TYR D 438 -2.96 48.95 -1.87
CA TYR D 438 -3.39 49.06 -3.27
C TYR D 438 -2.24 48.87 -4.27
N GLU D 439 -1.18 48.19 -3.83
CA GLU D 439 -0.04 47.90 -4.65
C GLU D 439 0.72 46.80 -3.94
N SER D 440 1.57 46.15 -4.71
CA SER D 440 2.19 44.88 -4.34
C SER D 440 3.39 45.13 -3.43
N PRO D 441 3.32 44.70 -2.16
CA PRO D 441 4.45 44.85 -1.23
C PRO D 441 5.35 43.63 -1.29
N ARG D 442 6.66 43.87 -1.30
CA ARG D 442 7.59 42.85 -1.72
C ARG D 442 8.60 42.43 -0.66
N LYS D 443 9.17 43.37 0.09
CA LYS D 443 10.05 43.05 1.21
C LYS D 443 9.84 44.07 2.32
N ILE D 444 10.03 43.62 3.56
CA ILE D 444 9.88 44.51 4.70
C ILE D 444 11.01 44.30 5.68
N CYS D 445 11.32 45.35 6.44
CA CYS D 445 12.18 45.25 7.61
C CYS D 445 11.90 46.44 8.51
N TYR D 446 12.25 46.26 9.78
CA TYR D 446 11.95 47.23 10.82
C TYR D 446 13.21 48.04 11.11
N GLN D 447 13.04 49.32 11.50
CA GLN D 447 14.17 50.17 11.88
C GLN D 447 13.81 50.79 13.23
N GLU D 448 14.22 50.12 14.32
CA GLU D 448 13.75 50.46 15.66
C GLU D 448 14.09 51.91 16.01
N VAL D 449 15.24 52.39 15.55
CA VAL D 449 15.73 53.71 15.97
C VAL D 449 14.76 54.79 15.51
N SER D 450 14.30 54.70 14.26
CA SER D 450 13.40 55.71 13.73
C SER D 450 11.93 55.35 13.93
N GLN D 451 11.61 54.23 14.55
CA GLN D 451 10.23 53.87 14.90
C GLN D 451 9.33 53.74 13.68
N CYS D 452 9.75 52.94 12.71
CA CYS D 452 9.04 52.78 11.44
C CYS D 452 9.50 51.52 10.69
N PHE D 453 8.72 51.14 9.68
CA PHE D 453 9.07 50.06 8.77
C PHE D 453 9.44 50.65 7.42
N GLY D 454 10.43 50.02 6.76
CA GLY D 454 10.73 50.28 5.38
C GLY D 454 10.22 49.11 4.55
N VAL D 455 9.48 49.44 3.50
CA VAL D 455 8.85 48.42 2.68
C VAL D 455 9.18 48.73 1.24
N LEU D 456 9.68 47.73 0.52
CA LEU D 456 9.81 47.85 -0.93
C LEU D 456 8.50 47.44 -1.57
N SER D 457 8.09 48.15 -2.63
CA SER D 457 6.80 47.86 -3.25
C SER D 457 6.82 48.18 -4.76
N SER D 458 5.81 47.67 -5.46
CA SER D 458 5.72 47.85 -6.91
C SER D 458 4.29 48.18 -7.30
N ARG D 459 4.16 49.07 -8.28
CA ARG D 459 2.88 49.45 -8.84
C ARG D 459 2.97 49.37 -10.35
N ILE D 460 1.83 49.10 -10.98
CA ILE D 460 1.74 48.99 -12.43
C ILE D 460 1.24 50.32 -12.96
N GLU D 461 1.87 50.84 -14.00
CA GLU D 461 1.29 51.99 -14.69
C GLU D 461 1.22 51.65 -16.17
N VAL D 462 0.62 52.53 -16.94
CA VAL D 462 0.45 52.29 -18.36
C VAL D 462 1.00 53.49 -19.13
N GLN D 463 1.63 53.17 -20.25
CA GLN D 463 2.23 54.20 -21.09
C GLN D 463 1.14 55.11 -21.66
N ASP D 464 1.45 56.39 -21.74
CA ASP D 464 0.51 57.38 -22.22
C ASP D 464 0.75 57.67 -23.70
N THR D 465 -0.16 58.44 -24.28
CA THR D 465 0.04 58.94 -25.63
C THR D 465 1.14 60.00 -25.67
N SER D 466 1.22 60.83 -24.62
CA SER D 466 2.14 61.95 -24.53
C SER D 466 3.53 61.55 -24.09
N GLY D 467 3.80 60.24 -24.01
CA GLY D 467 4.97 59.76 -23.33
C GLY D 467 4.70 59.63 -21.85
N GLY D 468 5.65 59.00 -21.16
CA GLY D 468 5.48 58.77 -19.76
C GLY D 468 4.41 57.73 -19.48
N THR D 469 4.05 57.63 -18.21
CA THR D 469 3.16 56.58 -17.76
C THR D 469 2.13 57.16 -16.80
N THR D 470 0.99 56.47 -16.70
CA THR D 470 -0.11 56.90 -15.86
C THR D 470 -0.61 55.77 -14.98
N ALA D 471 -0.71 56.03 -13.67
CA ALA D 471 -1.13 55.03 -12.71
C ALA D 471 -2.59 54.66 -12.89
N LEU D 472 -2.96 53.50 -12.36
CA LEU D 472 -4.30 52.94 -12.55
C LEU D 472 -5.24 53.20 -11.39
N ARG D 473 -4.71 53.65 -10.25
CA ARG D 473 -5.44 53.99 -9.04
C ARG D 473 -4.44 54.56 -8.05
N PRO D 474 -4.87 55.31 -7.05
CA PRO D 474 -3.92 55.75 -6.03
C PRO D 474 -3.47 54.55 -5.23
N SER D 475 -2.25 54.64 -4.71
CA SER D 475 -1.64 53.56 -3.92
C SER D 475 -0.52 54.16 -3.10
N ALA D 476 -0.03 53.36 -2.14
CA ALA D 476 0.76 53.90 -1.02
C ALA D 476 1.97 54.68 -1.49
N SER D 477 2.49 54.34 -2.68
CA SER D 477 3.61 55.06 -3.28
C SER D 477 3.19 56.42 -3.86
N THR D 478 2.01 56.50 -4.47
CA THR D 478 1.55 57.78 -4.97
C THR D 478 0.74 58.56 -3.94
N GLN D 479 0.60 58.04 -2.71
CA GLN D 479 -0.23 58.70 -1.72
C GLN D 479 0.53 58.93 -0.42
N ALA D 480 1.85 59.10 -0.50
CA ALA D 480 2.59 59.41 0.71
C ALA D 480 2.47 60.89 1.08
N LEU D 481 2.71 61.16 2.37
CA LEU D 481 2.65 62.55 2.81
C LEU D 481 3.81 63.34 2.22
N SER D 482 4.95 62.69 2.03
CA SER D 482 6.16 63.26 1.45
C SER D 482 6.79 62.18 0.57
N SER D 483 7.27 62.57 -0.60
CA SER D 483 7.89 61.60 -1.53
C SER D 483 9.29 62.03 -2.04
N SER D 484 9.85 61.25 -2.99
CA SER D 484 11.11 61.62 -3.63
C SER D 484 11.41 60.66 -4.77
N VAL D 485 12.18 61.13 -5.76
CA VAL D 485 12.57 60.29 -6.90
C VAL D 485 14.10 60.21 -7.01
N SER D 486 14.57 59.11 -7.59
CA SER D 486 15.99 59.00 -7.92
C SER D 486 16.29 59.86 -9.13
N SER D 487 17.52 60.38 -9.16
CA SER D 487 17.93 61.25 -10.26
C SER D 487 18.26 60.39 -11.47
N SER D 488 17.55 60.62 -12.58
CA SER D 488 17.80 59.84 -13.79
C SER D 488 19.14 60.21 -14.42
N LYS D 489 19.65 59.34 -15.30
CA LYS D 489 20.90 59.54 -16.03
C LYS D 489 20.67 59.49 -17.55
N LEU D 490 21.79 59.53 -18.27
CA LEU D 490 21.85 59.42 -19.72
C LEU D 490 20.71 58.61 -20.35
N SER D 501 6.44 51.90 -26.86
CA SER D 501 5.29 50.99 -26.88
C SER D 501 4.13 51.52 -26.04
N PHE D 502 3.06 52.00 -26.69
CA PHE D 502 1.93 52.59 -25.97
C PHE D 502 1.18 51.53 -25.15
N GLY D 503 0.88 51.88 -23.89
CA GLY D 503 0.08 51.02 -23.04
C GLY D 503 0.80 49.84 -22.44
N GLU D 504 2.11 49.72 -22.63
CA GLU D 504 2.82 48.59 -22.05
C GLU D 504 2.79 48.72 -20.52
N GLU D 505 2.54 47.60 -19.84
CA GLU D 505 2.62 47.62 -18.39
C GLU D 505 4.03 47.98 -17.96
N VAL D 506 4.18 48.99 -17.13
CA VAL D 506 5.48 49.33 -16.57
C VAL D 506 5.42 49.14 -15.07
N GLU D 507 6.40 48.45 -14.52
CA GLU D 507 6.48 48.27 -13.07
C GLU D 507 7.36 49.37 -12.46
N VAL D 508 6.86 50.03 -11.41
CA VAL D 508 7.56 51.12 -10.74
C VAL D 508 7.81 50.72 -9.28
N HIS D 509 9.05 50.83 -8.85
CA HIS D 509 9.50 50.26 -7.58
C HIS D 509 9.81 51.37 -6.57
N ASN D 510 9.42 51.18 -5.32
CA ASN D 510 9.46 52.28 -4.37
C ASN D 510 9.88 51.79 -2.98
N LEU D 511 10.36 52.74 -2.20
CA LEU D 511 10.74 52.49 -0.80
C LEU D 511 9.77 53.29 0.07
N LEU D 512 8.71 52.65 0.53
CA LEU D 512 7.81 53.28 1.47
C LEU D 512 8.45 53.26 2.85
N ILE D 513 8.34 54.38 3.56
CA ILE D 513 8.60 54.44 4.98
C ILE D 513 7.26 54.49 5.67
N ILE D 514 7.08 53.66 6.69
CA ILE D 514 5.76 53.37 7.22
C ILE D 514 5.82 53.46 8.74
N ASP D 515 4.97 54.33 9.31
CA ASP D 515 5.01 54.63 10.74
C ASP D 515 4.67 53.39 11.54
N GLN D 516 5.52 53.03 12.51
CA GLN D 516 5.31 51.77 13.22
C GLN D 516 4.02 51.79 14.02
N HIS D 517 3.61 52.96 14.53
CA HIS D 517 2.39 53.06 15.34
C HIS D 517 1.14 53.22 14.46
N THR D 518 1.08 54.29 13.67
CA THR D 518 -0.13 54.59 12.90
C THR D 518 -0.23 53.79 11.59
N PHE D 519 0.88 53.24 11.11
CA PHE D 519 0.96 52.59 9.79
C PHE D 519 0.57 53.55 8.69
N GLU D 520 0.99 54.78 8.85
CA GLU D 520 0.86 55.76 7.79
C GLU D 520 2.13 55.76 6.95
N VAL D 521 1.96 56.06 5.67
CA VAL D 521 3.06 56.09 4.71
C VAL D 521 3.72 57.47 4.78
N LEU D 522 4.64 57.62 5.74
CA LEU D 522 5.32 58.89 5.90
C LEU D 522 6.01 59.30 4.61
N HIS D 523 6.84 58.42 4.02
CA HIS D 523 7.58 58.73 2.79
C HIS D 523 7.42 57.61 1.77
N ALA D 524 7.45 57.99 0.48
CA ALA D 524 7.64 57.05 -0.62
C ALA D 524 8.76 57.56 -1.52
N HIS D 525 9.78 56.75 -1.71
CA HIS D 525 10.84 57.09 -2.64
C HIS D 525 10.76 56.17 -3.84
N GLN D 526 10.58 56.75 -5.03
CA GLN D 526 10.61 56.03 -6.29
C GLN D 526 12.04 55.79 -6.72
N PHE D 527 12.26 54.66 -7.40
CA PHE D 527 13.56 54.33 -7.98
C PHE D 527 13.54 54.61 -9.49
N LEU D 528 14.69 54.41 -10.12
CA LEU D 528 14.90 54.89 -11.49
C LEU D 528 14.01 54.13 -12.42
N GLN D 529 13.94 54.61 -13.64
CA GLN D 529 13.14 53.93 -14.64
C GLN D 529 13.78 52.57 -14.94
N ASN D 530 12.93 51.54 -15.09
CA ASN D 530 13.38 50.17 -15.35
C ASN D 530 14.22 49.59 -14.22
N GLU D 531 14.39 50.32 -13.14
CA GLU D 531 15.13 49.81 -11.99
C GLU D 531 14.21 48.92 -11.17
N TYR D 532 14.75 47.78 -10.72
CA TYR D 532 13.95 46.77 -10.02
C TYR D 532 14.60 46.51 -8.67
N ALA D 533 13.84 46.68 -7.59
CA ALA D 533 14.38 46.65 -6.22
C ALA D 533 14.34 45.23 -5.64
N LEU D 534 15.49 44.70 -5.25
CA LEU D 534 15.59 43.29 -4.92
C LEU D 534 15.85 42.99 -3.45
N SER D 535 16.54 43.85 -2.70
CA SER D 535 16.85 43.50 -1.32
C SER D 535 16.72 44.71 -0.40
N LEU D 536 16.53 44.46 0.89
CA LEU D 536 16.31 45.58 1.79
C LEU D 536 16.86 45.24 3.17
N VAL D 537 17.49 46.23 3.81
CA VAL D 537 18.23 46.02 5.05
C VAL D 537 18.05 47.24 5.93
N SER D 538 18.11 47.04 7.24
CA SER D 538 18.23 48.15 8.18
C SER D 538 19.31 47.78 9.17
N CYS D 539 20.40 48.56 9.20
CA CYS D 539 21.54 48.23 10.04
C CYS D 539 22.33 49.50 10.34
N LYS D 540 23.33 49.38 11.21
CA LYS D 540 24.42 50.33 11.31
C LYS D 540 25.66 49.71 10.68
N LEU D 541 26.52 50.53 10.11
CA LEU D 541 27.73 50.04 9.47
C LEU D 541 28.96 50.79 9.97
N GLY D 542 30.12 50.17 9.85
CA GLY D 542 31.40 50.69 10.29
C GLY D 542 31.30 51.29 11.68
N LYS D 543 32.10 52.35 11.91
CA LYS D 543 32.09 53.05 13.19
C LYS D 543 30.98 54.11 13.27
N ASP D 544 30.04 54.08 12.32
CA ASP D 544 28.97 55.06 12.16
C ASP D 544 27.87 54.81 13.18
N PRO D 545 27.48 55.82 13.98
CA PRO D 545 26.36 55.62 14.90
C PRO D 545 25.02 55.55 14.20
N ASN D 546 24.96 55.90 12.92
CA ASN D 546 23.68 56.03 12.25
C ASN D 546 23.14 54.68 11.81
N THR D 547 21.81 54.55 11.90
CA THR D 547 21.05 53.44 11.34
C THR D 547 20.47 53.85 9.99
N TYR D 548 20.66 53.01 9.00
CA TYR D 548 20.26 53.32 7.62
C TYR D 548 19.32 52.25 7.07
N PHE D 549 18.70 52.59 5.94
CA PHE D 549 17.99 51.62 5.09
C PHE D 549 18.80 51.44 3.84
N ILE D 550 19.22 50.22 3.56
CA ILE D 550 20.00 49.92 2.36
C ILE D 550 19.18 49.06 1.43
N VAL D 551 19.09 49.49 0.18
CA VAL D 551 18.34 48.80 -0.87
C VAL D 551 19.36 48.33 -1.90
N GLY D 552 19.14 47.14 -2.46
CA GLY D 552 19.92 46.67 -3.60
C GLY D 552 19.01 46.42 -4.79
N THR D 553 19.39 46.87 -5.97
CA THR D 553 18.50 46.88 -7.13
C THR D 553 19.12 46.11 -8.29
N ALA D 554 18.47 46.19 -9.45
CA ALA D 554 18.93 45.58 -10.69
C ALA D 554 18.30 46.37 -11.83
N MET D 555 19.09 46.78 -12.82
CA MET D 555 18.48 47.36 -14.01
C MET D 555 17.97 46.25 -14.90
N VAL D 556 16.70 46.33 -15.29
CA VAL D 556 16.07 45.30 -16.11
C VAL D 556 15.56 45.92 -17.39
N TYR D 557 16.12 45.50 -18.52
CA TYR D 557 15.60 45.95 -19.79
C TYR D 557 15.12 44.74 -20.54
N PRO D 558 14.16 44.88 -21.46
CA PRO D 558 13.62 43.69 -22.13
C PRO D 558 14.60 43.04 -23.10
N GLU D 559 15.54 43.80 -23.68
CA GLU D 559 16.47 43.18 -24.63
C GLU D 559 17.52 42.33 -23.91
N GLU D 560 18.04 42.80 -22.77
CA GLU D 560 19.05 42.04 -22.04
C GLU D 560 18.41 40.93 -21.21
N ALA D 561 19.08 39.78 -21.11
CA ALA D 561 18.52 38.65 -20.38
C ALA D 561 19.15 38.40 -19.02
N GLU D 562 20.28 39.03 -18.71
CA GLU D 562 20.85 38.96 -17.37
C GLU D 562 21.27 40.37 -16.97
N PRO D 563 21.22 40.69 -15.69
CA PRO D 563 21.43 42.09 -15.27
C PRO D 563 22.88 42.51 -15.46
N LYS D 564 23.07 43.63 -16.14
CA LYS D 564 24.42 44.16 -16.28
C LYS D 564 24.67 45.40 -15.44
N GLN D 565 23.62 45.98 -14.84
CA GLN D 565 23.78 47.13 -13.94
C GLN D 565 22.92 46.91 -12.71
N GLY D 566 23.27 47.62 -11.64
CA GLY D 566 22.52 47.59 -10.38
C GLY D 566 23.04 48.66 -9.45
N ARG D 567 22.37 48.84 -8.32
CA ARG D 567 22.82 49.83 -7.37
C ARG D 567 22.61 49.33 -5.96
N ILE D 568 23.38 49.87 -5.04
CA ILE D 568 23.19 49.64 -3.61
C ILE D 568 23.08 51.01 -2.98
N VAL D 569 21.88 51.36 -2.50
CA VAL D 569 21.54 52.72 -2.16
C VAL D 569 21.29 52.82 -0.66
N VAL D 570 22.06 53.67 -0.01
CA VAL D 570 21.90 53.92 1.40
C VAL D 570 20.96 55.12 1.55
N PHE D 571 19.90 54.95 2.34
CA PHE D 571 19.01 56.02 2.74
C PHE D 571 19.13 56.24 4.24
N GLN D 572 18.89 57.46 4.69
CA GLN D 572 18.69 57.69 6.11
C GLN D 572 17.32 58.29 6.30
N TYR D 573 16.59 57.77 7.24
CA TYR D 573 15.35 58.41 7.66
C TYR D 573 15.57 58.94 9.08
N SER D 574 15.70 60.25 9.21
CA SER D 574 15.90 60.90 10.50
C SER D 574 15.10 62.19 10.51
N ASP D 575 14.80 62.68 11.71
CA ASP D 575 14.13 63.96 11.90
C ASP D 575 12.98 64.19 10.91
N GLY D 576 12.21 63.14 10.62
CA GLY D 576 11.03 63.25 9.76
C GLY D 576 11.33 63.43 8.30
N LYS D 577 12.55 63.13 7.85
CA LYS D 577 12.94 63.33 6.47
C LYS D 577 13.71 62.11 5.96
N LEU D 578 13.50 61.78 4.69
CA LEU D 578 14.28 60.74 4.02
C LEU D 578 15.30 61.40 3.10
N GLN D 579 16.58 61.08 3.31
CA GLN D 579 17.64 61.55 2.43
C GLN D 579 18.45 60.37 1.93
N THR D 580 19.01 60.52 0.73
CA THR D 580 19.91 59.53 0.16
C THR D 580 21.32 59.73 0.70
N VAL D 581 21.85 58.74 1.42
CA VAL D 581 23.16 58.94 2.05
C VAL D 581 24.29 58.65 1.07
N ALA D 582 24.19 57.59 0.28
CA ALA D 582 25.24 57.26 -0.69
C ALA D 582 24.67 56.26 -1.68
N GLU D 583 25.39 56.09 -2.80
CA GLU D 583 24.91 55.27 -3.90
C GLU D 583 26.10 54.64 -4.62
N LYS D 584 26.23 53.32 -4.53
CA LYS D 584 27.24 52.57 -5.27
C LYS D 584 26.56 51.91 -6.47
N GLU D 585 27.24 51.86 -7.59
CA GLU D 585 26.72 51.20 -8.77
C GLU D 585 27.54 49.93 -8.99
N VAL D 586 26.86 48.81 -9.21
CA VAL D 586 27.51 47.54 -9.47
C VAL D 586 27.12 47.09 -10.89
N LYS D 587 27.82 46.04 -11.36
CA LYS D 587 27.72 45.56 -12.73
C LYS D 587 26.70 44.44 -12.91
N GLY D 588 25.67 44.39 -12.06
CA GLY D 588 24.72 43.30 -12.13
C GLY D 588 23.59 43.52 -11.15
N ALA D 589 22.84 42.45 -10.87
CA ALA D 589 21.70 42.49 -9.96
C ALA D 589 22.12 42.16 -8.54
N VAL D 590 21.89 43.08 -7.60
CA VAL D 590 22.13 42.75 -6.20
C VAL D 590 20.94 41.92 -5.75
N TYR D 591 21.02 40.60 -5.94
CA TYR D 591 19.89 39.72 -5.66
C TYR D 591 19.56 39.68 -4.19
N SER D 592 20.52 39.98 -3.32
CA SER D 592 20.33 39.85 -1.88
C SER D 592 21.43 40.60 -1.12
N MET D 593 21.08 41.09 0.08
CA MET D 593 22.01 41.79 0.95
C MET D 593 21.81 41.35 2.39
N VAL D 594 22.88 41.40 3.19
CA VAL D 594 22.81 41.04 4.61
C VAL D 594 23.86 41.83 5.35
N GLU D 595 23.66 42.01 6.67
CA GLU D 595 24.65 42.75 7.45
C GLU D 595 25.62 41.76 8.07
N PHE D 596 26.87 41.84 7.66
CA PHE D 596 27.96 40.95 8.09
C PHE D 596 28.94 41.76 8.95
N ASN D 597 28.64 41.86 10.25
CA ASN D 597 29.58 42.39 11.23
C ASN D 597 29.99 43.83 10.91
N GLY D 598 29.00 44.72 10.98
CA GLY D 598 29.25 46.12 10.66
C GLY D 598 29.81 46.34 9.27
N LYS D 599 29.52 45.43 8.36
CA LYS D 599 29.90 45.50 6.95
C LYS D 599 28.74 45.00 6.12
N LEU D 600 28.69 45.40 4.85
CA LEU D 600 27.57 45.04 3.98
C LEU D 600 28.01 43.93 3.01
N LEU D 601 27.37 42.75 3.14
CA LEU D 601 27.68 41.59 2.30
C LEU D 601 26.62 41.49 1.23
N ALA D 602 27.02 41.66 -0.02
CA ALA D 602 26.08 41.81 -1.10
C ALA D 602 26.40 40.83 -2.19
N SER D 603 25.37 40.38 -2.86
CA SER D 603 25.50 39.34 -3.85
C SER D 603 25.18 39.94 -5.21
N ILE D 604 26.19 40.13 -6.05
CA ILE D 604 25.97 40.60 -7.41
C ILE D 604 26.13 39.42 -8.36
N ASN D 605 25.02 38.99 -8.94
CA ASN D 605 24.92 37.85 -9.87
C ASN D 605 25.63 36.68 -9.23
N SER D 606 26.57 36.03 -9.91
CA SER D 606 27.41 34.99 -9.32
C SER D 606 28.28 35.50 -8.17
N THR D 607 28.71 36.75 -8.23
CA THR D 607 29.66 37.25 -7.25
C THR D 607 29.03 37.57 -5.90
N VAL D 608 29.83 37.46 -4.83
CA VAL D 608 29.48 37.89 -3.48
C VAL D 608 30.59 38.80 -3.01
N ARG D 609 30.22 39.95 -2.46
CA ARG D 609 31.17 41.01 -2.17
C ARG D 609 30.98 41.48 -0.74
N LEU D 610 32.08 41.92 -0.12
CA LEU D 610 32.05 42.44 1.23
C LEU D 610 32.41 43.91 1.18
N TYR D 611 31.60 44.74 1.84
CA TYR D 611 31.71 46.20 1.83
C TYR D 611 31.93 46.76 3.23
N GLU D 612 32.74 47.82 3.33
CA GLU D 612 32.93 48.53 4.59
C GLU D 612 32.49 49.97 4.44
N TRP D 613 32.13 50.58 5.57
CA TRP D 613 31.57 51.92 5.58
C TRP D 613 32.68 52.89 5.98
N THR D 614 33.07 53.77 5.06
CA THR D 614 34.14 54.72 5.29
C THR D 614 33.63 55.99 5.97
N THR D 615 34.56 56.72 6.59
CA THR D 615 34.23 58.05 7.11
C THR D 615 33.78 58.99 6.00
N GLU D 616 34.22 58.74 4.75
CA GLU D 616 33.74 59.53 3.62
C GLU D 616 32.29 59.21 3.24
N LYS D 617 31.63 58.27 3.96
CA LYS D 617 30.29 57.79 3.63
C LYS D 617 30.23 57.30 2.20
N GLU D 618 31.14 56.40 1.88
CA GLU D 618 31.17 55.70 0.61
C GLU D 618 31.18 54.20 0.90
N LEU D 619 30.82 53.41 -0.10
CA LEU D 619 30.87 51.95 0.01
C LEU D 619 32.21 51.48 -0.58
N ARG D 620 32.97 50.75 0.22
CA ARG D 620 34.34 50.40 -0.11
C ARG D 620 34.48 48.89 -0.13
N THR D 621 34.93 48.36 -1.25
CA THR D 621 35.12 46.92 -1.40
C THR D 621 36.25 46.43 -0.49
N GLU D 622 35.97 45.40 0.31
CA GLU D 622 37.02 44.70 1.04
C GLU D 622 37.45 43.44 0.32
N CYS D 623 36.51 42.58 -0.02
CA CYS D 623 36.87 41.30 -0.64
C CYS D 623 35.71 40.79 -1.46
N ASN D 624 36.05 39.98 -2.44
CA ASN D 624 35.10 39.37 -3.36
C ASN D 624 35.22 37.87 -3.24
N HIS D 625 34.24 37.17 -3.80
CA HIS D 625 34.34 35.72 -3.84
C HIS D 625 33.46 35.19 -4.97
N TYR D 626 34.08 34.87 -6.11
CA TYR D 626 33.33 34.49 -7.30
C TYR D 626 32.84 33.07 -7.18
N ASN D 627 31.53 32.87 -7.27
CA ASN D 627 30.91 31.58 -7.05
C ASN D 627 30.62 30.87 -8.36
N ASN D 628 30.46 29.54 -8.24
CA ASN D 628 29.89 28.71 -9.29
C ASN D 628 28.44 29.06 -9.56
N ILE D 629 27.74 29.65 -8.56
CA ILE D 629 26.29 29.80 -8.56
C ILE D 629 25.92 31.26 -8.34
N MET D 630 24.68 31.59 -8.73
CA MET D 630 24.11 32.91 -8.45
C MET D 630 23.75 33.01 -6.99
N ALA D 631 24.39 33.91 -6.26
CA ALA D 631 24.16 33.95 -4.83
C ALA D 631 22.77 34.51 -4.53
N LEU D 632 21.75 33.79 -5.03
CA LEU D 632 20.36 34.23 -4.95
C LEU D 632 19.84 34.30 -3.52
N TYR D 633 20.20 33.33 -2.68
CA TYR D 633 19.90 33.39 -1.26
C TYR D 633 21.17 33.72 -0.49
N LEU D 634 21.03 34.55 0.55
CA LEU D 634 22.15 34.90 1.41
C LEU D 634 21.72 34.89 2.86
N LYS D 635 22.44 34.14 3.69
CA LYS D 635 22.25 34.15 5.12
C LYS D 635 23.62 34.11 5.78
N THR D 636 23.70 34.63 6.99
CA THR D 636 24.93 34.53 7.77
C THR D 636 24.63 34.38 9.24
N LYS D 637 25.34 33.46 9.87
CA LYS D 637 25.39 33.35 11.32
C LYS D 637 26.85 33.53 11.71
N GLY D 638 27.12 34.54 12.54
CA GLY D 638 28.51 34.79 12.92
C GLY D 638 29.33 35.03 11.68
N ASP D 639 30.46 34.33 11.57
CA ASP D 639 31.36 34.40 10.42
C ASP D 639 31.03 33.36 9.34
N PHE D 640 29.88 32.70 9.41
CA PHE D 640 29.48 31.72 8.42
C PHE D 640 28.49 32.36 7.45
N ILE D 641 28.67 32.08 6.16
CA ILE D 641 27.83 32.62 5.09
C ILE D 641 27.17 31.46 4.37
N LEU D 642 25.85 31.48 4.28
CA LEU D 642 25.09 30.50 3.51
C LEU D 642 24.76 31.11 2.15
N VAL D 643 25.10 30.41 1.08
CA VAL D 643 24.84 30.88 -0.28
C VAL D 643 24.10 29.80 -1.04
N GLY D 644 22.96 30.16 -1.63
CA GLY D 644 22.18 29.24 -2.44
C GLY D 644 21.72 29.90 -3.73
N ASP D 645 21.03 29.11 -4.56
CA ASP D 645 20.45 29.65 -5.78
C ASP D 645 19.11 28.98 -6.02
N LEU D 646 18.55 29.23 -7.19
CA LEU D 646 17.16 28.85 -7.43
C LEU D 646 16.98 27.36 -7.64
N MET D 647 18.05 26.61 -7.91
CA MET D 647 17.96 25.19 -8.19
C MET D 647 18.51 24.36 -7.04
N ARG D 648 18.41 24.87 -5.82
CA ARG D 648 18.73 24.20 -4.57
C ARG D 648 20.22 24.05 -4.31
N SER D 649 21.09 24.47 -5.24
CA SER D 649 22.54 24.42 -4.99
C SER D 649 22.89 25.23 -3.76
N VAL D 650 23.40 24.57 -2.71
CA VAL D 650 23.73 25.25 -1.47
C VAL D 650 25.24 25.33 -1.33
N LEU D 651 25.70 26.34 -0.59
CA LEU D 651 27.12 26.64 -0.45
C LEU D 651 27.36 27.39 0.86
N LEU D 652 28.38 26.96 1.60
CA LEU D 652 28.75 27.58 2.86
C LEU D 652 30.10 28.27 2.67
N LEU D 653 30.18 29.53 3.07
CA LEU D 653 31.42 30.29 3.03
C LEU D 653 31.72 30.84 4.42
N ALA D 654 33.02 30.97 4.72
CA ALA D 654 33.47 31.44 6.02
C ALA D 654 34.44 32.57 5.81
N TYR D 655 34.24 33.66 6.54
CA TYR D 655 35.14 34.80 6.45
C TYR D 655 36.39 34.53 7.26
N LYS D 656 37.54 34.64 6.60
CA LYS D 656 38.86 34.48 7.22
C LYS D 656 39.45 35.84 7.57
N PRO D 657 39.27 36.32 8.81
CA PRO D 657 39.73 37.67 9.15
C PRO D 657 41.23 37.87 8.96
N MET D 658 42.03 36.84 9.23
CA MET D 658 43.49 36.95 9.17
C MET D 658 44.03 36.95 7.75
N GLU D 659 43.22 36.56 6.75
CA GLU D 659 43.57 36.69 5.35
C GLU D 659 42.74 37.74 4.61
N GLY D 660 41.56 38.08 5.11
CA GLY D 660 40.70 39.05 4.43
C GLY D 660 40.03 38.55 3.17
N ASN D 661 39.55 37.31 3.17
CA ASN D 661 38.84 36.73 2.04
C ASN D 661 37.87 35.67 2.59
N PHE D 662 37.22 34.94 1.69
CA PHE D 662 36.25 33.91 2.05
C PHE D 662 36.79 32.53 1.68
N GLU D 663 36.49 31.53 2.50
CA GLU D 663 36.94 30.16 2.27
C GLU D 663 35.75 29.21 2.29
N GLU D 664 35.60 28.41 1.22
CA GLU D 664 34.46 27.51 1.11
C GLU D 664 34.57 26.34 2.07
N ILE D 665 33.53 26.14 2.89
CA ILE D 665 33.51 25.05 3.87
C ILE D 665 32.88 23.80 3.29
N ALA D 666 31.68 23.90 2.73
CA ALA D 666 31.00 22.72 2.21
C ALA D 666 30.18 23.13 1.00
N ARG D 667 29.54 22.14 0.36
CA ARG D 667 28.51 22.41 -0.65
C ARG D 667 27.62 21.18 -0.76
N ASP D 668 26.51 21.34 -1.48
CA ASP D 668 25.65 20.20 -1.79
C ASP D 668 24.75 20.54 -2.96
N PHE D 669 24.96 19.92 -4.10
CA PHE D 669 24.21 20.26 -5.31
C PHE D 669 23.24 19.13 -5.61
N ASN D 670 21.97 19.32 -5.24
CA ASN D 670 20.87 18.43 -5.64
C ASN D 670 19.85 19.24 -6.41
N PRO D 671 19.81 19.15 -7.75
CA PRO D 671 18.88 20.01 -8.50
C PRO D 671 17.41 19.75 -8.24
N ASN D 672 16.76 20.73 -7.60
CA ASN D 672 15.32 20.88 -7.50
C ASN D 672 15.06 22.34 -7.22
N TRP D 673 13.92 22.86 -7.66
CA TRP D 673 13.63 24.27 -7.44
C TRP D 673 13.58 24.58 -5.93
N MET D 674 14.28 25.62 -5.50
CA MET D 674 14.37 25.99 -4.10
C MET D 674 13.83 27.41 -3.91
N SER D 675 12.90 27.56 -2.97
CA SER D 675 12.15 28.80 -2.80
C SER D 675 12.59 29.62 -1.58
N ALA D 676 13.09 28.98 -0.53
CA ALA D 676 13.60 29.75 0.61
C ALA D 676 14.62 28.89 1.35
N VAL D 677 15.48 29.56 2.11
CA VAL D 677 16.50 28.90 2.92
C VAL D 677 16.70 29.72 4.18
N GLU D 678 17.14 29.06 5.24
CA GLU D 678 17.46 29.74 6.48
C GLU D 678 18.57 28.97 7.20
N ILE D 679 19.16 29.63 8.19
CA ILE D 679 20.16 29.03 9.06
C ILE D 679 19.47 28.61 10.34
N LEU D 680 19.46 27.31 10.63
CA LEU D 680 18.89 26.83 11.89
C LEU D 680 19.91 26.96 13.03
N ASP D 681 21.03 26.27 12.90
CA ASP D 681 22.15 26.34 13.81
C ASP D 681 23.42 26.22 12.99
N ASP D 682 24.56 26.18 13.67
CA ASP D 682 25.85 26.20 12.97
C ASP D 682 25.99 25.06 11.97
N ASP D 683 25.26 23.96 12.18
CA ASP D 683 25.41 22.73 11.42
C ASP D 683 24.17 22.34 10.60
N ASN D 684 23.06 23.06 10.73
CA ASN D 684 21.81 22.74 10.06
C ASN D 684 21.26 23.92 9.29
N PHE D 685 20.76 23.64 8.09
CA PHE D 685 20.13 24.67 7.25
C PHE D 685 18.81 24.13 6.77
N LEU D 686 17.76 24.93 6.92
CA LEU D 686 16.40 24.55 6.57
C LEU D 686 16.03 25.12 5.22
N GLY D 687 15.36 24.30 4.40
CA GLY D 687 14.98 24.70 3.07
C GLY D 687 13.49 24.51 2.82
N ALA D 688 13.06 25.02 1.67
CA ALA D 688 11.78 24.69 1.06
C ALA D 688 12.05 24.41 -0.42
N GLU D 689 11.52 23.30 -0.94
CA GLU D 689 11.90 22.89 -2.29
C GLU D 689 10.72 22.22 -3.00
N ASN D 690 10.91 21.93 -4.29
CA ASN D 690 9.83 21.83 -5.26
C ASN D 690 8.77 20.79 -4.86
N ALA D 691 7.52 21.16 -5.19
CA ALA D 691 6.29 20.47 -4.78
C ALA D 691 6.07 20.56 -3.27
N PHE D 692 6.20 21.77 -2.72
CA PHE D 692 5.69 22.12 -1.39
C PHE D 692 6.35 21.33 -0.25
N ASN D 693 7.68 21.23 -0.28
CA ASN D 693 8.44 20.37 0.63
C ASN D 693 9.44 21.18 1.47
N LEU D 694 9.63 20.77 2.73
CA LEU D 694 10.73 21.25 3.54
C LEU D 694 11.89 20.25 3.48
N PHE D 695 13.10 20.75 3.76
CA PHE D 695 14.24 19.86 3.90
C PHE D 695 15.22 20.54 4.85
N VAL D 696 16.15 19.74 5.37
CA VAL D 696 17.20 20.23 6.26
C VAL D 696 18.52 19.55 5.90
N CYS D 697 19.58 20.36 5.74
CA CYS D 697 20.90 19.87 5.45
C CYS D 697 21.80 20.04 6.67
N GLN D 698 22.80 19.17 6.78
CA GLN D 698 23.70 19.17 7.93
C GLN D 698 25.13 19.11 7.45
N LYS D 699 26.02 19.66 8.26
CA LYS D 699 27.45 19.65 7.93
C LYS D 699 28.23 18.70 8.85
N GLU D 707 38.82 17.17 5.38
CA GLU D 707 38.66 15.95 4.61
C GLU D 707 37.43 16.06 3.74
N GLU D 708 36.58 15.03 3.79
CA GLU D 708 35.29 15.05 3.14
C GLU D 708 34.21 15.66 4.02
N ARG D 709 34.60 16.51 4.98
CA ARG D 709 33.66 17.35 5.72
C ARG D 709 33.06 18.45 4.84
N GLN D 710 33.51 18.56 3.58
CA GLN D 710 32.98 19.50 2.60
C GLN D 710 31.76 18.91 1.91
N HIS D 711 31.06 18.00 2.60
CA HIS D 711 29.81 17.41 2.14
C HIS D 711 28.70 17.70 3.14
N LEU D 712 27.55 18.12 2.61
CA LEU D 712 26.38 18.48 3.40
C LEU D 712 25.35 17.36 3.30
N GLN D 713 24.98 16.78 4.43
CA GLN D 713 24.15 15.59 4.44
C GLN D 713 22.68 15.97 4.51
N GLU D 714 21.87 15.42 3.59
CA GLU D 714 20.42 15.59 3.65
C GLU D 714 19.91 14.85 4.88
N VAL D 715 19.40 15.57 5.86
CA VAL D 715 18.94 14.98 7.11
C VAL D 715 17.47 15.23 7.37
N GLY D 716 16.80 16.05 6.55
CA GLY D 716 15.36 16.22 6.70
C GLY D 716 14.69 16.27 5.35
N LEU D 717 13.50 15.67 5.26
CA LEU D 717 12.61 15.81 4.12
C LEU D 717 11.19 15.72 4.65
N PHE D 718 10.28 16.54 4.11
CA PHE D 718 8.91 16.62 4.64
C PHE D 718 8.05 17.29 3.59
N HIS D 719 6.82 16.81 3.41
CA HIS D 719 5.89 17.42 2.49
C HIS D 719 4.99 18.33 3.32
N LEU D 720 5.30 19.63 3.31
CA LEU D 720 4.51 20.61 4.04
C LEU D 720 3.12 20.76 3.44
N GLY D 721 3.02 20.78 2.11
CA GLY D 721 1.77 21.08 1.44
C GLY D 721 1.62 22.53 1.05
N GLU D 722 2.53 23.38 1.52
CA GLU D 722 2.52 24.80 1.30
C GLU D 722 3.82 25.21 0.61
N PHE D 723 3.77 26.33 -0.07
CA PHE D 723 4.90 26.88 -0.79
C PHE D 723 5.42 28.05 0.05
N VAL D 724 6.57 27.86 0.70
CA VAL D 724 7.13 28.91 1.57
C VAL D 724 7.88 29.93 0.74
N ASN D 725 7.78 31.20 1.14
CA ASN D 725 8.50 32.32 0.55
C ASN D 725 9.55 32.91 1.47
N VAL D 726 9.35 32.78 2.79
CA VAL D 726 10.22 33.42 3.77
C VAL D 726 10.34 32.52 4.99
N PHE D 727 11.56 32.40 5.52
CA PHE D 727 11.80 31.88 6.84
C PHE D 727 12.24 33.06 7.71
N CYS D 728 11.87 33.00 8.97
CA CYS D 728 12.13 34.13 9.84
C CYS D 728 12.22 33.66 11.29
N HIS D 729 13.33 33.95 11.94
CA HIS D 729 13.50 33.59 13.35
C HIS D 729 12.59 34.44 14.24
N GLY D 730 11.97 33.79 15.21
CA GLY D 730 11.09 34.51 16.12
C GLY D 730 9.93 33.65 16.58
N SER D 731 9.22 34.19 17.57
CA SER D 731 8.13 33.48 18.21
C SER D 731 7.04 34.48 18.52
N LEU D 732 5.79 34.05 18.39
CA LEU D 732 4.67 34.93 18.69
C LEU D 732 4.18 34.80 20.12
N VAL D 733 4.54 33.70 20.81
CA VAL D 733 4.25 33.58 22.22
C VAL D 733 5.29 34.38 23.02
N MET D 734 4.93 34.68 24.26
CA MET D 734 5.87 35.36 25.13
C MET D 734 7.03 34.44 25.48
N GLN D 735 8.23 34.98 25.41
CA GLN D 735 9.44 34.24 25.74
C GLN D 735 10.19 34.97 26.84
N ASN D 736 10.64 34.21 27.84
CA ASN D 736 11.45 34.77 28.90
C ASN D 736 12.39 33.70 29.44
N PRO D 743 11.23 22.58 26.79
CA PRO D 743 10.82 21.37 26.07
C PRO D 743 11.08 21.42 24.55
N THR D 744 11.28 22.61 24.00
CA THR D 744 11.56 22.75 22.58
C THR D 744 12.72 23.71 22.39
N GLN D 745 13.41 23.55 21.27
CA GLN D 745 14.60 24.31 20.95
C GLN D 745 14.51 24.85 19.53
N GLY D 746 14.67 26.15 19.38
CA GLY D 746 14.55 26.77 18.05
C GLY D 746 13.16 27.30 17.78
N SER D 747 13.11 28.42 17.03
CA SER D 747 11.84 29.07 16.68
C SER D 747 12.05 29.81 15.35
N VAL D 748 11.58 29.19 14.26
CA VAL D 748 11.61 29.79 12.92
C VAL D 748 10.16 29.86 12.43
N LEU D 749 9.72 31.04 12.04
CA LEU D 749 8.41 31.23 11.43
C LEU D 749 8.52 31.28 9.91
N PHE D 750 7.42 30.92 9.24
CA PHE D 750 7.47 30.95 7.78
C PHE D 750 6.07 31.25 7.23
N GLY D 751 6.03 32.07 6.20
CA GLY D 751 4.80 32.45 5.54
C GLY D 751 4.78 31.89 4.13
N THR D 752 3.60 31.50 3.66
CA THR D 752 3.46 30.71 2.45
C THR D 752 2.46 31.35 1.50
N VAL D 753 2.44 30.83 0.27
CA VAL D 753 1.63 31.41 -0.79
C VAL D 753 0.13 31.35 -0.46
N ASN D 754 -0.32 30.30 0.23
CA ASN D 754 -1.70 30.29 0.67
C ASN D 754 -1.91 31.11 1.93
N GLY D 755 -0.86 31.72 2.48
CA GLY D 755 -1.05 32.53 3.65
C GLY D 755 -1.04 31.75 4.94
N MET D 756 -0.77 30.46 4.87
CA MET D 756 -0.44 29.73 6.08
C MET D 756 0.79 30.36 6.75
N ILE D 757 0.80 30.33 8.08
CA ILE D 757 2.00 30.63 8.87
C ILE D 757 2.34 29.39 9.65
N GLY D 758 3.57 28.90 9.47
CA GLY D 758 4.07 27.73 10.15
C GLY D 758 5.14 28.07 11.17
N LEU D 759 5.59 27.03 11.87
CA LEU D 759 6.63 27.12 12.88
C LEU D 759 7.54 25.91 12.75
N VAL D 760 8.84 26.12 12.92
CA VAL D 760 9.81 25.05 12.91
C VAL D 760 10.59 25.13 14.22
N THR D 761 10.72 23.99 14.92
CA THR D 761 11.48 23.90 16.16
C THR D 761 12.18 22.55 16.21
N SER D 762 13.31 22.51 16.88
CA SER D 762 14.15 21.32 16.94
C SER D 762 13.89 20.55 18.22
N LEU D 763 14.14 19.25 18.15
CA LEU D 763 13.89 18.36 19.27
C LEU D 763 15.12 17.50 19.53
N SER D 764 15.11 16.86 20.70
CA SER D 764 16.12 15.88 21.08
C SER D 764 15.78 14.50 20.52
N GLU D 765 16.79 13.65 20.43
CA GLU D 765 16.58 12.30 19.93
C GLU D 765 15.52 11.56 20.75
N SER D 766 15.49 11.79 22.06
CA SER D 766 14.48 11.18 22.91
C SER D 766 13.09 11.75 22.63
N TRP D 767 12.99 13.06 22.43
CA TRP D 767 11.69 13.66 22.15
C TRP D 767 11.21 13.32 20.75
N TYR D 768 12.14 13.13 19.83
CA TYR D 768 11.79 12.74 18.47
C TYR D 768 11.26 11.30 18.43
N ASN D 769 11.95 10.37 19.10
CA ASN D 769 11.51 8.97 19.10
C ASN D 769 10.14 8.83 19.75
N LEU D 770 9.88 9.62 20.80
CA LEU D 770 8.59 9.53 21.49
C LEU D 770 7.45 9.94 20.57
N LEU D 771 7.59 11.10 19.93
CA LEU D 771 6.52 11.59 19.08
C LEU D 771 6.40 10.77 17.80
N LEU D 772 7.50 10.16 17.34
CA LEU D 772 7.46 9.37 16.11
C LEU D 772 6.62 8.10 16.29
N ASP D 773 6.85 7.36 17.39
CA ASP D 773 5.96 6.25 17.72
C ASP D 773 4.56 6.77 17.95
N MET D 774 4.43 7.90 18.64
CA MET D 774 3.11 8.44 18.88
C MET D 774 2.43 8.91 17.60
N GLN D 775 3.20 9.19 16.55
CA GLN D 775 2.58 9.46 15.25
C GLN D 775 1.94 8.20 14.69
N ASN D 776 2.68 7.09 14.67
CA ASN D 776 2.16 5.86 14.08
C ASN D 776 0.93 5.35 14.83
N ARG D 777 0.88 5.59 16.15
CA ARG D 777 -0.24 5.11 16.95
C ARG D 777 -1.47 5.99 16.78
N LEU D 778 -1.27 7.28 16.64
CA LEU D 778 -2.39 8.17 16.31
C LEU D 778 -2.93 7.89 14.93
N ASN D 779 -2.08 7.49 13.98
CA ASN D 779 -2.54 7.21 12.62
C ASN D 779 -3.43 5.99 12.59
N LYS D 780 -3.20 5.03 13.49
CA LYS D 780 -4.06 3.85 13.53
C LYS D 780 -5.45 4.19 14.02
N VAL D 781 -5.57 5.26 14.80
CA VAL D 781 -6.84 5.58 15.46
C VAL D 781 -7.56 6.78 14.85
N ILE D 782 -6.87 7.66 14.11
CA ILE D 782 -7.46 8.89 13.57
C ILE D 782 -7.99 8.64 12.17
N LYS D 783 -9.20 9.12 11.89
CA LYS D 783 -9.92 8.81 10.66
C LYS D 783 -9.65 9.87 9.60
N SER D 784 -9.04 9.46 8.49
CA SER D 784 -8.62 10.34 7.41
C SER D 784 -9.77 10.54 6.44
N VAL D 785 -10.20 11.80 6.26
CA VAL D 785 -11.19 12.08 5.23
C VAL D 785 -10.63 11.68 3.87
N GLY D 786 -11.37 10.85 3.15
CA GLY D 786 -10.92 10.29 1.89
C GLY D 786 -10.02 9.08 2.02
N LYS D 787 -9.80 8.58 3.24
CA LYS D 787 -8.95 7.42 3.54
C LYS D 787 -7.55 7.55 2.93
N ILE D 788 -6.99 8.76 3.02
CA ILE D 788 -5.65 9.08 2.51
C ILE D 788 -4.64 8.84 3.62
N GLU D 789 -3.63 8.03 3.34
CA GLU D 789 -2.66 7.67 4.37
C GLU D 789 -1.82 8.89 4.76
N HIS D 790 -1.59 9.04 6.08
CA HIS D 790 -0.77 10.16 6.56
C HIS D 790 0.69 10.03 6.12
N SER D 791 1.23 8.80 6.11
CA SER D 791 2.58 8.61 5.58
C SER D 791 2.66 9.02 4.12
N PHE D 792 1.62 8.69 3.34
CA PHE D 792 1.61 9.05 1.93
C PHE D 792 1.54 10.56 1.72
N TRP D 793 0.77 11.25 2.55
CA TRP D 793 0.58 12.70 2.41
C TRP D 793 1.87 13.46 2.65
N ARG D 794 2.53 13.22 3.79
CA ARG D 794 3.78 13.88 4.11
C ARG D 794 5.00 13.28 3.40
N SER D 795 4.83 12.49 2.35
CA SER D 795 5.96 11.99 1.57
C SER D 795 6.37 13.01 0.50
N PHE D 796 7.67 13.05 0.22
CA PHE D 796 8.19 13.89 -0.86
C PHE D 796 7.53 13.51 -2.18
N HIS D 797 6.96 14.49 -2.89
CA HIS D 797 6.38 14.29 -4.22
C HIS D 797 7.19 15.11 -5.22
N THR D 798 7.71 14.44 -6.24
CA THR D 798 8.20 15.05 -7.48
C THR D 798 7.93 14.04 -8.59
N GLU D 799 7.69 14.53 -9.81
CA GLU D 799 7.37 13.63 -10.91
C GLU D 799 8.44 12.55 -11.07
N ARG D 800 9.70 12.90 -10.76
CA ARG D 800 10.80 11.95 -10.81
C ARG D 800 10.70 10.89 -9.70
N LYS D 801 10.31 11.29 -8.49
CA LYS D 801 10.34 10.33 -7.38
C LYS D 801 9.39 10.77 -6.28
N THR D 802 8.89 9.77 -5.54
CA THR D 802 8.15 9.99 -4.31
C THR D 802 8.85 9.17 -3.22
N GLU D 803 9.16 9.83 -2.10
CA GLU D 803 10.02 9.25 -1.06
C GLU D 803 9.47 9.60 0.32
N PRO D 804 9.77 8.78 1.33
CA PRO D 804 9.12 8.93 2.63
C PRO D 804 9.71 10.06 3.47
N ALA D 805 8.90 10.50 4.43
CA ALA D 805 9.25 11.59 5.33
C ALA D 805 10.22 11.14 6.40
N THR D 806 11.23 11.97 6.67
CA THR D 806 12.28 11.65 7.64
C THR D 806 12.61 12.89 8.48
N GLY D 807 12.95 12.67 9.75
CA GLY D 807 13.51 13.74 10.57
C GLY D 807 12.58 14.89 10.90
N PHE D 808 11.28 14.76 10.63
CA PHE D 808 10.31 15.84 10.85
C PHE D 808 9.08 15.31 11.59
N ILE D 809 8.70 16.00 12.67
CA ILE D 809 7.55 15.62 13.48
C ILE D 809 6.36 16.47 13.05
N ASP D 810 5.26 15.84 12.66
CA ASP D 810 4.03 16.53 12.25
C ASP D 810 3.28 16.92 13.51
N GLY D 811 3.56 18.13 14.01
CA GLY D 811 2.89 18.62 15.19
C GLY D 811 1.41 18.84 15.03
N ASP D 812 0.94 19.05 13.79
CA ASP D 812 -0.50 19.06 13.59
C ASP D 812 -1.10 17.72 13.96
N LEU D 813 -0.43 16.62 13.58
CA LEU D 813 -0.89 15.30 13.97
C LEU D 813 -0.76 15.09 15.47
N ILE D 814 0.40 15.42 16.05
CA ILE D 814 0.57 15.29 17.50
C ILE D 814 -0.47 16.12 18.22
N GLU D 815 -0.72 17.33 17.75
CA GLU D 815 -1.64 18.18 18.48
C GLU D 815 -3.07 17.70 18.36
N SER D 816 -3.41 17.03 17.26
CA SER D 816 -4.77 16.51 17.14
C SER D 816 -5.07 15.45 18.20
N PHE D 817 -4.08 15.02 19.00
CA PHE D 817 -4.33 14.02 20.04
C PHE D 817 -5.18 14.59 21.19
N LEU D 818 -5.12 15.90 21.43
CA LEU D 818 -6.01 16.48 22.43
C LEU D 818 -7.48 16.41 22.03
N ASP D 819 -7.79 16.18 20.75
CA ASP D 819 -9.17 16.17 20.27
C ASP D 819 -9.77 14.76 20.17
N ILE D 820 -8.93 13.70 20.23
CA ILE D 820 -9.45 12.33 20.12
C ILE D 820 -10.15 11.93 21.41
N SER D 821 -11.03 10.93 21.30
CA SER D 821 -11.84 10.49 22.42
C SER D 821 -10.98 9.89 23.53
N ARG D 822 -11.49 9.97 24.75
CA ARG D 822 -10.80 9.37 25.90
C ARG D 822 -10.57 7.86 25.74
N PRO D 823 -11.52 7.06 25.25
CA PRO D 823 -11.14 5.67 24.90
C PRO D 823 -10.04 5.63 23.85
N LYS D 824 -10.08 6.55 22.87
CA LYS D 824 -9.07 6.59 21.82
C LYS D 824 -7.72 7.03 22.37
N MET D 825 -7.70 7.96 23.34
CA MET D 825 -6.46 8.30 24.02
C MET D 825 -5.89 7.07 24.72
N GLN D 826 -6.77 6.27 25.34
CA GLN D 826 -6.34 5.01 25.93
C GLN D 826 -5.75 4.08 24.87
N GLU D 827 -6.39 4.03 23.69
CA GLU D 827 -5.90 3.13 22.65
C GLU D 827 -4.46 3.45 22.27
N VAL D 828 -4.14 4.75 22.14
CA VAL D 828 -2.82 5.15 21.67
C VAL D 828 -1.74 4.87 22.71
N VAL D 829 -2.07 5.09 23.99
CA VAL D 829 -1.03 5.29 25.01
C VAL D 829 -0.27 4.00 25.33
N ALA D 830 -0.97 2.85 25.33
CA ALA D 830 -0.40 1.54 25.73
C ALA D 830 1.14 1.46 25.73
N THR D 845 1.01 5.68 30.36
CA THR D 845 -0.01 6.39 31.15
C THR D 845 -0.56 7.62 30.41
N ALA D 846 -1.87 7.80 30.42
CA ALA D 846 -2.49 8.87 29.63
C ALA D 846 -2.13 10.26 30.12
N ASP D 847 -1.98 10.44 31.44
CA ASP D 847 -1.76 11.78 31.97
C ASP D 847 -0.54 12.42 31.32
N ASP D 848 0.53 11.64 31.10
CA ASP D 848 1.77 12.21 30.57
C ASP D 848 1.51 12.90 29.23
N LEU D 849 0.77 12.24 28.33
CA LEU D 849 0.57 12.81 27.01
C LEU D 849 -0.15 14.15 27.10
N ILE D 850 -1.16 14.26 27.97
CA ILE D 850 -1.88 15.52 28.09
C ILE D 850 -0.88 16.65 28.35
N LYS D 851 0.11 16.39 29.23
CA LYS D 851 1.14 17.37 29.55
C LYS D 851 1.96 17.78 28.32
N VAL D 852 2.35 16.80 27.51
CA VAL D 852 3.20 17.11 26.35
C VAL D 852 2.50 18.13 25.46
N VAL D 853 1.20 17.89 25.18
CA VAL D 853 0.50 18.81 24.30
C VAL D 853 0.41 20.20 24.91
N GLU D 854 0.27 20.31 26.24
CA GLU D 854 0.22 21.64 26.86
C GLU D 854 1.45 22.45 26.46
N GLU D 855 2.63 21.80 26.37
CA GLU D 855 3.81 22.47 25.85
C GLU D 855 3.58 22.96 24.42
N LEU D 856 2.95 22.13 23.57
CA LEU D 856 2.75 22.51 22.17
C LEU D 856 1.89 23.76 22.05
N THR D 857 0.84 23.88 22.87
CA THR D 857 0.07 25.12 22.88
C THR D 857 0.95 26.32 23.18
N ARG D 858 1.95 26.15 24.06
CA ARG D 858 2.86 27.24 24.39
C ARG D 858 3.69 27.66 23.18
N ILE D 859 4.08 26.73 22.30
CA ILE D 859 4.97 27.08 21.19
C ILE D 859 4.26 27.99 20.18
N HIS D 860 2.98 27.74 19.92
CA HIS D 860 2.26 28.47 18.86
C HIS D 860 1.20 29.44 19.42
N ASP E 58 18.95 1.59 -17.57
CA ASP E 58 18.24 1.55 -16.28
C ASP E 58 19.02 2.36 -15.24
N ASP E 59 18.37 3.33 -14.60
CA ASP E 59 19.07 4.20 -13.65
C ASP E 59 19.65 3.39 -12.51
N ASP E 60 20.92 3.65 -12.18
CA ASP E 60 21.64 2.94 -11.14
C ASP E 60 21.86 1.46 -11.49
N SER E 61 21.55 1.06 -12.74
CA SER E 61 21.94 -0.26 -13.19
C SER E 61 23.45 -0.40 -13.12
N CYS E 62 23.93 -1.55 -12.64
CA CYS E 62 25.36 -1.73 -12.45
C CYS E 62 25.83 -2.93 -13.28
N GLN E 63 26.85 -2.70 -14.11
CA GLN E 63 27.44 -3.74 -14.95
C GLN E 63 28.92 -3.43 -15.12
N VAL E 64 29.68 -4.41 -15.64
CA VAL E 64 31.09 -4.18 -15.93
C VAL E 64 31.27 -4.06 -17.44
N ILE E 65 31.78 -2.96 -17.89
CA ILE E 65 32.03 -2.72 -19.32
C ILE E 65 33.51 -2.43 -19.49
N PRO E 66 34.21 -3.12 -20.39
CA PRO E 66 35.67 -2.93 -20.53
C PRO E 66 36.03 -1.60 -21.19
N VAL E 67 37.26 -1.14 -20.93
CA VAL E 67 37.75 0.14 -21.45
C VAL E 67 38.95 -0.10 -22.35
N LEU E 68 38.90 0.41 -23.58
CA LEU E 68 40.07 0.34 -24.44
C LEU E 68 41.16 1.26 -23.87
N PRO E 69 42.41 0.80 -23.75
CA PRO E 69 43.45 1.59 -23.06
C PRO E 69 43.80 2.90 -23.76
N GLN E 70 44.01 2.85 -25.08
CA GLN E 70 44.37 4.04 -25.84
C GLN E 70 43.28 5.09 -25.72
N VAL E 71 42.01 4.68 -25.75
CA VAL E 71 40.90 5.61 -25.66
C VAL E 71 41.17 6.52 -24.48
N MET E 72 41.20 7.80 -24.75
CA MET E 72 41.38 8.81 -23.74
C MET E 72 40.34 9.89 -23.92
N MET E 73 39.67 9.89 -25.09
CA MET E 73 38.61 10.83 -25.41
C MET E 73 37.65 10.97 -24.23
N ILE E 74 37.25 12.21 -23.96
CA ILE E 74 36.15 12.48 -23.05
C ILE E 74 34.93 12.58 -23.94
N LEU E 75 34.21 11.46 -24.06
CA LEU E 75 33.09 11.39 -24.98
C LEU E 75 31.84 11.94 -24.30
N ILE E 76 30.98 12.58 -25.08
CA ILE E 76 29.73 13.14 -24.57
C ILE E 76 28.58 12.30 -25.11
N PRO E 77 27.53 12.05 -24.34
CA PRO E 77 26.37 11.36 -24.90
C PRO E 77 25.91 12.04 -26.17
N GLY E 78 25.63 11.23 -27.20
CA GLY E 78 25.17 11.75 -28.46
C GLY E 78 26.26 12.09 -29.43
N GLN E 79 27.52 12.11 -29.00
CA GLN E 79 28.62 12.48 -29.88
C GLN E 79 29.07 11.26 -30.68
N THR E 80 29.20 11.42 -31.99
CA THR E 80 29.70 10.34 -32.84
C THR E 80 31.23 10.32 -32.75
N LEU E 81 31.76 9.17 -32.40
CA LEU E 81 33.19 8.90 -32.37
C LEU E 81 33.52 7.97 -33.54
N PRO E 82 34.16 8.46 -34.61
CA PRO E 82 34.69 7.54 -35.63
C PRO E 82 36.07 7.06 -35.22
N LEU E 83 36.28 5.76 -35.17
CA LEU E 83 37.56 5.22 -34.75
C LEU E 83 38.01 4.13 -35.72
N GLN E 84 39.33 4.03 -35.92
CA GLN E 84 39.92 3.00 -36.77
C GLN E 84 40.87 2.14 -35.94
N LEU E 85 40.66 0.83 -36.01
CA LEU E 85 41.45 -0.11 -35.25
C LEU E 85 41.81 -1.26 -36.18
N VAL E 94 36.61 -7.62 -28.78
CA VAL E 94 35.73 -6.56 -29.28
C VAL E 94 34.84 -7.09 -30.38
N ARG E 95 35.20 -8.26 -30.91
CA ARG E 95 34.31 -8.90 -31.87
C ARG E 95 32.97 -9.22 -31.25
N ASN E 96 32.96 -9.56 -29.95
CA ASN E 96 31.70 -9.83 -29.26
C ASN E 96 30.76 -8.65 -29.38
N LEU E 97 31.33 -7.44 -29.34
CA LEU E 97 30.49 -6.24 -29.32
C LEU E 97 29.66 -6.12 -30.59
N ILE E 98 30.23 -6.43 -31.75
CA ILE E 98 29.51 -6.25 -33.01
C ILE E 98 28.25 -7.09 -33.03
N GLN E 99 28.32 -8.33 -32.57
CA GLN E 99 27.13 -9.16 -32.41
C GLN E 99 26.30 -8.77 -31.18
N LYS E 100 26.97 -8.45 -30.06
CA LYS E 100 26.31 -8.07 -28.81
C LYS E 100 25.86 -6.60 -28.83
N ASP E 101 25.59 -6.03 -27.64
CA ASP E 101 25.08 -4.66 -27.54
C ASP E 101 25.96 -3.63 -28.24
N ARG E 102 27.27 -3.89 -28.32
CA ARG E 102 28.29 -3.05 -28.94
C ARG E 102 28.72 -1.89 -28.08
N THR E 103 28.43 -1.93 -26.76
CA THR E 103 28.66 -0.81 -25.86
C THR E 103 29.90 -1.04 -24.99
N PHE E 104 30.80 -0.05 -24.97
CA PHE E 104 32.06 -0.05 -24.23
C PHE E 104 32.16 1.23 -23.39
N ALA E 105 33.23 1.33 -22.59
CA ALA E 105 33.41 2.42 -21.64
C ALA E 105 34.54 3.35 -22.11
N VAL E 106 34.22 4.63 -22.26
CA VAL E 106 35.19 5.63 -22.64
C VAL E 106 35.47 6.45 -21.39
N LEU E 107 36.63 6.25 -20.79
CA LEU E 107 36.94 6.88 -19.51
C LEU E 107 37.29 8.34 -19.69
N ALA E 108 36.70 9.19 -18.87
CA ALA E 108 37.05 10.61 -18.85
C ALA E 108 38.22 10.76 -17.88
N TYR E 109 39.43 10.91 -18.41
CA TYR E 109 40.67 10.90 -17.63
C TYR E 109 40.98 12.29 -17.07
N SER E 110 41.16 12.34 -15.75
CA SER E 110 41.54 13.56 -15.05
C SER E 110 43.05 13.76 -15.13
N GLN E 118 36.27 10.10 -12.01
CA GLN E 118 36.05 8.67 -12.16
C GLN E 118 34.96 8.36 -13.18
N PHE E 119 34.27 9.41 -13.63
CA PHE E 119 33.13 9.29 -14.53
C PHE E 119 33.59 8.98 -15.96
N GLY E 120 32.72 8.31 -16.70
CA GLY E 120 32.92 8.09 -18.12
C GLY E 120 31.57 7.90 -18.79
N THR E 121 31.60 7.63 -20.09
CA THR E 121 30.39 7.41 -20.84
C THR E 121 30.42 6.05 -21.52
N THR E 122 29.22 5.56 -21.82
CA THR E 122 29.03 4.34 -22.59
C THR E 122 28.90 4.71 -24.07
N ALA E 123 29.66 4.01 -24.91
CA ALA E 123 29.60 4.21 -26.35
C ALA E 123 29.24 2.88 -26.99
N GLU E 124 28.27 2.90 -27.91
CA GLU E 124 27.86 1.73 -28.67
C GLU E 124 28.25 1.91 -30.15
N ILE E 125 28.25 0.80 -30.89
CA ILE E 125 28.80 0.75 -32.24
C ILE E 125 27.65 0.76 -33.24
N TYR E 126 27.66 1.75 -34.14
CA TYR E 126 26.71 1.83 -35.25
C TYR E 126 27.38 1.59 -36.60
N ALA E 127 28.61 1.06 -36.62
CA ALA E 127 29.22 0.61 -37.86
C ALA E 127 30.22 -0.51 -37.55
N TYR E 128 30.46 -1.35 -38.55
CA TYR E 128 31.51 -2.36 -38.49
C TYR E 128 32.39 -2.20 -39.72
N LYS E 140 37.49 -0.35 -38.01
CA LYS E 140 36.88 0.85 -38.56
C LYS E 140 35.37 0.97 -38.20
N VAL E 141 35.09 1.31 -36.94
CA VAL E 141 33.75 1.29 -36.39
C VAL E 141 33.37 2.69 -35.95
N LYS E 142 32.19 3.14 -36.37
CA LYS E 142 31.62 4.40 -35.92
C LYS E 142 30.75 4.17 -34.69
N ALA E 143 30.85 5.07 -33.70
CA ALA E 143 30.26 4.89 -32.38
C ALA E 143 29.56 6.17 -31.93
N ILE E 144 28.69 6.05 -30.93
CA ILE E 144 28.02 7.21 -30.34
C ILE E 144 27.89 7.01 -28.83
N GLY E 145 28.15 8.06 -28.06
CA GLY E 145 28.03 7.96 -26.62
C GLY E 145 26.57 7.92 -26.20
N ARG E 146 26.27 7.07 -25.22
CA ARG E 146 24.89 6.93 -24.74
C ARG E 146 24.70 7.44 -23.32
N GLN E 147 25.36 6.84 -22.32
CA GLN E 147 24.95 6.99 -20.93
C GLN E 147 26.11 7.39 -20.03
N ARG E 148 25.89 8.39 -19.19
CA ARG E 148 26.87 8.78 -18.17
C ARG E 148 26.95 7.70 -17.08
N PHE E 149 28.04 7.74 -16.31
CA PHE E 149 28.22 6.83 -15.16
C PHE E 149 29.40 7.33 -14.33
N LYS E 150 29.67 6.62 -13.22
CA LYS E 150 30.92 6.79 -12.50
C LYS E 150 31.35 5.43 -11.93
N VAL E 151 32.65 5.30 -11.70
CA VAL E 151 33.24 4.07 -11.17
C VAL E 151 32.73 3.78 -9.76
N ALA E 164 35.07 -2.94 -16.93
CA ALA E 164 35.20 -2.83 -15.48
C ALA E 164 33.95 -2.21 -14.84
N LYS E 165 33.99 -1.91 -13.54
CA LYS E 165 32.81 -1.47 -12.80
C LYS E 165 32.18 -0.19 -13.37
N VAL E 166 30.85 -0.19 -13.49
CA VAL E 166 30.11 0.98 -13.97
C VAL E 166 28.75 1.03 -13.27
N GLN E 167 28.31 2.25 -12.91
CA GLN E 167 26.95 2.44 -12.39
C GLN E 167 26.29 3.55 -13.18
N ILE E 168 25.12 3.27 -13.79
CA ILE E 168 24.44 4.28 -14.59
C ILE E 168 24.04 5.45 -13.68
N LEU E 169 24.26 6.68 -14.18
CA LEU E 169 23.88 7.89 -13.46
C LEU E 169 22.69 8.56 -14.16
N PRO E 170 21.69 9.03 -13.41
CA PRO E 170 20.43 9.50 -14.04
C PRO E 170 20.52 10.87 -14.69
N GLU E 171 19.86 11.03 -15.85
CA GLU E 171 19.78 12.35 -16.47
C GLU E 171 18.58 13.09 -15.89
N CYS E 172 18.86 14.14 -15.12
CA CYS E 172 17.81 14.84 -14.41
C CYS E 172 16.83 15.50 -15.39
N VAL E 173 15.58 15.63 -14.94
CA VAL E 173 14.54 16.38 -15.62
C VAL E 173 13.70 17.05 -14.55
N LEU E 174 13.61 18.40 -14.57
CA LEU E 174 12.86 19.16 -13.57
C LEU E 174 11.59 19.75 -14.16
N PRO E 175 10.49 19.88 -13.37
CA PRO E 175 9.26 20.45 -13.94
C PRO E 175 9.47 21.92 -14.24
N SER E 176 8.46 22.57 -14.82
CA SER E 176 8.52 24.01 -14.93
C SER E 176 8.72 24.61 -13.54
N THR E 177 9.45 25.72 -13.48
CA THR E 177 9.68 26.39 -12.20
C THR E 177 8.38 26.99 -11.63
N MET E 178 7.36 27.18 -12.47
CA MET E 178 6.04 27.66 -12.05
C MET E 178 5.05 26.55 -11.71
N SER E 179 5.49 25.28 -11.75
CA SER E 179 4.57 24.18 -11.46
C SER E 179 4.07 24.24 -10.02
N ALA E 180 4.96 24.59 -9.08
CA ALA E 180 4.59 24.61 -7.67
C ALA E 180 3.77 25.83 -7.28
N VAL E 181 3.73 26.88 -8.10
CA VAL E 181 3.12 28.14 -7.67
C VAL E 181 1.73 28.33 -8.28
N GLN E 182 1.54 27.83 -9.50
CA GLN E 182 0.52 28.34 -10.43
C GLN E 182 -0.86 28.48 -9.80
N LEU E 183 -1.53 29.57 -10.16
CA LEU E 183 -2.93 29.77 -9.82
C LEU E 183 -3.80 28.90 -10.72
N GLU E 184 -4.74 28.17 -10.12
CA GLU E 184 -5.56 27.23 -10.85
C GLU E 184 -6.51 27.93 -11.83
N LYS E 188 -4.95 29.17 -17.19
CA LYS E 188 -5.86 28.74 -18.27
C LYS E 188 -5.44 29.34 -19.60
N CYS E 189 -5.11 30.62 -19.58
CA CYS E 189 -4.51 31.25 -20.76
C CYS E 189 -2.99 31.07 -20.75
N GLN E 190 -2.45 30.32 -19.78
CA GLN E 190 -0.99 30.16 -19.66
C GLN E 190 -0.38 29.51 -20.90
N ILE E 191 -0.97 28.40 -21.39
CA ILE E 191 -0.45 27.86 -22.65
C ILE E 191 -0.60 28.93 -23.72
N PHE E 192 0.47 29.18 -24.48
CA PHE E 192 0.45 30.30 -25.42
C PHE E 192 0.77 29.82 -26.84
N CYS E 203 8.73 39.10 -35.65
CA CYS E 203 9.17 39.78 -34.43
C CYS E 203 9.28 38.77 -33.28
N SER E 204 10.43 38.09 -33.20
CA SER E 204 10.63 37.13 -32.12
C SER E 204 10.75 37.81 -30.76
N TYR E 205 11.19 39.07 -30.73
CA TYR E 205 11.40 39.77 -29.46
C TYR E 205 10.08 40.07 -28.76
N LYS E 206 9.06 40.51 -29.51
CA LYS E 206 7.76 40.76 -28.89
C LYS E 206 7.10 39.45 -28.42
N TRP E 207 7.34 38.34 -29.13
CA TRP E 207 6.76 37.08 -28.70
C TRP E 207 7.42 36.56 -27.43
N TRP E 208 8.75 36.65 -27.33
CA TRP E 208 9.43 36.22 -26.11
C TRP E 208 9.07 37.09 -24.92
N GLN E 209 8.65 38.35 -25.14
CA GLN E 209 8.15 39.17 -24.05
C GLN E 209 6.83 38.63 -23.51
N LYS E 210 5.91 38.22 -24.39
CA LYS E 210 4.61 37.71 -23.96
C LYS E 210 4.68 36.29 -23.40
N TYR E 211 5.63 35.47 -23.87
CA TYR E 211 5.85 34.16 -23.25
C TYR E 211 6.28 34.32 -21.79
N GLN E 212 7.15 35.28 -21.50
CA GLN E 212 7.61 35.51 -20.13
C GLN E 212 6.48 36.00 -19.24
N LYS E 213 5.69 36.95 -19.71
CA LYS E 213 4.61 37.54 -18.91
C LYS E 213 3.52 36.51 -18.61
N ARG E 214 3.32 35.52 -19.49
CA ARG E 214 2.30 34.49 -19.32
C ARG E 214 2.83 33.23 -18.67
N LYS E 215 4.00 32.73 -19.12
CA LYS E 215 4.55 31.51 -18.51
C LYS E 215 4.87 31.73 -17.04
N PHE E 216 5.35 32.92 -16.68
CA PHE E 216 5.84 33.23 -15.35
C PHE E 216 5.03 34.34 -14.69
N HIS E 217 3.71 34.35 -14.87
CA HIS E 217 2.86 35.34 -14.19
C HIS E 217 2.73 35.03 -12.71
N CYS E 218 2.47 33.77 -12.37
CA CYS E 218 2.29 33.41 -10.97
C CYS E 218 3.60 33.56 -10.16
N ALA E 219 4.65 34.13 -10.76
CA ALA E 219 5.86 34.43 -10.02
C ALA E 219 5.66 35.54 -9.02
N ASN E 220 4.63 36.38 -9.19
CA ASN E 220 4.38 37.46 -8.24
C ASN E 220 3.64 36.98 -6.99
N LEU E 221 3.39 35.68 -6.83
CA LEU E 221 3.14 35.10 -5.52
C LEU E 221 4.42 34.90 -4.72
N THR E 222 5.57 34.79 -5.38
CA THR E 222 6.83 34.42 -4.76
C THR E 222 7.69 35.64 -4.44
N SER E 223 8.97 35.40 -4.12
CA SER E 223 9.91 36.47 -3.84
C SER E 223 10.68 36.93 -5.07
N TRP E 224 10.51 36.27 -6.21
CA TRP E 224 11.40 36.55 -7.32
C TRP E 224 10.64 36.95 -8.58
N PRO E 225 11.16 37.94 -9.33
CA PRO E 225 10.47 38.42 -10.54
C PRO E 225 10.40 37.40 -11.66
N ARG E 226 9.68 37.81 -12.71
CA ARG E 226 9.51 36.92 -13.85
C ARG E 226 10.83 36.75 -14.57
N TRP E 227 11.66 37.81 -14.64
CA TRP E 227 12.92 37.70 -15.35
C TRP E 227 13.93 36.78 -14.66
N LEU E 228 13.80 36.53 -13.35
CA LEU E 228 14.71 35.61 -12.70
C LEU E 228 14.40 34.16 -13.04
N TYR E 229 13.12 33.83 -13.12
CA TYR E 229 12.80 32.45 -13.45
C TYR E 229 13.23 32.11 -14.88
N SER E 230 13.19 33.10 -15.77
CA SER E 230 13.57 32.87 -17.16
C SER E 230 15.05 32.48 -17.28
N LEU E 231 15.87 32.87 -16.30
CA LEU E 231 17.25 32.43 -16.26
C LEU E 231 17.37 30.97 -15.93
N TYR E 232 16.28 30.30 -15.60
CA TYR E 232 16.30 28.88 -15.31
C TYR E 232 15.32 28.10 -16.18
N ASP E 233 14.86 28.68 -17.30
CA ASP E 233 13.84 28.06 -18.11
C ASP E 233 14.43 27.37 -19.34
N ALA E 234 14.29 26.05 -19.39
CA ALA E 234 14.95 25.24 -20.41
C ALA E 234 14.71 25.79 -21.81
N GLU E 235 13.44 26.01 -22.18
CA GLU E 235 13.20 26.43 -23.56
C GLU E 235 13.72 27.85 -23.84
N THR E 236 13.88 28.70 -22.80
CA THR E 236 14.49 30.01 -23.04
C THR E 236 16.01 29.90 -23.16
N LEU E 237 16.63 29.09 -22.31
CA LEU E 237 18.07 28.90 -22.44
C LEU E 237 18.44 28.37 -23.82
N MET E 238 17.71 27.34 -24.29
CA MET E 238 17.94 26.82 -25.63
C MET E 238 17.77 27.91 -26.69
N ASP E 239 16.79 28.80 -26.52
CA ASP E 239 16.60 29.86 -27.50
C ASP E 239 17.78 30.82 -27.54
N ARG E 240 18.43 31.08 -26.39
CA ARG E 240 19.61 31.95 -26.37
C ARG E 240 20.82 31.24 -26.97
N ILE E 241 20.90 29.92 -26.77
CA ILE E 241 21.95 29.14 -27.41
C ILE E 241 21.74 29.11 -28.92
N LYS E 242 20.52 28.80 -29.36
CA LYS E 242 20.24 28.77 -30.79
C LYS E 242 20.64 30.08 -31.45
N LYS E 243 20.52 31.20 -30.73
CA LYS E 243 20.93 32.48 -31.30
C LYS E 243 22.43 32.50 -31.56
N GLN E 244 23.19 31.85 -30.67
CA GLN E 244 24.64 31.79 -30.87
C GLN E 244 24.99 30.83 -31.99
N LEU E 245 24.34 29.66 -32.01
CA LEU E 245 24.64 28.64 -33.03
C LEU E 245 24.30 29.12 -34.43
N ARG E 246 23.33 30.04 -34.56
CA ARG E 246 23.09 30.67 -35.85
C ARG E 246 24.27 31.54 -36.26
N GLU E 247 24.84 32.27 -35.30
CA GLU E 247 25.98 33.12 -35.62
C GLU E 247 27.14 32.30 -36.22
N TRP E 248 27.22 31.00 -35.93
CA TRP E 248 28.19 30.07 -36.49
C TRP E 248 27.70 29.46 -37.80
N ASP E 249 26.44 29.00 -37.84
CA ASP E 249 25.88 28.24 -38.96
C ASP E 249 24.51 28.79 -39.32
N GLU E 250 24.14 28.66 -40.59
CA GLU E 250 22.92 29.29 -41.09
C GLU E 250 21.74 28.34 -41.21
N ASN E 251 21.66 27.32 -40.35
CA ASN E 251 20.67 26.25 -40.46
C ASN E 251 19.77 26.24 -39.24
N LEU E 252 18.45 26.34 -39.47
CA LEU E 252 17.46 26.34 -38.39
C LEU E 252 17.30 24.94 -37.80
N LYS E 253 16.67 24.89 -36.62
CA LYS E 253 16.67 23.70 -35.79
C LYS E 253 15.38 22.90 -35.92
N ASP E 254 14.57 23.20 -36.95
CA ASP E 254 13.25 22.57 -37.08
C ASP E 254 13.34 21.05 -36.99
N ASP E 255 14.23 20.46 -37.78
CA ASP E 255 14.66 19.09 -37.54
C ASP E 255 16.09 19.02 -37.03
N SER E 256 16.81 20.14 -36.98
CA SER E 256 18.25 20.09 -36.76
C SER E 256 18.61 19.85 -35.29
N LEU E 257 17.96 20.55 -34.36
CA LEU E 257 18.41 20.41 -32.99
C LEU E 257 17.36 19.71 -32.13
N PRO E 258 17.76 18.76 -31.28
CA PRO E 258 16.78 17.97 -30.52
C PRO E 258 16.10 18.81 -29.45
N SER E 259 14.77 18.75 -29.42
CA SER E 259 13.99 19.66 -28.60
C SER E 259 13.85 19.22 -27.16
N ASN E 260 14.39 18.08 -26.79
CA ASN E 260 14.53 17.77 -25.38
C ASN E 260 15.62 18.65 -24.79
N PRO E 261 15.38 19.31 -23.65
CA PRO E 261 16.48 20.01 -22.96
C PRO E 261 17.66 19.11 -22.60
N ILE E 262 17.53 17.78 -22.65
CA ILE E 262 18.70 16.94 -22.41
C ILE E 262 19.50 16.74 -23.70
N ASP E 263 18.81 16.35 -24.79
CA ASP E 263 19.49 16.10 -26.06
C ASP E 263 20.07 17.38 -26.65
N PHE E 264 19.34 18.49 -26.54
CA PHE E 264 19.92 19.78 -26.95
C PHE E 264 21.16 20.10 -26.14
N SER E 265 21.11 19.87 -24.83
CA SER E 265 22.26 20.22 -23.99
C SER E 265 23.51 19.44 -24.38
N TYR E 266 23.37 18.13 -24.66
CA TYR E 266 24.56 17.36 -24.97
C TYR E 266 25.08 17.69 -26.36
N ARG E 267 24.18 17.95 -27.31
CA ARG E 267 24.62 18.27 -28.65
C ARG E 267 25.42 19.57 -28.68
N VAL E 268 25.11 20.50 -27.76
CA VAL E 268 25.91 21.71 -27.64
C VAL E 268 27.27 21.39 -27.02
N ALA E 269 27.27 20.58 -25.97
CA ALA E 269 28.48 20.32 -25.20
C ALA E 269 29.53 19.55 -26.02
N ALA E 270 29.10 18.85 -27.07
CA ALA E 270 30.08 18.16 -27.89
C ALA E 270 30.88 19.12 -28.77
N CYS E 271 30.28 20.26 -29.14
CA CYS E 271 30.88 21.17 -30.11
C CYS E 271 31.37 22.49 -29.49
N LEU E 272 31.70 22.49 -28.19
CA LEU E 272 32.26 23.66 -27.55
C LEU E 272 33.74 23.47 -27.33
N PRO E 273 34.59 24.20 -28.02
CA PRO E 273 36.04 23.99 -27.90
C PRO E 273 36.54 24.42 -26.54
N ILE E 274 36.40 23.52 -25.56
CA ILE E 274 36.92 23.73 -24.22
C ILE E 274 37.98 22.66 -23.95
N ASP E 275 38.77 22.90 -22.91
CA ASP E 275 39.76 21.94 -22.47
C ASP E 275 39.09 20.82 -21.67
N ASP E 276 39.86 19.75 -21.43
CA ASP E 276 39.29 18.54 -20.84
C ASP E 276 38.78 18.76 -19.41
N VAL E 277 39.34 19.73 -18.67
CA VAL E 277 38.97 19.91 -17.27
C VAL E 277 37.60 20.57 -17.15
N LEU E 278 37.25 21.43 -18.10
CA LEU E 278 35.89 21.94 -18.18
C LEU E 278 34.93 20.84 -18.61
N ARG E 279 35.28 20.12 -19.68
CA ARG E 279 34.36 19.14 -20.22
C ARG E 279 34.16 17.95 -19.27
N ILE E 280 35.08 17.68 -18.36
CA ILE E 280 34.77 16.72 -17.30
C ILE E 280 33.73 17.32 -16.36
N GLN E 281 33.75 18.65 -16.20
CA GLN E 281 32.78 19.30 -15.33
C GLN E 281 31.38 19.27 -15.92
N LEU E 282 31.26 19.49 -17.24
CA LEU E 282 29.94 19.52 -17.87
C LEU E 282 29.22 18.18 -17.73
N LEU E 283 29.97 17.08 -17.84
CA LEU E 283 29.38 15.75 -17.67
C LEU E 283 29.01 15.50 -16.21
N LYS E 284 29.81 16.03 -15.27
CA LYS E 284 29.44 15.93 -13.86
C LYS E 284 28.13 16.64 -13.58
N ILE E 285 27.84 17.71 -14.33
CA ILE E 285 26.57 18.43 -14.17
C ILE E 285 25.42 17.52 -14.59
N GLY E 286 24.42 17.42 -13.74
CA GLY E 286 23.37 16.44 -13.97
C GLY E 286 22.07 17.01 -14.49
N SER E 287 21.85 18.31 -14.30
CA SER E 287 20.62 18.93 -14.72
C SER E 287 20.86 19.57 -16.07
N ALA E 288 20.07 19.14 -17.05
CA ALA E 288 20.05 19.78 -18.35
C ALA E 288 19.91 21.30 -18.25
N ILE E 289 19.20 21.81 -17.23
CA ILE E 289 19.12 23.25 -17.05
C ILE E 289 20.48 23.82 -16.71
N GLN E 290 21.13 23.27 -15.68
CA GLN E 290 22.44 23.75 -15.30
C GLN E 290 23.50 23.47 -16.36
N ARG E 291 23.30 22.46 -17.22
CA ARG E 291 24.25 22.25 -18.30
C ARG E 291 24.06 23.26 -19.42
N LEU E 292 22.80 23.62 -19.71
CA LEU E 292 22.55 24.69 -20.68
C LEU E 292 22.98 26.06 -20.14
N ARG E 293 23.07 26.20 -18.81
CA ARG E 293 23.47 27.44 -18.18
C ARG E 293 24.97 27.55 -18.10
N CYS E 294 25.65 26.45 -17.77
CA CYS E 294 27.10 26.43 -17.89
C CYS E 294 27.55 26.76 -19.32
N GLU E 295 26.87 26.18 -20.31
CA GLU E 295 27.27 26.36 -21.71
C GLU E 295 27.09 27.80 -22.19
N LEU E 296 25.97 28.43 -21.83
CA LEU E 296 25.78 29.82 -22.21
C LEU E 296 26.83 30.71 -21.55
N ASP E 297 27.19 30.40 -20.30
CA ASP E 297 28.23 31.13 -19.59
C ASP E 297 29.59 30.94 -20.27
N ILE E 298 29.87 29.72 -20.70
CA ILE E 298 31.08 29.51 -21.48
C ILE E 298 31.00 30.31 -22.76
N MET E 299 29.87 30.23 -23.44
CA MET E 299 29.79 30.84 -24.76
C MET E 299 29.94 32.35 -24.73
N ASN E 300 29.75 32.99 -23.57
CA ASN E 300 29.88 34.44 -23.48
C ASN E 300 31.16 34.83 -22.78
N LYS E 301 31.51 34.17 -21.68
CA LYS E 301 32.74 34.53 -20.99
C LYS E 301 33.98 34.24 -21.82
N CYS E 302 33.95 33.16 -22.59
CA CYS E 302 35.15 32.66 -23.27
C CYS E 302 35.09 33.07 -24.73
N THR E 303 35.88 34.07 -25.10
CA THR E 303 35.92 34.54 -26.48
C THR E 303 37.25 34.27 -27.20
N SER E 304 38.34 34.00 -26.48
CA SER E 304 39.62 33.74 -27.12
C SER E 304 40.10 32.32 -26.88
N LEU E 305 40.88 31.82 -27.84
CA LEU E 305 41.42 30.45 -27.81
C LEU E 305 42.94 30.54 -27.96
N CYS E 306 43.67 30.18 -26.91
CA CYS E 306 45.12 30.26 -26.94
C CYS E 306 45.73 28.90 -27.29
N CYS E 307 47.07 28.86 -27.37
CA CYS E 307 47.81 27.59 -27.43
C CYS E 307 47.95 27.01 -26.02
N LYS E 308 47.60 25.73 -25.88
CA LYS E 308 47.64 25.10 -24.56
C LYS E 308 49.05 25.07 -24.01
N GLN E 309 50.03 24.74 -24.85
CA GLN E 309 51.40 24.70 -24.39
C GLN E 309 51.86 26.06 -23.85
N CYS E 310 51.49 27.15 -24.53
CA CYS E 310 51.96 28.50 -24.15
C CYS E 310 50.99 29.23 -23.22
N GLN E 311 49.69 29.07 -23.43
CA GLN E 311 48.61 29.62 -22.62
C GLN E 311 48.47 31.13 -22.79
N GLU E 312 49.42 31.77 -23.45
CA GLU E 312 49.42 33.22 -23.64
C GLU E 312 49.46 33.61 -25.12
N THR E 313 49.58 32.63 -26.02
CA THR E 313 49.71 32.89 -27.45
C THR E 313 48.35 32.71 -28.12
N GLU E 314 47.75 33.80 -28.56
CA GLU E 314 46.41 33.75 -29.15
C GLU E 314 46.44 33.12 -30.54
N ILE E 315 45.57 32.14 -30.78
CA ILE E 315 45.48 31.49 -32.09
C ILE E 315 44.24 31.92 -32.86
N THR E 316 43.10 32.10 -32.19
CA THR E 316 41.87 32.54 -32.85
C THR E 316 40.84 32.96 -31.79
N THR E 317 39.69 33.47 -32.27
CA THR E 317 38.66 34.01 -31.41
C THR E 317 37.29 33.50 -31.83
N LYS E 318 36.34 33.58 -30.88
CA LYS E 318 35.01 33.01 -31.09
C LYS E 318 34.31 33.60 -32.30
N ASN E 319 34.65 34.83 -32.66
CA ASN E 319 34.05 35.47 -33.83
C ASN E 319 34.39 34.74 -35.10
N GLU E 320 35.43 33.91 -35.08
CA GLU E 320 35.87 33.20 -36.28
C GLU E 320 35.28 31.80 -36.37
N ILE E 321 34.75 31.26 -35.27
CA ILE E 321 34.12 29.95 -35.31
C ILE E 321 33.00 29.95 -36.32
N PHE E 322 32.90 28.88 -37.08
CA PHE E 322 31.81 28.74 -38.02
C PHE E 322 31.67 27.26 -38.28
N SER E 323 30.46 26.84 -38.58
CA SER E 323 30.26 25.42 -38.84
C SER E 323 30.37 25.15 -40.33
N LEU E 324 31.17 24.16 -40.68
CA LEU E 324 31.26 23.67 -42.05
C LEU E 324 30.47 22.38 -42.24
N SER E 325 30.02 21.74 -41.17
CA SER E 325 29.18 20.56 -41.25
C SER E 325 27.93 20.78 -40.42
N LEU E 326 26.88 20.05 -40.80
CA LEU E 326 25.71 19.99 -39.95
C LEU E 326 26.03 19.34 -38.61
N CYS E 327 27.08 18.51 -38.55
CA CYS E 327 27.42 17.84 -37.29
C CYS E 327 27.80 18.87 -36.24
N GLY E 328 28.56 19.88 -36.63
CA GLY E 328 28.86 20.99 -35.74
C GLY E 328 29.89 21.92 -36.31
N PRO E 329 30.29 22.93 -35.52
CA PRO E 329 31.52 23.66 -35.85
C PRO E 329 32.77 22.84 -35.60
N MET E 330 32.77 22.10 -34.50
CA MET E 330 33.85 21.19 -34.12
C MET E 330 33.36 19.77 -34.41
N ALA E 331 33.93 19.12 -35.43
CA ALA E 331 33.63 17.74 -35.79
C ALA E 331 34.85 16.88 -35.53
N ALA E 332 34.65 15.76 -34.85
CA ALA E 332 35.76 14.84 -34.57
C ALA E 332 36.04 13.93 -35.76
N TYR E 333 37.33 13.73 -36.04
CA TYR E 333 37.75 12.88 -37.14
C TYR E 333 38.91 12.00 -36.70
N VAL E 334 39.11 10.92 -37.43
CA VAL E 334 40.16 9.97 -37.17
C VAL E 334 41.11 9.96 -38.35
N ASN E 335 42.39 9.84 -38.07
CA ASN E 335 43.43 9.87 -39.08
C ASN E 335 43.82 8.44 -39.46
N PRO E 336 44.67 8.30 -40.49
CA PRO E 336 45.03 6.95 -40.97
C PRO E 336 45.79 6.07 -40.00
N HIS E 337 46.26 6.57 -38.86
CA HIS E 337 46.89 5.71 -37.86
C HIS E 337 46.07 5.62 -36.57
N GLY E 338 44.76 5.89 -36.66
CA GLY E 338 43.85 5.71 -35.54
C GLY E 338 43.82 6.84 -34.53
N TYR E 339 44.46 7.97 -34.82
CA TYR E 339 44.44 9.11 -33.91
C TYR E 339 43.18 9.93 -34.19
N VAL E 340 42.46 10.28 -33.13
CA VAL E 340 41.23 11.05 -33.25
C VAL E 340 41.53 12.51 -32.90
N HIS E 341 41.05 13.42 -33.75
CA HIS E 341 41.17 14.86 -33.54
C HIS E 341 39.79 15.49 -33.52
N GLU E 342 39.50 16.29 -32.49
CA GLU E 342 38.30 17.12 -32.49
C GLU E 342 38.67 18.45 -33.14
N THR E 343 38.15 18.67 -34.36
CA THR E 343 38.60 19.71 -35.28
C THR E 343 37.58 20.85 -35.36
N LEU E 344 37.94 22.02 -34.83
CA LEU E 344 37.08 23.21 -34.85
C LEU E 344 37.43 24.05 -36.06
N THR E 345 36.46 24.30 -36.93
CA THR E 345 36.72 25.08 -38.12
C THR E 345 36.59 26.58 -37.82
N VAL E 346 37.59 27.36 -38.19
CA VAL E 346 37.64 28.80 -37.96
C VAL E 346 38.02 29.49 -39.26
N TYR E 347 37.40 30.64 -39.52
CA TYR E 347 37.72 31.40 -40.72
C TYR E 347 39.18 31.85 -40.72
N LYS E 348 39.70 32.25 -39.56
CA LYS E 348 41.01 32.89 -39.48
C LYS E 348 41.78 32.35 -38.29
N ALA E 349 43.09 32.18 -38.48
CA ALA E 349 43.98 31.92 -37.39
C ALA E 349 45.14 32.87 -37.50
N CYS E 350 45.82 33.07 -36.36
CA CYS E 350 47.02 33.91 -36.33
C CYS E 350 48.03 33.24 -35.39
N ASN E 351 49.28 33.70 -35.49
CA ASN E 351 50.40 33.16 -34.72
C ASN E 351 50.75 31.75 -35.15
N LEU E 352 50.52 31.41 -36.43
CA LEU E 352 50.79 30.07 -36.94
C LEU E 352 51.83 30.11 -38.07
N ASN E 353 52.71 29.11 -38.09
CA ASN E 353 53.56 28.83 -39.24
C ASN E 353 53.01 27.62 -39.99
N LEU E 354 53.37 27.51 -41.26
CA LEU E 354 52.93 26.40 -42.09
C LEU E 354 54.11 25.47 -42.41
N ILE E 355 53.94 24.19 -42.12
CA ILE E 355 54.96 23.18 -42.36
C ILE E 355 54.58 22.45 -43.64
N GLY E 356 55.38 22.64 -44.67
CA GLY E 356 55.22 21.80 -45.85
C GLY E 356 54.36 22.40 -46.93
N ARG E 357 53.70 21.57 -47.71
CA ARG E 357 52.91 21.96 -48.85
C ARG E 357 51.59 21.21 -48.75
N PRO E 358 50.56 21.65 -49.47
CA PRO E 358 49.20 21.16 -49.19
C PRO E 358 48.84 19.88 -49.94
N SER E 359 48.02 19.04 -49.29
CA SER E 359 47.75 17.70 -49.78
C SER E 359 46.26 17.41 -49.86
N THR E 360 45.85 16.83 -50.98
CA THR E 360 44.46 16.46 -51.22
C THR E 360 44.04 15.18 -50.49
N GLU E 361 44.94 14.21 -50.36
CA GLU E 361 44.55 12.87 -49.95
C GLU E 361 44.03 12.85 -48.52
N HIS E 362 43.05 11.98 -48.28
CA HIS E 362 42.50 11.73 -46.94
C HIS E 362 41.91 13.00 -46.30
N SER E 363 41.40 13.92 -47.12
CA SER E 363 40.86 15.18 -46.62
C SER E 363 39.59 14.93 -45.82
N TRP E 364 39.55 15.43 -44.58
CA TRP E 364 38.36 15.26 -43.80
C TRP E 364 37.19 16.07 -44.37
N PHE E 365 37.48 17.10 -45.16
CA PHE E 365 36.50 17.92 -45.85
C PHE E 365 36.83 17.90 -47.33
N PRO E 366 36.00 17.32 -48.19
CA PRO E 366 36.39 17.19 -49.59
C PRO E 366 36.61 18.56 -50.23
N GLY E 367 37.44 18.55 -51.28
CA GLY E 367 37.72 19.74 -52.04
C GLY E 367 38.76 20.66 -51.46
N TYR E 368 39.35 20.32 -50.33
CA TYR E 368 40.23 21.22 -49.61
C TYR E 368 41.48 20.46 -49.16
N ALA E 369 42.64 21.12 -49.27
CA ALA E 369 43.95 20.48 -49.09
C ALA E 369 44.67 21.02 -47.86
N TRP E 370 45.12 20.11 -46.99
CA TRP E 370 45.62 20.48 -45.67
C TRP E 370 47.14 20.67 -45.66
N THR E 371 47.57 21.60 -44.81
CA THR E 371 48.98 21.94 -44.61
C THR E 371 49.19 22.04 -43.12
N VAL E 372 50.13 21.26 -42.55
CA VAL E 372 50.32 21.29 -41.11
C VAL E 372 50.58 22.71 -40.63
N ALA E 373 50.03 23.09 -39.46
CA ALA E 373 50.21 24.44 -38.94
C ALA E 373 50.67 24.40 -37.50
N GLN E 374 51.65 25.23 -37.17
CA GLN E 374 52.34 25.14 -35.90
C GLN E 374 52.30 26.47 -35.16
N CYS E 375 52.25 26.38 -33.84
CA CYS E 375 52.33 27.58 -33.01
C CYS E 375 53.71 28.22 -33.14
N LYS E 376 53.73 29.53 -33.37
CA LYS E 376 54.96 30.20 -33.74
C LYS E 376 55.99 30.21 -32.62
N ILE E 377 55.57 30.17 -31.36
CA ILE E 377 56.51 30.24 -30.24
C ILE E 377 57.01 28.87 -29.82
N CYS E 378 56.07 27.93 -29.61
CA CYS E 378 56.38 26.63 -29.07
C CYS E 378 56.40 25.52 -30.13
N ALA E 379 56.04 25.83 -31.37
CA ALA E 379 56.05 24.89 -32.49
C ALA E 379 55.17 23.66 -32.25
N SER E 380 54.30 23.68 -31.24
CA SER E 380 53.40 22.56 -31.02
C SER E 380 52.39 22.50 -32.15
N HIS E 381 51.80 21.32 -32.31
CA HIS E 381 50.85 21.12 -33.41
C HIS E 381 49.48 21.66 -33.01
N ILE E 382 49.05 22.73 -33.68
CA ILE E 382 47.79 23.35 -33.36
C ILE E 382 46.68 22.88 -34.30
N GLY E 383 47.01 22.36 -35.48
CA GLY E 383 45.97 21.99 -36.45
C GLY E 383 46.51 21.95 -37.88
N TRP E 384 45.62 22.27 -38.82
CA TRP E 384 45.92 22.24 -40.24
C TRP E 384 45.21 23.40 -40.93
N LYS E 385 45.86 24.05 -41.89
CA LYS E 385 45.17 25.03 -42.72
C LYS E 385 44.68 24.38 -44.01
N PHE E 386 43.41 24.59 -44.34
CA PHE E 386 42.78 23.95 -45.49
C PHE E 386 42.63 24.93 -46.65
N THR E 387 43.00 24.48 -47.84
CA THR E 387 43.08 25.31 -49.03
C THR E 387 42.23 24.68 -50.13
N ALA E 388 41.51 25.51 -50.87
CA ALA E 388 40.48 24.99 -51.76
C ALA E 388 41.07 24.43 -53.04
N THR E 389 40.39 23.44 -53.61
CA THR E 389 40.86 22.82 -54.85
C THR E 389 40.57 23.68 -56.07
N LYS E 390 39.38 24.27 -56.17
CA LYS E 390 38.94 24.88 -57.41
C LYS E 390 38.53 26.33 -57.18
N LYS E 391 38.58 27.10 -58.27
CA LYS E 391 38.36 28.54 -58.19
C LYS E 391 36.93 28.88 -57.78
N ASP E 392 35.94 28.21 -58.41
CA ASP E 392 34.54 28.56 -58.17
C ASP E 392 34.16 28.37 -56.71
N MET E 393 34.64 27.30 -56.10
CA MET E 393 34.22 26.93 -54.76
C MET E 393 34.61 27.99 -53.73
N SER E 394 33.70 28.27 -52.80
CA SER E 394 33.90 29.15 -51.66
C SER E 394 33.34 28.46 -50.42
N PRO E 395 34.04 28.56 -49.26
CA PRO E 395 35.24 29.34 -48.96
C PRO E 395 36.54 28.73 -49.47
N GLN E 396 37.54 29.54 -49.87
CA GLN E 396 38.81 29.01 -50.36
C GLN E 396 39.87 28.89 -49.27
N LYS E 397 39.56 29.30 -48.04
CA LYS E 397 40.49 29.23 -46.92
C LYS E 397 39.73 29.06 -45.62
N PHE E 398 40.09 28.05 -44.83
CA PHE E 398 39.68 27.95 -43.43
C PHE E 398 40.75 27.17 -42.68
N TRP E 399 40.62 27.14 -41.35
CA TRP E 399 41.56 26.38 -40.52
C TRP E 399 40.79 25.33 -39.74
N GLY E 400 41.46 24.21 -39.47
CA GLY E 400 40.90 23.17 -38.63
C GLY E 400 41.85 22.95 -37.48
N LEU E 401 41.43 23.26 -36.27
CA LEU E 401 42.32 23.16 -35.12
C LEU E 401 41.90 21.99 -34.27
N THR E 402 42.85 21.43 -33.54
CA THR E 402 42.58 20.25 -32.73
C THR E 402 42.43 20.71 -31.28
N ARG E 403 41.26 20.41 -30.71
CA ARG E 403 40.89 20.92 -29.38
C ARG E 403 42.00 20.73 -28.37
N SER E 404 42.94 19.82 -28.65
CA SER E 404 43.97 19.47 -27.67
C SER E 404 44.87 20.65 -27.33
N ALA E 405 45.40 21.34 -28.36
CA ALA E 405 46.34 22.42 -28.09
C ALA E 405 45.66 23.76 -27.84
N LEU E 406 44.32 23.80 -27.90
CA LEU E 406 43.58 25.06 -27.79
C LEU E 406 43.05 25.23 -26.38
N LEU E 407 43.50 26.29 -25.70
CA LEU E 407 43.02 26.63 -24.38
C LEU E 407 41.95 27.69 -24.52
N PRO E 408 40.68 27.40 -24.23
CA PRO E 408 39.69 28.45 -24.16
C PRO E 408 40.11 29.40 -23.05
N THR E 409 40.42 30.63 -23.44
CA THR E 409 40.93 31.64 -22.55
C THR E 409 39.91 32.76 -22.51
N ILE E 410 39.36 33.01 -21.32
CA ILE E 410 38.55 34.20 -21.14
C ILE E 410 39.39 35.41 -21.51
N PRO E 411 38.93 36.31 -22.38
CA PRO E 411 39.74 37.45 -22.84
C PRO E 411 40.17 38.35 -21.69
N GLU F 14 58.35 -2.05 -42.65
CA GLU F 14 57.87 -0.71 -42.25
C GLU F 14 58.67 -0.12 -41.06
N PHE F 15 59.38 0.99 -41.27
CA PHE F 15 60.15 1.61 -40.18
C PHE F 15 59.47 2.89 -39.75
N ILE F 16 59.12 2.97 -38.46
CA ILE F 16 58.46 4.17 -37.90
C ILE F 16 59.37 4.70 -36.81
N VAL F 17 59.88 5.92 -36.98
CA VAL F 17 60.86 6.46 -36.06
C VAL F 17 60.21 7.56 -35.24
N GLY F 18 60.58 7.62 -33.97
CA GLY F 18 59.98 8.58 -33.05
C GLY F 18 58.56 8.26 -32.65
N GLY F 19 58.03 7.10 -33.02
CA GLY F 19 56.65 6.79 -32.79
C GLY F 19 55.67 7.54 -33.68
N LYS F 20 56.15 8.44 -34.54
CA LYS F 20 55.26 9.20 -35.40
C LYS F 20 55.70 9.30 -36.85
N TYR F 21 56.94 8.98 -37.20
CA TYR F 21 57.51 9.32 -38.51
C TYR F 21 57.75 8.05 -39.36
N LYS F 22 56.97 7.91 -40.43
CA LYS F 22 56.97 6.73 -41.29
C LYS F 22 57.78 7.02 -42.54
N LEU F 23 58.87 6.27 -42.72
CA LEU F 23 59.69 6.45 -43.91
C LEU F 23 58.86 6.06 -45.13
N VAL F 24 58.95 6.89 -46.17
CA VAL F 24 58.14 6.75 -47.40
C VAL F 24 59.03 6.32 -48.56
N ARG F 25 60.07 7.08 -48.84
CA ARG F 25 61.00 6.73 -49.89
C ARG F 25 62.38 7.21 -49.45
N LYS F 26 63.40 6.68 -50.10
CA LYS F 26 64.74 7.20 -49.98
C LYS F 26 64.79 8.45 -50.86
N ILE F 27 65.09 9.60 -50.27
CA ILE F 27 65.25 10.82 -51.07
C ILE F 27 66.66 11.36 -51.04
N GLY F 28 67.59 10.70 -50.34
CA GLY F 28 68.98 11.12 -50.30
C GLY F 28 69.94 9.99 -49.95
N SER F 29 71.22 10.33 -50.04
CA SER F 29 72.31 9.47 -49.62
C SER F 29 73.36 10.32 -48.91
N GLY F 30 74.12 9.68 -48.02
CA GLY F 30 75.22 10.34 -47.34
C GLY F 30 76.35 9.41 -46.92
N SER F 31 77.29 9.93 -46.13
CA SER F 31 78.37 9.10 -45.61
C SER F 31 77.90 8.21 -44.47
N PHE F 32 77.00 8.70 -43.62
CA PHE F 32 76.37 7.89 -42.57
C PHE F 32 75.43 6.85 -43.17
N GLY F 33 74.60 7.27 -44.13
CA GLY F 33 73.55 6.44 -44.68
C GLY F 33 72.67 7.30 -45.57
N ASP F 34 71.54 6.73 -45.94
CA ASP F 34 70.62 7.47 -46.79
C ASP F 34 69.73 8.43 -45.97
N ILE F 35 69.12 9.38 -46.68
CA ILE F 35 68.18 10.29 -46.07
C ILE F 35 66.80 9.94 -46.60
N TYR F 36 65.87 9.78 -45.68
CA TYR F 36 64.53 9.33 -46.01
C TYR F 36 63.50 10.43 -45.72
N LEU F 37 62.56 10.55 -46.65
CA LEU F 37 61.36 11.33 -46.44
C LEU F 37 60.43 10.61 -45.49
N ALA F 38 60.12 11.23 -44.35
CA ALA F 38 59.24 10.61 -43.37
C ALA F 38 58.02 11.49 -43.17
N ILE F 39 56.96 10.90 -42.64
CA ILE F 39 55.69 11.58 -42.44
C ILE F 39 55.15 11.30 -41.04
N ASN F 40 54.63 12.34 -40.38
CA ASN F 40 54.16 12.28 -38.99
C ASN F 40 52.81 11.55 -38.93
N ILE F 41 52.77 10.39 -38.24
CA ILE F 41 51.60 9.50 -38.32
C ILE F 41 50.41 10.09 -37.57
N THR F 42 50.60 11.23 -36.92
CA THR F 42 49.47 11.88 -36.29
C THR F 42 48.85 12.96 -37.16
N ASN F 43 49.64 13.74 -37.90
CA ASN F 43 49.14 14.97 -38.50
C ASN F 43 49.48 15.19 -39.97
N GLY F 44 50.28 14.32 -40.61
CA GLY F 44 50.62 14.47 -42.01
C GLY F 44 51.82 15.34 -42.31
N GLU F 45 52.41 15.98 -41.30
CA GLU F 45 53.64 16.74 -41.48
C GLU F 45 54.70 15.83 -42.09
N GLU F 46 55.36 16.31 -43.15
CA GLU F 46 56.51 15.61 -43.67
C GLU F 46 57.77 16.14 -43.00
N VAL F 47 58.71 15.24 -42.72
CA VAL F 47 60.03 15.58 -42.23
C VAL F 47 61.08 14.92 -43.10
N ALA F 48 62.33 15.19 -42.74
CA ALA F 48 63.50 14.45 -43.21
C ALA F 48 64.02 13.62 -42.05
N VAL F 49 64.37 12.35 -42.33
CA VAL F 49 64.90 11.44 -41.32
C VAL F 49 66.29 10.99 -41.78
N LYS F 50 67.31 11.36 -41.01
CA LYS F 50 68.69 10.95 -41.26
C LYS F 50 68.96 9.72 -40.40
N LEU F 51 69.31 8.60 -41.04
CA LEU F 51 69.48 7.32 -40.35
C LEU F 51 70.92 6.84 -40.45
N GLU F 52 71.49 6.46 -39.31
CA GLU F 52 72.87 5.98 -39.27
C GLU F 52 72.95 4.72 -38.44
N SER F 53 73.57 3.69 -39.01
CA SER F 53 73.80 2.45 -38.28
C SER F 53 74.66 2.70 -37.06
N GLN F 54 74.29 2.10 -35.93
CA GLN F 54 75.19 2.07 -34.79
C GLN F 54 76.41 1.24 -35.20
N LYS F 55 77.60 1.81 -34.98
CA LYS F 55 78.89 1.23 -35.33
C LYS F 55 79.21 1.28 -36.82
N ALA F 56 78.59 2.19 -37.59
CA ALA F 56 79.03 2.43 -38.96
C ALA F 56 80.42 3.06 -38.96
N ARG F 57 81.18 2.84 -40.05
CA ARG F 57 82.61 3.14 -40.01
C ARG F 57 82.87 4.64 -39.91
N HIS F 58 82.05 5.47 -40.55
CA HIS F 58 82.16 6.93 -40.45
C HIS F 58 80.89 7.49 -39.82
N PRO F 59 80.85 7.65 -38.51
CA PRO F 59 79.63 8.15 -37.85
C PRO F 59 79.67 9.66 -37.68
N GLN F 60 78.48 10.27 -37.76
CA GLN F 60 78.36 11.69 -37.45
C GLN F 60 77.11 12.11 -36.68
N LEU F 61 76.01 11.37 -36.73
CA LEU F 61 74.72 11.96 -36.35
C LEU F 61 74.76 12.52 -34.94
N LEU F 62 75.30 11.76 -33.97
CA LEU F 62 75.27 12.26 -32.59
C LEU F 62 76.00 13.60 -32.47
N TYR F 63 77.15 13.73 -33.13
CA TYR F 63 77.80 15.03 -33.16
C TYR F 63 76.92 16.06 -33.83
N GLU F 64 76.31 15.71 -34.98
CA GLU F 64 75.49 16.68 -35.70
C GLU F 64 74.38 17.22 -34.80
N SER F 65 73.75 16.35 -34.02
CA SER F 65 72.68 16.77 -33.13
C SER F 65 73.14 17.87 -32.18
N LYS F 66 74.37 17.75 -31.64
CA LYS F 66 74.89 18.79 -30.77
C LYS F 66 75.11 20.10 -31.50
N LEU F 67 75.52 20.02 -32.78
CA LEU F 67 75.79 21.26 -33.48
C LEU F 67 74.49 21.98 -33.86
N TYR F 68 73.42 21.24 -34.15
CA TYR F 68 72.13 21.91 -34.29
C TYR F 68 71.70 22.57 -32.99
N LYS F 69 71.92 21.89 -31.86
CA LYS F 69 71.63 22.49 -30.56
C LYS F 69 72.45 23.77 -30.33
N ILE F 70 73.62 23.89 -30.93
CA ILE F 70 74.35 25.15 -30.81
C ILE F 70 73.84 26.17 -31.81
N LEU F 71 73.53 25.70 -33.01
CA LEU F 71 73.20 26.58 -34.12
C LEU F 71 71.72 26.93 -34.21
N GLN F 72 70.86 26.32 -33.39
CA GLN F 72 69.46 26.72 -33.39
C GLN F 72 69.37 28.21 -33.13
N GLY F 73 68.53 28.91 -33.91
CA GLY F 73 68.29 30.32 -33.64
C GLY F 73 68.56 31.26 -34.79
N GLY F 74 69.62 30.96 -35.54
CA GLY F 74 69.85 31.66 -36.78
C GLY F 74 68.93 31.20 -37.88
N VAL F 75 68.74 32.07 -38.86
CA VAL F 75 67.92 31.75 -40.01
C VAL F 75 68.77 30.93 -40.97
N GLY F 76 68.11 30.03 -41.69
CA GLY F 76 68.84 29.18 -42.59
C GLY F 76 69.45 27.95 -41.97
N ILE F 77 69.17 27.68 -40.69
CA ILE F 77 69.64 26.48 -40.00
C ILE F 77 68.41 25.63 -39.66
N PRO F 78 68.39 24.33 -39.96
CA PRO F 78 67.16 23.56 -39.76
C PRO F 78 66.81 23.33 -38.28
N HIS F 79 65.54 23.03 -38.08
CA HIS F 79 64.99 22.66 -36.79
C HIS F 79 65.13 21.16 -36.61
N ILE F 80 65.63 20.74 -35.46
CA ILE F 80 65.74 19.33 -35.16
C ILE F 80 64.51 18.93 -34.35
N ARG F 81 63.64 18.13 -34.99
CA ARG F 81 62.40 17.71 -34.34
C ARG F 81 62.64 16.61 -33.32
N TRP F 82 63.57 15.70 -33.55
CA TRP F 82 63.88 14.67 -32.56
C TRP F 82 65.18 13.95 -32.90
N TYR F 83 65.96 13.60 -31.86
CA TYR F 83 67.11 12.70 -31.97
C TYR F 83 67.01 11.53 -31.00
N GLY F 84 67.42 10.35 -31.47
CA GLY F 84 67.53 9.18 -30.63
C GLY F 84 67.98 7.90 -31.32
N GLN F 85 67.48 6.77 -30.84
CA GLN F 85 67.76 5.46 -31.38
C GLN F 85 66.44 4.73 -31.65
N GLU F 86 66.38 4.04 -32.78
CA GLU F 86 65.26 3.15 -33.13
C GLU F 86 65.85 1.93 -33.81
N LYS F 87 65.71 0.76 -33.19
CA LYS F 87 66.31 -0.49 -33.68
C LYS F 87 67.84 -0.33 -33.62
N ASP F 88 68.56 -0.75 -34.66
CA ASP F 88 70.03 -0.72 -34.62
C ASP F 88 70.59 0.57 -35.20
N TYR F 89 69.88 1.67 -35.05
CA TYR F 89 70.14 2.92 -35.76
C TYR F 89 70.16 4.11 -34.80
N ASN F 90 70.86 5.17 -35.22
CA ASN F 90 70.77 6.50 -34.61
C ASN F 90 69.91 7.38 -35.52
N VAL F 91 68.97 8.12 -34.91
CA VAL F 91 67.92 8.81 -35.65
C VAL F 91 67.98 10.31 -35.36
N LEU F 92 68.14 11.11 -36.40
CA LEU F 92 68.00 12.56 -36.33
C LEU F 92 66.90 12.97 -37.30
N VAL F 93 65.84 13.59 -36.77
CA VAL F 93 64.66 13.97 -37.55
C VAL F 93 64.55 15.48 -37.57
N MET F 94 64.35 16.04 -38.76
CA MET F 94 64.55 17.46 -38.99
C MET F 94 63.63 17.92 -40.10
N ASP F 95 63.55 19.25 -40.25
CA ASP F 95 62.75 19.86 -41.30
C ASP F 95 63.03 19.18 -42.62
N LEU F 96 62.03 19.10 -43.47
CA LEU F 96 62.26 18.67 -44.84
C LEU F 96 62.62 19.91 -45.64
N LEU F 97 63.75 19.86 -46.34
CA LEU F 97 64.19 20.96 -47.18
C LEU F 97 64.12 20.55 -48.65
N GLY F 98 64.32 21.53 -49.53
CA GLY F 98 64.17 21.32 -50.95
C GLY F 98 65.42 20.74 -51.57
N PRO F 99 65.66 21.01 -52.85
CA PRO F 99 66.85 20.46 -53.49
C PRO F 99 68.11 21.19 -53.05
N SER F 100 69.27 20.62 -53.40
CA SER F 100 70.56 21.27 -53.21
C SER F 100 70.87 22.14 -54.43
N LEU F 101 71.74 23.12 -54.21
CA LEU F 101 72.20 23.97 -55.32
C LEU F 101 72.76 23.14 -56.49
N GLU F 102 73.51 22.06 -56.21
CA GLU F 102 73.93 21.22 -57.31
C GLU F 102 72.73 20.61 -58.01
N ASP F 103 71.73 20.19 -57.24
CA ASP F 103 70.51 19.66 -57.86
C ASP F 103 69.83 20.71 -58.74
N LEU F 104 69.77 21.95 -58.27
CA LEU F 104 69.16 23.02 -59.07
C LEU F 104 70.06 23.47 -60.21
N PHE F 105 71.37 23.42 -59.98
CA PHE F 105 72.34 23.60 -61.04
C PHE F 105 72.08 22.64 -62.18
N ASN F 106 71.97 21.36 -61.83
CA ASN F 106 71.66 20.32 -62.81
C ASN F 106 70.28 20.55 -63.43
N PHE F 107 69.34 21.09 -62.66
CA PHE F 107 68.03 21.43 -63.21
C PHE F 107 68.17 22.48 -64.30
N CYS F 108 69.07 23.46 -64.09
CA CYS F 108 69.27 24.54 -65.04
C CYS F 108 70.28 24.19 -66.10
N SER F 109 70.54 22.90 -66.32
CA SER F 109 71.48 22.46 -67.34
C SER F 109 72.88 22.98 -67.07
N ARG F 110 73.29 22.93 -65.81
CA ARG F 110 74.69 23.17 -65.42
C ARG F 110 75.10 24.59 -65.80
N ARG F 111 74.28 25.55 -65.42
CA ARG F 111 74.51 26.92 -65.84
C ARG F 111 73.68 27.85 -64.96
N PHE F 112 74.34 28.78 -64.30
CA PHE F 112 73.66 29.82 -63.53
C PHE F 112 73.95 31.17 -64.16
N THR F 113 72.92 32.02 -64.19
CA THR F 113 73.07 33.42 -64.59
C THR F 113 73.73 34.24 -63.49
N MET F 114 74.38 35.33 -63.91
CA MET F 114 75.07 36.19 -62.96
C MET F 114 74.11 36.73 -61.89
N LYS F 115 72.83 36.93 -62.24
CA LYS F 115 71.89 37.38 -61.21
C LYS F 115 71.64 36.28 -60.17
N THR F 116 71.57 35.01 -60.60
CA THR F 116 71.36 33.92 -59.65
C THR F 116 72.60 33.67 -58.83
N VAL F 117 73.79 33.85 -59.39
CA VAL F 117 74.98 33.72 -58.57
C VAL F 117 75.02 34.82 -57.52
N LEU F 118 74.78 36.06 -57.94
CA LEU F 118 74.89 37.18 -57.02
C LEU F 118 73.78 37.14 -55.95
N MET F 119 72.57 36.73 -56.33
CA MET F 119 71.55 36.46 -55.32
C MET F 119 72.03 35.36 -54.36
N LEU F 120 72.44 34.21 -54.92
CA LEU F 120 72.87 33.10 -54.07
C LEU F 120 74.07 33.50 -53.20
N ALA F 121 74.93 34.39 -53.73
CA ALA F 121 76.15 34.74 -53.02
C ALA F 121 75.83 35.38 -51.69
N ASP F 122 74.77 36.19 -51.66
CA ASP F 122 74.60 37.06 -50.52
C ASP F 122 74.14 36.25 -49.32
N GLN F 123 73.19 35.34 -49.52
CA GLN F 123 72.77 34.48 -48.41
C GLN F 123 73.89 33.55 -47.99
N MET F 124 74.61 33.00 -48.98
CA MET F 124 75.68 32.06 -48.67
C MET F 124 76.74 32.68 -47.78
N ILE F 125 77.04 33.95 -47.96
CA ILE F 125 77.99 34.59 -47.06
C ILE F 125 77.47 34.55 -45.63
N SER F 126 76.15 34.73 -45.48
CA SER F 126 75.54 34.92 -44.16
C SER F 126 75.35 33.59 -43.43
N ARG F 127 74.99 32.53 -44.18
CA ARG F 127 74.90 31.22 -43.54
C ARG F 127 76.24 30.85 -42.90
N ILE F 128 77.31 30.95 -43.68
CA ILE F 128 78.62 30.70 -43.12
C ILE F 128 78.91 31.69 -42.03
N GLU F 129 78.43 32.93 -42.18
CA GLU F 129 78.69 33.91 -41.12
C GLU F 129 77.94 33.54 -39.85
N TYR F 130 76.71 33.06 -39.97
CA TYR F 130 75.99 32.67 -38.77
C TYR F 130 76.73 31.55 -38.04
N VAL F 131 77.18 30.53 -38.79
CA VAL F 131 77.97 29.46 -38.17
C VAL F 131 79.18 30.06 -37.46
N HIS F 132 79.92 30.95 -38.14
CA HIS F 132 81.18 31.48 -37.60
C HIS F 132 80.97 32.14 -36.24
N THR F 133 79.82 32.79 -36.05
CA THR F 133 79.54 33.49 -34.79
C THR F 133 79.33 32.51 -33.65
N LYS F 134 78.73 31.36 -33.93
CA LYS F 134 78.50 30.34 -32.92
C LYS F 134 79.75 29.55 -32.61
N ASN F 135 80.92 30.04 -33.05
CA ASN F 135 82.26 29.53 -32.79
C ASN F 135 82.73 28.37 -33.66
N PHE F 136 82.13 28.11 -34.83
CA PHE F 136 82.51 26.96 -35.63
C PHE F 136 82.84 27.32 -37.08
N ILE F 137 83.59 26.41 -37.74
CA ILE F 137 83.81 26.41 -39.18
C ILE F 137 83.17 25.15 -39.74
N HIS F 138 82.77 25.22 -41.01
CA HIS F 138 82.06 24.12 -41.62
C HIS F 138 83.02 23.04 -42.15
N ARG F 139 84.04 23.45 -42.89
CA ARG F 139 85.02 22.59 -43.52
C ARG F 139 84.39 21.66 -44.55
N ASP F 140 83.14 21.89 -44.96
CA ASP F 140 82.59 21.11 -46.09
C ASP F 140 81.74 22.00 -47.00
N ILE F 141 82.25 23.19 -47.34
CA ILE F 141 81.51 24.08 -48.24
C ILE F 141 81.45 23.49 -49.64
N LYS F 142 80.24 23.22 -50.12
CA LYS F 142 80.06 22.68 -51.47
C LYS F 142 78.62 22.95 -51.92
N PRO F 143 78.36 22.97 -53.23
CA PRO F 143 76.99 23.26 -53.67
C PRO F 143 75.98 22.27 -53.14
N ASP F 144 76.42 21.11 -52.67
CA ASP F 144 75.52 20.06 -52.25
C ASP F 144 75.12 20.17 -50.80
N ASN F 145 75.76 21.06 -50.05
CA ASN F 145 75.36 21.27 -48.67
C ASN F 145 74.60 22.57 -48.47
N PHE F 146 74.34 23.31 -49.55
CA PHE F 146 73.42 24.45 -49.53
C PHE F 146 72.15 23.98 -50.19
N LEU F 147 71.10 23.85 -49.39
CA LEU F 147 69.78 23.50 -49.88
C LEU F 147 68.83 24.66 -49.66
N MET F 148 67.82 24.71 -50.53
CA MET F 148 66.72 25.65 -50.46
C MET F 148 65.57 25.04 -49.68
N GLY F 149 64.74 25.91 -49.12
CA GLY F 149 63.64 25.47 -48.32
C GLY F 149 62.45 25.03 -49.13
N ILE F 150 61.37 24.75 -48.40
CA ILE F 150 60.11 24.28 -48.96
C ILE F 150 59.00 25.25 -48.56
N GLY F 151 58.04 25.47 -49.45
CA GLY F 151 56.86 26.23 -49.12
C GLY F 151 57.13 27.65 -48.68
N ARG F 152 56.90 27.94 -47.40
CA ARG F 152 57.19 29.28 -46.89
C ARG F 152 58.67 29.61 -46.99
N HIS F 153 59.51 28.61 -47.13
CA HIS F 153 60.95 28.80 -47.11
C HIS F 153 61.60 28.62 -48.47
N CYS F 154 60.82 28.55 -49.55
CA CYS F 154 61.34 28.15 -50.85
C CYS F 154 62.30 29.17 -51.46
N ASN F 155 62.48 30.33 -50.84
CA ASN F 155 63.48 31.28 -51.29
C ASN F 155 64.67 31.36 -50.38
N LYS F 156 64.71 30.54 -49.33
CA LYS F 156 65.78 30.59 -48.35
C LYS F 156 66.83 29.54 -48.66
N LEU F 157 68.08 29.89 -48.37
CA LEU F 157 69.16 28.92 -48.49
C LEU F 157 69.51 28.42 -47.09
N PHE F 158 69.60 27.08 -46.94
CA PHE F 158 69.92 26.44 -45.68
C PHE F 158 71.27 25.77 -45.80
N LEU F 159 72.17 26.10 -44.90
CA LEU F 159 73.48 25.50 -44.84
C LEU F 159 73.41 24.31 -43.89
N ILE F 160 73.79 23.11 -44.37
CA ILE F 160 73.59 21.86 -43.62
C ILE F 160 74.81 20.94 -43.67
N ASP F 161 74.66 19.73 -43.11
CA ASP F 161 75.70 18.70 -42.99
C ASP F 161 76.86 19.20 -42.14
N PHE F 162 76.59 19.35 -40.85
CA PHE F 162 77.66 19.84 -39.96
C PHE F 162 78.67 18.75 -39.58
N GLY F 163 78.63 17.61 -40.24
CA GLY F 163 79.47 16.50 -39.90
C GLY F 163 80.97 16.75 -39.78
N LEU F 164 81.48 17.79 -40.43
CA LEU F 164 82.92 18.07 -40.33
C LEU F 164 83.21 19.33 -39.54
N ALA F 165 82.20 19.92 -38.92
CA ALA F 165 82.33 21.25 -38.36
C ALA F 165 83.18 21.26 -37.09
N LYS F 166 84.15 22.17 -37.06
CA LYS F 166 85.20 22.20 -36.04
C LYS F 166 85.16 23.53 -35.30
N LYS F 167 85.20 23.47 -33.98
CA LYS F 167 85.34 24.71 -33.22
C LYS F 167 86.66 25.38 -33.55
N TYR F 168 86.65 26.71 -33.64
CA TYR F 168 87.86 27.48 -33.92
C TYR F 168 88.15 28.54 -32.87
N ARG F 169 87.27 28.73 -31.88
CA ARG F 169 87.56 29.58 -30.73
C ARG F 169 86.69 29.14 -29.57
N ASP F 170 87.17 29.43 -28.35
CA ASP F 170 86.44 29.15 -27.13
C ASP F 170 85.36 30.20 -26.89
N ASN F 171 84.17 29.76 -26.46
CA ASN F 171 83.04 30.71 -26.34
C ASN F 171 83.32 31.79 -25.28
N ARG F 172 83.84 31.41 -24.11
CA ARG F 172 84.09 32.40 -23.07
C ARG F 172 85.22 33.35 -23.47
N THR F 173 86.42 32.81 -23.68
CA THR F 173 87.59 33.66 -23.87
C THR F 173 87.65 34.32 -25.25
N ARG F 174 87.02 33.70 -26.26
CA ARG F 174 87.14 34.04 -27.68
C ARG F 174 88.55 33.81 -28.23
N GLN F 175 89.35 33.02 -27.52
CA GLN F 175 90.71 32.71 -27.92
C GLN F 175 90.72 31.72 -29.07
N HIS F 176 91.46 32.07 -30.12
CA HIS F 176 91.47 31.28 -31.34
C HIS F 176 92.31 30.03 -31.15
N ILE F 177 91.99 28.99 -31.94
CA ILE F 177 92.69 27.71 -31.91
C ILE F 177 94.12 27.86 -32.39
N PRO F 178 95.02 27.00 -31.93
CA PRO F 178 96.42 27.07 -32.35
C PRO F 178 96.63 26.64 -33.80
N TYR F 179 97.63 27.27 -34.42
CA TYR F 179 98.04 26.92 -35.77
C TYR F 179 98.67 25.54 -35.77
N ARG F 180 98.29 24.73 -36.75
CA ARG F 180 98.88 23.41 -36.91
C ARG F 180 99.22 23.20 -38.37
N GLU F 181 100.22 22.35 -38.59
CA GLU F 181 100.59 21.86 -39.90
C GLU F 181 100.58 20.34 -39.86
N ASP F 182 100.82 19.75 -41.02
CA ASP F 182 100.72 18.31 -41.18
C ASP F 182 99.33 17.84 -40.75
N LYS F 183 98.30 18.31 -41.46
CA LYS F 183 96.95 17.79 -41.31
C LYS F 183 96.54 17.14 -42.62
N ASN F 184 95.75 16.08 -42.51
CA ASN F 184 95.15 15.42 -43.66
C ASN F 184 93.87 16.13 -44.06
N LEU F 185 93.57 16.17 -45.36
CA LEU F 185 92.49 17.02 -45.84
C LEU F 185 91.13 16.51 -45.41
N THR F 186 90.37 17.40 -44.77
CA THR F 186 89.00 17.16 -44.33
C THR F 186 88.07 17.88 -45.31
N GLY F 187 87.28 17.10 -46.05
CA GLY F 187 86.30 17.65 -46.96
C GLY F 187 86.56 17.21 -48.39
N THR F 188 85.62 17.64 -49.24
CA THR F 188 85.74 17.42 -50.67
C THR F 188 86.97 18.16 -51.19
N ALA F 189 87.79 17.47 -51.99
CA ALA F 189 88.96 18.14 -52.54
C ALA F 189 88.56 19.32 -53.40
N ARG F 190 87.50 19.17 -54.21
CA ARG F 190 87.27 20.12 -55.30
C ARG F 190 87.33 21.54 -54.80
N TYR F 191 86.67 21.81 -53.66
CA TYR F 191 86.48 23.17 -53.16
C TYR F 191 87.35 23.53 -51.95
N ALA F 192 88.26 22.67 -51.53
CA ALA F 192 89.04 22.98 -50.33
C ALA F 192 89.90 24.22 -50.59
N SER F 193 90.28 24.92 -49.52
CA SER F 193 91.16 26.07 -49.76
C SER F 193 92.55 25.56 -50.15
N ILE F 194 93.35 26.44 -50.75
CA ILE F 194 94.72 26.03 -51.07
C ILE F 194 95.44 25.61 -49.79
N ASN F 195 95.40 26.44 -48.76
CA ASN F 195 96.08 26.10 -47.53
C ASN F 195 95.51 24.84 -46.87
N ALA F 196 94.25 24.52 -47.12
CA ALA F 196 93.73 23.27 -46.58
C ALA F 196 94.33 22.09 -47.35
N HIS F 197 94.67 22.28 -48.64
CA HIS F 197 95.37 21.24 -49.39
C HIS F 197 96.77 21.01 -48.83
N LEU F 198 97.47 22.09 -48.48
CA LEU F 198 98.84 21.99 -47.93
C LEU F 198 98.88 21.42 -46.57
N GLY F 199 97.81 20.86 -46.04
CA GLY F 199 97.84 20.33 -44.70
C GLY F 199 97.72 21.35 -43.59
N ILE F 200 97.72 22.66 -43.92
CA ILE F 200 97.53 23.68 -42.90
C ILE F 200 96.15 23.51 -42.31
N GLU F 201 96.03 23.87 -41.04
CA GLU F 201 94.77 23.83 -40.31
C GLU F 201 93.79 24.83 -40.90
N GLN F 202 92.52 24.57 -40.69
CA GLN F 202 91.46 25.40 -41.26
C GLN F 202 90.92 26.41 -40.25
N SER F 203 90.66 27.61 -40.73
CA SER F 203 90.05 28.64 -39.92
C SER F 203 88.91 29.25 -40.72
N ARG F 204 88.34 30.36 -40.23
CA ARG F 204 87.26 31.04 -40.94
C ARG F 204 87.62 31.27 -42.39
N ARG F 205 88.84 31.75 -42.62
CA ARG F 205 89.29 32.13 -43.96
C ARG F 205 89.13 30.99 -44.97
N ASP F 206 89.24 29.73 -44.52
CA ASP F 206 89.15 28.59 -45.43
C ASP F 206 87.71 28.32 -45.88
N ASP F 207 86.73 28.47 -44.98
CA ASP F 207 85.32 28.42 -45.39
C ASP F 207 85.06 29.42 -46.50
N MET F 208 85.57 30.64 -46.31
CA MET F 208 85.34 31.71 -47.28
C MET F 208 85.99 31.41 -48.63
N GLU F 209 87.31 31.16 -48.63
CA GLU F 209 88.02 30.78 -49.86
C GLU F 209 87.29 29.67 -50.60
N SER F 210 86.84 28.65 -49.86
CA SER F 210 86.03 27.60 -50.46
C SER F 210 84.79 28.17 -51.17
N LEU F 211 84.06 29.07 -50.48
CA LEU F 211 82.81 29.58 -51.05
C LEU F 211 83.06 30.14 -52.45
N GLY F 212 84.22 30.77 -52.64
CA GLY F 212 84.52 31.36 -53.94
C GLY F 212 84.71 30.31 -55.02
N TYR F 213 85.39 29.21 -54.68
CA TYR F 213 85.47 28.13 -55.65
C TYR F 213 84.08 27.59 -55.95
N VAL F 214 83.18 27.59 -54.95
CA VAL F 214 81.80 27.19 -55.23
C VAL F 214 81.15 28.19 -56.18
N LEU F 215 81.41 29.49 -55.97
CA LEU F 215 80.78 30.49 -56.82
C LEU F 215 81.33 30.42 -58.24
N MET F 216 82.65 30.29 -58.38
CA MET F 216 83.22 30.25 -59.71
C MET F 216 82.79 29.00 -60.44
N TYR F 217 82.68 27.89 -59.69
CA TYR F 217 82.12 26.65 -60.21
C TYR F 217 80.73 26.82 -60.80
N PHE F 218 79.94 27.80 -60.29
CA PHE F 218 78.67 28.10 -60.93
C PHE F 218 78.86 28.92 -62.18
N ASN F 219 79.87 29.79 -62.17
CA ASN F 219 80.04 30.81 -63.20
C ASN F 219 80.54 30.20 -64.50
N ARG F 220 81.77 29.70 -64.46
CA ARG F 220 82.18 28.68 -65.41
C ARG F 220 81.35 27.45 -65.13
N THR F 221 81.04 26.68 -66.17
CA THR F 221 80.28 25.46 -65.93
C THR F 221 81.04 24.47 -65.06
N SER F 222 82.31 24.70 -64.82
CA SER F 222 83.16 23.74 -64.14
C SER F 222 84.43 24.44 -63.72
N LEU F 223 85.18 23.81 -62.85
CA LEU F 223 86.46 24.37 -62.40
C LEU F 223 87.63 23.69 -63.11
N PRO F 224 88.76 24.40 -63.22
CA PRO F 224 89.93 23.79 -63.87
C PRO F 224 90.50 22.60 -63.11
N TRP F 225 90.45 22.57 -61.78
CA TRP F 225 91.03 21.44 -61.04
C TRP F 225 90.14 20.19 -61.07
N GLN F 226 89.12 20.19 -61.93
CA GLN F 226 88.18 19.09 -62.06
C GLN F 226 88.76 18.04 -63.02
N GLY F 227 88.44 16.78 -62.75
CA GLY F 227 88.74 15.70 -63.69
C GLY F 227 90.21 15.47 -63.96
N LEU F 228 91.05 15.59 -62.94
CA LEU F 228 92.44 15.19 -63.01
C LEU F 228 92.53 13.84 -62.33
N LYS F 229 92.80 12.80 -63.12
CA LYS F 229 92.81 11.44 -62.60
C LYS F 229 94.24 11.01 -62.35
N ALA F 230 94.42 10.24 -61.28
CA ALA F 230 95.69 9.61 -60.97
C ALA F 230 95.34 8.42 -60.11
N ALA F 231 96.32 7.52 -59.94
CA ALA F 231 96.03 6.20 -59.41
C ALA F 231 95.41 6.24 -58.01
N THR F 232 96.18 6.67 -57.03
CA THR F 232 95.68 6.62 -55.67
C THR F 232 94.84 7.86 -55.36
N LYS F 233 94.12 7.80 -54.24
CA LYS F 233 93.48 9.01 -53.77
C LYS F 233 94.55 10.07 -53.47
N LYS F 234 95.66 9.67 -52.84
CA LYS F 234 96.70 10.62 -52.49
C LYS F 234 97.18 11.40 -53.71
N GLN F 235 97.17 10.77 -54.89
CA GLN F 235 97.55 11.49 -56.10
C GLN F 235 96.48 12.47 -56.53
N LYS F 236 95.22 12.04 -56.51
CA LYS F 236 94.12 12.89 -56.96
C LYS F 236 94.10 14.23 -56.22
N TYR F 237 94.31 14.21 -54.90
CA TYR F 237 94.39 15.46 -54.14
C TYR F 237 95.57 16.30 -54.59
N GLU F 238 96.74 15.69 -54.80
CA GLU F 238 97.91 16.51 -55.10
C GLU F 238 97.81 17.12 -56.49
N LYS F 239 97.29 16.37 -57.45
CA LYS F 239 97.10 16.92 -58.80
C LYS F 239 96.21 18.13 -58.73
N ILE F 240 95.15 18.04 -57.93
CA ILE F 240 94.22 19.15 -57.73
C ILE F 240 94.91 20.31 -57.02
N SER F 241 95.63 20.03 -55.92
CA SER F 241 96.34 21.08 -55.22
C SER F 241 97.34 21.80 -56.13
N GLU F 242 98.08 21.05 -56.94
CA GLU F 242 99.03 21.71 -57.82
C GLU F 242 98.34 22.55 -58.91
N LYS F 243 97.26 22.03 -59.52
CA LYS F 243 96.48 22.89 -60.41
C LYS F 243 95.85 24.07 -59.66
N LYS F 244 95.62 23.93 -58.35
CA LYS F 244 95.08 25.03 -57.58
C LYS F 244 96.16 26.05 -57.26
N MET F 245 97.27 25.59 -56.70
CA MET F 245 98.38 26.49 -56.44
C MET F 245 98.87 27.14 -57.71
N SER F 246 98.92 26.38 -58.81
CA SER F 246 99.40 26.91 -60.08
C SER F 246 98.51 28.02 -60.63
N THR F 247 97.20 27.78 -60.66
CA THR F 247 96.30 28.72 -61.33
C THR F 247 96.18 30.03 -60.56
N PRO F 248 96.56 31.17 -61.12
CA PRO F 248 96.32 32.45 -60.42
C PRO F 248 94.85 32.83 -60.46
N VAL F 249 94.45 33.64 -59.47
CA VAL F 249 93.04 33.99 -59.33
C VAL F 249 92.54 34.66 -60.60
N GLU F 250 93.34 35.54 -61.19
CA GLU F 250 92.94 36.27 -62.39
C GLU F 250 92.74 35.33 -63.58
N VAL F 251 93.38 34.16 -63.55
CA VAL F 251 93.17 33.15 -64.58
C VAL F 251 91.79 32.50 -64.38
N LEU F 252 91.52 32.06 -63.16
CA LEU F 252 90.25 31.41 -62.82
C LEU F 252 89.07 32.29 -63.13
N CYS F 253 89.13 33.55 -62.69
CA CYS F 253 88.03 34.50 -62.80
C CYS F 253 88.09 35.30 -64.09
N LYS F 254 88.98 34.96 -65.00
CA LYS F 254 89.14 35.73 -66.22
C LYS F 254 87.85 35.71 -67.05
N GLY F 255 87.43 36.89 -67.49
CA GLY F 255 86.17 37.03 -68.20
C GLY F 255 85.00 37.30 -67.31
N PHE F 256 85.20 37.30 -66.00
CA PHE F 256 84.14 37.49 -65.05
C PHE F 256 84.29 38.82 -64.27
N PRO F 257 83.23 39.30 -63.64
CA PRO F 257 83.30 40.60 -62.97
C PRO F 257 84.38 40.69 -61.90
N ALA F 258 85.03 41.85 -61.82
CA ALA F 258 86.26 41.99 -61.05
C ALA F 258 86.07 41.63 -59.58
N GLU F 259 84.85 41.80 -59.06
CA GLU F 259 84.57 41.48 -57.66
C GLU F 259 84.91 40.02 -57.33
N PHE F 260 84.58 39.09 -58.23
CA PHE F 260 84.89 37.70 -57.97
C PHE F 260 86.38 37.50 -57.74
N ALA F 261 87.20 38.18 -58.53
CA ALA F 261 88.63 38.16 -58.28
C ALA F 261 88.96 38.75 -56.90
N MET F 262 88.33 39.87 -56.55
CA MET F 262 88.57 40.49 -55.25
C MET F 262 88.05 39.63 -54.10
N TYR F 263 86.98 38.86 -54.31
CA TYR F 263 86.56 37.94 -53.27
C TYR F 263 87.66 36.91 -52.96
N LEU F 264 88.16 36.21 -54.00
CA LEU F 264 89.15 35.13 -53.81
C LEU F 264 90.49 35.68 -53.33
N ASN F 265 90.92 36.82 -53.86
CA ASN F 265 92.17 37.40 -53.41
C ASN F 265 92.05 37.88 -51.98
N TYR F 266 90.92 38.50 -51.63
CA TYR F 266 90.70 38.91 -50.25
C TYR F 266 90.93 37.72 -49.30
N CYS F 267 90.25 36.61 -49.58
CA CYS F 267 90.24 35.47 -48.68
C CYS F 267 91.63 34.87 -48.56
N ARG F 268 92.35 34.77 -49.67
CA ARG F 268 93.70 34.23 -49.63
C ARG F 268 94.64 35.15 -48.89
N GLY F 269 94.28 36.43 -48.68
CA GLY F 269 95.10 37.30 -47.86
C GLY F 269 94.85 37.19 -46.38
N LEU F 270 93.81 36.48 -45.98
CA LEU F 270 93.45 36.43 -44.58
C LEU F 270 94.53 35.72 -43.76
N ARG F 271 94.93 36.34 -42.66
CA ARG F 271 95.74 35.62 -41.71
C ARG F 271 94.92 34.52 -41.04
N PHE F 272 95.61 33.68 -40.29
CA PHE F 272 95.00 32.47 -39.76
C PHE F 272 93.84 32.82 -38.84
N GLU F 273 94.10 33.65 -37.83
CA GLU F 273 93.06 33.97 -36.86
C GLU F 273 92.13 35.09 -37.34
N GLU F 274 92.47 35.73 -38.46
CA GLU F 274 91.83 36.99 -38.82
C GLU F 274 90.38 36.75 -39.23
N ALA F 275 89.48 37.54 -38.66
CA ALA F 275 88.06 37.44 -38.97
C ALA F 275 87.75 38.05 -40.35
N PRO F 276 86.91 37.41 -41.14
CA PRO F 276 86.59 37.95 -42.46
C PRO F 276 85.67 39.16 -42.35
N ASP F 277 85.81 40.10 -43.28
CA ASP F 277 84.89 41.24 -43.38
C ASP F 277 83.75 40.87 -44.31
N TYR F 278 82.77 40.16 -43.73
CA TYR F 278 81.68 39.67 -44.56
C TYR F 278 80.87 40.82 -45.17
N MET F 279 80.71 41.94 -44.43
CA MET F 279 79.97 43.05 -44.99
C MET F 279 80.65 43.59 -46.25
N TYR F 280 81.98 43.75 -46.20
CA TYR F 280 82.72 44.09 -47.42
C TYR F 280 82.41 43.10 -48.52
N LEU F 281 82.59 41.82 -48.21
CA LEU F 281 82.37 40.77 -49.18
C LEU F 281 80.93 40.74 -49.66
N ARG F 282 79.98 40.85 -48.71
CA ARG F 282 78.58 40.77 -49.12
C ARG F 282 78.23 41.87 -50.10
N GLN F 283 79.00 42.97 -50.06
CA GLN F 283 78.71 44.20 -50.77
C GLN F 283 79.27 44.28 -52.16
N LEU F 284 80.49 43.74 -52.36
CA LEU F 284 81.03 43.70 -53.72
C LEU F 284 80.01 43.17 -54.70
N PHE F 285 79.37 42.06 -54.30
CA PHE F 285 78.35 41.46 -55.13
C PHE F 285 77.11 42.34 -55.20
N ARG F 286 76.70 42.92 -54.07
CA ARG F 286 75.47 43.73 -54.07
C ARG F 286 75.63 45.00 -54.92
N ILE F 287 76.71 45.76 -54.70
CA ILE F 287 77.01 46.89 -55.58
C ILE F 287 76.99 46.46 -57.02
N LEU F 288 77.67 45.33 -57.33
CA LEU F 288 77.67 44.77 -58.66
C LEU F 288 76.28 44.38 -59.12
N PHE F 289 75.48 43.77 -58.23
CA PHE F 289 74.09 43.41 -58.54
C PHE F 289 73.29 44.66 -58.94
N ARG F 290 73.45 45.72 -58.16
CA ARG F 290 72.81 47.00 -58.46
C ARG F 290 73.32 47.55 -59.79
N THR F 291 74.64 47.44 -60.04
CA THR F 291 75.25 48.00 -61.25
C THR F 291 74.75 47.31 -62.50
N LEU F 292 74.51 46.03 -62.40
CA LEU F 292 73.95 45.24 -63.49
C LEU F 292 72.44 45.36 -63.56
N ASN F 293 71.87 46.24 -62.76
CA ASN F 293 70.46 46.60 -62.88
C ASN F 293 69.60 45.36 -62.75
N HIS F 294 69.88 44.57 -61.73
CA HIS F 294 69.01 43.47 -61.34
C HIS F 294 68.12 43.89 -60.17
N GLN F 295 67.02 43.16 -60.01
CA GLN F 295 66.14 43.33 -58.87
C GLN F 295 66.19 42.09 -57.99
N TYR F 296 66.19 42.27 -56.66
CA TYR F 296 66.28 41.13 -55.77
C TYR F 296 64.94 40.42 -55.65
N ASP F 297 64.31 40.06 -56.79
CA ASP F 297 62.93 39.58 -56.86
C ASP F 297 62.79 38.08 -56.62
N TYR F 298 63.82 37.45 -56.08
CA TYR F 298 63.80 36.02 -55.74
C TYR F 298 63.35 35.15 -56.92
N THR F 299 63.58 35.67 -58.13
CA THR F 299 63.38 34.94 -59.38
C THR F 299 64.72 34.37 -59.81
N PHE F 300 65.00 33.14 -59.36
CA PHE F 300 66.20 32.44 -59.75
C PHE F 300 66.02 31.81 -61.13
N ASP F 301 67.12 31.27 -61.65
CA ASP F 301 67.00 30.52 -62.90
C ASP F 301 65.92 29.45 -62.79
N TRP F 302 65.93 28.70 -61.70
CA TRP F 302 65.05 27.55 -61.63
C TRP F 302 63.60 27.98 -61.50
N THR F 303 63.34 29.11 -60.84
CA THR F 303 61.95 29.56 -60.72
C THR F 303 61.34 29.81 -62.09
N MET F 304 62.12 30.36 -63.02
CA MET F 304 61.67 30.53 -64.39
C MET F 304 61.37 29.18 -65.06
N LEU F 305 62.30 28.23 -64.96
CA LEU F 305 62.07 26.93 -65.57
C LEU F 305 60.86 26.22 -64.95
N LYS F 306 60.71 26.28 -63.62
CA LYS F 306 59.50 25.73 -62.99
C LYS F 306 58.23 26.47 -63.43
N GLN F 307 58.39 27.65 -64.03
CA GLN F 307 57.30 28.31 -64.73
C GLN F 307 57.41 28.01 -66.22
ZN ZN G . -44.65 -27.83 37.88
C10 YOT H . -56.82 -8.26 29.73
C13 YOT H . -58.14 -6.84 30.85
C15 YOT H . -59.14 -7.41 28.76
C17 YOT H . -60.22 -5.89 30.30
C20 YOT H . -53.11 -10.75 29.31
C21 YOT H . -53.05 -11.51 28.14
C22 YOT H . -52.02 -12.45 27.63
C24 YOT H . -52.54 -15.16 25.35
C02 YOT H . -51.36 -13.15 24.33
C03 YOT H . -51.78 -13.85 25.60
C05 YOT H . -53.78 -12.35 26.06
C06 YOT H . -54.07 -11.45 27.22
C07 YOT H . -55.18 -10.63 27.45
C08 YOT H . -55.24 -9.86 28.60
C14 YOT H . -58.10 -7.54 29.67
C16 YOT H . -60.21 -6.58 29.09
C18 YOT H . -59.18 -6.01 31.20
C19 YOT H . -54.20 -9.93 29.53
C25 YOT H . -51.90 -15.99 24.25
C27 YOT H . -51.74 -15.19 23.00
N04 YOT H . -52.49 -12.92 26.43
N09 YOT H . -56.41 -9.07 28.71
N11 YOT H . -56.20 -8.01 30.85
N26 YOT H . -51.40 -13.86 23.16
O01 YOT H . -51.04 -11.96 24.36
O12 YOT H . -57.03 -7.10 31.59
O23 YOT H . -50.97 -12.78 28.15
O28 YOT H . -51.91 -15.66 21.87
ZN ZN I . 52.30 27.49 -28.51
#